data_8EZJ
#
_entry.id   8EZJ
#
_cell.length_a   1.00
_cell.length_b   1.00
_cell.length_c   1.00
_cell.angle_alpha   90.00
_cell.angle_beta   90.00
_cell.angle_gamma   90.00
#
_symmetry.space_group_name_H-M   'P 1'
#
loop_
_entity.id
_entity.type
_entity.pdbx_description
1 polymer 'ARF guanine-nucleotide exchange factor 2'
2 polymer 'ADP-ribosylation factor-like protein 1'
3 non-polymer "GUANOSINE-5'-TRIPHOSPHATE"
#
loop_
_entity_poly.entity_id
_entity_poly.type
_entity_poly.pdbx_seq_one_letter_code
_entity_poly.pdbx_strand_id
1 'polypeptide(L)'
;MHHHHHHSSGVDLGTENLYFQSNAMSDREFVTVDPVTIIIKECINLSTAMRKYSKFTSQSGVAALLGGGSEIFSNQDDYL
AHTFNNLNTNKHNDPFLSGFIQLRLMLNKLKNLDNIDSLTILQPFLLIVSTSSISGYITSLALDSLQKFFTLNIINESSQ
NYIGAHRATVNALTHCRFEGSQQLSDDSVLLKVVFLLRSIVDSPYGDLLSNSIIYDVLQTILSLACNNRRSEVLRNAAQS
TMIAVTVKIFSKLKTIEPVNVNQIYINDESYTNDVLKADTIGTNVESKEEGSQEDPIGMKVNNEEAISEDDGIEEEHIHS
EKSTNGAEQLDIVQKTTRSNSRIQAYADDNYGLPVVRQYLNLLLSLIAPENELKHSYSTRIFGLELIQTALEISGDRLQL
YPRLFTLISDPIFKSILFIIQNTTKLSLLQATLQLFTTLVVILGNNLQLQIELTLTRIFSILLDDGTANNSSSENKNKPS
IIKELLIEQISILWTRSPSFFTSTFINFDCNLDRADVSINFLKALTKLALPESALTTTESVPPICLEGLVSLVDDMFDHM
KDIDREEFGRQKNEMEILKKRDRKTEFIECTNAFNEKPKKGIPMLIEKGFIASDSDKDIAEFLFNNNNRMNKKTIGLLLC
HPDKVSLLNEYIRLFDFSGLRVDEAIRILLTKFRLPGESQQIERIIEAFSSAYCENQDYDPSKISDNAEDDISTVQPDAD
SVFILSYSIIMLNTDLHNPQVKEHMSFEDYSGNLKGCCNHKDFPFWYLDRIYCSIRDKEIVMPEEHHGNEKWFEDAWNNL
ISSTTVITEIKKDTQSVMDKLTPLELLNFDRAIFKQVGPSIVSTLFNIYVVASDDHISTRMITSLDKCSYISAFFDFKDL
FNDILNSIAKGTTLINSSHDDELSTLAFEYGPMPLVQIKFEDTNTEIPVSTDAVRFGRSFKGQLNTVVFFRIIRRNKDPK
IFSKELWLNIVNIILTLYEDLILSPDIFPDLQKRLKLSNLPKPSPEISINKSKESKGLLSTFASYLKGDEEPTEEEIKSS
KKAMECIKSSNIAASVFGNESNITADLIKTLLDSAKTEKNADNSRYFEAELLFIIELTIALFLFCKEEKELGKFILQKVF
QLSHTKGLTKRTVRRMLTYKILLISLCADQTEYLSKLINDELLKKGDIFTQKFFATNQGKEFLKRLFSLTESEFYRGFLL
GNENFWKFLRKVTAMKEQSESIFEYLNESIKTDSNILTNENFMWVLGLLDEISSMGAVGNHWEIEYKKLTESGHKIDKEN
PYKKSIELSLKSIQLTSHLLEDNNDLRKNEIFAIIQALAHQCINPCKQISEFAVVTLEQTLINKIEIPTNEMESVEELIE
GGLLPLLNSSETQEDQKILISSILTIISNVYLHYLKLGKTSNETFLKILSIFNKFVEDSDIEKKLQQLILDKKSIEKGNG
SSSHGSAHEQTPESNDVEIEATAPIDDNTDDDNKPKLSDVEKD
;
A,B
2 'polypeptide(L)'
;ELRILILGLDGAGKTTILYRLQIGEVVTTKPTIGFNVETLSYKNLKLNVWDLGGLTSIRPYWRCYYADTAAVIFVVDSTD
KDRMSTASKELHLMLQEEELQDAALLVFANKQDQPGALSASEVSKELNLVELKDRSWSIVASSAIKGEGITEGLDWLIDV
IKEEQLAGENLYFQSAGHHHHHH
;
C,D
#
# COMPACT_ATOMS: atom_id res chain seq x y z
N VAL A 31 -12.29 -2.19 9.00
CA VAL A 31 -13.19 -2.44 7.88
C VAL A 31 -14.26 -3.44 8.29
N THR A 32 -14.10 -4.05 9.46
CA THR A 32 -15.06 -5.02 9.96
C THR A 32 -16.38 -4.38 10.37
N VAL A 33 -16.44 -3.06 10.52
CA VAL A 33 -17.68 -2.39 10.86
C VAL A 33 -18.60 -2.36 9.64
N ASP A 34 -19.88 -2.18 9.91
CA ASP A 34 -20.85 -2.09 8.82
C ASP A 34 -20.71 -0.74 8.15
N PRO A 35 -20.47 -0.68 6.84
CA PRO A 35 -20.35 0.63 6.17
C PRO A 35 -21.61 1.47 6.25
N VAL A 36 -22.77 0.83 6.42
CA VAL A 36 -24.03 1.56 6.42
C VAL A 36 -24.06 2.61 7.52
N THR A 37 -23.58 2.25 8.71
CA THR A 37 -23.60 3.21 9.81
C THR A 37 -22.67 4.38 9.54
N ILE A 38 -21.54 4.13 8.88
CA ILE A 38 -20.64 5.22 8.53
C ILE A 38 -21.31 6.18 7.55
N ILE A 39 -21.95 5.63 6.51
CA ILE A 39 -22.61 6.50 5.53
C ILE A 39 -23.73 7.28 6.18
N ILE A 40 -24.52 6.64 7.05
CA ILE A 40 -25.63 7.34 7.69
C ILE A 40 -25.11 8.43 8.61
N LYS A 41 -24.03 8.17 9.34
CA LYS A 41 -23.46 9.18 10.21
C LYS A 41 -22.97 10.38 9.40
N GLU A 42 -22.31 10.14 8.27
CA GLU A 42 -21.86 11.25 7.45
C GLU A 42 -23.04 12.03 6.88
N CYS A 43 -24.10 11.33 6.46
CA CYS A 43 -25.29 12.02 5.99
C CYS A 43 -25.89 12.89 7.10
N ILE A 44 -25.94 12.36 8.33
CA ILE A 44 -26.50 13.12 9.44
C ILE A 44 -25.69 14.38 9.69
N ASN A 45 -24.36 14.25 9.73
CA ASN A 45 -23.55 15.43 10.06
C ASN A 45 -23.65 16.48 8.96
N LEU A 46 -23.64 16.05 7.69
CA LEU A 46 -23.75 17.03 6.60
C LEU A 46 -25.12 17.70 6.59
N SER A 47 -26.19 16.94 6.86
CA SER A 47 -27.52 17.53 6.90
C SER A 47 -27.63 18.54 8.05
N THR A 48 -27.11 18.19 9.21
CA THR A 48 -27.14 19.12 10.34
C THR A 48 -26.36 20.39 10.03
N ALA A 49 -25.17 20.24 9.41
CA ALA A 49 -24.37 21.41 9.07
C ALA A 49 -25.10 22.29 8.06
N MET A 50 -25.71 21.69 7.04
CA MET A 50 -26.44 22.49 6.06
C MET A 50 -27.61 23.23 6.71
N ARG A 51 -28.35 22.55 7.58
CA ARG A 51 -29.46 23.19 8.26
C ARG A 51 -28.99 24.36 9.11
N LYS A 52 -27.88 24.19 9.82
CA LYS A 52 -27.35 25.28 10.62
C LYS A 52 -26.90 26.44 9.75
N TYR A 53 -26.25 26.15 8.62
CA TYR A 53 -25.75 27.22 7.77
C TYR A 53 -26.91 28.00 7.14
N SER A 54 -27.96 27.31 6.73
CA SER A 54 -29.11 27.97 6.13
C SER A 54 -30.04 28.54 7.20
N ASP A 94 -31.45 23.64 -0.66
CA ASP A 94 -32.63 22.83 -0.39
C ASP A 94 -32.60 21.46 -1.09
N PRO A 95 -32.31 21.41 -2.39
CA PRO A 95 -32.24 20.10 -3.06
C PRO A 95 -31.19 19.18 -2.46
N PHE A 96 -30.05 19.74 -2.06
CA PHE A 96 -28.97 18.92 -1.52
C PHE A 96 -29.36 18.30 -0.18
N LEU A 97 -29.99 19.09 0.69
CA LEU A 97 -30.46 18.57 1.96
C LEU A 97 -31.49 17.47 1.75
N SER A 98 -32.37 17.65 0.77
CA SER A 98 -33.36 16.63 0.45
C SER A 98 -32.69 15.35 -0.04
N GLY A 99 -31.65 15.49 -0.85
CA GLY A 99 -30.93 14.32 -1.31
C GLY A 99 -30.28 13.56 -0.16
N PHE A 100 -29.71 14.29 0.79
CA PHE A 100 -29.12 13.61 1.95
C PHE A 100 -30.17 12.91 2.79
N ILE A 101 -31.34 13.53 2.97
CA ILE A 101 -32.40 12.88 3.73
C ILE A 101 -32.87 11.61 3.01
N GLN A 102 -32.99 11.68 1.69
CA GLN A 102 -33.40 10.50 0.93
C GLN A 102 -32.39 9.38 1.06
N LEU A 103 -31.10 9.71 0.99
CA LEU A 103 -30.07 8.69 1.16
C LEU A 103 -30.10 8.10 2.56
N ARG A 104 -30.33 8.93 3.57
CA ARG A 104 -30.42 8.43 4.94
C ARG A 104 -31.55 7.41 5.07
N LEU A 105 -32.73 7.73 4.52
CA LEU A 105 -33.84 6.80 4.61
C LEU A 105 -33.53 5.51 3.85
N MET A 106 -33.00 5.64 2.64
CA MET A 106 -32.73 4.48 1.81
C MET A 106 -31.76 3.54 2.49
N LEU A 107 -30.71 4.07 3.12
CA LEU A 107 -29.74 3.21 3.78
C LEU A 107 -30.19 2.75 5.15
N ASN A 108 -31.08 3.50 5.81
CA ASN A 108 -31.63 3.03 7.07
C ASN A 108 -32.49 1.78 6.85
N LYS A 109 -33.24 1.75 5.75
CA LYS A 109 -33.98 0.52 5.46
C LYS A 109 -33.09 -0.52 4.79
N LEU A 110 -31.94 -0.81 5.39
CA LEU A 110 -30.99 -1.76 4.84
C LEU A 110 -30.13 -2.33 5.97
N LYS A 111 -29.41 -3.40 5.65
CA LYS A 111 -28.54 -4.06 6.63
C LYS A 111 -27.13 -4.29 6.05
N ASN A 112 -27.04 -4.37 4.73
CA ASN A 112 -25.75 -4.53 4.06
C ASN A 112 -25.86 -3.97 2.66
N LEU A 113 -24.71 -3.67 2.05
CA LEU A 113 -24.66 -3.08 0.72
C LEU A 113 -24.49 -4.18 -0.32
N ASP A 114 -25.52 -5.00 -0.47
CA ASP A 114 -25.46 -6.12 -1.39
C ASP A 114 -25.80 -5.71 -2.81
N ASN A 115 -26.88 -4.97 -3.00
CA ASN A 115 -27.33 -4.59 -4.34
C ASN A 115 -27.72 -3.13 -4.39
N ILE A 116 -26.90 -2.26 -3.81
CA ILE A 116 -27.09 -0.81 -3.91
C ILE A 116 -25.83 -0.24 -4.56
N ASP A 117 -26.02 0.49 -5.65
CA ASP A 117 -24.87 0.98 -6.41
C ASP A 117 -24.15 2.07 -5.62
N SER A 118 -22.82 2.09 -5.78
CA SER A 118 -22.00 3.01 -5.00
C SER A 118 -22.22 4.46 -5.45
N LEU A 119 -22.56 4.66 -6.72
CA LEU A 119 -22.77 6.02 -7.21
C LEU A 119 -23.94 6.68 -6.49
N THR A 120 -24.99 5.93 -6.20
CA THR A 120 -26.12 6.50 -5.46
C THR A 120 -25.69 6.89 -4.06
N ILE A 121 -24.85 6.07 -3.44
CA ILE A 121 -24.38 6.34 -2.09
C ILE A 121 -23.50 7.59 -2.06
N LEU A 122 -22.75 7.83 -3.13
CA LEU A 122 -21.80 8.94 -3.16
C LEU A 122 -22.34 10.20 -3.81
N GLN A 123 -23.51 10.16 -4.44
CA GLN A 123 -23.95 11.29 -5.27
C GLN A 123 -24.16 12.58 -4.51
N PRO A 124 -24.87 12.62 -3.37
CA PRO A 124 -25.04 13.92 -2.69
C PRO A 124 -23.72 14.56 -2.30
N PHE A 125 -22.75 13.76 -1.85
CA PHE A 125 -21.44 14.30 -1.53
C PHE A 125 -20.78 14.90 -2.76
N LEU A 126 -20.89 14.23 -3.90
CA LEU A 126 -20.27 14.73 -5.11
C LEU A 126 -20.94 16.01 -5.58
N LEU A 127 -22.26 16.12 -5.43
CA LEU A 127 -22.94 17.36 -5.77
C LEU A 127 -22.45 18.49 -4.89
N ILE A 128 -22.28 18.23 -3.59
CA ILE A 128 -21.78 19.28 -2.70
C ILE A 128 -20.38 19.69 -3.12
N VAL A 129 -19.55 18.72 -3.51
CA VAL A 129 -18.18 19.04 -3.91
C VAL A 129 -18.17 19.90 -5.18
N SER A 130 -18.97 19.52 -6.17
CA SER A 130 -18.86 20.13 -7.49
C SER A 130 -19.67 21.41 -7.65
N THR A 131 -20.80 21.54 -6.97
CA THR A 131 -21.67 22.69 -7.20
C THR A 131 -21.04 23.96 -6.64
N SER A 132 -21.01 25.00 -7.47
CA SER A 132 -20.38 26.28 -7.11
C SER A 132 -21.38 27.26 -6.51
N SER A 133 -22.15 26.80 -5.53
CA SER A 133 -23.10 27.68 -4.86
C SER A 133 -23.13 27.43 -3.36
N ILE A 134 -22.15 26.74 -2.81
CA ILE A 134 -22.11 26.39 -1.40
C ILE A 134 -20.86 26.97 -0.77
N SER A 135 -20.91 27.14 0.54
CA SER A 135 -19.78 27.70 1.26
C SER A 135 -18.64 26.71 1.34
N GLY A 136 -17.46 27.22 1.70
CA GLY A 136 -16.31 26.35 1.88
C GLY A 136 -16.45 25.41 3.05
N TYR A 137 -17.29 25.76 4.03
CA TYR A 137 -17.46 24.89 5.19
C TYR A 137 -18.18 23.60 4.80
N ILE A 138 -19.30 23.73 4.06
CA ILE A 138 -20.04 22.55 3.64
C ILE A 138 -19.22 21.71 2.67
N THR A 139 -18.49 22.38 1.77
CA THR A 139 -17.64 21.66 0.83
C THR A 139 -16.53 20.91 1.57
N SER A 140 -15.93 21.54 2.58
CA SER A 140 -14.91 20.88 3.37
C SER A 140 -15.48 19.67 4.10
N LEU A 141 -16.71 19.79 4.62
CA LEU A 141 -17.34 18.64 5.26
C LEU A 141 -17.56 17.50 4.28
N ALA A 142 -17.98 17.81 3.07
CA ALA A 142 -18.16 16.75 2.06
C ALA A 142 -16.84 16.10 1.73
N LEU A 143 -15.78 16.89 1.59
CA LEU A 143 -14.46 16.32 1.32
C LEU A 143 -13.99 15.43 2.45
N ASP A 144 -14.24 15.84 3.69
CA ASP A 144 -13.89 15.01 4.84
C ASP A 144 -14.66 13.70 4.83
N SER A 145 -15.94 13.76 4.49
CA SER A 145 -16.73 12.53 4.42
C SER A 145 -16.20 11.59 3.36
N LEU A 146 -15.85 12.12 2.19
CA LEU A 146 -15.33 11.26 1.13
C LEU A 146 -13.98 10.67 1.50
N GLN A 147 -13.12 11.47 2.15
CA GLN A 147 -11.84 10.93 2.60
C GLN A 147 -12.03 9.85 3.65
N LYS A 148 -13.01 10.03 4.55
CA LYS A 148 -13.30 8.99 5.53
C LYS A 148 -13.79 7.72 4.86
N PHE A 149 -14.63 7.85 3.82
CA PHE A 149 -15.06 6.66 3.09
C PHE A 149 -13.88 5.97 2.43
N PHE A 150 -12.98 6.73 1.82
CA PHE A 150 -11.86 6.11 1.11
C PHE A 150 -10.88 5.46 2.07
N THR A 151 -10.62 6.08 3.22
CA THR A 151 -9.72 5.49 4.20
C THR A 151 -10.27 4.17 4.73
N LEU A 152 -11.57 4.12 4.98
CA LEU A 152 -12.20 2.92 5.53
C LEU A 152 -12.55 1.90 4.46
N ASN A 153 -12.30 2.21 3.19
CA ASN A 153 -12.52 1.29 2.08
C ASN A 153 -13.98 0.85 1.99
N ILE A 154 -14.88 1.83 2.05
CA ILE A 154 -16.30 1.53 1.98
C ILE A 154 -16.67 1.03 0.59
N ILE A 155 -16.07 1.60 -0.46
CA ILE A 155 -16.33 1.17 -1.83
C ILE A 155 -15.22 0.18 -2.17
N ASN A 156 -15.49 -1.09 -1.89
CA ASN A 156 -14.49 -2.14 -2.05
C ASN A 156 -14.47 -2.64 -3.48
N GLU A 157 -13.62 -3.64 -3.73
CA GLU A 157 -13.66 -4.34 -5.01
C GLU A 157 -14.97 -5.09 -5.17
N SER A 158 -15.51 -5.63 -4.07
CA SER A 158 -16.76 -6.36 -4.10
C SER A 158 -17.96 -5.47 -3.78
N SER A 159 -18.09 -4.38 -4.53
CA SER A 159 -19.27 -3.53 -4.44
C SER A 159 -19.70 -3.15 -5.85
N GLN A 160 -21.00 -2.98 -6.04
CA GLN A 160 -21.52 -2.70 -7.36
C GLN A 160 -21.05 -1.33 -7.84
N ASN A 161 -20.62 -1.28 -9.09
CA ASN A 161 -20.32 -0.02 -9.77
C ASN A 161 -19.27 0.79 -9.01
N TYR A 162 -18.22 0.10 -8.56
CA TYR A 162 -17.15 0.80 -7.87
C TYR A 162 -16.26 1.58 -8.82
N ILE A 163 -16.05 1.07 -10.04
CA ILE A 163 -15.31 1.82 -11.05
C ILE A 163 -16.01 3.13 -11.36
N GLY A 164 -17.33 3.06 -11.56
CA GLY A 164 -18.10 4.26 -11.83
C GLY A 164 -18.07 5.22 -10.65
N ALA A 165 -18.15 4.69 -9.43
CA ALA A 165 -18.12 5.55 -8.26
C ALA A 165 -16.80 6.29 -8.14
N HIS A 166 -15.68 5.59 -8.35
CA HIS A 166 -14.39 6.24 -8.21
C HIS A 166 -14.12 7.21 -9.35
N ARG A 167 -14.51 6.87 -10.57
CA ARG A 167 -14.38 7.82 -11.67
C ARG A 167 -15.21 9.07 -11.39
N ALA A 168 -16.42 8.89 -10.87
CA ALA A 168 -17.27 10.03 -10.57
C ALA A 168 -16.67 10.88 -9.45
N THR A 169 -16.10 10.26 -8.44
CA THR A 169 -15.55 11.06 -7.34
C THR A 169 -14.32 11.84 -7.79
N VAL A 170 -13.50 11.26 -8.67
CA VAL A 170 -12.36 12.02 -9.18
C VAL A 170 -12.84 13.15 -10.08
N ASN A 171 -13.87 12.91 -10.88
CA ASN A 171 -14.45 13.98 -11.68
C ASN A 171 -14.96 15.11 -10.81
N ALA A 172 -15.62 14.77 -9.71
CA ALA A 172 -16.12 15.79 -8.80
C ALA A 172 -14.99 16.59 -8.18
N LEU A 173 -13.91 15.91 -7.77
CA LEU A 173 -12.78 16.60 -7.17
C LEU A 173 -12.13 17.56 -8.16
N THR A 174 -12.00 17.14 -9.42
CA THR A 174 -11.32 17.97 -10.41
C THR A 174 -12.07 19.28 -10.63
N HIS A 175 -13.39 19.25 -10.59
CA HIS A 175 -14.22 20.43 -10.79
C HIS A 175 -14.73 21.03 -9.48
N CYS A 176 -13.97 20.90 -8.40
CA CYS A 176 -14.43 21.40 -7.10
C CYS A 176 -14.55 22.92 -7.12
N ARG A 177 -15.68 23.43 -6.65
CA ARG A 177 -15.92 24.86 -6.64
C ARG A 177 -16.77 25.23 -5.42
N PHE A 178 -16.49 26.39 -4.85
CA PHE A 178 -17.21 26.86 -3.68
C PHE A 178 -17.12 28.38 -3.63
N GLU A 179 -18.07 28.98 -2.91
CA GLU A 179 -18.09 30.41 -2.67
C GLU A 179 -17.80 30.60 -1.19
N GLY A 180 -16.57 30.97 -0.88
CA GLY A 180 -16.13 30.90 0.51
C GLY A 180 -15.58 32.16 1.14
N SER A 181 -14.93 31.99 2.28
CA SER A 181 -14.39 33.07 3.09
C SER A 181 -12.98 33.42 2.59
N GLN A 182 -12.20 34.13 3.41
CA GLN A 182 -10.86 34.55 3.04
C GLN A 182 -9.97 33.37 2.68
N GLN A 183 -8.80 33.68 2.14
CA GLN A 183 -7.96 32.73 1.42
C GLN A 183 -7.55 31.52 2.27
N LEU A 184 -7.53 31.65 3.60
CA LEU A 184 -7.09 30.54 4.44
C LEU A 184 -8.02 29.33 4.28
N SER A 185 -9.32 29.56 4.34
CA SER A 185 -10.27 28.47 4.17
C SER A 185 -10.19 27.90 2.76
N ASP A 186 -10.00 28.76 1.75
CA ASP A 186 -9.87 28.26 0.39
C ASP A 186 -8.66 27.35 0.24
N ASP A 187 -7.54 27.74 0.84
CA ASP A 187 -6.36 26.89 0.79
C ASP A 187 -6.58 25.57 1.51
N SER A 188 -7.27 25.61 2.66
CA SER A 188 -7.56 24.37 3.37
C SER A 188 -8.39 23.42 2.51
N VAL A 189 -9.44 23.95 1.88
CA VAL A 189 -10.32 23.11 1.08
C VAL A 189 -9.57 22.54 -0.12
N LEU A 190 -8.79 23.37 -0.80
CA LEU A 190 -8.04 22.87 -1.96
C LEU A 190 -6.98 21.86 -1.54
N LEU A 191 -6.40 22.01 -0.36
CA LEU A 191 -5.49 21.00 0.15
C LEU A 191 -6.20 19.68 0.36
N LYS A 192 -7.42 19.73 0.89
CA LYS A 192 -8.19 18.49 1.03
C LYS A 192 -8.42 17.82 -0.32
N VAL A 193 -8.74 18.63 -1.33
CA VAL A 193 -8.95 18.09 -2.68
C VAL A 193 -7.68 17.41 -3.18
N VAL A 194 -6.54 18.09 -3.00
CA VAL A 194 -5.27 17.55 -3.49
C VAL A 194 -4.93 16.23 -2.79
N PHE A 195 -5.13 16.18 -1.46
CA PHE A 195 -4.82 14.96 -0.74
C PHE A 195 -5.71 13.80 -1.17
N LEU A 196 -7.01 14.07 -1.36
CA LEU A 196 -7.89 13.00 -1.80
C LEU A 196 -7.50 12.50 -3.19
N LEU A 197 -7.14 13.40 -4.10
CA LEU A 197 -6.70 12.97 -5.42
C LEU A 197 -5.44 12.12 -5.33
N ARG A 198 -4.47 12.54 -4.51
CA ARG A 198 -3.24 11.77 -4.37
C ARG A 198 -3.53 10.38 -3.81
N SER A 199 -4.43 10.28 -2.83
CA SER A 199 -4.76 8.98 -2.28
C SER A 199 -5.45 8.09 -3.30
N ILE A 200 -6.39 8.65 -4.07
CA ILE A 200 -7.12 7.84 -5.02
C ILE A 200 -6.20 7.33 -6.12
N VAL A 201 -5.32 8.19 -6.64
CA VAL A 201 -4.44 7.77 -7.73
C VAL A 201 -3.48 6.69 -7.26
N ASP A 202 -2.97 6.81 -6.03
CA ASP A 202 -1.98 5.86 -5.54
C ASP A 202 -2.57 4.46 -5.33
N SER A 203 -3.84 4.38 -4.98
CA SER A 203 -4.48 3.09 -4.76
C SER A 203 -4.78 2.41 -6.10
N PRO A 204 -5.02 1.09 -6.08
CA PRO A 204 -5.42 0.41 -7.33
C PRO A 204 -6.70 0.97 -7.93
N TYR A 205 -7.58 1.51 -7.09
CA TYR A 205 -8.78 2.18 -7.58
C TYR A 205 -8.42 3.30 -8.53
N GLY A 206 -7.23 3.88 -8.37
CA GLY A 206 -6.75 4.82 -9.36
C GLY A 206 -6.24 4.16 -10.62
N ASP A 207 -5.73 2.93 -10.50
CA ASP A 207 -5.32 2.18 -11.68
C ASP A 207 -6.51 1.87 -12.56
N LEU A 208 -7.70 1.79 -11.98
CA LEU A 208 -8.89 1.57 -12.79
C LEU A 208 -9.47 2.83 -13.41
N LEU A 209 -8.87 4.00 -13.16
CA LEU A 209 -9.34 5.23 -13.78
C LEU A 209 -8.99 5.23 -15.27
N SER A 210 -9.50 6.23 -15.98
CA SER A 210 -9.36 6.32 -17.43
C SER A 210 -8.31 7.36 -17.82
N ASN A 211 -7.99 7.37 -19.11
CA ASN A 211 -7.03 8.34 -19.64
C ASN A 211 -7.51 9.76 -19.42
N SER A 212 -8.77 10.04 -19.73
CA SER A 212 -9.30 11.39 -19.59
C SER A 212 -9.29 11.86 -18.15
N ILE A 213 -9.69 10.99 -17.22
CA ILE A 213 -9.73 11.36 -15.81
C ILE A 213 -8.32 11.67 -15.30
N ILE A 214 -7.34 10.84 -15.67
CA ILE A 214 -5.98 11.06 -15.20
C ILE A 214 -5.41 12.34 -15.81
N TYR A 215 -5.76 12.63 -17.06
CA TYR A 215 -5.31 13.87 -17.67
C TYR A 215 -5.90 15.08 -16.96
N ASP A 216 -7.18 15.00 -16.57
CA ASP A 216 -7.80 16.07 -15.81
C ASP A 216 -7.11 16.26 -14.47
N VAL A 217 -6.77 15.15 -13.80
CA VAL A 217 -6.06 15.22 -12.53
C VAL A 217 -4.72 15.91 -12.71
N LEU A 218 -3.98 15.52 -13.75
CA LEU A 218 -2.66 16.10 -14.01
C LEU A 218 -2.79 17.60 -14.28
N GLN A 219 -3.76 17.99 -15.11
CA GLN A 219 -3.97 19.40 -15.40
C GLN A 219 -4.29 20.19 -14.15
N THR A 220 -5.19 19.66 -13.31
CA THR A 220 -5.61 20.39 -12.12
C THR A 220 -4.45 20.57 -11.15
N ILE A 221 -3.74 19.48 -10.83
CA ILE A 221 -2.66 19.58 -9.86
C ILE A 221 -1.53 20.44 -10.41
N LEU A 222 -1.24 20.34 -11.71
CA LEU A 222 -0.16 21.14 -12.29
C LEU A 222 -0.52 22.63 -12.32
N SER A 223 -1.79 22.95 -12.62
CA SER A 223 -2.22 24.34 -12.58
C SER A 223 -2.16 24.90 -11.17
N LEU A 224 -2.53 24.10 -10.17
CA LEU A 224 -2.35 24.55 -8.79
C LEU A 224 -0.88 24.76 -8.47
N ALA A 225 -0.02 23.85 -8.91
CA ALA A 225 1.39 23.92 -8.57
C ALA A 225 2.12 25.03 -9.32
N CYS A 226 1.55 25.53 -10.41
CA CYS A 226 2.18 26.56 -11.21
C CYS A 226 1.35 27.84 -11.22
N ASN A 227 0.76 28.19 -10.09
CA ASN A 227 -0.03 29.40 -9.94
C ASN A 227 0.62 30.30 -8.91
N ASN A 228 0.84 31.56 -9.26
CA ASN A 228 1.52 32.51 -8.39
C ASN A 228 0.56 33.28 -7.50
N ARG A 229 -0.73 32.98 -7.54
CA ARG A 229 -1.73 33.64 -6.70
C ARG A 229 -2.25 32.74 -5.60
N ARG A 230 -1.42 31.83 -5.10
CA ARG A 230 -1.84 30.91 -4.05
C ARG A 230 -0.71 30.75 -3.03
N SER A 231 -1.08 30.24 -1.86
CA SER A 231 -0.15 30.08 -0.76
C SER A 231 0.94 29.07 -1.12
N GLU A 232 2.12 29.28 -0.54
CA GLU A 232 3.25 28.41 -0.83
C GLU A 232 3.02 26.99 -0.32
N VAL A 233 2.25 26.84 0.76
CA VAL A 233 1.99 25.49 1.27
C VAL A 233 1.16 24.69 0.27
N LEU A 234 0.12 25.32 -0.30
CA LEU A 234 -0.69 24.64 -1.30
C LEU A 234 0.13 24.29 -2.53
N ARG A 235 1.00 25.20 -2.96
CA ARG A 235 1.87 24.92 -4.10
C ARG A 235 2.80 23.75 -3.81
N ASN A 236 3.38 23.70 -2.62
CA ASN A 236 4.26 22.58 -2.27
C ASN A 236 3.49 21.27 -2.24
N ALA A 237 2.27 21.28 -1.70
CA ALA A 237 1.47 20.06 -1.69
C ALA A 237 1.15 19.60 -3.11
N ALA A 238 0.81 20.55 -3.99
CA ALA A 238 0.55 20.20 -5.38
C ALA A 238 1.79 19.63 -6.05
N GLN A 239 2.96 20.20 -5.76
CA GLN A 239 4.20 19.69 -6.34
C GLN A 239 4.48 18.26 -5.88
N SER A 240 4.29 17.98 -4.60
CA SER A 240 4.49 16.62 -4.11
C SER A 240 3.51 15.66 -4.77
N THR A 241 2.27 16.08 -4.92
CA THR A 241 1.29 15.23 -5.58
C THR A 241 1.68 14.98 -7.04
N MET A 242 2.20 16.00 -7.72
CA MET A 242 2.61 15.81 -9.10
C MET A 242 3.75 14.82 -9.21
N ILE A 243 4.72 14.90 -8.30
CA ILE A 243 5.82 13.94 -8.34
C ILE A 243 5.29 12.52 -8.12
N ALA A 244 4.39 12.36 -7.16
CA ALA A 244 3.83 11.03 -6.90
C ALA A 244 3.06 10.50 -8.10
N VAL A 245 2.23 11.34 -8.72
CA VAL A 245 1.42 10.90 -9.85
C VAL A 245 2.31 10.56 -11.05
N THR A 246 3.36 11.36 -11.28
CA THR A 246 4.28 11.07 -12.38
C THR A 246 4.99 9.74 -12.16
N VAL A 247 5.43 9.49 -10.93
CA VAL A 247 6.04 8.21 -10.61
C VAL A 247 5.06 7.09 -10.90
N LYS A 248 3.81 7.25 -10.47
CA LYS A 248 2.81 6.20 -10.68
C LYS A 248 2.59 5.92 -12.17
N ILE A 249 2.44 6.98 -12.96
CA ILE A 249 2.11 6.82 -14.37
C ILE A 249 3.26 6.13 -15.11
N PHE A 250 4.48 6.62 -14.91
CA PHE A 250 5.58 6.02 -15.65
C PHE A 250 5.99 4.66 -15.09
N SER A 251 5.70 4.39 -13.81
CA SER A 251 5.89 3.04 -13.29
C SER A 251 4.91 2.07 -13.94
N LYS A 252 3.67 2.51 -14.17
CA LYS A 252 2.76 1.69 -14.96
C LYS A 252 3.30 1.48 -16.36
N LEU A 253 3.81 2.53 -16.98
CA LEU A 253 4.45 2.41 -18.29
C LEU A 253 5.57 1.37 -18.28
N LYS A 254 6.26 1.23 -17.15
CA LYS A 254 7.40 0.33 -17.09
C LYS A 254 7.03 -1.09 -17.51
N THR A 255 5.85 -1.56 -17.10
CA THR A 255 5.37 -2.90 -17.48
C THR A 255 3.95 -2.81 -18.03
N ILE A 256 3.83 -2.51 -19.33
CA ILE A 256 2.54 -2.64 -20.01
C ILE A 256 2.68 -3.59 -21.19
N GLU A 257 3.35 -3.12 -22.26
CA GLU A 257 3.69 -3.89 -23.44
C GLU A 257 4.39 -2.98 -24.43
N PRO A 258 5.28 -3.48 -25.27
CA PRO A 258 5.70 -2.71 -26.44
C PRO A 258 4.82 -3.02 -27.63
N VAL A 259 4.29 -2.00 -28.30
CA VAL A 259 3.37 -2.18 -29.42
C VAL A 259 4.14 -1.95 -30.72
N ASN A 260 4.01 -2.91 -31.65
CA ASN A 260 4.65 -2.85 -32.97
C ASN A 260 6.17 -2.69 -32.83
N VAL A 261 6.79 -3.74 -32.25
CA VAL A 261 8.23 -3.69 -32.01
C VAL A 261 9.00 -3.64 -33.32
N ASN A 262 8.61 -4.46 -34.29
CA ASN A 262 9.34 -4.58 -35.55
C ASN A 262 8.78 -3.69 -36.65
N GLN A 263 7.76 -2.88 -36.37
CA GLN A 263 7.15 -2.02 -37.36
C GLN A 263 7.70 -0.60 -37.21
N ILE A 264 8.09 -0.01 -38.34
CA ILE A 264 8.69 1.32 -38.32
C ILE A 264 7.66 2.37 -37.94
N TYR A 265 8.16 3.51 -37.45
CA TYR A 265 7.31 4.60 -36.99
C TYR A 265 7.62 5.86 -37.81
N ILE A 266 6.56 6.55 -38.24
CA ILE A 266 6.66 7.82 -38.94
C ILE A 266 6.17 8.90 -37.99
N ASN A 267 6.97 9.93 -37.79
CA ASN A 267 6.68 10.96 -36.80
C ASN A 267 5.66 11.93 -37.39
N ASP A 268 4.39 11.77 -36.99
CA ASP A 268 3.31 12.60 -37.49
C ASP A 268 2.57 13.36 -36.40
N GLU A 269 2.75 13.03 -35.13
CA GLU A 269 2.04 13.74 -34.08
C GLU A 269 2.51 15.18 -33.99
N SER A 270 1.62 16.05 -33.56
CA SER A 270 1.92 17.46 -33.36
C SER A 270 2.23 17.71 -31.90
N TYR A 271 3.26 18.50 -31.63
CA TYR A 271 3.71 18.77 -30.27
C TYR A 271 2.99 19.95 -29.63
N THR A 272 2.06 20.59 -30.31
CA THR A 272 1.42 21.81 -29.83
C THR A 272 -0.08 21.63 -29.66
N ASN A 273 -0.50 20.49 -29.11
CA ASN A 273 -1.90 20.20 -28.93
C ASN A 273 -2.30 20.08 -27.47
N ASP A 274 -1.34 20.17 -26.54
CA ASP A 274 -1.61 20.06 -25.11
C ASP A 274 -0.99 21.26 -24.42
N VAL A 275 -1.84 22.22 -24.03
CA VAL A 275 -1.40 23.41 -23.32
C VAL A 275 -2.00 23.39 -21.92
N LEU A 276 -1.31 24.04 -20.99
CA LEU A 276 -1.77 24.09 -19.61
C LEU A 276 -3.00 24.99 -19.50
N LYS A 277 -4.02 24.53 -18.78
CA LYS A 277 -5.25 25.27 -18.62
C LYS A 277 -5.14 26.27 -17.48
N ALA A 278 -6.19 27.05 -17.28
CA ALA A 278 -6.23 28.04 -16.22
C ALA A 278 -6.60 27.38 -14.89
N ASP A 279 -6.32 28.10 -13.80
CA ASP A 279 -6.61 27.63 -12.45
C ASP A 279 -8.02 28.03 -12.08
N THR A 280 -8.99 27.30 -12.62
CA THR A 280 -10.40 27.59 -12.40
C THR A 280 -10.96 26.92 -11.15
N ILE A 281 -10.20 26.06 -10.49
CA ILE A 281 -10.69 25.39 -9.29
C ILE A 281 -10.68 26.36 -8.12
N GLY A 282 -11.75 26.33 -7.33
CA GLY A 282 -11.90 27.24 -6.20
C GLY A 282 -13.00 28.26 -6.47
N THR A 283 -12.67 29.53 -6.26
CA THR A 283 -13.62 30.61 -6.46
C THR A 283 -13.48 31.25 -7.84
N ALA A 345 -5.82 2.71 -28.53
CA ALA A 345 -7.03 2.87 -27.74
C ALA A 345 -7.47 4.32 -27.70
N TYR A 346 -8.29 4.67 -26.72
CA TYR A 346 -8.82 6.02 -26.61
C TYR A 346 -9.23 6.24 -25.15
N ALA A 347 -9.94 7.34 -24.90
CA ALA A 347 -10.41 7.65 -23.56
C ALA A 347 -11.54 6.68 -23.16
N ASP A 348 -12.07 6.91 -21.97
CA ASP A 348 -13.09 6.04 -21.36
C ASP A 348 -12.58 4.61 -21.20
N ASP A 349 -11.26 4.43 -21.15
CA ASP A 349 -10.65 3.12 -20.97
C ASP A 349 -9.52 3.26 -19.96
N ASN A 350 -9.29 2.15 -19.24
CA ASN A 350 -8.19 2.11 -18.23
C ASN A 350 -7.03 2.90 -18.82
N TYR A 351 -6.30 3.61 -17.96
CA TYR A 351 -5.30 4.49 -18.53
C TYR A 351 -3.99 3.78 -18.79
N GLY A 352 -3.41 4.08 -19.94
CA GLY A 352 -2.16 3.48 -20.37
C GLY A 352 -1.30 4.45 -21.13
N LEU A 353 -0.84 4.04 -22.30
CA LEU A 353 0.06 4.90 -23.09
C LEU A 353 -0.51 6.26 -23.46
N PRO A 354 -1.78 6.40 -23.86
CA PRO A 354 -2.23 7.73 -24.31
C PRO A 354 -2.05 8.83 -23.28
N VAL A 355 -2.35 8.56 -22.01
CA VAL A 355 -2.17 9.59 -20.99
C VAL A 355 -0.69 9.88 -20.77
N VAL A 356 0.16 8.86 -20.92
CA VAL A 356 1.60 9.11 -20.79
C VAL A 356 2.08 10.05 -21.89
N ARG A 357 1.60 9.82 -23.12
CA ARG A 357 1.98 10.70 -24.22
C ARG A 357 1.47 12.12 -24.00
N GLN A 358 0.21 12.25 -23.56
CA GLN A 358 -0.34 13.58 -23.32
C GLN A 358 0.40 14.28 -22.19
N TYR A 359 0.81 13.53 -21.17
CA TYR A 359 1.55 14.12 -20.06
C TYR A 359 2.92 14.60 -20.51
N LEU A 360 3.61 13.81 -21.33
CA LEU A 360 4.89 14.27 -21.86
C LEU A 360 4.72 15.49 -22.75
N ASN A 361 3.61 15.54 -23.50
CA ASN A 361 3.34 16.71 -24.33
C ASN A 361 3.11 17.97 -23.49
N LEU A 362 2.36 17.84 -22.39
CA LEU A 362 2.14 18.97 -21.49
C LEU A 362 3.45 19.42 -20.86
N LEU A 363 4.28 18.46 -20.41
CA LEU A 363 5.56 18.82 -19.82
C LEU A 363 6.45 19.51 -20.83
N LEU A 364 6.40 19.08 -22.09
CA LEU A 364 7.12 19.77 -23.15
C LEU A 364 6.60 21.19 -23.33
N SER A 365 5.28 21.37 -23.25
CA SER A 365 4.72 22.70 -23.37
C SER A 365 5.19 23.62 -22.25
N LEU A 366 5.41 23.07 -21.06
CA LEU A 366 5.93 23.90 -19.97
C LEU A 366 7.31 24.45 -20.30
N ILE A 367 8.20 23.61 -20.84
CA ILE A 367 9.59 23.98 -21.02
C ILE A 367 9.92 24.30 -22.47
N ALA A 368 8.91 24.47 -23.32
CA ALA A 368 9.16 24.69 -24.73
C ALA A 368 9.81 26.05 -24.96
N PRO A 369 10.63 26.18 -26.02
CA PRO A 369 11.20 27.48 -26.34
C PRO A 369 10.17 28.50 -26.77
N GLU A 370 9.08 28.08 -27.40
CA GLU A 370 8.15 29.00 -28.03
C GLU A 370 7.14 29.60 -27.06
N ASN A 371 7.19 29.24 -25.79
CA ASN A 371 6.33 29.83 -24.77
C ASN A 371 7.12 30.19 -23.53
N GLU A 372 8.26 30.86 -23.73
CA GLU A 372 9.03 31.36 -22.60
C GLU A 372 8.28 32.44 -21.84
N LEU A 373 7.59 33.31 -22.57
CA LEU A 373 6.91 34.43 -21.91
C LEU A 373 5.64 33.98 -21.18
N LYS A 374 5.08 32.84 -21.53
CA LYS A 374 3.80 32.41 -20.97
C LYS A 374 3.95 31.60 -19.69
N HIS A 375 5.18 31.26 -19.29
CA HIS A 375 5.39 30.47 -18.08
C HIS A 375 6.53 31.09 -17.29
N SER A 376 6.37 31.14 -15.97
CA SER A 376 7.41 31.64 -15.10
C SER A 376 8.57 30.65 -15.03
N TYR A 377 9.65 31.07 -14.37
CA TYR A 377 10.81 30.21 -14.24
C TYR A 377 10.51 29.01 -13.35
N SER A 378 9.69 29.20 -12.32
CA SER A 378 9.36 28.09 -11.44
C SER A 378 8.65 26.98 -12.22
N THR A 379 7.75 27.36 -13.13
CA THR A 379 7.03 26.37 -13.92
C THR A 379 8.00 25.58 -14.81
N ARG A 380 8.94 26.26 -15.44
CA ARG A 380 9.90 25.57 -16.30
C ARG A 380 10.78 24.63 -15.49
N ILE A 381 11.23 25.08 -14.32
CA ILE A 381 12.05 24.22 -13.47
C ILE A 381 11.26 22.99 -13.05
N PHE A 382 9.99 23.18 -12.69
CA PHE A 382 9.18 22.05 -12.25
C PHE A 382 8.92 21.08 -13.39
N GLY A 383 8.72 21.60 -14.59
CA GLY A 383 8.58 20.71 -15.75
C GLY A 383 9.83 19.89 -16.00
N LEU A 384 10.99 20.52 -15.88
CA LEU A 384 12.25 19.79 -16.04
C LEU A 384 12.41 18.72 -14.96
N GLU A 385 12.05 19.05 -13.72
CA GLU A 385 12.15 18.07 -12.63
C GLU A 385 11.19 16.91 -12.85
N LEU A 386 9.98 17.20 -13.34
CA LEU A 386 9.03 16.13 -13.62
C LEU A 386 9.53 15.22 -14.73
N ILE A 387 10.11 15.80 -15.79
CA ILE A 387 10.66 14.97 -16.86
C ILE A 387 11.78 14.09 -16.32
N GLN A 388 12.65 14.66 -15.49
CA GLN A 388 13.75 13.87 -14.95
C GLN A 388 13.25 12.73 -14.06
N THR A 389 12.25 13.01 -13.23
CA THR A 389 11.67 11.97 -12.40
C THR A 389 11.05 10.87 -13.26
N ALA A 390 10.36 11.26 -14.33
CA ALA A 390 9.77 10.27 -15.23
C ALA A 390 10.83 9.39 -15.87
N LEU A 391 11.93 9.99 -16.32
CA LEU A 391 13.00 9.21 -16.92
C LEU A 391 13.63 8.27 -15.90
N GLU A 392 13.85 8.75 -14.68
CA GLU A 392 14.45 7.89 -13.66
C GLU A 392 13.53 6.72 -13.32
N ILE A 393 12.22 6.96 -13.24
CA ILE A 393 11.30 5.88 -12.91
C ILE A 393 11.20 4.89 -14.07
N SER A 394 11.21 5.38 -15.31
CA SER A 394 11.02 4.49 -16.45
C SER A 394 12.30 3.74 -16.81
N GLY A 395 13.34 4.47 -17.21
CA GLY A 395 14.59 3.83 -17.54
C GLY A 395 14.86 3.77 -19.02
N ASP A 396 15.59 2.74 -19.45
CA ASP A 396 15.87 2.51 -20.86
C ASP A 396 14.80 1.66 -21.50
N ARG A 397 13.55 2.06 -21.31
CA ARG A 397 12.42 1.44 -21.95
C ARG A 397 11.60 2.40 -22.78
N LEU A 398 11.91 3.70 -22.74
CA LEU A 398 11.27 4.64 -23.64
C LEU A 398 11.67 4.40 -25.09
N GLN A 399 12.75 3.66 -25.32
CA GLN A 399 13.13 3.35 -26.69
C GLN A 399 12.12 2.45 -27.37
N LEU A 400 11.47 1.57 -26.61
CA LEU A 400 10.50 0.66 -27.20
C LEU A 400 9.25 1.39 -27.66
N TYR A 401 8.87 2.44 -26.96
CA TYR A 401 7.71 3.24 -27.33
C TYR A 401 8.15 4.38 -28.24
N PRO A 402 7.73 4.41 -29.50
CA PRO A 402 8.30 5.41 -30.42
C PRO A 402 7.81 6.82 -30.20
N ARG A 403 6.56 7.01 -29.77
CA ARG A 403 6.06 8.37 -29.57
C ARG A 403 6.75 9.04 -28.39
N LEU A 404 6.88 8.34 -27.28
CA LEU A 404 7.57 8.89 -26.12
C LEU A 404 9.02 9.18 -26.44
N PHE A 405 9.70 8.28 -27.15
CA PHE A 405 11.09 8.53 -27.46
C PHE A 405 11.25 9.65 -28.48
N THR A 406 10.29 9.82 -29.38
CA THR A 406 10.34 10.96 -30.29
C THR A 406 10.20 12.26 -29.53
N LEU A 407 9.27 12.30 -28.57
CA LEU A 407 9.11 13.50 -27.74
C LEU A 407 10.37 13.78 -26.94
N ILE A 408 11.04 12.74 -26.45
CA ILE A 408 12.27 12.95 -25.71
C ILE A 408 13.40 13.42 -26.62
N SER A 409 13.47 12.85 -27.82
CA SER A 409 14.61 13.12 -28.70
C SER A 409 14.50 14.49 -29.36
N ASP A 410 13.46 14.71 -30.15
CA ASP A 410 13.47 15.96 -30.89
C ASP A 410 13.15 17.18 -30.02
N PRO A 411 11.92 17.36 -29.52
CA PRO A 411 11.57 18.67 -28.96
C PRO A 411 12.07 18.91 -27.55
N ILE A 412 12.10 17.89 -26.70
CA ILE A 412 12.60 18.08 -25.34
C ILE A 412 14.08 18.39 -25.34
N PHE A 413 14.86 17.67 -26.15
CA PHE A 413 16.27 18.00 -26.28
C PHE A 413 16.47 19.35 -26.93
N LYS A 414 15.61 19.73 -27.88
CA LYS A 414 15.70 21.06 -28.45
C LYS A 414 15.52 22.14 -27.39
N SER A 415 14.53 21.96 -26.51
CA SER A 415 14.31 22.92 -25.44
C SER A 415 15.49 22.93 -24.46
N ILE A 416 16.06 21.77 -24.17
CA ILE A 416 17.21 21.71 -23.27
C ILE A 416 18.38 22.50 -23.85
N LEU A 417 18.67 22.29 -25.13
CA LEU A 417 19.76 23.01 -25.77
C LEU A 417 19.49 24.51 -25.83
N PHE A 418 18.23 24.88 -26.10
CA PHE A 418 17.90 26.30 -26.15
C PHE A 418 18.10 26.97 -24.81
N ILE A 419 17.69 26.30 -23.73
CA ILE A 419 17.91 26.86 -22.40
C ILE A 419 19.39 26.97 -22.10
N ILE A 420 20.17 25.93 -22.45
CA ILE A 420 21.60 25.98 -22.17
C ILE A 420 22.24 27.16 -22.88
N GLN A 421 21.86 27.37 -24.13
CA GLN A 421 22.52 28.39 -24.95
C GLN A 421 22.04 29.80 -24.63
N ASN A 422 20.77 29.98 -24.27
CA ASN A 422 20.15 31.30 -24.23
C ASN A 422 19.47 31.56 -22.89
N THR A 423 20.16 31.33 -21.78
CA THR A 423 19.61 31.63 -20.47
C THR A 423 20.62 32.42 -19.64
N THR A 424 20.12 33.02 -18.57
CA THR A 424 20.95 33.77 -17.64
C THR A 424 20.69 33.44 -16.18
N LYS A 425 19.66 32.66 -15.87
CA LYS A 425 19.37 32.28 -14.49
C LYS A 425 20.03 30.94 -14.17
N LEU A 426 20.62 30.87 -12.97
CA LEU A 426 21.41 29.70 -12.60
C LEU A 426 20.54 28.48 -12.31
N SER A 427 19.39 28.68 -11.66
CA SER A 427 18.57 27.55 -11.27
C SER A 427 18.02 26.81 -12.48
N LEU A 428 17.54 27.56 -13.48
CA LEU A 428 17.03 26.93 -14.69
C LEU A 428 18.13 26.19 -15.43
N LEU A 429 19.32 26.77 -15.50
CA LEU A 429 20.44 26.11 -16.16
C LEU A 429 20.83 24.84 -15.42
N GLN A 430 20.79 24.87 -14.09
CA GLN A 430 21.12 23.68 -13.31
C GLN A 430 20.12 22.57 -13.56
N ALA A 431 18.83 22.89 -13.56
CA ALA A 431 17.82 21.88 -13.82
C ALA A 431 17.98 21.31 -15.23
N THR A 432 18.22 22.17 -16.21
CA THR A 432 18.39 21.72 -17.58
C THR A 432 19.60 20.82 -17.73
N LEU A 433 20.71 21.18 -17.10
CA LEU A 433 21.92 20.36 -17.19
C LEU A 433 21.73 19.02 -16.50
N GLN A 434 21.03 19.01 -15.36
CA GLN A 434 20.77 17.74 -14.68
C GLN A 434 19.93 16.83 -15.56
N LEU A 435 18.90 17.37 -16.21
CA LEU A 435 18.11 16.56 -17.12
C LEU A 435 18.94 16.05 -18.28
N PHE A 436 19.80 16.91 -18.83
CA PHE A 436 20.66 16.52 -19.94
C PHE A 436 21.59 15.37 -19.57
N THR A 437 22.19 15.45 -18.38
CA THR A 437 23.08 14.38 -17.95
C THR A 437 22.34 13.11 -17.61
N THR A 438 21.11 13.21 -17.08
CA THR A 438 20.30 12.02 -16.90
C THR A 438 20.02 11.35 -18.24
N LEU A 439 19.71 12.14 -19.26
CA LEU A 439 19.47 11.59 -20.59
C LEU A 439 20.72 10.92 -21.14
N VAL A 440 21.88 11.55 -20.97
CA VAL A 440 23.12 10.97 -21.50
C VAL A 440 23.45 9.68 -20.78
N VAL A 441 23.18 9.60 -19.48
CA VAL A 441 23.48 8.38 -18.74
C VAL A 441 22.53 7.25 -19.13
N ILE A 442 21.24 7.54 -19.27
CA ILE A 442 20.26 6.48 -19.52
C ILE A 442 20.17 6.14 -20.99
N LEU A 443 19.78 7.11 -21.81
CA LEU A 443 19.44 6.89 -23.22
C LEU A 443 20.51 7.36 -24.18
N GLY A 444 21.79 7.19 -23.83
CA GLY A 444 22.85 7.74 -24.66
C GLY A 444 23.10 6.99 -25.94
N ASN A 445 22.72 5.71 -26.00
CA ASN A 445 22.97 4.92 -27.19
C ASN A 445 22.01 5.24 -28.33
N ASN A 446 21.00 6.08 -28.09
CA ASN A 446 20.05 6.45 -29.13
C ASN A 446 19.90 7.96 -29.26
N LEU A 447 20.73 8.75 -28.59
CA LEU A 447 20.67 10.20 -28.64
C LEU A 447 22.01 10.78 -29.05
N GLN A 448 22.70 10.11 -29.98
CA GLN A 448 24.10 10.45 -30.24
C GLN A 448 24.25 11.81 -30.91
N LEU A 449 23.44 12.10 -31.92
CA LEU A 449 23.57 13.38 -32.61
C LEU A 449 23.24 14.55 -31.67
N GLN A 450 22.20 14.40 -30.85
CA GLN A 450 21.85 15.44 -29.89
C GLN A 450 22.96 15.65 -28.87
N ILE A 451 23.54 14.55 -28.36
CA ILE A 451 24.63 14.68 -27.40
C ILE A 451 25.83 15.37 -28.04
N GLU A 452 26.14 15.03 -29.30
CA GLU A 452 27.24 15.67 -30.00
C GLU A 452 27.01 17.17 -30.12
N LEU A 453 25.81 17.56 -30.54
CA LEU A 453 25.51 18.97 -30.72
C LEU A 453 25.58 19.73 -29.40
N THR A 454 25.00 19.16 -28.35
CA THR A 454 24.98 19.84 -27.06
C THR A 454 26.38 19.95 -26.47
N LEU A 455 27.18 18.88 -26.57
CA LEU A 455 28.54 18.95 -26.05
C LEU A 455 29.38 19.95 -26.83
N THR A 456 29.20 20.02 -28.16
CA THR A 456 29.91 21.01 -28.95
C THR A 456 29.54 22.43 -28.52
N ARG A 457 28.25 22.68 -28.29
CA ARG A 457 27.84 23.99 -27.83
C ARG A 457 28.42 24.31 -26.45
N ILE A 458 28.45 23.30 -25.56
CA ILE A 458 29.00 23.51 -24.22
C ILE A 458 30.48 23.87 -24.30
N PHE A 459 31.23 23.17 -25.17
CA PHE A 459 32.65 23.47 -25.30
C PHE A 459 32.88 24.83 -25.95
N SER A 460 32.01 25.24 -26.87
CA SER A 460 32.12 26.59 -27.41
C SER A 460 31.88 27.63 -26.32
N ILE A 461 30.93 27.36 -25.41
CA ILE A 461 30.67 28.30 -24.32
C ILE A 461 31.86 28.36 -23.36
N LEU A 462 32.40 27.19 -23.00
CA LEU A 462 33.46 27.13 -21.99
C LEU A 462 34.79 27.69 -22.47
N LEU A 463 34.96 27.91 -23.77
CA LEU A 463 36.24 28.33 -24.33
C LEU A 463 36.08 29.61 -25.12
N ASP A 464 35.39 30.59 -24.54
CA ASP A 464 35.23 31.89 -25.19
C ASP A 464 34.96 32.99 -24.16
N LYS A 478 29.35 35.34 -21.36
CA LYS A 478 28.95 34.48 -20.25
C LYS A 478 29.82 34.73 -19.03
N PRO A 479 29.18 34.95 -17.88
CA PRO A 479 29.93 35.14 -16.64
C PRO A 479 30.57 33.84 -16.17
N SER A 480 31.45 33.98 -15.17
CA SER A 480 32.20 32.83 -14.68
C SER A 480 31.31 31.80 -14.00
N ILE A 481 30.24 32.25 -13.33
CA ILE A 481 29.40 31.33 -12.57
C ILE A 481 28.68 30.37 -13.52
N ILE A 482 28.28 30.85 -14.69
CA ILE A 482 27.66 29.99 -15.69
C ILE A 482 28.63 28.90 -16.11
N LYS A 483 29.89 29.25 -16.34
CA LYS A 483 30.89 28.27 -16.75
C LYS A 483 31.15 27.26 -15.64
N GLU A 484 31.18 27.72 -14.39
CA GLU A 484 31.34 26.77 -13.29
C GLU A 484 30.18 25.78 -13.24
N LEU A 485 28.95 26.27 -13.41
CA LEU A 485 27.80 25.37 -13.38
C LEU A 485 27.87 24.36 -14.52
N LEU A 486 28.21 24.83 -15.72
CA LEU A 486 28.34 23.92 -16.85
C LEU A 486 29.40 22.85 -16.57
N ILE A 487 30.57 23.27 -16.08
CA ILE A 487 31.66 22.32 -15.94
C ILE A 487 31.35 21.29 -14.84
N GLU A 488 30.68 21.70 -13.77
CA GLU A 488 30.35 20.74 -12.73
C GLU A 488 29.29 19.74 -13.21
N GLN A 489 28.20 20.24 -13.80
CA GLN A 489 27.16 19.34 -14.24
C GLN A 489 27.59 18.48 -15.41
N ILE A 490 28.61 18.89 -16.15
CA ILE A 490 29.19 17.99 -17.15
C ILE A 490 30.23 17.07 -16.53
N SER A 491 30.84 17.48 -15.41
CA SER A 491 31.74 16.61 -14.69
C SER A 491 31.02 15.39 -14.17
N ILE A 492 29.72 15.52 -13.89
CA ILE A 492 28.94 14.37 -13.48
C ILE A 492 28.96 13.24 -14.51
N LEU A 493 29.46 13.51 -15.72
CA LEU A 493 29.40 12.52 -16.80
C LEU A 493 30.54 11.50 -16.70
N TRP A 494 31.78 11.97 -16.78
CA TRP A 494 32.89 11.05 -16.95
C TRP A 494 33.09 10.14 -15.75
N THR A 495 32.60 10.53 -14.58
CA THR A 495 32.56 9.60 -13.46
C THR A 495 31.45 8.58 -13.63
N ARG A 496 30.27 9.03 -14.06
CA ARG A 496 29.09 8.16 -14.15
C ARG A 496 28.86 7.70 -15.59
N SER A 497 29.82 6.91 -16.08
CA SER A 497 29.69 6.22 -17.35
C SER A 497 30.75 5.12 -17.37
N PRO A 498 30.50 4.00 -18.05
CA PRO A 498 31.47 2.90 -18.05
C PRO A 498 32.89 3.37 -18.36
N SER A 499 33.08 3.97 -19.52
CA SER A 499 34.33 4.62 -19.88
C SER A 499 33.97 5.71 -20.87
N PHE A 500 33.79 6.93 -20.37
CA PHE A 500 33.11 7.96 -21.16
C PHE A 500 33.93 8.36 -22.36
N PHE A 501 35.21 8.66 -22.15
CA PHE A 501 36.02 9.17 -23.25
C PHE A 501 36.27 8.08 -24.29
N THR A 502 36.48 6.84 -23.85
CA THR A 502 36.65 5.76 -24.81
C THR A 502 35.38 5.50 -25.60
N SER A 503 34.22 5.51 -24.95
CA SER A 503 32.96 5.28 -25.65
C SER A 503 32.66 6.42 -26.62
N THR A 504 32.93 7.65 -26.22
CA THR A 504 32.74 8.78 -27.12
C THR A 504 33.67 8.69 -28.32
N PHE A 505 34.93 8.31 -28.10
CA PHE A 505 35.85 8.15 -29.22
C PHE A 505 35.46 7.00 -30.12
N ILE A 506 34.79 5.97 -29.58
CA ILE A 506 34.33 4.87 -30.42
C ILE A 506 33.14 5.31 -31.27
N ASN A 507 32.17 5.98 -30.66
CA ASN A 507 30.96 6.36 -31.38
C ASN A 507 31.21 7.54 -32.30
N PHE A 508 31.54 8.69 -31.74
CA PHE A 508 31.95 9.85 -32.52
C PHE A 508 33.46 9.76 -32.74
N ASP A 509 33.97 10.66 -33.58
CA ASP A 509 35.40 10.80 -33.87
C ASP A 509 35.95 9.59 -34.61
N CYS A 510 35.17 8.53 -34.80
CA CYS A 510 35.51 7.40 -35.63
C CYS A 510 34.50 7.19 -36.75
N ASN A 511 33.22 7.30 -36.45
CA ASN A 511 32.18 7.34 -37.47
C ASN A 511 32.26 8.69 -38.15
N LEU A 512 32.79 8.71 -39.36
CA LEU A 512 32.96 9.96 -40.08
C LEU A 512 31.60 10.63 -40.30
N ASP A 513 31.64 11.89 -40.69
CA ASP A 513 30.51 12.81 -40.76
C ASP A 513 30.04 13.25 -39.38
N ARG A 514 30.72 12.84 -38.32
CA ARG A 514 30.45 13.32 -36.97
C ARG A 514 31.68 14.06 -36.47
N ALA A 515 31.48 15.25 -35.91
CA ALA A 515 32.59 16.04 -35.43
C ALA A 515 33.29 15.35 -34.27
N ASP A 516 34.59 15.60 -34.15
CA ASP A 516 35.37 15.02 -33.07
C ASP A 516 34.87 15.56 -31.74
N VAL A 517 34.48 14.67 -30.84
CA VAL A 517 33.91 15.06 -29.56
C VAL A 517 34.83 14.67 -28.40
N SER A 518 35.39 13.47 -28.42
CA SER A 518 36.23 13.04 -27.30
C SER A 518 37.54 13.81 -27.25
N ILE A 519 38.21 13.94 -28.40
CA ILE A 519 39.46 14.68 -28.44
C ILE A 519 39.23 16.15 -28.12
N ASN A 520 38.16 16.74 -28.64
CA ASN A 520 37.85 18.13 -28.34
C ASN A 520 37.55 18.31 -26.85
N PHE A 521 36.81 17.36 -26.26
CA PHE A 521 36.54 17.40 -24.84
C PHE A 521 37.82 17.38 -24.03
N LEU A 522 38.74 16.47 -24.37
CA LEU A 522 39.98 16.37 -23.62
C LEU A 522 40.84 17.61 -23.80
N LYS A 523 40.89 18.16 -25.02
CA LYS A 523 41.66 19.39 -25.23
C LYS A 523 41.08 20.55 -24.44
N ALA A 524 39.76 20.67 -24.42
CA ALA A 524 39.13 21.73 -23.64
C ALA A 524 39.40 21.56 -22.15
N LEU A 525 39.34 20.31 -21.66
CA LEU A 525 39.64 20.07 -20.26
C LEU A 525 41.08 20.43 -19.93
N THR A 526 42.02 20.07 -20.80
CA THR A 526 43.42 20.42 -20.56
C THR A 526 43.62 21.92 -20.56
N LYS A 527 43.02 22.63 -21.52
CA LYS A 527 43.19 24.07 -21.57
C LYS A 527 42.56 24.76 -20.38
N LEU A 528 41.45 24.23 -19.86
CA LEU A 528 40.82 24.83 -18.68
C LEU A 528 41.53 24.47 -17.38
N ALA A 529 42.34 23.41 -17.36
CA ALA A 529 42.96 22.96 -16.12
C ALA A 529 44.11 23.85 -15.68
N LEU A 530 44.75 24.53 -16.60
CA LEU A 530 45.84 25.42 -16.23
C LEU A 530 45.32 26.65 -15.51
N PRO A 531 46.09 27.20 -14.57
CA PRO A 531 45.63 28.40 -13.84
C PRO A 531 45.40 29.60 -14.73
N GLU A 532 45.95 29.61 -15.94
CA GLU A 532 45.66 30.69 -16.88
C GLU A 532 44.17 30.75 -17.18
N SER A 533 43.54 29.59 -17.36
CA SER A 533 42.10 29.54 -17.50
C SER A 533 41.38 29.80 -16.19
N ALA A 534 42.03 29.54 -15.05
CA ALA A 534 41.45 29.91 -13.76
C ALA A 534 41.29 31.42 -13.66
N LEU A 535 42.26 32.17 -14.17
CA LEU A 535 42.12 33.62 -14.22
C LEU A 535 40.93 34.00 -15.09
N THR A 536 40.21 35.04 -14.66
CA THR A 536 39.02 35.59 -15.31
C THR A 536 37.83 34.63 -15.31
N THR A 537 37.98 33.42 -14.79
CA THR A 537 36.86 32.50 -14.67
C THR A 537 36.75 32.03 -13.21
N THR A 538 35.88 31.06 -12.96
CA THR A 538 35.71 30.58 -11.59
C THR A 538 36.93 29.79 -11.15
N GLU A 539 37.27 29.90 -9.87
CA GLU A 539 38.42 29.20 -9.33
C GLU A 539 38.15 27.72 -9.13
N SER A 540 36.89 27.30 -9.11
CA SER A 540 36.55 25.90 -8.87
C SER A 540 36.58 25.06 -10.13
N VAL A 541 36.87 25.64 -11.30
CA VAL A 541 36.90 24.90 -12.55
C VAL A 541 38.17 24.06 -12.70
N PRO A 542 39.36 24.59 -12.46
CA PRO A 542 40.58 23.82 -12.73
C PRO A 542 40.66 22.51 -11.95
N PRO A 543 40.28 22.48 -10.66
CA PRO A 543 40.27 21.17 -9.98
C PRO A 543 39.35 20.16 -10.63
N ILE A 544 38.19 20.60 -11.12
CA ILE A 544 37.25 19.69 -11.77
C ILE A 544 37.83 19.14 -13.07
N CYS A 545 38.41 20.02 -13.88
CA CYS A 545 39.01 19.56 -15.13
C CYS A 545 40.17 18.61 -14.88
N LEU A 546 40.99 18.90 -13.86
CA LEU A 546 42.07 18.00 -13.50
C LEU A 546 41.51 16.65 -13.06
N GLU A 547 40.39 16.66 -12.35
CA GLU A 547 39.76 15.40 -11.97
C GLU A 547 39.35 14.61 -13.20
N GLY A 548 38.84 15.29 -14.22
CA GLY A 548 38.47 14.60 -15.45
C GLY A 548 39.68 13.97 -16.14
N LEU A 549 40.78 14.72 -16.24
CA LEU A 549 41.97 14.17 -16.88
C LEU A 549 42.51 12.98 -16.11
N VAL A 550 42.57 13.09 -14.78
CA VAL A 550 43.05 11.97 -13.97
C VAL A 550 42.12 10.78 -14.10
N SER A 551 40.81 11.01 -14.24
CA SER A 551 39.87 9.92 -14.44
C SER A 551 40.14 9.21 -15.76
N LEU A 552 40.44 9.97 -16.81
CA LEU A 552 40.81 9.35 -18.09
C LEU A 552 42.04 8.46 -17.92
N VAL A 553 43.07 8.98 -17.25
CA VAL A 553 44.28 8.19 -17.05
C VAL A 553 43.99 6.92 -16.26
N ASP A 554 43.18 7.05 -15.20
CA ASP A 554 42.88 5.90 -14.36
C ASP A 554 42.08 4.84 -15.12
N ASP A 555 41.10 5.28 -15.92
CA ASP A 555 40.32 4.32 -16.70
C ASP A 555 41.20 3.60 -17.73
N MET A 556 42.11 4.34 -18.37
CA MET A 556 43.02 3.71 -19.31
C MET A 556 43.90 2.70 -18.61
N PHE A 557 44.37 3.02 -17.41
CA PHE A 557 45.16 2.06 -16.64
C PHE A 557 44.34 0.84 -16.29
N ASP A 558 43.06 1.04 -15.95
CA ASP A 558 42.19 -0.08 -15.60
C ASP A 558 41.96 -1.00 -16.78
N HIS A 559 41.88 -0.45 -17.99
CA HIS A 559 41.80 -1.34 -19.14
C HIS A 559 43.10 -2.04 -19.44
N MET A 560 44.10 -1.94 -18.57
CA MET A 560 45.44 -2.43 -18.87
C MET A 560 45.98 -3.35 -17.77
N LYS A 561 45.13 -3.80 -16.86
CA LYS A 561 45.62 -4.53 -15.69
C LYS A 561 46.22 -5.88 -16.09
N ASP A 562 45.48 -6.68 -16.86
CA ASP A 562 45.93 -8.01 -17.27
C ASP A 562 45.65 -8.14 -18.77
N ILE A 563 46.60 -7.71 -19.60
CA ILE A 563 46.42 -7.77 -21.04
C ILE A 563 47.61 -8.46 -21.69
N ASP A 564 48.66 -8.72 -20.91
CA ASP A 564 49.82 -9.50 -21.38
C ASP A 564 50.47 -8.83 -22.60
N ARG A 565 51.10 -7.68 -22.31
CA ARG A 565 51.65 -6.75 -23.30
C ARG A 565 52.24 -7.42 -24.52
N GLU A 566 52.95 -8.55 -24.32
CA GLU A 566 53.52 -9.27 -25.46
C GLU A 566 52.45 -9.70 -26.43
N GLU A 567 51.34 -10.24 -25.92
CA GLU A 567 50.29 -10.69 -26.80
C GLU A 567 49.56 -9.51 -27.43
N PHE A 568 49.51 -8.36 -26.74
CA PHE A 568 48.95 -7.17 -27.37
C PHE A 568 49.80 -6.74 -28.57
N GLY A 569 51.12 -6.77 -28.42
CA GLY A 569 51.98 -6.49 -29.55
C GLY A 569 51.93 -7.54 -30.63
N ARG A 570 51.53 -8.77 -30.27
CA ARG A 570 51.47 -9.84 -31.26
C ARG A 570 50.49 -9.55 -32.39
N GLN A 571 49.55 -8.65 -32.19
CA GLN A 571 48.60 -8.32 -33.24
C GLN A 571 49.29 -7.64 -34.40
N LYS A 572 48.94 -8.05 -35.62
CA LYS A 572 49.47 -7.45 -36.83
C LYS A 572 48.41 -6.81 -37.72
N ASN A 573 47.13 -7.08 -37.48
CA ASN A 573 46.04 -6.53 -38.26
C ASN A 573 45.33 -5.47 -37.43
N GLU A 574 45.54 -4.20 -37.78
CA GLU A 574 44.85 -3.12 -37.10
C GLU A 574 43.37 -3.13 -37.46
N MET A 575 42.56 -2.61 -36.55
CA MET A 575 41.12 -2.53 -36.81
C MET A 575 40.84 -1.59 -37.97
N GLU A 576 39.85 -1.95 -38.78
CA GLU A 576 39.52 -1.13 -39.95
C GLU A 576 38.96 0.22 -39.55
N ILE A 577 38.33 0.29 -38.36
CA ILE A 577 37.77 1.56 -37.90
C ILE A 577 38.86 2.61 -37.78
N LEU A 578 39.97 2.27 -37.12
CA LEU A 578 41.06 3.21 -36.96
C LEU A 578 41.73 3.52 -38.30
N LYS A 579 41.83 2.52 -39.17
CA LYS A 579 42.43 2.74 -40.48
C LYS A 579 41.64 3.77 -41.28
N LYS A 580 40.31 3.68 -41.26
CA LYS A 580 39.51 4.68 -41.95
C LYS A 580 39.48 5.99 -41.18
N ARG A 581 39.69 5.94 -39.85
CA ARG A 581 39.71 7.17 -39.07
C ARG A 581 40.93 8.02 -39.40
N ASP A 582 42.05 7.38 -39.71
CA ASP A 582 43.26 8.14 -40.05
C ASP A 582 43.07 8.98 -41.30
N ARG A 583 42.08 8.65 -42.13
CA ARG A 583 41.85 9.36 -43.40
C ARG A 583 40.66 10.30 -43.31
N LYS A 584 40.44 10.91 -42.15
CA LYS A 584 39.27 11.76 -41.96
C LYS A 584 39.43 13.11 -42.66
N THR A 585 40.64 13.67 -42.65
CA THR A 585 40.85 14.96 -43.31
C THR A 585 40.65 14.84 -44.81
N GLU A 586 41.11 13.73 -45.41
CA GLU A 586 40.86 13.51 -46.83
C GLU A 586 39.37 13.40 -47.11
N PHE A 587 38.63 12.74 -46.22
CA PHE A 587 37.17 12.67 -46.39
C PHE A 587 36.54 14.04 -46.32
N ILE A 588 37.01 14.89 -45.39
CA ILE A 588 36.47 16.24 -45.30
C ILE A 588 36.75 17.02 -46.58
N GLU A 589 37.96 16.88 -47.13
CA GLU A 589 38.29 17.55 -48.38
C GLU A 589 37.39 17.06 -49.52
N CYS A 590 37.17 15.75 -49.60
CA CYS A 590 36.31 15.21 -50.63
C CYS A 590 34.87 15.68 -50.47
N THR A 591 34.39 15.78 -49.23
CA THR A 591 33.04 16.26 -49.00
C THR A 591 32.89 17.72 -49.38
N ASN A 592 33.90 18.53 -49.08
CA ASN A 592 33.86 19.92 -49.53
C ASN A 592 33.85 20.01 -51.06
N ALA A 593 34.65 19.16 -51.71
CA ALA A 593 34.65 19.13 -53.17
C ALA A 593 33.29 18.73 -53.71
N PHE A 594 32.63 17.75 -53.07
CA PHE A 594 31.30 17.36 -53.49
C PHE A 594 30.30 18.48 -53.29
N ASN A 595 30.41 19.20 -52.17
CA ASN A 595 29.50 20.31 -51.92
C ASN A 595 29.65 21.41 -52.95
N GLU A 596 30.89 21.74 -53.32
CA GLU A 596 31.07 22.80 -54.31
C GLU A 596 30.67 22.34 -55.70
N LYS A 597 31.05 21.13 -56.09
CA LYS A 597 30.65 20.58 -57.38
C LYS A 597 30.79 19.06 -57.39
N PRO A 598 29.71 18.32 -57.66
CA PRO A 598 29.82 16.85 -57.68
C PRO A 598 30.75 16.32 -58.75
N LYS A 599 30.90 17.05 -59.86
CA LYS A 599 31.73 16.58 -60.96
C LYS A 599 33.17 16.36 -60.53
N LYS A 600 33.62 17.10 -59.51
CA LYS A 600 34.93 16.87 -58.91
C LYS A 600 34.86 15.99 -57.67
N GLY A 601 33.76 16.05 -56.92
CA GLY A 601 33.65 15.28 -55.70
C GLY A 601 33.61 13.78 -55.94
N ILE A 602 32.82 13.34 -56.92
CA ILE A 602 32.67 11.90 -57.16
C ILE A 602 34.00 11.25 -57.54
N PRO A 603 34.77 11.75 -58.52
CA PRO A 603 36.07 11.14 -58.78
C PRO A 603 37.00 11.18 -57.58
N MET A 604 36.96 12.25 -56.79
CA MET A 604 37.75 12.29 -55.57
C MET A 604 37.26 11.27 -54.56
N LEU A 605 35.95 11.13 -54.42
CA LEU A 605 35.37 10.19 -53.48
C LEU A 605 35.50 8.74 -53.94
N ILE A 606 35.98 8.49 -55.16
CA ILE A 606 36.26 7.13 -55.59
C ILE A 606 37.76 6.84 -55.69
N GLU A 607 38.59 7.85 -55.93
CA GLU A 607 40.03 7.61 -56.03
C GLU A 607 40.64 7.33 -54.67
N LYS A 608 40.25 8.10 -53.65
CA LYS A 608 40.83 8.00 -52.32
C LYS A 608 40.04 7.07 -51.40
N GLY A 609 39.42 6.02 -51.96
CA GLY A 609 38.59 5.15 -51.15
C GLY A 609 37.25 5.79 -50.86
N PHE A 610 36.61 5.30 -49.80
CA PHE A 610 35.34 5.81 -49.27
C PHE A 610 34.17 5.43 -50.16
N ILE A 611 34.44 4.88 -51.34
CA ILE A 611 33.42 4.29 -52.19
C ILE A 611 34.01 3.02 -52.79
N ALA A 612 33.19 1.96 -52.83
CA ALA A 612 33.69 0.68 -53.31
C ALA A 612 34.14 0.76 -54.76
N SER A 613 33.30 1.32 -55.63
CA SER A 613 33.60 1.40 -57.06
C SER A 613 32.74 2.49 -57.67
N ASP A 614 33.10 2.88 -58.88
CA ASP A 614 32.38 3.94 -59.60
C ASP A 614 31.03 3.49 -60.11
N SER A 615 30.58 2.30 -59.73
CA SER A 615 29.27 1.82 -60.16
C SER A 615 28.16 2.68 -59.56
N ASP A 616 27.03 2.71 -60.26
CA ASP A 616 25.91 3.55 -59.84
C ASP A 616 25.35 3.09 -58.50
N LYS A 617 25.29 1.78 -58.28
CA LYS A 617 24.77 1.26 -57.02
C LYS A 617 25.60 1.73 -55.84
N ASP A 618 26.93 1.73 -55.98
CA ASP A 618 27.79 2.17 -54.89
C ASP A 618 27.59 3.65 -54.59
N ILE A 619 27.49 4.48 -55.63
CA ILE A 619 27.25 5.90 -55.42
C ILE A 619 25.92 6.12 -54.72
N ALA A 620 24.89 5.38 -55.14
CA ALA A 620 23.59 5.50 -54.50
C ALA A 620 23.65 5.10 -53.03
N GLU A 621 24.34 4.01 -52.72
CA GLU A 621 24.43 3.56 -51.34
C GLU A 621 25.17 4.59 -50.48
N PHE A 622 26.27 5.14 -51.01
CA PHE A 622 27.02 6.13 -50.26
C PHE A 622 26.19 7.39 -50.01
N LEU A 623 25.43 7.83 -51.01
CA LEU A 623 24.59 9.01 -50.81
C LEU A 623 23.44 8.72 -49.85
N PHE A 624 22.90 7.51 -49.87
CA PHE A 624 21.84 7.14 -48.93
C PHE A 624 22.35 7.17 -47.50
N ASN A 625 23.45 6.47 -47.23
CA ASN A 625 23.91 6.33 -45.85
C ASN A 625 24.71 7.55 -45.40
N ASN A 626 25.83 7.82 -46.05
CA ASN A 626 26.76 8.85 -45.62
C ASN A 626 26.34 10.19 -46.21
N ASN A 627 25.45 10.88 -45.51
CA ASN A 627 25.00 12.20 -45.95
C ASN A 627 24.86 13.17 -44.79
N ASN A 628 25.47 12.88 -43.62
CA ASN A 628 25.34 13.76 -42.48
C ASN A 628 26.11 15.05 -42.67
N ARG A 629 27.20 14.99 -43.40
CA ARG A 629 27.96 16.19 -43.72
C ARG A 629 27.95 16.52 -45.19
N MET A 630 27.48 15.62 -46.04
CA MET A 630 27.29 15.93 -47.45
C MET A 630 26.11 16.87 -47.61
N ASN A 631 26.29 17.93 -48.38
CA ASN A 631 25.22 18.89 -48.59
C ASN A 631 24.07 18.24 -49.34
N LYS A 632 22.84 18.53 -48.90
CA LYS A 632 21.68 17.85 -49.44
C LYS A 632 20.96 18.63 -50.53
N LYS A 633 21.12 19.95 -50.58
CA LYS A 633 20.70 20.69 -51.77
C LYS A 633 21.49 20.24 -52.99
N THR A 634 22.79 19.98 -52.80
CA THR A 634 23.60 19.45 -53.89
C THR A 634 23.11 18.07 -54.31
N ILE A 635 22.70 17.25 -53.34
CA ILE A 635 22.11 15.96 -53.69
C ILE A 635 20.85 16.17 -54.50
N GLY A 636 20.04 17.16 -54.13
CA GLY A 636 18.83 17.44 -54.90
C GLY A 636 19.13 17.87 -56.33
N LEU A 637 20.12 18.73 -56.51
CA LEU A 637 20.46 19.25 -57.83
C LEU A 637 21.31 18.28 -58.66
N LEU A 638 21.85 17.23 -58.05
CA LEU A 638 22.64 16.23 -58.76
C LEU A 638 21.80 15.02 -59.12
N LEU A 639 21.04 14.52 -58.16
CA LEU A 639 20.17 13.37 -58.36
C LEU A 639 19.04 13.66 -59.28
N CYS A 640 18.95 14.84 -59.84
CA CYS A 640 17.84 15.12 -60.73
C CYS A 640 18.29 15.58 -62.11
N HIS A 641 19.57 15.86 -62.30
CA HIS A 641 20.10 16.21 -63.60
C HIS A 641 19.77 15.08 -64.56
N PRO A 642 19.36 15.38 -65.79
CA PRO A 642 18.82 14.34 -66.68
C PRO A 642 19.75 13.17 -66.92
N ASP A 643 21.05 13.43 -67.04
CA ASP A 643 22.00 12.36 -67.34
C ASP A 643 22.08 11.35 -66.20
N LYS A 644 21.75 11.76 -64.98
CA LYS A 644 21.90 10.90 -63.80
C LYS A 644 20.61 10.16 -63.48
N VAL A 645 19.83 9.83 -64.51
CA VAL A 645 18.53 9.22 -64.33
C VAL A 645 18.68 7.77 -63.88
N SER A 646 19.90 7.23 -63.97
CA SER A 646 20.19 5.91 -63.44
C SER A 646 20.52 5.93 -61.96
N LEU A 647 21.39 6.86 -61.56
CA LEU A 647 21.66 7.04 -60.14
C LEU A 647 20.40 7.43 -59.39
N LEU A 648 19.57 8.29 -59.99
CA LEU A 648 18.31 8.66 -59.36
C LEU A 648 17.43 7.44 -59.15
N ASN A 649 17.30 6.62 -60.18
CA ASN A 649 16.43 5.46 -60.08
C ASN A 649 16.92 4.51 -59.00
N GLU A 650 18.23 4.27 -58.95
CA GLU A 650 18.75 3.36 -57.93
C GLU A 650 18.59 3.95 -56.53
N TYR A 651 18.87 5.24 -56.38
CA TYR A 651 18.72 5.89 -55.08
C TYR A 651 17.29 5.78 -54.58
N ILE A 652 16.32 6.06 -55.44
CA ILE A 652 14.93 6.03 -55.00
C ILE A 652 14.51 4.60 -54.71
N ARG A 653 14.98 3.64 -55.49
CA ARG A 653 14.67 2.25 -55.20
C ARG A 653 15.32 1.78 -53.91
N LEU A 654 16.33 2.48 -53.42
CA LEU A 654 17.04 2.08 -52.21
C LEU A 654 16.26 2.38 -50.93
N PHE A 655 15.12 3.07 -51.00
CA PHE A 655 14.33 3.34 -49.82
C PHE A 655 13.52 2.11 -49.42
N ASP A 656 12.72 2.28 -48.37
CA ASP A 656 11.75 1.26 -47.95
C ASP A 656 10.38 1.91 -47.84
N PHE A 657 9.39 1.37 -48.55
CA PHE A 657 8.07 1.97 -48.67
C PHE A 657 6.94 0.97 -48.45
N SER A 658 7.25 -0.23 -47.97
CA SER A 658 6.24 -1.27 -47.87
C SER A 658 5.31 -0.99 -46.70
N GLY A 659 4.02 -0.89 -46.98
CA GLY A 659 3.02 -0.71 -45.95
C GLY A 659 2.77 0.72 -45.53
N LEU A 660 3.31 1.70 -46.24
CA LEU A 660 3.16 3.10 -45.90
C LEU A 660 2.29 3.81 -46.93
N ARG A 661 1.52 4.79 -46.46
CA ARG A 661 0.71 5.61 -47.34
C ARG A 661 1.61 6.55 -48.14
N VAL A 662 0.98 7.39 -48.98
CA VAL A 662 1.74 8.35 -49.76
C VAL A 662 2.32 9.43 -48.87
N ASP A 663 1.61 9.82 -47.81
CA ASP A 663 2.12 10.85 -46.92
C ASP A 663 3.42 10.45 -46.27
N GLU A 664 3.45 9.26 -45.66
CA GLU A 664 4.66 8.80 -45.00
C GLU A 664 5.77 8.52 -46.00
N ALA A 665 5.42 8.04 -47.19
CA ALA A 665 6.43 7.82 -48.22
C ALA A 665 7.09 9.13 -48.63
N ILE A 666 6.29 10.19 -48.80
CA ILE A 666 6.87 11.49 -49.13
C ILE A 666 7.73 12.01 -47.98
N ARG A 667 7.29 11.80 -46.74
CA ARG A 667 8.09 12.25 -45.61
C ARG A 667 9.45 11.56 -45.62
N ILE A 668 9.47 10.26 -45.84
CA ILE A 668 10.74 9.53 -45.87
C ILE A 668 11.59 9.78 -47.11
N LEU A 669 10.97 10.22 -48.21
CA LEU A 669 11.74 10.61 -49.39
C LEU A 669 12.40 11.97 -49.19
N LEU A 670 11.65 12.95 -48.69
CA LEU A 670 12.19 14.27 -48.47
C LEU A 670 13.00 14.38 -47.19
N THR A 671 13.02 13.33 -46.37
CA THR A 671 13.82 13.35 -45.16
C THR A 671 15.30 13.53 -45.46
N LYS A 672 15.81 12.82 -46.47
CA LYS A 672 17.24 12.83 -46.79
C LYS A 672 17.51 13.34 -48.19
N PHE A 673 16.69 14.27 -48.67
CA PHE A 673 16.82 14.74 -50.04
C PHE A 673 16.01 16.03 -50.17
N ARG A 674 16.68 17.12 -50.54
CA ARG A 674 16.01 18.39 -50.74
C ARG A 674 15.54 18.51 -52.19
N LEU A 675 14.26 18.81 -52.37
CA LEU A 675 13.71 18.95 -53.70
C LEU A 675 14.35 20.14 -54.42
N PRO A 676 14.54 20.05 -55.72
CA PRO A 676 15.10 21.18 -56.46
C PRO A 676 14.08 22.30 -56.64
N GLY A 677 14.43 23.31 -57.41
CA GLY A 677 13.55 24.45 -57.61
C GLY A 677 12.72 24.38 -58.86
N GLU A 678 13.32 23.99 -59.98
CA GLU A 678 12.62 23.99 -61.25
C GLU A 678 11.51 22.95 -61.27
N SER A 679 10.47 23.23 -62.06
CA SER A 679 9.33 22.33 -62.14
C SER A 679 9.71 20.98 -62.73
N GLN A 680 10.55 20.98 -63.76
CA GLN A 680 10.93 19.71 -64.40
C GLN A 680 11.72 18.82 -63.44
N GLN A 681 12.57 19.42 -62.61
CA GLN A 681 13.36 18.64 -61.68
C GLN A 681 12.49 17.97 -60.63
N ILE A 682 11.56 18.73 -60.05
CA ILE A 682 10.60 18.15 -59.11
C ILE A 682 9.78 17.07 -59.80
N GLU A 683 9.42 17.29 -61.06
CA GLU A 683 8.67 16.29 -61.80
C GLU A 683 9.45 15.00 -61.92
N ARG A 684 10.74 15.09 -62.24
CA ARG A 684 11.54 13.87 -62.39
C ARG A 684 11.70 13.14 -61.07
N ILE A 685 11.96 13.87 -59.98
CA ILE A 685 12.10 13.22 -58.68
C ILE A 685 10.80 12.55 -58.27
N ILE A 686 9.68 13.24 -58.47
CA ILE A 686 8.39 12.66 -58.10
C ILE A 686 8.05 11.45 -58.96
N GLU A 687 8.44 11.48 -60.24
CA GLU A 687 8.20 10.33 -61.10
C GLU A 687 8.99 9.12 -60.61
N ALA A 688 10.26 9.32 -60.27
CA ALA A 688 11.04 8.22 -59.73
C ALA A 688 10.43 7.69 -58.45
N PHE A 689 10.01 8.59 -57.56
CA PHE A 689 9.40 8.16 -56.31
C PHE A 689 8.12 7.37 -56.56
N SER A 690 7.27 7.83 -57.48
CA SER A 690 6.02 7.15 -57.76
C SER A 690 6.29 5.74 -58.28
N SER A 691 7.22 5.62 -59.23
CA SER A 691 7.58 4.30 -59.74
C SER A 691 8.03 3.39 -58.62
N ALA A 692 8.92 3.89 -57.75
CA ALA A 692 9.44 3.06 -56.67
C ALA A 692 8.36 2.66 -55.69
N TYR A 693 7.48 3.61 -55.34
CA TYR A 693 6.44 3.30 -54.35
C TYR A 693 5.47 2.27 -54.88
N CYS A 694 5.14 2.34 -56.17
CA CYS A 694 4.26 1.33 -56.73
C CYS A 694 4.95 -0.02 -56.84
N GLU A 695 6.25 -0.02 -57.18
CA GLU A 695 6.96 -1.29 -57.32
C GLU A 695 7.17 -1.96 -55.97
N ASN A 696 7.33 -1.18 -54.89
CA ASN A 696 7.63 -1.72 -53.58
C ASN A 696 6.40 -1.97 -52.73
N GLN A 697 5.20 -1.79 -53.28
CA GLN A 697 3.95 -1.96 -52.57
C GLN A 697 2.99 -2.81 -53.40
N ASP A 698 3.47 -3.97 -53.84
CA ASP A 698 2.68 -4.88 -54.65
C ASP A 698 1.28 -5.07 -54.07
N TYR A 699 0.27 -4.74 -54.86
CA TYR A 699 -1.10 -4.73 -54.41
C TYR A 699 -1.80 -6.03 -54.79
N ASP A 700 -3.07 -6.15 -54.40
CA ASP A 700 -3.90 -7.29 -54.72
C ASP A 700 -5.23 -6.82 -55.26
N PRO A 701 -5.88 -7.61 -56.10
CA PRO A 701 -7.14 -7.18 -56.73
C PRO A 701 -8.29 -7.01 -55.74
N SER A 702 -8.04 -7.17 -54.44
CA SER A 702 -9.10 -6.96 -53.46
C SER A 702 -9.72 -5.57 -53.60
N LYS A 703 -8.88 -4.53 -53.60
CA LYS A 703 -9.29 -3.16 -53.95
C LYS A 703 -10.48 -2.71 -53.12
N ILE A 704 -10.45 -3.01 -51.81
CA ILE A 704 -11.53 -2.63 -50.92
C ILE A 704 -11.69 -1.11 -50.96
N SER A 705 -12.93 -0.64 -51.10
CA SER A 705 -13.24 0.77 -51.18
C SER A 705 -14.04 1.18 -49.97
N ASP A 706 -13.56 2.19 -49.23
CA ASP A 706 -14.23 2.77 -48.08
C ASP A 706 -14.43 1.75 -46.95
N ASN A 707 -15.00 2.22 -45.84
CA ASN A 707 -15.30 1.38 -44.68
C ASN A 707 -14.06 0.60 -44.24
N ALA A 708 -12.90 1.26 -44.30
CA ALA A 708 -11.64 0.60 -44.04
C ALA A 708 -10.63 1.60 -43.49
N GLU A 709 -10.22 1.40 -42.24
CA GLU A 709 -9.12 2.15 -41.67
C GLU A 709 -7.76 1.57 -42.05
N ASP A 710 -7.74 0.45 -42.78
CA ASP A 710 -6.52 -0.12 -43.30
C ASP A 710 -5.92 0.81 -44.34
N ASP A 711 -4.61 0.63 -44.60
CA ASP A 711 -3.91 1.47 -45.55
C ASP A 711 -2.94 0.67 -46.41
N ILE A 712 -3.24 -0.60 -46.64
CA ILE A 712 -2.34 -1.45 -47.42
C ILE A 712 -3.06 -2.01 -48.64
N SER A 713 -4.09 -2.80 -48.41
CA SER A 713 -4.85 -3.41 -49.49
C SER A 713 -6.05 -2.58 -49.90
N THR A 714 -6.23 -1.40 -49.30
CA THR A 714 -7.40 -0.59 -49.56
C THR A 714 -7.21 0.35 -50.75
N VAL A 715 -6.05 0.99 -50.85
CA VAL A 715 -5.77 1.96 -51.90
C VAL A 715 -4.59 1.45 -52.71
N GLN A 716 -4.76 1.40 -54.03
CA GLN A 716 -3.74 0.90 -54.94
C GLN A 716 -3.56 1.86 -56.11
N PRO A 717 -2.98 3.03 -55.86
CA PRO A 717 -2.77 4.01 -56.95
C PRO A 717 -1.75 3.49 -57.95
N ASP A 718 -2.11 3.51 -59.23
CA ASP A 718 -1.35 2.75 -60.22
C ASP A 718 0.08 3.24 -60.41
N ALA A 719 0.20 4.48 -60.94
CA ALA A 719 1.53 5.12 -61.11
C ALA A 719 1.28 6.64 -61.25
N ASP A 720 0.29 7.05 -62.04
CA ASP A 720 -0.05 8.45 -62.22
C ASP A 720 -0.88 8.96 -61.06
N SER A 721 -1.64 8.07 -60.42
CA SER A 721 -2.35 8.46 -59.21
C SER A 721 -1.38 8.85 -58.10
N VAL A 722 -0.29 8.09 -57.96
CA VAL A 722 0.74 8.47 -56.99
C VAL A 722 1.36 9.80 -57.37
N PHE A 723 1.65 10.00 -58.65
CA PHE A 723 2.22 11.27 -59.09
C PHE A 723 1.31 12.44 -58.68
N ILE A 724 0.02 12.34 -59.00
CA ILE A 724 -0.92 13.42 -58.72
C ILE A 724 -1.06 13.63 -57.21
N LEU A 725 -1.20 12.54 -56.45
CA LEU A 725 -1.37 12.68 -55.01
C LEU A 725 -0.14 13.26 -54.35
N SER A 726 1.05 12.87 -54.81
CA SER A 726 2.28 13.42 -54.25
C SER A 726 2.39 14.91 -54.53
N TYR A 727 2.05 15.33 -55.76
CA TYR A 727 2.06 16.75 -56.04
C TYR A 727 1.06 17.49 -55.16
N SER A 728 -0.11 16.89 -54.95
CA SER A 728 -1.12 17.50 -54.08
C SER A 728 -0.59 17.64 -52.66
N ILE A 729 0.11 16.62 -52.16
CA ILE A 729 0.64 16.67 -50.80
C ILE A 729 1.68 17.77 -50.68
N ILE A 730 2.60 17.86 -51.65
CA ILE A 730 3.63 18.88 -51.62
C ILE A 730 2.99 20.26 -51.64
N MET A 731 1.96 20.45 -52.46
CA MET A 731 1.32 21.76 -52.53
C MET A 731 0.56 22.07 -51.25
N LEU A 732 -0.10 21.07 -50.66
CA LEU A 732 -0.85 21.29 -49.44
C LEU A 732 0.07 21.63 -48.28
N ASN A 733 1.29 21.11 -48.30
CA ASN A 733 2.26 21.50 -47.26
C ASN A 733 2.48 23.00 -47.24
N THR A 734 2.82 23.57 -48.40
CA THR A 734 3.02 25.01 -48.49
C THR A 734 1.72 25.77 -48.21
N ASP A 735 0.60 25.25 -48.71
CA ASP A 735 -0.67 25.96 -48.55
C ASP A 735 -1.07 26.06 -47.08
N LEU A 736 -0.93 24.97 -46.33
CA LEU A 736 -1.32 24.96 -44.93
C LEU A 736 -0.25 25.48 -43.99
N HIS A 737 0.97 25.69 -44.45
CA HIS A 737 2.02 26.18 -43.56
C HIS A 737 2.79 27.33 -44.20
N ASN A 738 2.06 28.27 -44.80
CA ASN A 738 2.64 29.54 -45.24
C ASN A 738 1.88 30.67 -44.56
N PRO A 739 2.41 31.24 -43.48
CA PRO A 739 1.66 32.27 -42.75
C PRO A 739 1.38 33.52 -43.56
N GLN A 740 2.15 33.78 -44.62
CA GLN A 740 1.96 35.01 -45.39
C GLN A 740 0.58 35.02 -46.06
N VAL A 741 0.14 33.89 -46.59
CA VAL A 741 -1.13 33.81 -47.28
C VAL A 741 -2.25 33.75 -46.25
N LYS A 742 -3.22 34.64 -46.38
CA LYS A 742 -4.39 34.61 -45.53
C LYS A 742 -5.30 33.44 -45.92
N GLU A 743 -6.04 32.93 -44.93
CA GLU A 743 -6.93 31.79 -45.09
C GLU A 743 -6.15 30.53 -45.48
N HIS A 744 -6.81 29.38 -45.44
CA HIS A 744 -6.15 28.11 -45.74
C HIS A 744 -7.05 27.28 -46.65
N MET A 745 -6.44 26.31 -47.31
CA MET A 745 -7.17 25.41 -48.19
C MET A 745 -7.81 24.31 -47.36
N SER A 746 -9.12 24.37 -47.21
CA SER A 746 -9.83 23.41 -46.39
C SER A 746 -9.99 22.09 -47.14
N PHE A 747 -10.61 21.11 -46.48
CA PHE A 747 -10.84 19.80 -47.08
C PHE A 747 -11.79 19.90 -48.27
N GLU A 748 -12.77 20.79 -48.20
CA GLU A 748 -13.70 20.98 -49.30
C GLU A 748 -12.95 21.46 -50.53
N ASP A 749 -13.26 20.82 -51.66
CA ASP A 749 -12.66 21.08 -52.97
C ASP A 749 -11.22 20.60 -53.01
N TYR A 750 -10.64 20.32 -51.83
CA TYR A 750 -9.38 19.59 -51.80
C TYR A 750 -9.61 18.12 -52.10
N SER A 751 -10.66 17.54 -51.53
CA SER A 751 -11.12 16.25 -52.01
C SER A 751 -11.68 16.36 -53.42
N GLY A 752 -12.08 17.56 -53.84
CA GLY A 752 -12.78 17.75 -55.10
C GLY A 752 -11.89 17.71 -56.32
N ASN A 753 -10.83 18.52 -56.34
CA ASN A 753 -9.95 18.52 -57.50
C ASN A 753 -8.89 17.43 -57.38
N LEU A 754 -9.34 16.22 -57.06
CA LEU A 754 -8.51 15.02 -57.07
C LEU A 754 -9.22 13.81 -57.64
N LYS A 755 -10.54 13.83 -57.78
CA LYS A 755 -11.27 12.67 -58.26
C LYS A 755 -10.93 12.39 -59.71
N GLY A 756 -10.80 11.12 -60.05
CA GLY A 756 -10.40 10.70 -61.38
C GLY A 756 -8.97 10.28 -61.52
N CYS A 757 -8.27 10.02 -60.40
CA CYS A 757 -6.86 9.65 -60.44
C CYS A 757 -6.65 8.16 -60.17
N CYS A 758 -7.15 7.65 -59.05
CA CYS A 758 -6.96 6.24 -58.72
C CYS A 758 -7.86 5.38 -59.60
N ASN A 759 -7.34 4.94 -60.74
CA ASN A 759 -8.14 4.23 -61.74
C ASN A 759 -9.37 5.04 -62.13
N HIS A 760 -9.16 6.35 -62.26
CA HIS A 760 -10.20 7.30 -62.69
C HIS A 760 -11.41 7.27 -61.77
N LYS A 761 -11.16 7.16 -60.46
CA LYS A 761 -12.19 7.34 -59.46
C LYS A 761 -11.60 8.18 -58.33
N ASP A 762 -12.32 8.28 -57.22
CA ASP A 762 -11.90 9.09 -56.09
C ASP A 762 -11.29 8.22 -55.00
N PHE A 763 -10.30 8.78 -54.30
CA PHE A 763 -9.71 8.09 -53.17
C PHE A 763 -10.71 8.01 -52.03
N PRO A 764 -10.64 6.95 -51.22
CA PRO A 764 -11.57 6.81 -50.10
C PRO A 764 -11.45 7.96 -49.11
N PHE A 765 -12.52 8.14 -48.32
CA PHE A 765 -12.57 9.25 -47.38
C PHE A 765 -11.48 9.15 -46.33
N TRP A 766 -11.19 7.93 -45.86
CA TRP A 766 -10.20 7.76 -44.82
C TRP A 766 -8.84 8.25 -45.28
N TYR A 767 -8.46 7.95 -46.52
CA TYR A 767 -7.12 8.26 -46.99
C TYR A 767 -6.94 9.76 -47.17
N LEU A 768 -7.89 10.41 -47.84
CA LEU A 768 -7.80 11.86 -48.01
C LEU A 768 -7.82 12.57 -46.66
N ASP A 769 -8.69 12.12 -45.76
CA ASP A 769 -8.75 12.74 -44.43
C ASP A 769 -7.44 12.56 -43.69
N ARG A 770 -6.86 11.37 -43.78
CA ARG A 770 -5.62 11.08 -43.06
C ARG A 770 -4.46 11.93 -43.60
N ILE A 771 -4.32 12.02 -44.92
CA ILE A 771 -3.23 12.84 -45.44
C ILE A 771 -3.45 14.31 -45.12
N TYR A 772 -4.71 14.77 -45.16
CA TYR A 772 -4.97 16.16 -44.83
C TYR A 772 -4.62 16.47 -43.39
N CYS A 773 -5.00 15.59 -42.46
CA CYS A 773 -4.65 15.80 -41.06
C CYS A 773 -3.14 15.73 -40.85
N SER A 774 -2.48 14.76 -41.48
CA SER A 774 -1.05 14.60 -41.32
C SER A 774 -0.25 15.70 -41.99
N ILE A 775 -0.85 16.50 -42.85
CA ILE A 775 -0.16 17.69 -43.33
C ILE A 775 -0.53 18.93 -42.52
N ARG A 776 -1.77 19.02 -42.05
CA ARG A 776 -2.15 20.13 -41.18
C ARG A 776 -1.32 20.12 -39.91
N ASP A 777 -1.05 18.94 -39.37
CA ASP A 777 -0.13 18.78 -38.27
C ASP A 777 1.20 18.23 -38.76
N LYS A 778 2.29 18.69 -38.14
CA LYS A 778 3.63 18.21 -38.43
C LYS A 778 4.00 18.45 -39.90
N GLU A 779 4.18 19.74 -40.21
CA GLU A 779 4.65 20.18 -41.52
C GLU A 779 5.84 19.33 -41.99
N ILE A 780 5.87 19.08 -43.30
CA ILE A 780 6.86 18.17 -43.86
C ILE A 780 8.27 18.67 -43.56
N VAL A 781 9.03 17.87 -42.83
CA VAL A 781 10.40 18.24 -42.47
C VAL A 781 11.30 18.04 -43.68
N MET A 782 12.01 19.09 -44.06
CA MET A 782 12.87 19.06 -45.22
C MET A 782 14.27 19.51 -44.82
N PRO A 783 15.29 19.03 -45.52
CA PRO A 783 16.67 19.38 -45.15
C PRO A 783 17.13 20.68 -45.81
N GLU A 784 18.09 21.32 -45.15
CA GLU A 784 18.71 22.55 -45.63
C GLU A 784 17.67 23.64 -45.83
N GLU A 785 17.05 24.05 -44.72
CA GLU A 785 16.02 25.09 -44.79
C GLU A 785 16.60 26.41 -45.29
N HIS A 786 17.42 27.06 -44.45
CA HIS A 786 18.16 28.24 -44.86
C HIS A 786 19.18 28.58 -43.79
N HIS A 787 20.41 28.89 -44.22
CA HIS A 787 21.50 29.20 -43.32
C HIS A 787 21.82 30.69 -43.40
N GLY A 788 21.94 31.33 -42.25
CA GLY A 788 22.25 32.74 -42.21
C GLY A 788 21.86 33.35 -40.86
N ASN A 789 21.44 34.62 -40.93
CA ASN A 789 21.09 35.38 -39.74
C ASN A 789 19.68 35.05 -39.27
N GLU A 790 19.14 35.89 -38.38
CA GLU A 790 17.82 35.78 -37.75
C GLU A 790 17.62 34.35 -37.27
N LYS A 791 16.49 33.70 -37.55
CA LYS A 791 16.19 32.38 -36.99
C LYS A 791 17.19 31.35 -37.48
N TRP A 792 18.09 30.92 -36.60
CA TRP A 792 19.18 30.03 -36.96
C TRP A 792 19.24 28.78 -36.11
N PHE A 793 18.91 28.87 -34.81
CA PHE A 793 18.87 27.69 -33.98
C PHE A 793 17.82 26.71 -34.46
N GLU A 794 16.66 27.21 -34.87
CA GLU A 794 15.61 26.34 -35.39
C GLU A 794 16.07 25.60 -36.63
N ASP A 795 16.74 26.29 -37.54
CA ASP A 795 17.26 25.64 -38.74
C ASP A 795 18.33 24.61 -38.41
N ALA A 796 19.23 24.96 -37.50
CA ALA A 796 20.29 24.02 -37.12
C ALA A 796 19.70 22.76 -36.53
N TRP A 797 18.73 22.90 -35.62
CA TRP A 797 18.09 21.74 -35.03
C TRP A 797 17.33 20.93 -36.08
N ASN A 798 16.57 21.61 -36.94
CA ASN A 798 15.84 20.93 -38.00
C ASN A 798 16.77 20.06 -38.82
N ASN A 799 17.79 20.67 -39.42
CA ASN A 799 18.69 19.93 -40.30
C ASN A 799 19.41 18.81 -39.55
N LEU A 800 19.93 19.09 -38.35
CA LEU A 800 20.81 18.13 -37.72
C LEU A 800 20.09 17.02 -36.98
N ILE A 801 18.86 17.23 -36.49
CA ILE A 801 18.16 16.26 -35.68
C ILE A 801 16.81 15.87 -36.27
N SER A 802 16.03 16.87 -36.70
CA SER A 802 14.66 16.57 -37.11
C SER A 802 14.62 15.78 -38.41
N SER A 803 15.60 15.98 -39.29
CA SER A 803 15.68 15.17 -40.49
C SER A 803 15.96 13.72 -40.15
N THR A 804 16.81 13.48 -39.16
CA THR A 804 17.17 12.12 -38.78
C THR A 804 16.15 11.47 -37.85
N THR A 805 15.19 12.22 -37.31
CA THR A 805 14.20 11.68 -36.38
C THR A 805 12.83 11.52 -37.01
N VAL A 806 12.72 11.58 -38.33
CA VAL A 806 11.43 11.38 -38.98
C VAL A 806 11.00 9.92 -38.89
N ILE A 807 11.92 9.00 -39.14
CA ILE A 807 11.63 7.57 -39.13
C ILE A 807 12.50 6.90 -38.06
N THR A 808 11.86 6.13 -37.20
CA THR A 808 12.53 5.44 -36.11
C THR A 808 12.44 3.94 -36.33
N GLU A 809 13.54 3.23 -36.07
CA GLU A 809 13.57 1.79 -36.20
C GLU A 809 13.28 1.11 -34.87
N SER A 816 25.50 -1.69 -24.91
CA SER A 816 26.15 -0.74 -25.80
C SER A 816 27.27 -1.40 -26.60
N VAL A 817 28.06 -0.58 -27.30
CA VAL A 817 29.17 -1.12 -28.08
C VAL A 817 30.33 -1.56 -27.19
N MET A 818 30.38 -1.09 -25.94
CA MET A 818 31.43 -1.53 -25.03
C MET A 818 31.36 -3.03 -24.78
N ASP A 819 30.16 -3.57 -24.59
CA ASP A 819 30.01 -5.00 -24.34
C ASP A 819 30.28 -5.84 -25.58
N LYS A 820 30.40 -5.22 -26.74
CA LYS A 820 30.57 -5.96 -27.99
C LYS A 820 32.02 -6.00 -28.48
N LEU A 821 32.96 -5.47 -27.70
CA LEU A 821 34.36 -5.40 -28.12
C LEU A 821 35.23 -6.15 -27.13
N THR A 822 36.26 -6.81 -27.66
CA THR A 822 37.22 -7.50 -26.84
C THR A 822 38.14 -6.50 -26.12
N PRO A 823 38.82 -6.93 -25.05
CA PRO A 823 39.76 -6.02 -24.38
C PRO A 823 40.84 -5.48 -25.29
N LEU A 824 41.30 -6.27 -26.26
CA LEU A 824 42.37 -5.81 -27.14
C LEU A 824 41.91 -4.64 -28.00
N GLU A 825 40.68 -4.69 -28.52
CA GLU A 825 40.16 -3.59 -29.29
C GLU A 825 39.99 -2.34 -28.43
N LEU A 826 39.55 -2.53 -27.18
CA LEU A 826 39.44 -1.41 -26.25
C LEU A 826 40.80 -0.76 -26.03
N LEU A 827 41.84 -1.56 -25.86
CA LEU A 827 43.17 -1.01 -25.69
C LEU A 827 43.68 -0.35 -26.98
N ASN A 828 43.23 -0.83 -28.14
CA ASN A 828 43.59 -0.16 -29.39
C ASN A 828 43.01 1.24 -29.44
N PHE A 829 41.74 1.37 -29.07
CA PHE A 829 41.12 2.70 -29.03
C PHE A 829 41.81 3.57 -27.99
N ASP A 830 42.17 2.99 -26.85
CA ASP A 830 42.93 3.72 -25.85
C ASP A 830 44.26 4.21 -26.41
N ARG A 831 44.92 3.36 -27.21
CA ARG A 831 46.18 3.77 -27.81
C ARG A 831 45.98 4.95 -28.75
N ALA A 832 44.91 4.92 -29.54
CA ALA A 832 44.66 6.03 -30.46
C ALA A 832 44.42 7.32 -29.71
N ILE A 833 43.55 7.29 -28.69
CA ILE A 833 43.22 8.51 -27.97
C ILE A 833 44.42 9.01 -27.19
N PHE A 834 45.23 8.10 -26.64
CA PHE A 834 46.44 8.52 -25.94
C PHE A 834 47.44 9.14 -26.89
N LYS A 835 47.62 8.56 -28.08
CA LYS A 835 48.49 9.20 -29.06
C LYS A 835 48.02 10.61 -29.37
N GLN A 836 46.71 10.80 -29.49
CA GLN A 836 46.20 12.11 -29.84
C GLN A 836 46.40 13.13 -28.71
N VAL A 837 46.19 12.73 -27.46
CA VAL A 837 46.04 13.72 -26.39
C VAL A 837 46.99 13.52 -25.22
N GLY A 838 48.05 12.74 -25.41
CA GLY A 838 48.94 12.39 -24.32
C GLY A 838 49.88 13.49 -23.88
N PRO A 839 50.65 14.05 -24.82
CA PRO A 839 51.57 15.14 -24.44
C PRO A 839 50.88 16.28 -23.74
N SER A 840 49.66 16.63 -24.18
CA SER A 840 48.92 17.69 -23.52
C SER A 840 48.62 17.34 -22.06
N ILE A 841 48.17 16.11 -21.81
CA ILE A 841 47.85 15.71 -20.44
C ILE A 841 49.09 15.70 -19.58
N VAL A 842 50.20 15.17 -20.10
CA VAL A 842 51.43 15.12 -19.32
C VAL A 842 51.92 16.52 -19.00
N SER A 843 51.91 17.42 -19.99
CA SER A 843 52.33 18.79 -19.74
C SER A 843 51.43 19.48 -18.73
N THR A 844 50.11 19.26 -18.83
CA THR A 844 49.19 19.88 -17.89
C THR A 844 49.44 19.38 -16.47
N LEU A 845 49.65 18.07 -16.33
CA LEU A 845 49.93 17.50 -15.01
C LEU A 845 51.21 18.07 -14.44
N PHE A 846 52.24 18.22 -15.27
CA PHE A 846 53.49 18.79 -14.78
C PHE A 846 53.34 20.25 -14.38
N ASN A 847 52.59 21.03 -15.15
CA ASN A 847 52.35 22.42 -14.78
C ASN A 847 51.65 22.51 -13.43
N ILE A 848 50.59 21.70 -13.26
CA ILE A 848 49.86 21.72 -12.00
C ILE A 848 50.76 21.28 -10.85
N TYR A 849 51.55 20.24 -11.07
CA TYR A 849 52.41 19.73 -10.01
C TYR A 849 53.47 20.74 -9.61
N VAL A 850 54.10 21.41 -10.58
CA VAL A 850 55.12 22.40 -10.26
C VAL A 850 54.50 23.57 -9.53
N VAL A 851 53.36 24.07 -10.02
CA VAL A 851 52.77 25.27 -9.41
C VAL A 851 52.05 24.99 -8.10
N ALA A 852 51.86 23.72 -7.74
CA ALA A 852 51.07 23.40 -6.57
C ALA A 852 51.88 23.64 -5.29
N SER A 853 51.17 23.63 -4.16
CA SER A 853 51.79 23.73 -2.86
C SER A 853 51.26 22.73 -1.84
N ASP A 854 50.05 22.22 -2.01
CA ASP A 854 49.50 21.23 -1.09
C ASP A 854 50.12 19.87 -1.34
N ASP A 855 50.19 19.06 -0.30
CA ASP A 855 50.78 17.74 -0.42
C ASP A 855 49.86 16.77 -1.14
N HIS A 856 48.55 16.88 -0.91
CA HIS A 856 47.61 15.96 -1.56
C HIS A 856 47.63 16.14 -3.07
N ILE A 857 47.66 17.38 -3.54
CA ILE A 857 47.70 17.64 -4.97
C ILE A 857 48.96 17.05 -5.58
N SER A 858 50.10 17.26 -4.93
CA SER A 858 51.36 16.74 -5.45
C SER A 858 51.35 15.22 -5.50
N THR A 859 50.86 14.58 -4.43
CA THR A 859 50.82 13.13 -4.40
C THR A 859 49.94 12.57 -5.50
N ARG A 860 48.75 13.15 -5.67
CA ARG A 860 47.83 12.67 -6.69
C ARG A 860 48.43 12.87 -8.09
N MET A 861 49.08 14.01 -8.32
CA MET A 861 49.64 14.26 -9.64
C MET A 861 50.82 13.34 -9.93
N ILE A 862 51.64 13.04 -8.92
CA ILE A 862 52.75 12.13 -9.14
C ILE A 862 52.24 10.72 -9.39
N THR A 863 51.17 10.31 -8.70
CA THR A 863 50.58 9.00 -8.99
C THR A 863 50.03 8.96 -10.41
N SER A 864 49.39 10.03 -10.86
CA SER A 864 48.89 10.08 -12.22
C SER A 864 50.03 10.00 -13.23
N LEU A 865 51.14 10.66 -12.94
CA LEU A 865 52.30 10.57 -13.83
C LEU A 865 52.90 9.17 -13.84
N ASP A 866 52.87 8.48 -12.70
CA ASP A 866 53.30 7.08 -12.68
C ASP A 866 52.42 6.23 -13.57
N LYS A 867 51.10 6.42 -13.49
CA LYS A 867 50.19 5.68 -14.36
C LYS A 867 50.43 6.02 -15.82
N CYS A 868 50.72 7.30 -16.11
CA CYS A 868 51.02 7.68 -17.49
C CYS A 868 52.28 7.00 -17.98
N SER A 869 53.29 6.90 -17.12
CA SER A 869 54.51 6.19 -17.50
C SER A 869 54.24 4.73 -17.78
N TYR A 870 53.39 4.10 -16.96
CA TYR A 870 53.04 2.71 -17.21
C TYR A 870 52.30 2.55 -18.52
N ILE A 871 51.36 3.45 -18.82
CA ILE A 871 50.63 3.41 -20.08
C ILE A 871 51.60 3.57 -21.24
N SER A 872 52.54 4.50 -21.12
CA SER A 872 53.52 4.71 -22.18
C SER A 872 54.38 3.48 -22.39
N ALA A 873 54.79 2.82 -21.31
CA ALA A 873 55.56 1.59 -21.44
C ALA A 873 54.76 0.51 -22.12
N PHE A 874 53.46 0.41 -21.81
CA PHE A 874 52.65 -0.69 -22.33
C PHE A 874 52.42 -0.55 -23.84
N PHE A 875 52.09 0.64 -24.30
CA PHE A 875 51.79 0.86 -25.70
C PHE A 875 53.02 1.20 -26.53
N ASP A 876 54.19 1.29 -25.89
CA ASP A 876 55.43 1.75 -26.54
C ASP A 876 55.25 3.15 -27.14
N PHE A 877 54.97 4.09 -26.25
CA PHE A 877 55.00 5.52 -26.58
C PHE A 877 56.32 6.08 -26.05
N LYS A 878 57.39 5.85 -26.81
CA LYS A 878 58.73 6.10 -26.30
C LYS A 878 58.94 7.59 -25.99
N ASP A 879 58.49 8.47 -26.90
CA ASP A 879 58.71 9.89 -26.67
C ASP A 879 58.02 10.35 -25.40
N LEU A 880 56.79 9.90 -25.17
CA LEU A 880 56.06 10.33 -23.98
C LEU A 880 56.67 9.77 -22.70
N PHE A 881 57.09 8.50 -22.73
CA PHE A 881 57.74 7.91 -21.57
C PHE A 881 59.01 8.65 -21.23
N ASN A 882 59.83 8.94 -22.24
CA ASN A 882 61.05 9.71 -22.02
C ASN A 882 60.72 11.08 -21.44
N ASP A 883 59.69 11.73 -21.99
CA ASP A 883 59.31 13.05 -21.50
C ASP A 883 58.94 12.99 -20.02
N ILE A 884 58.09 12.03 -19.65
CA ILE A 884 57.60 11.95 -18.28
C ILE A 884 58.75 11.69 -17.32
N LEU A 885 59.57 10.68 -17.62
CA LEU A 885 60.62 10.32 -16.67
C LEU A 885 61.70 11.39 -16.62
N ASN A 886 62.04 12.02 -17.75
CA ASN A 886 63.02 13.08 -17.73
C ASN A 886 62.54 14.27 -16.92
N SER A 887 61.26 14.62 -17.05
CA SER A 887 60.74 15.74 -16.27
C SER A 887 60.73 15.42 -14.78
N ILE A 888 60.35 14.19 -14.42
CA ILE A 888 60.40 13.80 -13.01
C ILE A 888 61.83 13.86 -12.49
N ALA A 889 62.79 13.36 -13.27
CA ALA A 889 64.18 13.39 -12.85
C ALA A 889 64.68 14.81 -12.68
N LYS A 890 64.31 15.70 -13.60
CA LYS A 890 64.69 17.10 -13.46
C LYS A 890 64.07 17.71 -12.21
N GLY A 891 62.86 17.29 -11.88
CA GLY A 891 62.23 17.76 -10.67
C GLY A 891 62.67 17.08 -9.40
N THR A 892 63.55 16.08 -9.48
CA THR A 892 64.02 15.39 -8.28
C THR A 892 64.91 16.24 -7.39
N THR A 893 65.12 17.51 -7.74
CA THR A 893 65.91 18.49 -6.99
C THR A 893 67.23 17.92 -6.49
N LEU A 894 67.77 16.94 -7.20
CA LEU A 894 69.12 16.42 -6.96
C LEU A 894 70.02 16.58 -8.17
N ILE A 895 69.49 16.37 -9.36
CA ILE A 895 70.20 16.59 -10.61
C ILE A 895 69.68 17.87 -11.24
N ASN A 896 70.60 18.69 -11.73
CA ASN A 896 70.25 19.99 -12.26
C ASN A 896 71.24 20.37 -13.33
N SER A 897 71.26 21.66 -13.69
CA SER A 897 72.25 22.19 -14.61
C SER A 897 72.93 23.39 -13.96
N SER A 898 73.72 24.13 -14.74
CA SER A 898 74.34 25.34 -14.20
C SER A 898 73.31 26.41 -13.85
N HIS A 899 72.09 26.27 -14.34
CA HIS A 899 71.04 27.25 -14.07
C HIS A 899 69.77 26.58 -13.54
N ALA A 907 73.72 33.54 -2.69
CA ALA A 907 73.32 34.62 -3.60
C ALA A 907 74.44 35.64 -3.73
N PHE A 908 74.33 36.73 -2.96
CA PHE A 908 75.37 37.74 -2.95
C PHE A 908 76.70 37.17 -2.49
N GLU A 909 76.65 36.15 -1.63
CA GLU A 909 77.82 35.36 -1.28
C GLU A 909 77.74 34.04 -2.04
N TYR A 910 78.82 33.69 -2.74
CA TYR A 910 78.81 32.51 -3.58
C TYR A 910 78.83 31.22 -2.78
N GLY A 911 79.00 31.28 -1.47
CA GLY A 911 79.19 30.12 -0.64
C GLY A 911 78.15 29.03 -0.86
N PRO A 912 78.60 27.91 -1.40
CA PRO A 912 77.67 26.80 -1.69
C PRO A 912 77.49 25.86 -0.51
N MET A 913 77.86 26.30 0.70
CA MET A 913 77.75 25.47 1.91
C MET A 913 78.52 24.16 1.75
N PRO A 914 79.85 24.19 1.88
CA PRO A 914 80.65 22.99 1.68
C PRO A 914 80.21 21.82 2.56
N LEU A 915 80.58 20.62 2.13
CA LEU A 915 80.16 19.40 2.82
C LEU A 915 80.89 19.21 4.14
N VAL A 916 80.14 18.85 5.18
CA VAL A 916 80.68 18.49 6.48
C VAL A 916 79.92 17.26 6.97
N GLN A 917 80.63 16.40 7.70
CA GLN A 917 80.06 15.16 8.20
C GLN A 917 80.14 15.13 9.72
N ILE A 918 79.05 14.67 10.35
CA ILE A 918 78.97 14.49 11.79
C ILE A 918 78.63 13.02 12.05
N LYS A 919 79.45 12.38 12.88
CA LYS A 919 79.32 10.95 13.15
C LYS A 919 78.73 10.64 14.52
N PHE A 920 78.55 11.65 15.37
CA PHE A 920 77.95 11.47 16.69
C PHE A 920 78.70 10.44 17.55
N GLU A 921 78.12 10.07 18.69
CA GLU A 921 78.69 9.03 19.53
C GLU A 921 77.62 8.02 19.92
N ASP A 922 76.37 8.46 19.97
CA ASP A 922 75.24 7.60 20.30
C ASP A 922 75.06 6.57 19.20
N THR A 923 75.38 5.32 19.50
CA THR A 923 75.45 4.22 18.52
C THR A 923 76.57 4.58 17.53
N ASN A 924 76.47 4.05 16.30
CA ASN A 924 77.45 4.33 15.25
C ASN A 924 76.64 4.78 14.04
N THR A 925 76.34 6.08 13.99
CA THR A 925 75.46 6.65 12.97
C THR A 925 76.12 7.89 12.40
N GLU A 926 76.36 7.88 11.09
CA GLU A 926 77.00 8.99 10.40
C GLU A 926 75.96 9.76 9.60
N ILE A 927 76.02 11.09 9.68
CA ILE A 927 75.07 11.94 8.96
C ILE A 927 75.83 12.95 8.09
N PRO A 928 75.74 12.86 6.77
CA PRO A 928 76.34 13.89 5.92
C PRO A 928 75.44 15.10 5.79
N VAL A 929 76.05 16.27 5.72
CA VAL A 929 75.34 17.53 5.55
C VAL A 929 75.95 18.26 4.37
N SER A 930 75.22 18.33 3.26
CA SER A 930 75.71 18.98 2.05
C SER A 930 74.61 19.83 1.45
N THR A 931 74.99 20.69 0.51
CA THR A 931 74.03 21.59 -0.12
C THR A 931 72.96 20.82 -0.87
N ASP A 932 73.34 19.80 -1.63
CA ASP A 932 72.35 18.94 -2.26
C ASP A 932 71.52 18.23 -1.21
N ALA A 933 72.15 17.78 -0.13
CA ALA A 933 71.43 17.10 0.94
C ALA A 933 70.39 18.01 1.57
N VAL A 934 70.76 19.24 1.90
CA VAL A 934 69.83 20.13 2.58
C VAL A 934 68.72 20.57 1.63
N ARG A 935 69.08 20.83 0.36
CA ARG A 935 68.07 21.16 -0.64
C ARG A 935 67.08 20.02 -0.81
N PHE A 936 67.56 18.78 -0.68
CA PHE A 936 66.64 17.65 -0.74
C PHE A 936 65.81 17.55 0.53
N GLY A 937 66.38 17.93 1.67
CA GLY A 937 65.65 17.86 2.92
C GLY A 937 64.57 18.89 3.06
N ARG A 938 64.68 20.00 2.33
CA ARG A 938 63.66 21.04 2.37
C ARG A 938 62.80 21.08 1.11
N SER A 939 62.50 19.92 0.53
CA SER A 939 61.71 19.86 -0.69
C SER A 939 60.88 18.58 -0.67
N PHE A 940 59.63 18.70 -0.24
CA PHE A 940 58.72 17.55 -0.23
C PHE A 940 58.46 17.05 -1.64
N LYS A 941 58.30 17.98 -2.57
CA LYS A 941 58.10 17.60 -3.97
C LYS A 941 59.27 16.77 -4.48
N GLY A 942 60.48 17.13 -4.10
CA GLY A 942 61.64 16.36 -4.50
C GLY A 942 61.62 14.95 -3.95
N GLN A 943 61.19 14.80 -2.70
CA GLN A 943 61.10 13.47 -2.11
C GLN A 943 60.09 12.61 -2.87
N LEU A 944 58.92 13.17 -3.16
CA LEU A 944 57.93 12.43 -3.93
C LEU A 944 58.48 12.07 -5.30
N ASN A 945 59.18 13.01 -5.95
CA ASN A 945 59.71 12.75 -7.28
C ASN A 945 60.72 11.62 -7.25
N THR A 946 61.61 11.62 -6.25
CA THR A 946 62.62 10.57 -6.18
C THR A 946 61.98 9.20 -5.97
N VAL A 947 61.04 9.11 -5.02
CA VAL A 947 60.46 7.80 -4.75
C VAL A 947 59.68 7.29 -5.96
N VAL A 948 58.89 8.16 -6.60
CA VAL A 948 58.12 7.70 -7.75
C VAL A 948 59.04 7.36 -8.92
N PHE A 949 60.12 8.13 -9.11
CA PHE A 949 61.02 7.89 -10.22
C PHE A 949 61.70 6.54 -10.09
N PHE A 950 62.17 6.22 -8.89
CA PHE A 950 62.86 4.95 -8.72
C PHE A 950 61.87 3.79 -8.73
N ARG A 951 60.63 4.00 -8.29
CA ARG A 951 59.62 2.96 -8.47
C ARG A 951 59.38 2.68 -9.95
N ILE A 952 59.25 3.73 -10.75
CA ILE A 952 58.98 3.56 -12.18
C ILE A 952 60.16 2.86 -12.85
N ILE A 953 61.39 3.23 -12.47
CA ILE A 953 62.56 2.54 -12.99
C ILE A 953 62.51 1.07 -12.61
N ARG A 954 62.10 0.78 -11.38
CA ARG A 954 62.06 -0.60 -10.91
C ARG A 954 61.10 -1.43 -11.76
N ARG A 955 59.89 -0.91 -11.98
CA ARG A 955 58.88 -1.74 -12.61
C ARG A 955 59.02 -1.84 -14.12
N ASN A 956 59.79 -0.96 -14.75
CA ASN A 956 59.78 -0.84 -16.21
C ASN A 956 60.38 -2.08 -16.84
N LYS A 957 59.53 -2.92 -17.43
CA LYS A 957 59.96 -4.17 -18.07
C LYS A 957 60.16 -3.96 -19.57
N ASP A 958 61.04 -3.02 -19.91
CA ASP A 958 61.35 -2.73 -21.29
C ASP A 958 62.72 -2.08 -21.38
N PRO A 959 63.69 -2.72 -22.02
CA PRO A 959 65.01 -2.11 -22.13
C PRO A 959 65.06 -1.11 -23.28
N LYS A 960 64.28 -1.38 -24.33
CA LYS A 960 64.33 -0.57 -25.54
C LYS A 960 63.58 0.75 -25.39
N ILE A 961 62.53 0.78 -24.57
CA ILE A 961 61.73 1.99 -24.44
C ILE A 961 62.46 3.08 -23.67
N PHE A 962 63.63 2.79 -23.12
CA PHE A 962 64.43 3.81 -22.48
C PHE A 962 65.08 4.72 -23.53
N SER A 963 65.55 5.88 -23.06
CA SER A 963 66.24 6.84 -23.90
C SER A 963 67.63 7.12 -23.34
N LYS A 964 68.49 7.66 -24.19
CA LYS A 964 69.85 7.98 -23.77
C LYS A 964 69.85 9.04 -22.68
N GLU A 965 69.03 10.07 -22.84
CA GLU A 965 68.98 11.13 -21.83
C GLU A 965 68.46 10.59 -20.50
N LEU A 966 67.49 9.68 -20.53
CA LEU A 966 67.00 9.10 -19.29
C LEU A 966 68.08 8.29 -18.59
N TRP A 967 68.86 7.52 -19.36
CA TRP A 967 69.97 6.79 -18.76
C TRP A 967 70.97 7.75 -18.14
N LEU A 968 71.28 8.84 -18.83
CA LEU A 968 72.19 9.83 -18.29
C LEU A 968 71.64 10.41 -16.99
N ASN A 969 70.34 10.68 -16.94
CA ASN A 969 69.75 11.24 -15.73
C ASN A 969 69.80 10.25 -14.58
N ILE A 970 69.52 8.98 -14.84
CA ILE A 970 69.61 7.97 -13.79
C ILE A 970 71.03 7.91 -13.25
N VAL A 971 72.01 7.88 -14.15
CA VAL A 971 73.40 7.79 -13.73
C VAL A 971 73.79 9.02 -12.93
N ASN A 972 73.32 10.20 -13.35
CA ASN A 972 73.69 11.42 -12.64
C ASN A 972 73.09 11.46 -11.25
N ILE A 973 71.84 10.98 -11.10
CA ILE A 973 71.25 10.92 -9.77
C ILE A 973 72.04 9.95 -8.88
N ILE A 974 72.38 8.78 -9.42
CA ILE A 974 73.14 7.81 -8.62
C ILE A 974 74.47 8.40 -8.19
N LEU A 975 75.16 9.05 -9.12
CA LEU A 975 76.46 9.63 -8.82
C LEU A 975 76.35 10.77 -7.83
N THR A 976 75.30 11.58 -7.94
CA THR A 976 75.15 12.69 -7.00
C THR A 976 74.87 12.18 -5.60
N LEU A 977 74.02 11.15 -5.47
CA LEU A 977 73.81 10.54 -4.17
C LEU A 977 75.10 9.93 -3.64
N TYR A 978 75.94 9.40 -4.53
CA TYR A 978 77.22 8.87 -4.11
C TYR A 978 78.09 9.98 -3.51
N GLU A 979 78.25 11.08 -4.26
CA GLU A 979 79.17 12.13 -3.83
C GLU A 979 78.68 12.87 -2.61
N ASP A 980 77.39 12.73 -2.28
CA ASP A 980 76.84 13.34 -1.07
C ASP A 980 76.86 12.39 0.12
N LEU A 981 77.59 11.28 0.01
CA LEU A 981 77.78 10.34 1.10
C LEU A 981 76.46 9.76 1.59
N ILE A 982 75.53 9.52 0.67
CA ILE A 982 74.22 8.95 0.98
C ILE A 982 74.11 7.52 0.47
N LEU A 983 74.35 7.32 -0.82
CA LEU A 983 74.30 5.98 -1.37
C LEU A 983 75.50 5.18 -0.90
N SER A 984 75.25 3.96 -0.44
CA SER A 984 76.32 3.12 0.08
C SER A 984 77.20 2.65 -1.06
N PRO A 985 78.50 2.91 -1.04
CA PRO A 985 79.34 2.49 -2.16
C PRO A 985 79.34 1.00 -2.38
N ASP A 986 79.18 0.20 -1.33
CA ASP A 986 79.16 -1.24 -1.47
C ASP A 986 77.83 -1.63 -2.10
N ILE A 987 77.84 -1.88 -3.40
CA ILE A 987 76.61 -2.17 -4.13
C ILE A 987 76.55 -3.66 -4.46
N PHE A 988 77.70 -4.28 -4.68
CA PHE A 988 77.78 -5.67 -5.10
C PHE A 988 78.74 -6.42 -4.18
N PRO A 989 78.31 -6.80 -2.98
CA PRO A 989 79.18 -7.56 -2.08
C PRO A 989 79.58 -8.92 -2.65
N ASP A 990 78.73 -9.50 -3.49
CA ASP A 990 79.05 -10.82 -4.04
C ASP A 990 80.28 -10.78 -4.91
N LEU A 991 80.42 -9.74 -5.73
CA LEU A 991 81.60 -9.63 -6.59
C LEU A 991 82.86 -9.44 -5.77
N GLN A 992 82.77 -8.66 -4.70
CA GLN A 992 83.93 -8.48 -3.83
C GLN A 992 84.29 -9.78 -3.13
N LYS A 993 83.31 -10.60 -2.77
CA LYS A 993 83.62 -11.87 -2.13
C LYS A 993 84.18 -12.88 -3.12
N ARG A 994 83.73 -12.83 -4.37
CA ARG A 994 84.26 -13.76 -5.37
C ARG A 994 85.73 -13.49 -5.64
N LEU A 995 86.09 -12.23 -5.80
CA LEU A 995 87.50 -11.82 -5.75
C LEU A 995 87.87 -11.74 -4.26
N LYS A 996 89.00 -11.12 -3.95
CA LYS A 996 89.34 -10.97 -2.55
C LYS A 996 89.58 -9.52 -2.19
N LEU A 997 88.81 -8.63 -2.80
CA LEU A 997 88.83 -7.23 -2.43
C LEU A 997 87.99 -7.03 -1.17
N SER A 998 87.82 -5.77 -0.75
CA SER A 998 87.08 -5.60 0.54
C SER A 998 86.65 -4.17 0.88
N ASN A 999 85.42 -3.76 0.52
CA ASN A 999 84.87 -2.49 1.01
C ASN A 999 85.49 -1.29 0.29
N LEU A 1000 85.06 -1.12 -0.96
CA LEU A 1000 85.48 -0.03 -1.85
C LEU A 1000 85.68 1.27 -1.08
N PRO A 1001 86.76 2.01 -1.36
CA PRO A 1001 87.07 3.21 -0.57
C PRO A 1001 85.92 4.19 -0.55
N LYS A 1002 85.39 4.46 0.63
CA LYS A 1002 84.25 5.35 0.75
C LYS A 1002 84.66 6.77 0.37
N PRO A 1003 83.81 7.50 -0.36
CA PRO A 1003 84.13 8.89 -0.70
C PRO A 1003 84.32 9.71 0.56
N SER A 1004 85.53 10.20 0.75
CA SER A 1004 85.87 10.89 1.98
C SER A 1004 85.11 12.20 2.06
N PRO A 1005 84.79 12.66 3.27
CA PRO A 1005 84.15 13.96 3.44
C PRO A 1005 85.19 15.07 3.42
N GLU A 1006 84.67 16.30 3.36
CA GLU A 1006 85.51 17.47 3.54
C GLU A 1006 85.75 17.67 5.03
N ILE A 1007 86.20 18.86 5.42
CA ILE A 1007 86.47 19.17 6.82
C ILE A 1007 85.29 18.75 7.69
N SER A 1008 85.56 17.88 8.67
CA SER A 1008 84.52 17.23 9.44
C SER A 1008 84.59 17.65 10.92
N ILE A 1009 83.43 17.68 11.56
CA ILE A 1009 83.31 18.02 12.97
C ILE A 1009 82.52 16.92 13.67
N ASN A 1010 83.00 16.50 14.83
CA ASN A 1010 82.35 15.46 15.60
C ASN A 1010 81.44 16.08 16.66
N LYS A 1011 80.19 15.64 16.69
CA LYS A 1011 79.20 16.12 17.65
C LYS A 1011 78.96 15.01 18.68
N SER A 1012 79.58 15.16 19.85
CA SER A 1012 79.39 14.18 20.90
C SER A 1012 77.94 14.16 21.39
N LYS A 1013 77.32 15.32 21.51
CA LYS A 1013 75.99 15.45 22.07
C LYS A 1013 74.96 15.71 20.98
N GLU A 1014 73.85 14.97 21.02
CA GLU A 1014 72.72 15.19 20.14
C GLU A 1014 71.61 15.86 20.94
N SER A 1015 71.36 17.12 20.67
CA SER A 1015 70.36 17.91 21.38
C SER A 1015 70.16 19.21 20.60
N LYS A 1016 69.44 20.15 21.21
CA LYS A 1016 69.19 21.44 20.60
C LYS A 1016 70.33 22.40 20.93
N GLY A 1017 70.19 23.66 20.50
CA GLY A 1017 71.22 24.66 20.71
C GLY A 1017 70.83 25.71 21.73
N LEU A 1018 70.37 26.86 21.26
CA LEU A 1018 69.93 27.97 22.10
C LEU A 1018 71.09 28.54 22.90
N LEU A 1019 70.79 29.21 24.01
CA LEU A 1019 71.82 29.90 24.77
C LEU A 1019 72.70 28.90 25.49
N SER A 1020 73.81 28.52 24.86
CA SER A 1020 74.74 27.58 25.46
C SER A 1020 76.07 27.69 24.73
N THR A 1021 77.13 27.21 25.40
CA THR A 1021 78.48 27.13 24.82
C THR A 1021 78.94 28.48 24.31
N PHE A 1022 78.56 29.55 25.02
CA PHE A 1022 78.91 30.90 24.62
C PHE A 1022 79.56 31.63 25.78
N ALA A 1023 80.44 32.56 25.45
CA ALA A 1023 81.27 33.32 26.39
C ALA A 1023 82.19 32.43 27.21
N SER A 1024 82.37 31.17 26.79
CA SER A 1024 83.24 30.21 27.46
C SER A 1024 84.07 29.46 26.45
N TYR A 1025 84.76 30.22 25.58
CA TYR A 1025 85.54 29.69 24.46
C TYR A 1025 84.80 28.58 23.74
N LEU A 1026 85.49 27.49 23.42
CA LEU A 1026 84.91 26.40 22.64
C LEU A 1026 84.46 26.91 21.27
N LYS A 1027 83.70 26.08 20.53
CA LYS A 1027 83.08 26.44 19.26
C LYS A 1027 84.07 27.05 18.28
N GLY A 1028 83.56 27.71 17.24
CA GLY A 1028 84.41 28.37 16.27
C GLY A 1028 84.07 27.99 14.84
N ASP A 1029 83.73 26.72 14.63
CA ASP A 1029 83.35 26.29 13.29
C ASP A 1029 81.96 26.79 12.93
N GLU A 1030 81.71 26.91 11.64
CA GLU A 1030 80.38 27.28 11.18
C GLU A 1030 79.36 26.24 11.60
N GLU A 1031 79.48 25.01 11.06
CA GLU A 1031 78.67 23.84 11.43
C GLU A 1031 77.22 24.01 11.02
N PRO A 1032 76.51 22.93 10.73
CA PRO A 1032 75.07 23.04 10.47
C PRO A 1032 74.32 23.57 11.67
N THR A 1033 73.20 24.26 11.40
CA THR A 1033 72.40 24.92 12.42
C THR A 1033 71.29 24.03 12.97
N GLU A 1034 71.49 22.72 12.95
CA GLU A 1034 70.60 21.72 13.53
C GLU A 1034 69.31 21.61 12.72
N GLU A 1035 69.04 22.63 11.90
CA GLU A 1035 67.96 22.49 10.93
C GLU A 1035 68.49 21.78 9.71
N GLU A 1036 69.70 22.12 9.30
CA GLU A 1036 70.38 21.33 8.28
C GLU A 1036 70.60 19.90 8.76
N ILE A 1037 70.84 19.71 10.06
CA ILE A 1037 71.01 18.36 10.59
C ILE A 1037 69.69 17.60 10.51
N LYS A 1038 68.60 18.24 10.92
CA LYS A 1038 67.29 17.61 10.79
C LYS A 1038 66.98 17.27 9.35
N SER A 1039 67.24 18.20 8.43
CA SER A 1039 66.96 17.97 7.03
C SER A 1039 67.82 16.84 6.47
N SER A 1040 69.08 16.76 6.89
CA SER A 1040 69.95 15.71 6.39
C SER A 1040 69.50 14.35 6.88
N LYS A 1041 69.07 14.27 8.14
CA LYS A 1041 68.51 13.03 8.64
C LYS A 1041 67.29 12.62 7.83
N LYS A 1042 66.42 13.58 7.53
CA LYS A 1042 65.27 13.27 6.69
C LYS A 1042 65.70 12.85 5.29
N ALA A 1043 66.79 13.42 4.79
CA ALA A 1043 67.25 13.07 3.44
C ALA A 1043 67.74 11.63 3.39
N MET A 1044 68.53 11.23 4.39
CA MET A 1044 68.95 9.84 4.46
C MET A 1044 67.75 8.92 4.59
N GLU A 1045 66.77 9.30 5.42
CA GLU A 1045 65.58 8.48 5.58
C GLU A 1045 64.81 8.33 4.27
N CYS A 1046 64.65 9.43 3.54
CA CYS A 1046 63.94 9.36 2.26
C CYS A 1046 64.68 8.50 1.25
N ILE A 1047 66.00 8.66 1.16
CA ILE A 1047 66.75 7.86 0.19
C ILE A 1047 66.67 6.38 0.55
N LYS A 1048 66.81 6.04 1.84
CA LYS A 1048 66.71 4.64 2.23
C LYS A 1048 65.30 4.11 2.03
N SER A 1049 64.28 4.97 2.14
CA SER A 1049 62.92 4.54 1.82
C SER A 1049 62.81 4.21 0.34
N SER A 1050 63.49 4.98 -0.50
CA SER A 1050 63.68 4.55 -1.88
C SER A 1050 64.62 3.36 -1.92
N ASN A 1051 64.57 2.62 -3.02
CA ASN A 1051 65.33 1.39 -3.12
C ASN A 1051 66.25 1.42 -4.33
N ILE A 1052 67.00 2.53 -4.46
CA ILE A 1052 67.86 2.82 -5.62
C ILE A 1052 68.62 1.59 -6.08
N ALA A 1053 69.26 0.91 -5.13
CA ALA A 1053 70.11 -0.23 -5.49
C ALA A 1053 69.30 -1.30 -6.22
N ALA A 1054 68.20 -1.75 -5.62
CA ALA A 1054 67.36 -2.73 -6.28
C ALA A 1054 66.52 -2.14 -7.39
N SER A 1055 66.19 -0.85 -7.28
CA SER A 1055 65.34 -0.22 -8.29
C SER A 1055 66.03 -0.18 -9.64
N VAL A 1056 67.30 0.19 -9.68
CA VAL A 1056 67.99 0.39 -10.95
C VAL A 1056 68.73 -0.87 -11.39
N PHE A 1057 69.58 -1.41 -10.52
CA PHE A 1057 70.38 -2.58 -10.87
C PHE A 1057 69.67 -3.89 -10.58
N GLY A 1058 68.87 -3.95 -9.52
CA GLY A 1058 68.21 -5.18 -9.14
C GLY A 1058 66.94 -5.44 -9.92
N ASN A 1059 67.00 -5.25 -11.23
CA ASN A 1059 65.86 -5.47 -12.10
C ASN A 1059 66.08 -6.57 -13.12
N GLU A 1060 67.33 -6.86 -13.48
CA GLU A 1060 67.75 -7.90 -14.41
C GLU A 1060 67.30 -7.60 -15.84
N SER A 1061 66.56 -6.52 -16.07
CA SER A 1061 66.20 -6.10 -17.41
C SER A 1061 66.64 -4.69 -17.74
N ASN A 1062 66.89 -3.86 -16.73
CA ASN A 1062 67.51 -2.56 -16.98
C ASN A 1062 68.98 -2.69 -17.34
N ILE A 1063 69.59 -3.84 -17.09
CA ILE A 1063 71.02 -4.03 -17.28
C ILE A 1063 71.23 -4.43 -18.73
N THR A 1064 71.28 -3.43 -19.61
CA THR A 1064 71.60 -3.63 -21.01
C THR A 1064 72.80 -2.76 -21.37
N ALA A 1065 73.22 -2.87 -22.63
CA ALA A 1065 74.47 -2.23 -23.05
C ALA A 1065 74.44 -0.73 -22.82
N ASP A 1066 73.25 -0.11 -22.89
CA ASP A 1066 73.16 1.33 -22.72
C ASP A 1066 73.57 1.74 -21.31
N LEU A 1067 73.17 0.97 -20.30
CA LEU A 1067 73.50 1.32 -18.92
C LEU A 1067 75.00 1.29 -18.68
N ILE A 1068 75.65 0.22 -19.13
CA ILE A 1068 77.11 0.12 -18.97
C ILE A 1068 77.80 1.22 -19.74
N LYS A 1069 77.36 1.48 -20.98
CA LYS A 1069 77.96 2.52 -21.79
C LYS A 1069 77.88 3.87 -21.11
N THR A 1070 76.68 4.23 -20.62
CA THR A 1070 76.55 5.55 -20.02
C THR A 1070 77.28 5.64 -18.68
N LEU A 1071 77.34 4.54 -17.95
CA LEU A 1071 78.10 4.55 -16.69
C LEU A 1071 79.58 4.80 -16.96
N LEU A 1072 80.13 4.13 -17.97
CA LEU A 1072 81.53 4.37 -18.31
C LEU A 1072 81.76 5.78 -18.83
N ASP A 1073 80.88 6.26 -19.71
CA ASP A 1073 81.03 7.60 -20.26
C ASP A 1073 80.85 8.68 -19.20
N SER A 1074 80.20 8.36 -18.09
CA SER A 1074 80.05 9.34 -17.01
C SER A 1074 81.24 9.40 -16.08
N ALA A 1075 82.26 8.58 -16.30
CA ALA A 1075 83.43 8.62 -15.45
C ALA A 1075 84.24 9.89 -15.70
N LYS A 1076 85.03 10.27 -14.71
CA LYS A 1076 85.82 11.48 -14.76
C LYS A 1076 87.29 11.12 -14.87
N THR A 1077 88.02 11.89 -15.69
CA THR A 1077 89.43 11.61 -15.95
C THR A 1077 90.34 12.76 -15.53
N GLU A 1078 89.83 13.70 -14.73
CA GLU A 1078 90.59 14.86 -14.31
C GLU A 1078 90.41 15.07 -12.81
N LYS A 1079 91.50 15.42 -12.13
CA LYS A 1079 91.47 15.59 -10.68
C LYS A 1079 91.36 17.07 -10.33
N ASN A 1080 90.18 17.62 -10.60
CA ASN A 1080 89.92 19.01 -10.26
C ASN A 1080 89.90 19.19 -8.75
N ALA A 1081 90.25 20.40 -8.31
CA ALA A 1081 90.25 20.69 -6.89
C ALA A 1081 88.85 20.52 -6.29
N ASP A 1082 87.82 20.78 -7.09
CA ASP A 1082 86.45 20.61 -6.60
C ASP A 1082 86.15 19.15 -6.28
N ASN A 1083 86.55 18.23 -7.17
CA ASN A 1083 86.22 16.82 -7.01
C ASN A 1083 87.42 16.01 -6.54
N SER A 1084 88.35 16.63 -5.81
CA SER A 1084 89.53 15.92 -5.34
C SER A 1084 89.19 14.88 -4.27
N ARG A 1085 88.09 15.06 -3.56
CA ARG A 1085 87.81 14.19 -2.42
C ARG A 1085 87.18 12.87 -2.82
N TYR A 1086 86.75 12.71 -4.07
CA TYR A 1086 86.10 11.47 -4.46
C TYR A 1086 86.53 11.02 -5.85
N PHE A 1087 87.74 11.37 -6.28
CA PHE A 1087 88.18 10.98 -7.62
C PHE A 1087 88.46 9.49 -7.69
N GLU A 1088 89.42 9.02 -6.89
CA GLU A 1088 89.79 7.62 -6.94
C GLU A 1088 88.65 6.72 -6.50
N ALA A 1089 87.90 7.15 -5.49
CA ALA A 1089 86.77 6.37 -5.03
C ALA A 1089 85.73 6.21 -6.12
N GLU A 1090 85.40 7.29 -6.82
CA GLU A 1090 84.41 7.19 -7.88
C GLU A 1090 84.93 6.36 -9.04
N LEU A 1091 86.22 6.46 -9.35
CA LEU A 1091 86.78 5.60 -10.39
C LEU A 1091 86.59 4.14 -10.04
N LEU A 1092 86.95 3.76 -8.82
CA LEU A 1092 86.80 2.37 -8.41
C LEU A 1092 85.33 1.94 -8.40
N PHE A 1093 84.45 2.81 -7.92
CA PHE A 1093 83.03 2.47 -7.87
C PHE A 1093 82.47 2.24 -9.27
N ILE A 1094 82.78 3.14 -10.20
CA ILE A 1094 82.29 3.01 -11.56
C ILE A 1094 82.83 1.74 -12.19
N ILE A 1095 84.12 1.46 -12.00
CA ILE A 1095 84.71 0.26 -12.60
C ILE A 1095 84.05 -1.00 -12.03
N GLU A 1096 83.89 -1.06 -10.70
CA GLU A 1096 83.32 -2.26 -10.10
C GLU A 1096 81.87 -2.47 -10.52
N LEU A 1097 81.08 -1.40 -10.52
CA LEU A 1097 79.67 -1.54 -10.88
C LEU A 1097 79.52 -1.92 -12.34
N THR A 1098 80.32 -1.31 -13.23
CA THR A 1098 80.22 -1.67 -14.64
C THR A 1098 80.70 -3.09 -14.87
N ILE A 1099 81.68 -3.56 -14.10
CA ILE A 1099 82.13 -4.94 -14.26
C ILE A 1099 81.05 -5.91 -13.79
N ALA A 1100 80.38 -5.60 -12.68
CA ALA A 1100 79.30 -6.45 -12.22
C ALA A 1100 78.16 -6.51 -13.24
N LEU A 1101 77.78 -5.34 -13.78
CA LEU A 1101 76.72 -5.33 -14.78
C LEU A 1101 77.13 -6.10 -16.02
N PHE A 1102 78.42 -6.04 -16.39
CA PHE A 1102 78.89 -6.86 -17.50
C PHE A 1102 78.79 -8.34 -17.17
N LEU A 1103 79.06 -8.70 -15.92
CA LEU A 1103 78.90 -10.09 -15.50
C LEU A 1103 77.45 -10.54 -15.70
N PHE A 1104 76.50 -9.65 -15.40
CA PHE A 1104 75.10 -10.02 -15.59
C PHE A 1104 74.75 -10.26 -17.05
N CYS A 1105 75.52 -9.72 -17.99
CA CYS A 1105 75.26 -9.92 -19.42
C CYS A 1105 76.61 -10.12 -20.13
N LYS A 1106 77.04 -11.38 -20.21
CA LYS A 1106 78.35 -11.69 -20.77
C LYS A 1106 78.34 -11.87 -22.28
N GLU A 1107 77.18 -12.18 -22.87
CA GLU A 1107 77.11 -12.46 -24.29
C GLU A 1107 77.01 -11.18 -25.10
N GLU A 1108 77.93 -10.24 -24.87
CA GLU A 1108 78.01 -9.00 -25.64
C GLU A 1108 79.50 -8.73 -25.88
N LYS A 1109 80.01 -9.25 -27.00
CA LYS A 1109 81.44 -9.16 -27.27
C LYS A 1109 81.90 -7.72 -27.42
N GLU A 1110 81.18 -6.94 -28.21
CA GLU A 1110 81.58 -5.56 -28.46
C GLU A 1110 81.57 -4.75 -27.18
N LEU A 1111 80.54 -4.95 -26.34
CA LEU A 1111 80.52 -4.28 -25.05
C LEU A 1111 81.71 -4.70 -24.21
N GLY A 1112 82.12 -5.96 -24.31
CA GLY A 1112 83.30 -6.40 -23.58
C GLY A 1112 84.56 -5.68 -24.02
N LYS A 1113 84.75 -5.57 -25.34
CA LYS A 1113 85.91 -4.84 -25.83
C LYS A 1113 85.88 -3.38 -25.37
N PHE A 1114 84.71 -2.76 -25.44
CA PHE A 1114 84.62 -1.36 -25.04
C PHE A 1114 84.91 -1.19 -23.55
N ILE A 1115 84.37 -2.08 -22.72
CA ILE A 1115 84.57 -1.92 -21.28
C ILE A 1115 86.03 -2.17 -20.93
N LEU A 1116 86.68 -3.12 -21.61
CA LEU A 1116 88.09 -3.34 -21.37
C LEU A 1116 88.91 -2.12 -21.77
N GLN A 1117 88.59 -1.52 -22.91
CA GLN A 1117 89.35 -0.35 -23.35
C GLN A 1117 89.19 0.80 -22.38
N LYS A 1118 87.95 1.03 -21.91
CA LYS A 1118 87.72 2.11 -20.95
C LYS A 1118 88.45 1.85 -19.65
N VAL A 1119 88.45 0.61 -19.17
CA VAL A 1119 89.14 0.29 -17.93
C VAL A 1119 90.63 0.53 -18.07
N PHE A 1120 91.22 0.10 -19.19
CA PHE A 1120 92.65 0.30 -19.37
C PHE A 1120 93.00 1.78 -19.45
N GLN A 1121 92.21 2.55 -20.20
CA GLN A 1121 92.49 3.97 -20.33
C GLN A 1121 92.38 4.67 -18.99
N LEU A 1122 91.37 4.31 -18.19
CA LEU A 1122 91.23 4.92 -16.86
C LEU A 1122 92.36 4.47 -15.93
N SER A 1123 92.89 3.27 -16.13
CA SER A 1123 93.95 2.79 -15.27
C SER A 1123 95.28 3.46 -15.56
N HIS A 1124 95.56 3.76 -16.82
CA HIS A 1124 96.85 4.35 -17.18
C HIS A 1124 96.97 5.82 -16.79
N THR A 1125 96.03 6.36 -16.03
CA THR A 1125 96.09 7.78 -15.66
C THR A 1125 97.16 8.00 -14.61
N LYS A 1126 97.36 9.27 -14.25
CA LYS A 1126 98.36 9.65 -13.27
C LYS A 1126 97.70 10.05 -11.96
N GLY A 1127 98.53 10.24 -10.95
CA GLY A 1127 98.05 10.73 -9.67
C GLY A 1127 97.09 9.80 -8.98
N LEU A 1128 97.22 8.49 -9.20
CA LEU A 1128 96.40 7.51 -8.52
C LEU A 1128 97.15 6.93 -7.35
N THR A 1129 96.47 6.78 -6.21
CA THR A 1129 97.09 6.16 -5.07
C THR A 1129 97.34 4.68 -5.35
N LYS A 1130 98.19 4.07 -4.53
CA LYS A 1130 98.63 2.71 -4.79
C LYS A 1130 97.47 1.72 -4.72
N ARG A 1131 96.58 1.88 -3.73
CA ARG A 1131 95.49 0.93 -3.57
C ARG A 1131 94.56 0.93 -4.77
N THR A 1132 94.35 2.10 -5.37
CA THR A 1132 93.58 2.17 -6.59
C THR A 1132 94.22 1.34 -7.70
N VAL A 1133 95.55 1.41 -7.82
CA VAL A 1133 96.24 0.64 -8.83
C VAL A 1133 96.07 -0.85 -8.57
N ARG A 1134 96.16 -1.27 -7.31
CA ARG A 1134 95.99 -2.68 -6.99
C ARG A 1134 94.61 -3.17 -7.38
N ARG A 1135 93.57 -2.45 -6.93
CA ARG A 1135 92.21 -2.91 -7.23
C ARG A 1135 91.95 -2.92 -8.72
N MET A 1136 92.47 -1.92 -9.44
CA MET A 1136 92.26 -1.91 -10.88
C MET A 1136 93.02 -3.03 -11.55
N LEU A 1137 94.14 -3.48 -10.97
CA LEU A 1137 94.83 -4.64 -11.51
C LEU A 1137 93.95 -5.88 -11.39
N THR A 1138 93.34 -6.07 -10.22
CA THR A 1138 92.46 -7.22 -10.05
C THR A 1138 91.29 -7.15 -11.03
N TYR A 1139 90.70 -5.97 -11.18
CA TYR A 1139 89.60 -5.80 -12.12
C TYR A 1139 90.05 -6.09 -13.55
N LYS A 1140 91.25 -5.63 -13.92
CA LYS A 1140 91.74 -5.84 -15.27
C LYS A 1140 91.92 -7.31 -15.57
N ILE A 1141 92.49 -8.07 -14.61
CA ILE A 1141 92.68 -9.49 -14.88
C ILE A 1141 91.32 -10.20 -14.95
N LEU A 1142 90.35 -9.75 -14.16
CA LEU A 1142 89.02 -10.34 -14.25
C LEU A 1142 88.40 -10.10 -15.62
N LEU A 1143 88.50 -8.86 -16.12
CA LEU A 1143 87.92 -8.56 -17.43
C LEU A 1143 88.62 -9.30 -18.54
N ILE A 1144 89.95 -9.45 -18.46
CA ILE A 1144 90.67 -10.22 -19.46
C ILE A 1144 90.20 -11.68 -19.43
N SER A 1145 89.98 -12.23 -18.24
CA SER A 1145 89.49 -13.61 -18.16
C SER A 1145 88.12 -13.75 -18.78
N LEU A 1146 87.22 -12.79 -18.54
CA LEU A 1146 85.86 -12.91 -19.04
C LEU A 1146 85.80 -12.82 -20.55
N CYS A 1147 86.61 -11.95 -21.15
CA CYS A 1147 86.62 -11.81 -22.61
C CYS A 1147 87.21 -13.05 -23.25
N ALA A 1148 87.32 -13.02 -24.58
CA ALA A 1148 87.73 -14.19 -25.34
C ALA A 1148 89.08 -14.02 -26.01
N ASP A 1149 89.26 -12.99 -26.83
CA ASP A 1149 90.48 -12.79 -27.60
C ASP A 1149 90.94 -11.35 -27.40
N GLN A 1150 91.74 -11.13 -26.35
CA GLN A 1150 92.30 -9.82 -26.03
C GLN A 1150 93.78 -9.96 -25.70
N THR A 1151 94.51 -10.67 -26.57
CA THR A 1151 95.90 -11.01 -26.26
C THR A 1151 96.77 -9.78 -26.08
N GLU A 1152 96.55 -8.74 -26.89
CA GLU A 1152 97.37 -7.54 -26.79
C GLU A 1152 97.21 -6.88 -25.43
N TYR A 1153 95.98 -6.83 -24.93
CA TYR A 1153 95.76 -6.23 -23.61
C TYR A 1153 96.48 -7.02 -22.53
N LEU A 1154 96.44 -8.35 -22.61
CA LEU A 1154 97.15 -9.15 -21.63
C LEU A 1154 98.65 -8.95 -21.72
N SER A 1155 99.18 -8.81 -22.94
CA SER A 1155 100.61 -8.53 -23.09
C SER A 1155 100.96 -7.23 -22.41
N LYS A 1156 100.12 -6.21 -22.63
CA LYS A 1156 100.37 -4.92 -22.00
C LYS A 1156 100.34 -5.06 -20.48
N LEU A 1157 99.34 -5.78 -19.96
CA LEU A 1157 99.26 -5.98 -18.51
C LEU A 1157 100.54 -6.60 -17.99
N ILE A 1158 100.88 -7.78 -18.49
CA ILE A 1158 102.06 -8.49 -18.01
C ILE A 1158 103.26 -7.57 -18.02
N ASN A 1159 103.67 -7.14 -19.21
CA ASN A 1159 104.89 -6.37 -19.33
C ASN A 1159 104.84 -5.11 -18.46
N ASP A 1160 103.97 -4.16 -18.84
CA ASP A 1160 104.04 -2.84 -18.23
C ASP A 1160 103.76 -2.88 -16.74
N GLU A 1161 102.64 -3.50 -16.33
CA GLU A 1161 102.29 -3.45 -14.93
C GLU A 1161 103.16 -4.39 -14.11
N LEU A 1162 103.18 -5.69 -14.47
CA LEU A 1162 103.81 -6.65 -13.58
C LEU A 1162 105.32 -6.51 -13.56
N LEU A 1163 105.95 -6.31 -14.72
CA LEU A 1163 107.40 -6.37 -14.73
C LEU A 1163 108.06 -5.05 -14.33
N LYS A 1164 107.50 -3.93 -14.77
CA LYS A 1164 108.20 -2.66 -14.68
C LYS A 1164 107.76 -1.76 -13.55
N LYS A 1165 106.57 -1.98 -12.98
CA LYS A 1165 106.05 -1.03 -12.00
C LYS A 1165 106.95 -0.93 -10.77
N GLY A 1166 107.00 -2.00 -9.98
CA GLY A 1166 107.86 -1.99 -8.80
C GLY A 1166 107.42 -1.00 -7.75
N ASP A 1167 107.80 -1.22 -6.49
CA ASP A 1167 107.49 -0.31 -5.39
C ASP A 1167 105.98 -0.16 -5.23
N ILE A 1168 105.22 -0.86 -6.08
CA ILE A 1168 103.78 -0.91 -6.03
C ILE A 1168 103.29 -2.35 -5.90
N PHE A 1169 103.83 -3.24 -6.72
CA PHE A 1169 103.62 -4.68 -6.61
C PHE A 1169 104.73 -5.29 -5.77
N THR A 1170 104.84 -4.79 -4.55
CA THR A 1170 105.98 -5.09 -3.69
C THR A 1170 105.82 -6.46 -3.06
N GLN A 1171 106.64 -6.75 -2.06
CA GLN A 1171 106.63 -8.06 -1.42
C GLN A 1171 105.30 -8.33 -0.73
N LYS A 1172 104.83 -7.36 0.06
CA LYS A 1172 103.63 -7.59 0.87
C LYS A 1172 102.37 -7.66 0.01
N PHE A 1173 102.38 -7.02 -1.16
CA PHE A 1173 101.17 -7.00 -1.97
C PHE A 1173 100.79 -8.40 -2.43
N PHE A 1174 101.76 -9.22 -2.76
CA PHE A 1174 101.44 -10.56 -3.24
C PHE A 1174 101.15 -11.53 -2.11
N ALA A 1175 101.24 -11.10 -0.86
CA ALA A 1175 100.75 -11.89 0.27
C ALA A 1175 99.81 -10.99 1.07
N THR A 1176 98.56 -10.86 0.60
CA THR A 1176 97.55 -10.10 1.32
C THR A 1176 96.16 -10.70 1.16
N ASN A 1177 96.07 -11.97 0.74
CA ASN A 1177 94.84 -12.68 0.41
C ASN A 1177 94.25 -12.18 -0.90
N GLN A 1178 94.77 -11.08 -1.42
CA GLN A 1178 94.35 -10.52 -2.69
C GLN A 1178 95.33 -10.83 -3.81
N GLY A 1179 96.62 -10.76 -3.53
CA GLY A 1179 97.60 -11.20 -4.50
C GLY A 1179 97.45 -12.67 -4.82
N LYS A 1180 97.02 -13.48 -3.85
CA LYS A 1180 96.77 -14.89 -4.12
C LYS A 1180 95.64 -15.05 -5.12
N GLU A 1181 94.59 -14.26 -4.99
CA GLU A 1181 93.49 -14.31 -5.95
C GLU A 1181 93.97 -13.86 -7.32
N PHE A 1182 94.79 -12.81 -7.37
CA PHE A 1182 95.32 -12.34 -8.65
C PHE A 1182 96.14 -13.43 -9.33
N LEU A 1183 97.02 -14.07 -8.58
CA LEU A 1183 97.88 -15.10 -9.15
C LEU A 1183 97.07 -16.33 -9.57
N LYS A 1184 96.06 -16.70 -8.77
CA LYS A 1184 95.22 -17.83 -9.16
C LYS A 1184 94.46 -17.51 -10.44
N ARG A 1185 94.01 -16.27 -10.58
CA ARG A 1185 93.33 -15.88 -11.81
C ARG A 1185 94.26 -15.99 -13.01
N LEU A 1186 95.51 -15.55 -12.85
CA LEU A 1186 96.47 -15.64 -13.95
C LEU A 1186 96.73 -17.10 -14.33
N PHE A 1187 96.97 -17.95 -13.34
CA PHE A 1187 97.23 -19.36 -13.63
C PHE A 1187 96.02 -20.04 -14.23
N SER A 1188 94.82 -19.73 -13.76
CA SER A 1188 93.63 -20.29 -14.38
C SER A 1188 93.50 -19.79 -15.81
N LEU A 1189 93.90 -18.56 -16.07
CA LEU A 1189 93.96 -18.04 -17.42
C LEU A 1189 94.94 -18.81 -18.27
N THR A 1190 95.92 -19.49 -17.65
CA THR A 1190 96.78 -20.38 -18.42
C THR A 1190 96.01 -21.58 -18.98
N GLU A 1191 94.82 -21.85 -18.49
CA GLU A 1191 93.99 -22.95 -18.99
C GLU A 1191 92.70 -22.36 -19.56
N SER A 1192 92.69 -22.09 -20.86
CA SER A 1192 91.53 -21.53 -21.53
C SER A 1192 91.60 -21.89 -23.00
N GLU A 1193 90.46 -21.72 -23.69
CA GLU A 1193 90.42 -22.04 -25.10
C GLU A 1193 91.28 -21.10 -25.93
N PHE A 1194 91.39 -19.84 -25.53
CA PHE A 1194 92.09 -18.84 -26.32
C PHE A 1194 93.41 -18.42 -25.71
N TYR A 1195 93.44 -18.05 -24.42
CA TYR A 1195 94.65 -17.58 -23.78
C TYR A 1195 95.54 -18.76 -23.36
N ARG A 1196 95.91 -19.57 -24.34
CA ARG A 1196 96.85 -20.66 -24.12
C ARG A 1196 98.14 -20.47 -24.90
N GLY A 1197 98.04 -20.32 -26.21
CA GLY A 1197 99.24 -20.22 -27.04
C GLY A 1197 100.08 -19.00 -26.71
N PHE A 1198 99.43 -17.87 -26.43
CA PHE A 1198 100.18 -16.68 -26.09
C PHE A 1198 100.85 -16.82 -24.73
N LEU A 1199 100.10 -17.31 -23.74
CA LEU A 1199 100.67 -17.42 -22.41
C LEU A 1199 101.79 -18.46 -22.34
N LEU A 1200 101.82 -19.41 -23.26
CA LEU A 1200 102.95 -20.33 -23.30
C LEU A 1200 104.20 -19.64 -23.81
N GLY A 1201 104.17 -19.16 -25.05
CA GLY A 1201 105.33 -18.57 -25.67
C GLY A 1201 105.45 -17.07 -25.49
N ASN A 1202 105.77 -16.63 -24.28
CA ASN A 1202 105.85 -15.19 -24.04
C ASN A 1202 107.16 -14.75 -23.41
N GLU A 1203 107.71 -15.54 -22.50
CA GLU A 1203 108.99 -15.33 -21.84
C GLU A 1203 108.92 -14.16 -20.85
N ASN A 1204 107.90 -13.33 -20.97
CA ASN A 1204 107.66 -12.33 -19.94
C ASN A 1204 106.70 -12.86 -18.90
N PHE A 1205 105.76 -13.70 -19.30
CA PHE A 1205 104.98 -14.45 -18.34
C PHE A 1205 105.91 -15.29 -17.47
N TRP A 1206 106.88 -15.95 -18.09
CA TRP A 1206 107.79 -16.76 -17.29
C TRP A 1206 108.78 -15.92 -16.52
N LYS A 1207 109.14 -14.74 -17.03
CA LYS A 1207 109.95 -13.84 -16.21
C LYS A 1207 109.20 -13.41 -14.95
N PHE A 1208 107.91 -13.10 -15.09
CA PHE A 1208 107.10 -12.74 -13.92
C PHE A 1208 106.91 -13.93 -13.00
N LEU A 1209 106.77 -15.12 -13.55
CA LEU A 1209 106.67 -16.32 -12.74
C LEU A 1209 107.95 -16.54 -11.94
N ARG A 1210 109.11 -16.30 -12.56
CA ARG A 1210 110.36 -16.39 -11.83
C ARG A 1210 110.44 -15.33 -10.75
N LYS A 1211 109.92 -14.13 -11.03
CA LYS A 1211 109.92 -13.07 -10.02
C LYS A 1211 109.07 -13.47 -8.82
N VAL A 1212 107.89 -14.04 -9.05
CA VAL A 1212 107.00 -14.36 -7.95
C VAL A 1212 107.37 -15.66 -7.27
N THR A 1213 108.14 -16.53 -7.93
CA THR A 1213 108.58 -17.75 -7.26
C THR A 1213 109.78 -17.51 -6.36
N ALA A 1214 110.45 -16.36 -6.48
CA ALA A 1214 111.47 -16.01 -5.51
C ALA A 1214 110.87 -15.60 -4.18
N MET A 1215 109.62 -15.12 -4.18
CA MET A 1215 108.94 -14.78 -2.94
C MET A 1215 108.78 -16.02 -2.07
N LYS A 1216 109.10 -15.89 -0.79
CA LYS A 1216 109.14 -17.05 0.09
C LYS A 1216 107.75 -17.66 0.26
N GLU A 1217 106.73 -16.82 0.42
CA GLU A 1217 105.40 -17.34 0.74
C GLU A 1217 104.69 -17.93 -0.47
N GLN A 1218 104.94 -17.41 -1.67
CA GLN A 1218 104.19 -17.83 -2.84
C GLN A 1218 104.76 -19.07 -3.51
N SER A 1219 105.89 -19.58 -3.04
CA SER A 1219 106.56 -20.67 -3.76
C SER A 1219 105.69 -21.92 -3.82
N GLU A 1220 105.01 -22.24 -2.71
CA GLU A 1220 104.18 -23.44 -2.69
C GLU A 1220 103.04 -23.34 -3.68
N SER A 1221 102.44 -22.15 -3.80
CA SER A 1221 101.34 -21.99 -4.77
C SER A 1221 101.83 -22.18 -6.19
N ILE A 1222 102.99 -21.62 -6.51
CA ILE A 1222 103.56 -21.79 -7.84
C ILE A 1222 103.82 -23.27 -8.10
N PHE A 1223 104.37 -23.98 -7.11
CA PHE A 1223 104.65 -25.38 -7.31
C PHE A 1223 103.37 -26.18 -7.49
N GLU A 1224 102.33 -25.84 -6.74
CA GLU A 1224 101.06 -26.55 -6.89
C GLU A 1224 100.49 -26.34 -8.29
N TYR A 1225 100.54 -25.10 -8.79
CA TYR A 1225 100.05 -24.84 -10.14
C TYR A 1225 100.86 -25.61 -11.16
N LEU A 1226 102.18 -25.58 -11.05
CA LEU A 1226 103.02 -26.29 -12.01
C LEU A 1226 102.76 -27.79 -11.98
N ASN A 1227 102.67 -28.36 -10.78
CA ASN A 1227 102.47 -29.79 -10.65
C ASN A 1227 101.12 -30.21 -11.20
N GLU A 1228 100.07 -29.44 -10.90
CA GLU A 1228 98.75 -29.76 -11.45
C GLU A 1228 98.76 -29.67 -12.96
N SER A 1229 99.38 -28.64 -13.52
CA SER A 1229 99.40 -28.50 -14.97
C SER A 1229 100.16 -29.65 -15.62
N ILE A 1230 101.26 -30.11 -15.01
CA ILE A 1230 102.03 -31.20 -15.58
C ILE A 1230 101.28 -32.53 -15.46
N LYS A 1231 100.61 -32.76 -14.33
CA LYS A 1231 99.94 -34.02 -14.13
C LYS A 1231 98.69 -34.14 -15.00
N THR A 1232 97.86 -33.09 -15.02
CA THR A 1232 96.52 -33.23 -15.58
C THR A 1232 96.56 -33.42 -17.10
N ASP A 1233 97.07 -32.44 -17.82
CA ASP A 1233 97.12 -32.49 -19.27
C ASP A 1233 98.49 -32.85 -19.83
N SER A 1234 99.54 -32.47 -19.12
CA SER A 1234 100.93 -32.71 -19.51
C SER A 1234 101.29 -32.06 -20.82
N ASN A 1235 100.52 -31.07 -21.28
CA ASN A 1235 100.78 -30.37 -22.52
C ASN A 1235 101.32 -28.96 -22.31
N ILE A 1236 101.53 -28.54 -21.06
CA ILE A 1236 102.10 -27.22 -20.82
C ILE A 1236 103.52 -27.15 -21.35
N LEU A 1237 104.26 -28.25 -21.25
CA LEU A 1237 105.58 -28.35 -21.85
C LEU A 1237 105.41 -28.46 -23.36
N THR A 1238 105.55 -27.33 -24.05
CA THR A 1238 105.52 -27.33 -25.50
C THR A 1238 106.93 -27.58 -26.02
N ASN A 1239 107.11 -27.52 -27.35
CA ASN A 1239 108.43 -27.76 -27.91
C ASN A 1239 109.43 -26.72 -27.44
N GLU A 1240 109.04 -25.45 -27.38
CA GLU A 1240 109.89 -24.41 -26.83
C GLU A 1240 109.19 -23.83 -25.60
N ASN A 1241 109.28 -24.55 -24.49
CA ASN A 1241 108.97 -24.04 -23.17
C ASN A 1241 109.90 -24.62 -22.11
N PHE A 1242 110.88 -25.44 -22.51
CA PHE A 1242 111.55 -26.32 -21.56
C PHE A 1242 112.45 -25.54 -20.62
N MET A 1243 113.27 -24.63 -21.15
CA MET A 1243 114.24 -23.95 -20.32
C MET A 1243 113.56 -23.08 -19.28
N TRP A 1244 112.42 -22.49 -19.62
CA TRP A 1244 111.73 -21.62 -18.67
C TRP A 1244 111.16 -22.41 -17.49
N VAL A 1245 110.41 -23.51 -17.83
CA VAL A 1245 109.82 -24.30 -16.76
C VAL A 1245 110.89 -24.97 -15.93
N LEU A 1246 111.97 -25.41 -16.58
CA LEU A 1246 113.07 -26.00 -15.83
C LEU A 1246 113.73 -24.95 -14.94
N GLY A 1247 113.78 -23.70 -15.39
CA GLY A 1247 114.29 -22.65 -14.53
C GLY A 1247 113.41 -22.41 -13.32
N LEU A 1248 112.10 -22.44 -13.51
CA LEU A 1248 111.19 -22.33 -12.37
C LEU A 1248 111.41 -23.47 -11.39
N LEU A 1249 111.56 -24.69 -11.90
CA LEU A 1249 111.79 -25.82 -11.03
C LEU A 1249 113.13 -25.70 -10.29
N ASP A 1250 114.17 -25.22 -10.97
CA ASP A 1250 115.45 -25.03 -10.31
C ASP A 1250 115.34 -23.97 -9.21
N GLU A 1251 114.60 -22.90 -9.47
CA GLU A 1251 114.45 -21.87 -8.46
C GLU A 1251 113.71 -22.39 -7.23
N ILE A 1252 112.65 -23.17 -7.44
CA ILE A 1252 111.95 -23.72 -6.28
C ILE A 1252 112.73 -24.84 -5.61
N SER A 1253 113.69 -25.44 -6.31
CA SER A 1253 114.52 -26.48 -5.71
C SER A 1253 115.78 -25.94 -5.06
N SER A 1254 116.09 -24.65 -5.25
CA SER A 1254 117.28 -24.06 -4.65
C SER A 1254 117.01 -23.45 -3.28
N MET A 1255 116.04 -23.96 -2.53
CA MET A 1255 115.84 -23.53 -1.15
C MET A 1255 116.88 -24.10 -0.19
N GLY A 1256 117.91 -24.75 -0.72
CA GLY A 1256 119.00 -25.20 0.12
C GLY A 1256 119.71 -24.08 0.83
N ALA A 1257 119.52 -22.84 0.38
CA ALA A 1257 120.05 -21.69 1.13
C ALA A 1257 119.50 -21.68 2.55
N VAL A 1258 118.17 -21.57 2.70
CA VAL A 1258 117.60 -21.61 4.03
C VAL A 1258 117.76 -22.99 4.64
N GLY A 1259 117.85 -24.03 3.82
CA GLY A 1259 118.11 -25.36 4.35
C GLY A 1259 119.40 -25.40 5.16
N ASN A 1260 120.49 -24.94 4.56
CA ASN A 1260 121.76 -24.88 5.28
C ASN A 1260 121.78 -23.78 6.32
N HIS A 1261 120.94 -22.75 6.17
CA HIS A 1261 120.84 -21.76 7.23
C HIS A 1261 120.36 -22.40 8.53
N TRP A 1262 119.32 -23.24 8.43
CA TRP A 1262 118.93 -24.02 9.60
C TRP A 1262 120.00 -25.05 9.96
N GLU A 1263 120.57 -25.70 8.96
CA GLU A 1263 121.58 -26.72 9.20
C GLU A 1263 122.78 -26.17 9.95
N ILE A 1264 123.03 -24.86 9.88
CA ILE A 1264 124.13 -24.27 10.63
C ILE A 1264 123.95 -24.53 12.12
N GLU A 1265 122.85 -24.05 12.69
CA GLU A 1265 122.59 -24.33 14.10
C GLU A 1265 122.32 -25.81 14.34
N TYR A 1266 121.80 -26.52 13.33
CA TYR A 1266 121.59 -27.96 13.47
C TYR A 1266 122.91 -28.66 13.76
N LYS A 1267 123.93 -28.42 12.94
CA LYS A 1267 125.23 -29.03 13.17
C LYS A 1267 125.91 -28.43 14.39
N LYS A 1268 125.63 -27.16 14.70
CA LYS A 1268 126.22 -26.57 15.90
C LYS A 1268 125.74 -27.29 17.16
N LEU A 1269 124.46 -27.65 17.22
CA LEU A 1269 123.93 -28.32 18.39
C LEU A 1269 124.14 -29.84 18.35
N THR A 1270 124.21 -30.43 17.16
CA THR A 1270 124.47 -31.87 17.07
C THR A 1270 125.93 -32.20 17.31
N GLU A 1271 126.85 -31.32 16.90
CA GLU A 1271 128.25 -31.53 17.22
C GLU A 1271 128.50 -31.51 18.72
N SER A 1272 127.59 -30.91 19.49
CA SER A 1272 127.59 -31.00 20.93
C SER A 1272 126.64 -32.10 21.38
N GLY A 1273 126.78 -32.49 22.64
CA GLY A 1273 125.89 -33.47 23.21
C GLY A 1273 124.62 -32.85 23.76
N HIS A 1274 123.80 -32.28 22.87
CA HIS A 1274 122.57 -31.61 23.28
C HIS A 1274 121.44 -32.04 22.34
N LYS A 1275 120.29 -31.39 22.48
CA LYS A 1275 119.06 -31.81 21.82
C LYS A 1275 118.35 -30.61 21.20
N ILE A 1276 117.78 -30.82 20.02
CA ILE A 1276 116.93 -29.83 19.35
C ILE A 1276 115.61 -30.49 18.96
N ASP A 1277 114.51 -29.84 19.29
CA ASP A 1277 113.17 -30.38 19.02
C ASP A 1277 112.55 -29.78 17.77
N LYS A 1278 112.37 -28.46 17.74
CA LYS A 1278 111.80 -27.82 16.56
C LYS A 1278 112.82 -27.85 15.44
N GLU A 1279 112.78 -28.90 14.63
CA GLU A 1279 113.79 -29.16 13.62
C GLU A 1279 113.28 -28.74 12.25
N ASN A 1280 114.20 -28.26 11.42
CA ASN A 1280 113.92 -27.79 10.08
C ASN A 1280 112.82 -26.73 10.10
N PRO A 1281 113.11 -25.52 10.59
CA PRO A 1281 112.08 -24.47 10.56
C PRO A 1281 111.59 -24.18 9.17
N TYR A 1282 112.41 -24.47 8.16
CA TYR A 1282 112.01 -24.41 6.76
C TYR A 1282 111.51 -25.76 6.26
N LYS A 1283 110.90 -26.54 7.13
CA LYS A 1283 110.41 -27.87 6.75
C LYS A 1283 109.54 -27.80 5.50
N LYS A 1284 108.68 -26.77 5.43
CA LYS A 1284 107.90 -26.58 4.21
C LYS A 1284 108.80 -26.37 3.02
N SER A 1285 109.84 -25.55 3.16
CA SER A 1285 110.74 -25.29 2.05
C SER A 1285 111.54 -26.54 1.67
N ILE A 1286 111.98 -27.30 2.67
CA ILE A 1286 112.74 -28.52 2.38
C ILE A 1286 111.89 -29.54 1.64
N GLU A 1287 110.66 -29.75 2.13
CA GLU A 1287 109.76 -30.67 1.45
C GLU A 1287 109.42 -30.16 0.05
N LEU A 1288 109.31 -28.84 -0.11
CA LEU A 1288 109.04 -28.27 -1.42
C LEU A 1288 110.20 -28.56 -2.37
N SER A 1289 111.43 -28.43 -1.88
CA SER A 1289 112.58 -28.74 -2.72
C SER A 1289 112.59 -30.20 -3.14
N LEU A 1290 112.29 -31.09 -2.18
CA LEU A 1290 112.23 -32.51 -2.52
C LEU A 1290 111.16 -32.79 -3.57
N LYS A 1291 109.99 -32.18 -3.39
CA LYS A 1291 108.92 -32.39 -4.37
C LYS A 1291 109.28 -31.81 -5.72
N SER A 1292 110.03 -30.70 -5.74
CA SER A 1292 110.46 -30.14 -7.02
C SER A 1292 111.41 -31.09 -7.74
N ILE A 1293 112.35 -31.68 -7.01
CA ILE A 1293 113.28 -32.61 -7.64
C ILE A 1293 112.54 -33.85 -8.13
N GLN A 1294 111.56 -34.32 -7.36
CA GLN A 1294 110.74 -35.43 -7.85
C GLN A 1294 109.96 -35.04 -9.09
N LEU A 1295 109.47 -33.79 -9.14
CA LEU A 1295 108.74 -33.33 -10.32
C LEU A 1295 109.65 -33.32 -11.53
N THR A 1296 110.89 -32.90 -11.37
CA THR A 1296 111.83 -32.94 -12.48
C THR A 1296 112.06 -34.37 -12.93
N SER A 1297 112.26 -35.28 -11.97
CA SER A 1297 112.47 -36.68 -12.32
C SER A 1297 111.32 -37.22 -13.14
N HIS A 1298 110.09 -36.93 -12.73
CA HIS A 1298 108.94 -37.36 -13.50
C HIS A 1298 108.87 -36.64 -14.83
N LEU A 1299 109.33 -35.40 -14.88
CA LEU A 1299 109.29 -34.61 -16.11
C LEU A 1299 110.21 -35.21 -17.16
N LEU A 1300 111.22 -35.96 -16.73
CA LEU A 1300 112.02 -36.69 -17.71
C LEU A 1300 111.24 -37.79 -18.40
N GLU A 1301 109.95 -37.92 -18.13
CA GLU A 1301 109.09 -38.94 -18.72
C GLU A 1301 107.83 -38.28 -19.26
N ASP A 1302 106.93 -39.10 -19.81
CA ASP A 1302 105.60 -38.73 -20.29
C ASP A 1302 105.63 -37.84 -21.52
N ASN A 1303 106.79 -37.65 -22.16
CA ASN A 1303 106.88 -36.88 -23.40
C ASN A 1303 107.32 -37.74 -24.57
N ASN A 1304 108.45 -38.44 -24.45
CA ASN A 1304 108.94 -39.44 -25.40
C ASN A 1304 109.30 -38.85 -26.75
N ASP A 1305 109.34 -37.53 -26.89
CA ASP A 1305 109.77 -36.90 -28.13
C ASP A 1305 110.70 -35.73 -27.84
N LEU A 1306 111.69 -35.97 -26.97
CA LEU A 1306 112.66 -34.95 -26.60
C LEU A 1306 113.73 -34.80 -27.69
N ARG A 1307 114.52 -33.74 -27.56
CA ARG A 1307 115.55 -33.42 -28.55
C ARG A 1307 116.96 -33.59 -28.01
N LYS A 1308 117.11 -34.18 -26.83
CA LYS A 1308 118.36 -34.49 -26.14
C LYS A 1308 119.04 -33.23 -25.63
N ASN A 1309 118.60 -32.07 -26.11
CA ASN A 1309 118.99 -30.82 -25.46
C ASN A 1309 118.27 -30.68 -24.14
N GLU A 1310 116.96 -30.98 -24.12
CA GLU A 1310 116.23 -31.00 -22.87
C GLU A 1310 116.68 -32.15 -21.97
N ILE A 1311 117.13 -33.25 -22.55
CA ILE A 1311 117.69 -34.34 -21.74
C ILE A 1311 118.92 -33.84 -21.00
N PHE A 1312 119.85 -33.23 -21.72
CA PHE A 1312 121.02 -32.66 -21.08
C PHE A 1312 120.61 -31.62 -20.04
N ALA A 1313 119.57 -30.83 -20.33
CA ALA A 1313 119.14 -29.81 -19.38
C ALA A 1313 118.63 -30.43 -18.10
N ILE A 1314 117.83 -31.49 -18.20
CA ILE A 1314 117.27 -32.14 -17.01
C ILE A 1314 118.38 -32.73 -16.17
N ILE A 1315 119.30 -33.44 -16.81
CA ILE A 1315 120.41 -34.04 -16.06
C ILE A 1315 121.24 -32.96 -15.39
N GLN A 1316 121.51 -31.87 -16.11
CA GLN A 1316 122.29 -30.78 -15.54
C GLN A 1316 121.57 -30.15 -14.36
N ALA A 1317 120.24 -29.99 -14.45
CA ALA A 1317 119.51 -29.40 -13.34
C ALA A 1317 119.54 -30.29 -12.12
N LEU A 1318 119.38 -31.59 -12.30
CA LEU A 1318 119.48 -32.52 -11.19
C LEU A 1318 120.86 -32.45 -10.55
N ALA A 1319 121.91 -32.40 -11.35
CA ALA A 1319 123.25 -32.28 -10.80
C ALA A 1319 123.42 -30.97 -10.04
N HIS A 1320 122.94 -29.87 -10.62
CA HIS A 1320 123.10 -28.57 -9.99
C HIS A 1320 122.41 -28.54 -8.63
N GLN A 1321 121.27 -29.22 -8.52
CA GLN A 1321 120.68 -29.37 -7.19
C GLN A 1321 121.48 -30.36 -6.34
N CYS A 1322 122.20 -31.29 -6.97
CA CYS A 1322 123.00 -32.23 -6.21
C CYS A 1322 124.19 -31.55 -5.55
N ILE A 1323 124.58 -30.38 -6.05
CA ILE A 1323 125.68 -29.64 -5.43
C ILE A 1323 125.21 -28.97 -4.14
N ASN A 1324 123.89 -28.97 -3.91
CA ASN A 1324 123.30 -28.07 -2.93
C ASN A 1324 123.80 -28.36 -1.52
N PRO A 1325 123.87 -27.34 -0.66
CA PRO A 1325 124.33 -27.56 0.72
C PRO A 1325 123.48 -28.53 1.51
N CYS A 1326 122.16 -28.56 1.31
CA CYS A 1326 121.28 -29.31 2.19
C CYS A 1326 121.55 -30.81 2.05
N LYS A 1327 121.70 -31.47 3.20
CA LYS A 1327 122.00 -32.90 3.19
C LYS A 1327 120.85 -33.70 2.62
N GLN A 1328 119.62 -33.42 3.08
CA GLN A 1328 118.46 -34.12 2.54
C GLN A 1328 118.29 -33.83 1.07
N ILE A 1329 118.46 -32.56 0.67
CA ILE A 1329 118.32 -32.20 -0.73
C ILE A 1329 119.36 -32.92 -1.57
N SER A 1330 120.61 -32.93 -1.11
CA SER A 1330 121.67 -33.58 -1.88
C SER A 1330 121.43 -35.08 -2.00
N GLU A 1331 121.03 -35.72 -0.90
CA GLU A 1331 120.77 -37.16 -0.93
C GLU A 1331 119.64 -37.48 -1.90
N PHE A 1332 118.55 -36.72 -1.82
CA PHE A 1332 117.46 -36.98 -2.74
C PHE A 1332 117.89 -36.74 -4.17
N ALA A 1333 118.71 -35.72 -4.40
CA ALA A 1333 119.16 -35.43 -5.75
C ALA A 1333 119.97 -36.59 -6.32
N VAL A 1334 120.92 -37.10 -5.55
CA VAL A 1334 121.76 -38.18 -6.08
C VAL A 1334 120.92 -39.43 -6.30
N VAL A 1335 120.02 -39.75 -5.36
CA VAL A 1335 119.20 -40.94 -5.52
C VAL A 1335 118.33 -40.84 -6.77
N THR A 1336 117.66 -39.70 -6.95
CA THR A 1336 116.76 -39.57 -8.07
C THR A 1336 117.51 -39.47 -9.39
N LEU A 1337 118.70 -38.86 -9.40
CA LEU A 1337 119.49 -38.84 -10.61
C LEU A 1337 119.89 -40.24 -11.01
N GLU A 1338 120.33 -41.05 -10.04
CA GLU A 1338 120.68 -42.43 -10.34
C GLU A 1338 119.48 -43.18 -10.91
N GLN A 1339 118.32 -43.05 -10.27
CA GLN A 1339 117.13 -43.76 -10.73
C GLN A 1339 116.76 -43.34 -12.14
N THR A 1340 116.76 -42.04 -12.41
CA THR A 1340 116.41 -41.56 -13.74
C THR A 1340 117.40 -42.06 -14.79
N LEU A 1341 118.69 -42.02 -14.47
CA LEU A 1341 119.67 -42.47 -15.44
C LEU A 1341 119.55 -43.97 -15.72
N ILE A 1342 119.19 -44.77 -14.72
CA ILE A 1342 119.16 -46.21 -14.94
C ILE A 1342 117.86 -46.67 -15.57
N ASN A 1343 116.73 -46.00 -15.31
CA ASN A 1343 115.48 -46.54 -15.83
C ASN A 1343 114.53 -45.47 -16.35
N LYS A 1344 115.05 -44.36 -16.89
CA LYS A 1344 114.18 -43.33 -17.45
C LYS A 1344 114.63 -42.78 -18.80
N ILE A 1345 115.82 -43.13 -19.28
CA ILE A 1345 116.31 -42.67 -20.58
C ILE A 1345 116.58 -43.89 -21.44
N GLU A 1346 116.02 -43.90 -22.65
CA GLU A 1346 116.19 -45.03 -23.54
C GLU A 1346 117.58 -45.00 -24.17
N ILE A 1347 118.27 -46.13 -24.11
CA ILE A 1347 119.65 -46.20 -24.61
C ILE A 1347 119.65 -46.30 -26.13
N PRO A 1348 118.95 -47.27 -26.78
CA PRO A 1348 119.02 -47.40 -28.24
C PRO A 1348 117.93 -46.61 -28.97
N THR A 1349 117.81 -45.32 -28.65
CA THR A 1349 116.88 -44.44 -29.34
C THR A 1349 117.63 -43.56 -30.32
N ASN A 1350 116.99 -43.28 -31.46
CA ASN A 1350 117.61 -42.42 -32.46
C ASN A 1350 117.90 -41.04 -31.90
N GLU A 1351 117.13 -40.61 -30.91
CA GLU A 1351 117.41 -39.33 -30.26
C GLU A 1351 118.77 -39.37 -29.56
N MET A 1352 119.07 -40.46 -28.87
CA MET A 1352 120.35 -40.59 -28.17
C MET A 1352 120.68 -42.07 -28.06
N GLU A 1353 121.58 -42.55 -28.92
CA GLU A 1353 121.92 -43.96 -29.00
C GLU A 1353 123.36 -44.25 -28.56
N SER A 1354 123.89 -43.44 -27.66
CA SER A 1354 125.27 -43.62 -27.20
C SER A 1354 125.38 -43.09 -25.78
N VAL A 1355 125.59 -43.99 -24.82
CA VAL A 1355 125.69 -43.59 -23.41
C VAL A 1355 126.88 -42.69 -23.16
N GLU A 1356 127.88 -42.71 -24.06
CA GLU A 1356 129.03 -41.82 -23.90
C GLU A 1356 128.59 -40.37 -23.84
N GLU A 1357 127.75 -39.95 -24.78
CA GLU A 1357 127.26 -38.58 -24.77
C GLU A 1357 126.40 -38.30 -23.55
N LEU A 1358 125.66 -39.30 -23.07
CA LEU A 1358 124.88 -39.13 -21.85
C LEU A 1358 125.80 -38.77 -20.69
N ILE A 1359 126.84 -39.57 -20.47
CA ILE A 1359 127.76 -39.28 -19.39
C ILE A 1359 128.43 -37.93 -19.60
N GLU A 1360 128.84 -37.65 -20.84
CA GLU A 1360 129.64 -36.46 -21.15
C GLU A 1360 128.81 -35.18 -21.22
N GLY A 1361 127.49 -35.28 -21.21
CA GLY A 1361 126.65 -34.11 -21.13
C GLY A 1361 126.01 -34.02 -19.77
N GLY A 1362 126.19 -35.06 -18.97
CA GLY A 1362 125.73 -35.13 -17.60
C GLY A 1362 126.88 -34.85 -16.66
N LEU A 1363 127.54 -35.91 -16.21
CA LEU A 1363 128.53 -35.77 -15.14
C LEU A 1363 129.75 -34.98 -15.62
N LEU A 1364 130.20 -35.21 -16.85
CA LEU A 1364 131.41 -34.54 -17.32
C LEU A 1364 131.31 -33.03 -17.28
N PRO A 1365 130.25 -32.40 -17.78
CA PRO A 1365 130.17 -30.93 -17.64
C PRO A 1365 130.18 -30.48 -16.20
N LEU A 1366 129.61 -31.26 -15.28
CA LEU A 1366 129.63 -30.86 -13.88
C LEU A 1366 131.03 -30.92 -13.31
N LEU A 1367 131.74 -32.01 -13.57
CA LEU A 1367 133.09 -32.16 -13.01
C LEU A 1367 134.09 -31.23 -13.69
N ASN A 1368 133.80 -30.79 -14.92
CA ASN A 1368 134.67 -29.82 -15.57
C ASN A 1368 134.64 -28.47 -14.89
N SER A 1369 133.69 -28.23 -13.98
CA SER A 1369 133.57 -26.98 -13.24
C SER A 1369 133.74 -27.24 -11.74
N SER A 1370 134.75 -28.01 -11.37
CA SER A 1370 135.01 -28.38 -9.99
C SER A 1370 135.94 -27.40 -9.29
N GLU A 1371 135.98 -26.15 -9.74
CA GLU A 1371 136.90 -25.16 -9.19
C GLU A 1371 136.40 -24.54 -7.89
N THR A 1372 135.53 -25.22 -7.15
CA THR A 1372 135.01 -24.74 -5.88
C THR A 1372 135.93 -25.07 -4.70
N GLN A 1373 137.20 -25.40 -4.98
CA GLN A 1373 138.23 -25.61 -3.95
C GLN A 1373 137.80 -26.79 -3.08
N GLU A 1374 137.53 -26.60 -1.79
CA GLU A 1374 137.20 -27.73 -0.92
C GLU A 1374 135.86 -28.35 -1.26
N ASP A 1375 134.93 -27.57 -1.80
CA ASP A 1375 133.61 -28.08 -2.15
C ASP A 1375 133.66 -29.08 -3.29
N GLN A 1376 134.79 -29.19 -3.98
CA GLN A 1376 134.88 -30.11 -5.11
C GLN A 1376 134.94 -31.56 -4.68
N LYS A 1377 135.38 -31.86 -3.46
CA LYS A 1377 135.60 -33.26 -3.08
C LYS A 1377 134.31 -34.04 -3.03
N ILE A 1378 133.30 -33.51 -2.32
CA ILE A 1378 132.02 -34.20 -2.22
C ILE A 1378 131.33 -34.27 -3.57
N LEU A 1379 131.40 -33.17 -4.33
CA LEU A 1379 130.76 -33.16 -5.65
C LEU A 1379 131.38 -34.19 -6.58
N ILE A 1380 132.72 -34.29 -6.58
CA ILE A 1380 133.41 -35.25 -7.43
C ILE A 1380 133.14 -36.67 -6.95
N SER A 1381 133.11 -36.88 -5.63
CA SER A 1381 132.78 -38.20 -5.11
C SER A 1381 131.39 -38.64 -5.58
N SER A 1382 130.41 -37.74 -5.49
CA SER A 1382 129.07 -38.07 -5.94
C SER A 1382 129.03 -38.30 -7.44
N ILE A 1383 129.72 -37.45 -8.21
CA ILE A 1383 129.74 -37.61 -9.66
C ILE A 1383 130.29 -38.98 -10.03
N LEU A 1384 131.43 -39.35 -9.45
CA LEU A 1384 132.06 -40.61 -9.79
C LEU A 1384 131.24 -41.78 -9.29
N THR A 1385 130.59 -41.65 -8.14
CA THR A 1385 129.73 -42.72 -7.66
C THR A 1385 128.58 -42.96 -8.63
N ILE A 1386 127.95 -41.89 -9.09
CA ILE A 1386 126.87 -42.01 -10.06
C ILE A 1386 127.40 -42.62 -11.35
N ILE A 1387 128.60 -42.20 -11.77
CA ILE A 1387 129.18 -42.73 -12.99
C ILE A 1387 129.38 -44.23 -12.87
N SER A 1388 129.95 -44.67 -11.76
CA SER A 1388 130.20 -46.10 -11.57
C SER A 1388 128.91 -46.88 -11.57
N ASN A 1389 127.91 -46.40 -10.84
CA ASN A 1389 126.65 -47.12 -10.76
C ASN A 1389 125.98 -47.20 -12.12
N VAL A 1390 125.95 -46.09 -12.87
CA VAL A 1390 125.31 -46.10 -14.18
C VAL A 1390 126.06 -47.02 -15.12
N TYR A 1391 127.40 -46.95 -15.10
CA TYR A 1391 128.21 -47.81 -15.95
C TYR A 1391 127.91 -49.28 -15.68
N LEU A 1392 127.87 -49.67 -14.40
CA LEU A 1392 127.59 -51.05 -14.06
C LEU A 1392 126.18 -51.44 -14.50
N HIS A 1393 125.19 -50.61 -14.22
CA HIS A 1393 123.81 -50.99 -14.51
C HIS A 1393 123.61 -51.17 -16.00
N TYR A 1394 124.15 -50.26 -16.81
CA TYR A 1394 123.95 -50.37 -18.24
C TYR A 1394 124.86 -51.41 -18.88
N LEU A 1395 125.95 -51.80 -18.22
CA LEU A 1395 126.75 -52.91 -18.73
C LEU A 1395 126.07 -54.24 -18.45
N LYS A 1396 125.44 -54.37 -17.28
CA LYS A 1396 124.76 -55.61 -16.93
C LYS A 1396 123.70 -55.98 -17.95
N LEU A 1397 123.17 -55.01 -18.67
CA LEU A 1397 122.24 -55.27 -19.76
C LEU A 1397 122.98 -55.42 -21.09
N GLY A 1398 124.02 -56.25 -21.10
CA GLY A 1398 124.78 -56.50 -22.31
C GLY A 1398 125.39 -55.26 -22.93
N LYS A 1399 124.83 -54.84 -24.06
CA LYS A 1399 125.24 -53.64 -24.80
C LYS A 1399 126.64 -53.79 -25.40
N THR A 1400 127.11 -52.73 -26.05
CA THR A 1400 128.32 -52.76 -26.87
C THR A 1400 128.98 -51.40 -26.79
N SER A 1401 129.81 -51.08 -27.79
CA SER A 1401 130.51 -49.80 -27.86
C SER A 1401 131.45 -49.62 -26.67
N ASN A 1402 132.49 -50.45 -26.66
CA ASN A 1402 133.54 -50.36 -25.66
C ASN A 1402 134.10 -48.96 -25.51
N GLU A 1403 133.83 -48.07 -26.47
CA GLU A 1403 134.18 -46.67 -26.31
C GLU A 1403 133.54 -46.08 -25.06
N THR A 1404 132.42 -46.65 -24.59
CA THR A 1404 131.90 -46.26 -23.28
C THR A 1404 132.96 -46.50 -22.21
N PHE A 1405 133.53 -47.71 -22.18
CA PHE A 1405 134.59 -48.01 -21.22
C PHE A 1405 135.76 -47.06 -21.41
N LEU A 1406 136.15 -46.82 -22.66
CA LEU A 1406 137.30 -45.98 -22.93
C LEU A 1406 137.07 -44.56 -22.42
N LYS A 1407 135.88 -44.01 -22.65
CA LYS A 1407 135.59 -42.65 -22.20
C LYS A 1407 135.51 -42.59 -20.68
N ILE A 1408 134.92 -43.60 -20.05
CA ILE A 1408 134.88 -43.60 -18.59
C ILE A 1408 136.29 -43.67 -18.03
N LEU A 1409 137.15 -44.46 -18.66
CA LEU A 1409 138.56 -44.50 -18.28
C LEU A 1409 139.22 -43.15 -18.47
N SER A 1410 138.87 -42.44 -19.55
CA SER A 1410 139.45 -41.12 -19.77
C SER A 1410 139.02 -40.14 -18.68
N ILE A 1411 137.75 -40.19 -18.28
CA ILE A 1411 137.28 -39.35 -17.19
C ILE A 1411 138.03 -39.68 -15.91
N PHE A 1412 138.19 -40.98 -15.63
CA PHE A 1412 138.91 -41.39 -14.44
C PHE A 1412 140.35 -40.91 -14.48
N ASN A 1413 140.97 -40.95 -15.66
CA ASN A 1413 142.32 -40.42 -15.79
C ASN A 1413 142.35 -38.93 -15.51
N LYS A 1414 141.34 -38.20 -15.99
CA LYS A 1414 141.23 -36.78 -15.65
C LYS A 1414 141.13 -36.58 -14.15
N PHE A 1415 140.54 -37.55 -13.43
CA PHE A 1415 140.53 -37.52 -11.98
C PHE A 1415 141.40 -38.62 -11.38
N VAL A 1416 142.51 -38.97 -12.04
CA VAL A 1416 143.35 -40.06 -11.54
C VAL A 1416 144.15 -39.65 -10.32
N GLU A 1417 144.26 -38.35 -10.04
CA GLU A 1417 145.06 -37.90 -8.92
C GLU A 1417 144.43 -38.33 -7.59
N ASP A 1418 145.25 -38.29 -6.54
CA ASP A 1418 144.85 -38.53 -5.15
C ASP A 1418 144.54 -40.00 -4.88
N SER A 1419 144.50 -40.81 -5.94
CA SER A 1419 144.55 -42.27 -5.86
C SER A 1419 143.32 -42.89 -5.20
N ASP A 1420 142.44 -42.07 -4.62
CA ASP A 1420 141.17 -42.61 -4.14
C ASP A 1420 140.25 -42.91 -5.30
N ILE A 1421 140.22 -42.02 -6.30
CA ILE A 1421 139.54 -42.32 -7.54
C ILE A 1421 140.21 -43.50 -8.24
N GLU A 1422 141.53 -43.62 -8.12
CA GLU A 1422 142.22 -44.76 -8.72
C GLU A 1422 141.78 -46.08 -8.09
N LYS A 1423 141.68 -46.11 -6.76
CA LYS A 1423 141.20 -47.33 -6.12
C LYS A 1423 139.73 -47.58 -6.44
N LYS A 1424 138.94 -46.52 -6.59
CA LYS A 1424 137.56 -46.70 -7.04
C LYS A 1424 137.53 -47.31 -8.44
N LEU A 1425 138.42 -46.85 -9.32
CA LEU A 1425 138.50 -47.40 -10.66
C LEU A 1425 138.88 -48.88 -10.63
N GLN A 1426 139.84 -49.23 -9.78
CA GLN A 1426 140.23 -50.64 -9.68
C GLN A 1426 139.08 -51.48 -9.12
N GLN A 1427 138.34 -50.94 -8.17
CA GLN A 1427 137.19 -51.66 -7.61
C GLN A 1427 136.14 -51.89 -8.68
N LEU A 1428 135.81 -50.85 -9.45
CA LEU A 1428 134.83 -51.05 -10.52
C LEU A 1428 135.40 -51.86 -11.66
N ILE A 1429 136.73 -51.98 -11.77
CA ILE A 1429 137.32 -52.89 -12.73
C ILE A 1429 137.09 -54.32 -12.30
N LEU A 1430 137.25 -54.60 -11.01
CA LEU A 1430 136.89 -55.91 -10.48
C LEU A 1430 135.40 -56.17 -10.71
N ASP A 1431 134.57 -55.15 -10.52
CA ASP A 1431 133.15 -55.29 -10.82
C ASP A 1431 132.92 -55.55 -12.30
N LYS A 1432 133.72 -54.93 -13.16
CA LYS A 1432 133.65 -55.19 -14.59
C LYS A 1432 133.97 -56.63 -14.92
N LYS A 1433 135.00 -57.18 -14.28
CA LYS A 1433 135.32 -58.59 -14.49
C LYS A 1433 134.19 -59.48 -14.01
N SER A 1434 133.60 -59.15 -12.86
CA SER A 1434 132.46 -59.91 -12.36
C SER A 1434 131.30 -59.86 -13.35
N ILE A 1435 131.02 -58.68 -13.89
CA ILE A 1435 129.94 -58.55 -14.87
C ILE A 1435 130.28 -59.31 -16.14
N GLU A 1436 131.56 -59.31 -16.53
CA GLU A 1436 131.98 -60.11 -17.67
C GLU A 1436 131.61 -61.58 -17.48
N LYS A 1437 132.00 -62.13 -16.33
CA LYS A 1437 131.65 -63.53 -16.05
C LYS A 1437 130.14 -63.73 -16.04
N GLY A 1438 129.41 -62.80 -15.40
CA GLY A 1438 127.97 -62.97 -15.27
C GLY A 1438 127.24 -62.93 -16.60
N ASN A 1439 127.59 -61.98 -17.47
CA ASN A 1439 126.96 -61.90 -18.77
C ASN A 1439 127.42 -63.02 -19.69
N GLY A 1440 128.64 -63.53 -19.46
CA GLY A 1440 129.05 -64.73 -20.19
C GLY A 1440 128.21 -65.93 -19.84
N SER A 1441 127.96 -66.14 -18.55
CA SER A 1441 127.12 -67.27 -18.13
C SER A 1441 125.80 -66.76 -17.59
N VAL B 31 15.55 3.88 -9.18
CA VAL B 31 15.53 2.50 -9.64
C VAL B 31 15.88 2.44 -11.12
N THR B 32 16.68 1.45 -11.49
CA THR B 32 17.12 1.19 -12.86
C THR B 32 17.90 2.35 -13.47
N VAL B 33 18.38 3.28 -12.64
CA VAL B 33 19.24 4.37 -13.11
C VAL B 33 20.53 4.33 -12.31
N ASP B 34 20.95 3.14 -11.90
CA ASP B 34 22.14 2.92 -11.06
C ASP B 34 22.16 3.95 -9.94
N PRO B 35 21.34 3.76 -8.88
CA PRO B 35 21.07 4.82 -7.92
C PRO B 35 22.27 5.57 -7.39
N VAL B 36 23.47 5.03 -7.63
CA VAL B 36 24.69 5.75 -7.30
C VAL B 36 24.72 7.10 -8.01
N THR B 37 24.27 7.12 -9.27
CA THR B 37 24.23 8.39 -10.00
C THR B 37 23.30 9.39 -9.31
N ILE B 38 22.14 8.93 -8.85
CA ILE B 38 21.20 9.83 -8.20
C ILE B 38 21.78 10.37 -6.90
N ILE B 39 22.42 9.51 -6.11
CA ILE B 39 23.00 9.97 -4.85
C ILE B 39 24.12 10.96 -5.12
N ILE B 40 24.96 10.70 -6.12
CA ILE B 40 26.05 11.60 -6.45
C ILE B 40 25.51 12.95 -6.89
N LYS B 41 24.44 12.95 -7.70
CA LYS B 41 23.86 14.21 -8.13
C LYS B 41 23.30 15.00 -6.95
N GLU B 42 22.63 14.32 -6.02
CA GLU B 42 22.11 15.02 -4.85
C GLU B 42 23.25 15.58 -4.01
N CYS B 43 24.35 14.83 -3.88
CA CYS B 43 25.49 15.31 -3.13
C CYS B 43 26.08 16.57 -3.76
N ILE B 44 26.25 16.57 -5.09
CA ILE B 44 26.83 17.76 -5.73
C ILE B 44 25.87 18.93 -5.61
N ASN B 45 24.56 18.68 -5.70
CA ASN B 45 23.59 19.76 -5.57
C ASN B 45 23.66 20.40 -4.20
N LEU B 46 23.67 19.59 -3.14
CA LEU B 46 23.71 20.13 -1.79
C LEU B 46 25.04 20.82 -1.51
N SER B 47 26.14 20.27 -2.03
CA SER B 47 27.44 20.91 -1.86
C SER B 47 27.47 22.28 -2.52
N THR B 48 26.94 22.37 -3.74
CA THR B 48 26.88 23.65 -4.43
C THR B 48 26.02 24.64 -3.64
N ALA B 49 24.89 24.18 -3.11
CA ALA B 49 24.02 25.07 -2.35
C ALA B 49 24.72 25.59 -1.11
N MET B 50 25.42 24.72 -0.38
CA MET B 50 26.14 25.16 0.80
C MET B 50 27.24 26.15 0.44
N ARG B 51 27.98 25.88 -0.63
CA ARG B 51 29.05 26.78 -1.03
C ARG B 51 28.49 28.15 -1.41
N LYS B 52 27.37 28.17 -2.14
CA LYS B 52 26.75 29.45 -2.49
C LYS B 52 26.29 30.19 -1.25
N TYR B 53 25.71 29.48 -0.29
CA TYR B 53 25.21 30.15 0.92
C TYR B 53 26.35 30.72 1.74
N SER B 54 27.45 29.99 1.86
CA SER B 54 28.60 30.48 2.63
C SER B 54 29.42 31.46 1.82
N ASP B 94 31.02 23.56 7.44
CA ASP B 94 32.29 22.94 7.05
C ASP B 94 32.29 21.42 7.19
N PRO B 95 31.97 20.88 8.37
CA PRO B 95 31.94 19.41 8.49
C PRO B 95 30.94 18.75 7.56
N PHE B 96 29.80 19.40 7.33
CA PHE B 96 28.76 18.81 6.50
C PHE B 96 29.15 18.81 5.02
N LEU B 97 29.74 19.91 4.56
CA LEU B 97 30.26 19.95 3.20
C LEU B 97 31.35 18.90 3.02
N SER B 98 32.19 18.70 4.02
CA SER B 98 33.20 17.67 3.97
C SER B 98 32.57 16.29 3.87
N GLY B 99 31.50 16.06 4.62
CA GLY B 99 30.80 14.78 4.53
C GLY B 99 30.25 14.52 3.14
N PHE B 100 29.67 15.56 2.52
CA PHE B 100 29.14 15.40 1.17
C PHE B 100 30.25 15.09 0.17
N ILE B 101 31.37 15.82 0.26
CA ILE B 101 32.46 15.58 -0.67
C ILE B 101 33.02 14.18 -0.49
N GLN B 102 33.16 13.73 0.75
CA GLN B 102 33.66 12.39 1.00
C GLN B 102 32.71 11.32 0.48
N LEU B 103 31.40 11.54 0.63
CA LEU B 103 30.44 10.57 0.11
C LEU B 103 30.53 10.49 -1.41
N ARG B 104 30.68 11.64 -2.07
CA ARG B 104 30.84 11.64 -3.52
C ARG B 104 32.09 10.89 -3.92
N LEU B 105 33.20 11.09 -3.20
CA LEU B 105 34.43 10.37 -3.51
C LEU B 105 34.26 8.88 -3.30
N MET B 106 33.55 8.48 -2.24
CA MET B 106 33.34 7.06 -1.98
C MET B 106 32.50 6.42 -3.09
N LEU B 107 31.47 7.12 -3.56
CA LEU B 107 30.57 6.55 -4.54
C LEU B 107 31.05 6.68 -5.98
N ASN B 108 32.07 7.49 -6.24
CA ASN B 108 32.56 7.65 -7.61
C ASN B 108 33.01 6.31 -8.19
N LYS B 109 32.55 6.03 -9.42
CA LYS B 109 32.93 4.83 -10.16
C LYS B 109 32.61 3.55 -9.40
N LEU B 110 31.38 3.46 -8.90
CA LEU B 110 30.86 2.23 -8.30
C LEU B 110 29.63 1.81 -9.07
N LYS B 111 29.60 0.56 -9.52
CA LYS B 111 28.50 0.10 -10.36
C LYS B 111 27.21 -0.03 -9.57
N ASN B 112 27.29 -0.44 -8.30
CA ASN B 112 26.11 -0.60 -7.49
C ASN B 112 26.50 -0.48 -6.02
N LEU B 113 25.51 -0.20 -5.19
CA LEU B 113 25.70 -0.15 -3.74
C LEU B 113 25.59 -1.55 -3.14
N ASP B 114 26.56 -2.38 -3.49
CA ASP B 114 26.55 -3.77 -3.04
C ASP B 114 27.01 -3.88 -1.58
N ASN B 115 28.25 -3.50 -1.31
CA ASN B 115 28.82 -3.63 0.03
C ASN B 115 28.69 -2.35 0.86
N ILE B 116 28.22 -1.26 0.27
CA ILE B 116 28.18 0.03 0.96
C ILE B 116 27.02 0.04 1.93
N ASP B 117 27.31 0.37 3.19
CA ASP B 117 26.26 0.48 4.19
C ASP B 117 25.35 1.65 3.87
N SER B 118 24.04 1.44 4.03
CA SER B 118 23.07 2.47 3.68
C SER B 118 23.16 3.67 4.61
N LEU B 119 23.45 3.43 5.89
CA LEU B 119 23.54 4.54 6.83
C LEU B 119 24.68 5.48 6.47
N THR B 120 25.78 4.94 5.93
CA THR B 120 26.86 5.80 5.46
C THR B 120 26.37 6.69 4.31
N ILE B 121 25.54 6.14 3.43
CA ILE B 121 24.99 6.93 2.33
C ILE B 121 24.11 8.04 2.86
N LEU B 122 23.26 7.75 3.83
CA LEU B 122 22.29 8.72 4.29
C LEU B 122 22.80 9.66 5.38
N GLN B 123 23.98 9.39 5.95
CA GLN B 123 24.39 10.12 7.14
C GLN B 123 24.57 11.61 6.95
N PRO B 124 25.25 12.10 5.90
CA PRO B 124 25.36 13.57 5.76
C PRO B 124 24.01 14.26 5.66
N PHE B 125 23.05 13.67 4.95
CA PHE B 125 21.72 14.27 4.83
C PHE B 125 21.03 14.33 6.19
N LEU B 126 21.07 13.24 6.93
CA LEU B 126 20.43 13.23 8.24
C LEU B 126 21.10 14.20 9.19
N LEU B 127 22.43 14.30 9.12
CA LEU B 127 23.13 15.24 9.98
C LEU B 127 22.73 16.66 9.68
N ILE B 128 22.63 17.02 8.40
CA ILE B 128 22.25 18.38 8.05
C ILE B 128 20.76 18.62 8.20
N VAL B 129 19.97 17.58 8.40
CA VAL B 129 18.55 17.77 8.70
C VAL B 129 18.33 17.99 10.19
N SER B 130 18.94 17.15 11.03
CA SER B 130 18.64 17.17 12.46
C SER B 130 19.31 18.34 13.17
N THR B 131 20.50 18.75 12.73
CA THR B 131 21.24 19.76 13.45
C THR B 131 20.64 21.15 13.24
N SER B 132 20.77 22.00 14.25
CA SER B 132 20.37 23.39 14.17
C SER B 132 21.51 24.20 13.53
N SER B 133 21.38 25.52 13.55
CA SER B 133 22.36 26.45 12.98
C SER B 133 22.53 26.26 11.48
N ILE B 134 21.71 25.43 10.85
CA ILE B 134 21.68 25.26 9.41
C ILE B 134 20.44 25.94 8.88
N SER B 135 20.60 26.78 7.86
CA SER B 135 19.50 27.61 7.39
C SER B 135 18.37 26.76 6.84
N GLY B 136 17.20 27.41 6.71
CA GLY B 136 16.03 26.70 6.22
C GLY B 136 16.17 26.20 4.80
N TYR B 137 16.88 26.95 3.96
CA TYR B 137 17.03 26.54 2.56
C TYR B 137 17.78 25.22 2.46
N ILE B 138 18.86 25.06 3.24
CA ILE B 138 19.68 23.87 3.13
C ILE B 138 18.95 22.65 3.69
N THR B 139 18.25 22.82 4.81
CA THR B 139 17.49 21.69 5.34
C THR B 139 16.31 21.35 4.44
N SER B 140 15.74 22.35 3.75
CA SER B 140 14.73 22.07 2.76
C SER B 140 15.28 21.24 1.62
N LEU B 141 16.48 21.58 1.13
CA LEU B 141 17.09 20.80 0.07
C LEU B 141 17.41 19.38 0.53
N ALA B 142 17.86 19.24 1.77
CA ALA B 142 18.16 17.91 2.30
C ALA B 142 16.89 17.07 2.41
N LEU B 143 15.80 17.68 2.85
CA LEU B 143 14.54 16.95 2.90
C LEU B 143 14.07 16.56 1.50
N ASP B 144 14.27 17.45 0.52
CA ASP B 144 13.94 17.10 -0.86
C ASP B 144 14.76 15.90 -1.33
N SER B 145 16.04 15.88 -1.00
CA SER B 145 16.89 14.75 -1.38
C SER B 145 16.44 13.45 -0.73
N LEU B 146 16.09 13.51 0.55
CA LEU B 146 15.59 12.31 1.23
C LEU B 146 14.30 11.83 0.62
N GLN B 147 13.39 12.76 0.28
CA GLN B 147 12.14 12.39 -0.35
C GLN B 147 12.37 11.77 -1.72
N LYS B 148 13.34 12.30 -2.48
CA LYS B 148 13.65 11.68 -3.77
C LYS B 148 14.21 10.28 -3.59
N PHE B 149 15.09 10.09 -2.61
CA PHE B 149 15.62 8.76 -2.33
C PHE B 149 14.54 7.81 -1.83
N PHE B 150 13.43 8.33 -1.31
CA PHE B 150 12.36 7.44 -0.91
C PHE B 150 11.38 7.14 -2.04
N THR B 151 10.99 8.15 -2.82
CA THR B 151 10.04 7.91 -3.91
C THR B 151 10.65 7.01 -4.97
N LEU B 152 11.94 7.14 -5.24
CA LEU B 152 12.68 6.20 -6.06
C LEU B 152 13.39 5.27 -5.08
N ASN B 153 12.88 4.07 -4.92
CA ASN B 153 13.36 3.16 -3.89
C ASN B 153 14.85 2.89 -4.06
N ILE B 154 15.65 3.41 -3.14
CA ILE B 154 17.10 3.29 -3.20
C ILE B 154 17.63 2.47 -2.03
N ILE B 155 17.17 2.76 -0.82
CA ILE B 155 17.47 1.93 0.34
C ILE B 155 16.30 0.95 0.48
N ASN B 156 16.55 -0.31 0.14
CA ASN B 156 15.48 -1.29 -0.03
C ASN B 156 15.89 -2.59 0.65
N GLU B 157 15.13 -3.65 0.37
CA GLU B 157 15.35 -4.94 1.01
C GLU B 157 16.70 -5.55 0.68
N SER B 158 17.34 -5.11 -0.40
CA SER B 158 18.60 -5.68 -0.85
C SER B 158 19.77 -4.72 -0.60
N SER B 159 19.72 -4.01 0.52
CA SER B 159 20.79 -3.11 0.90
C SER B 159 21.14 -3.34 2.37
N GLN B 160 22.42 -3.17 2.69
CA GLN B 160 22.88 -3.40 4.05
C GLN B 160 22.31 -2.36 5.00
N ASN B 161 21.83 -2.82 6.14
CA ASN B 161 21.36 -1.97 7.23
C ASN B 161 20.24 -1.04 6.77
N TYR B 162 19.32 -1.59 5.97
CA TYR B 162 18.19 -0.78 5.50
C TYR B 162 17.22 -0.49 6.64
N ILE B 163 17.02 -1.44 7.54
CA ILE B 163 16.21 -1.18 8.73
C ILE B 163 16.80 -0.02 9.52
N GLY B 164 18.10 -0.10 9.79
CA GLY B 164 18.75 0.97 10.52
C GLY B 164 18.76 2.28 9.76
N ALA B 165 18.89 2.21 8.44
CA ALA B 165 18.88 3.43 7.63
C ALA B 165 17.55 4.16 7.74
N HIS B 166 16.45 3.43 7.60
CA HIS B 166 15.15 4.09 7.70
C HIS B 166 14.84 4.52 9.13
N ARG B 167 15.28 3.75 10.12
CA ARG B 167 15.12 4.19 11.50
C ARG B 167 15.87 5.49 11.76
N ALA B 168 17.10 5.60 11.25
CA ALA B 168 17.86 6.83 11.43
C ALA B 168 17.21 7.98 10.68
N THR B 169 16.64 7.72 9.50
CA THR B 169 15.93 8.77 8.78
C THR B 169 14.76 9.29 9.60
N VAL B 170 13.99 8.39 10.20
CA VAL B 170 12.85 8.83 10.99
C VAL B 170 13.29 9.56 12.25
N ASN B 171 14.36 9.08 12.90
CA ASN B 171 14.87 9.75 14.08
C ASN B 171 15.36 11.16 13.74
N ALA B 172 16.00 11.32 12.59
CA ALA B 172 16.37 12.66 12.15
C ALA B 172 15.14 13.52 11.89
N LEU B 173 14.11 12.95 11.27
CA LEU B 173 12.94 13.74 10.93
C LEU B 173 12.21 14.23 12.18
N THR B 174 12.09 13.38 13.19
CA THR B 174 11.36 13.77 14.40
C THR B 174 12.06 14.88 15.18
N HIS B 175 13.32 15.18 14.86
CA HIS B 175 14.06 16.24 15.51
C HIS B 175 14.56 17.28 14.51
N CYS B 176 13.80 17.53 13.45
CA CYS B 176 14.21 18.50 12.44
C CYS B 176 14.17 19.90 13.04
N ARG B 177 15.34 20.50 13.20
CA ARG B 177 15.45 21.85 13.73
C ARG B 177 16.27 22.71 12.78
N PHE B 178 15.90 23.97 12.68
CA PHE B 178 16.55 24.88 11.73
C PHE B 178 16.29 26.31 12.18
N GLU B 179 17.02 27.23 11.57
CA GLU B 179 16.82 28.66 11.76
C GLU B 179 16.23 29.26 10.49
N GLY B 180 15.74 30.50 10.61
CA GLY B 180 15.11 31.13 9.47
C GLY B 180 14.80 32.58 9.75
N SER B 181 14.24 33.24 8.74
CA SER B 181 13.85 34.64 8.82
C SER B 181 12.35 34.86 8.77
N GLN B 182 11.65 34.15 7.90
CA GLN B 182 10.20 34.28 7.75
C GLN B 182 9.52 33.03 8.29
N GLN B 183 8.20 33.00 8.15
CA GLN B 183 7.39 31.88 8.63
C GLN B 183 6.92 30.95 7.52
N LEU B 184 6.78 31.47 6.29
CA LEU B 184 6.38 30.61 5.18
C LEU B 184 7.43 29.54 4.92
N SER B 185 8.70 29.88 5.04
CA SER B 185 9.76 28.88 4.89
C SER B 185 9.64 27.81 5.97
N ASP B 186 9.34 28.22 7.21
CA ASP B 186 9.18 27.25 8.29
C ASP B 186 8.02 26.30 7.99
N ASP B 187 6.91 26.86 7.53
CA ASP B 187 5.76 26.02 7.20
C ASP B 187 6.10 25.06 6.08
N SER B 188 6.83 25.52 5.07
CA SER B 188 7.18 24.64 3.95
C SER B 188 8.09 23.51 4.40
N VAL B 189 9.09 23.82 5.21
CA VAL B 189 9.99 22.79 5.70
C VAL B 189 9.24 21.77 6.54
N LEU B 190 8.36 22.24 7.43
CA LEU B 190 7.62 21.30 8.26
C LEU B 190 6.62 20.48 7.44
N LEU B 191 6.06 21.06 6.38
CA LEU B 191 5.20 20.28 5.51
C LEU B 191 5.98 19.17 4.83
N LYS B 192 7.22 19.47 4.40
CA LYS B 192 8.06 18.42 3.85
C LYS B 192 8.33 17.33 4.88
N VAL B 193 8.59 17.73 6.13
CA VAL B 193 8.83 16.75 7.19
C VAL B 193 7.61 15.85 7.37
N VAL B 194 6.43 16.45 7.44
CA VAL B 194 5.21 15.69 7.66
C VAL B 194 4.94 14.74 6.51
N PHE B 195 5.15 15.21 5.27
CA PHE B 195 4.94 14.36 4.11
C PHE B 195 5.91 13.19 4.10
N LEU B 196 7.18 13.44 4.44
CA LEU B 196 8.15 12.35 4.46
C LEU B 196 7.81 11.33 5.53
N LEU B 197 7.36 11.79 6.70
CA LEU B 197 6.95 10.87 7.75
C LEU B 197 5.75 10.04 7.32
N ARG B 198 4.76 10.67 6.69
CA ARG B 198 3.59 9.94 6.22
C ARG B 198 3.97 8.91 5.16
N SER B 199 4.92 9.26 4.29
CA SER B 199 5.39 8.30 3.29
C SER B 199 6.10 7.13 3.95
N ILE B 200 6.96 7.39 4.93
CA ILE B 200 7.74 6.31 5.54
C ILE B 200 6.82 5.36 6.31
N VAL B 201 5.90 5.91 7.11
CA VAL B 201 5.08 5.07 7.97
C VAL B 201 4.14 4.20 7.15
N ASP B 202 3.65 4.70 6.02
CA ASP B 202 2.69 3.97 5.20
C ASP B 202 3.36 3.06 4.17
N SER B 203 4.57 2.60 4.45
CA SER B 203 5.35 1.72 3.60
C SER B 203 5.78 0.51 4.42
N PRO B 204 6.21 -0.57 3.77
CA PRO B 204 6.72 -1.71 4.55
C PRO B 204 7.87 -1.34 5.46
N TYR B 205 8.74 -0.43 5.00
CA TYR B 205 9.85 0.02 5.81
C TYR B 205 9.36 0.75 7.04
N GLY B 206 8.17 1.34 6.98
CA GLY B 206 7.54 1.85 8.18
C GLY B 206 7.11 0.74 9.12
N ASP B 207 6.64 -0.37 8.56
CA ASP B 207 6.27 -1.51 9.38
C ASP B 207 7.49 -2.09 10.08
N LEU B 208 8.67 -1.89 9.51
CA LEU B 208 9.90 -2.39 10.12
C LEU B 208 10.51 -1.43 11.14
N LEU B 209 9.77 -0.41 11.57
CA LEU B 209 10.31 0.57 12.51
C LEU B 209 10.17 0.06 13.94
N SER B 210 10.44 0.94 14.91
CA SER B 210 10.52 0.57 16.31
C SER B 210 9.39 1.20 17.10
N ASN B 211 9.16 0.66 18.30
CA ASN B 211 8.10 1.16 19.16
C ASN B 211 8.38 2.59 19.60
N SER B 212 9.59 2.85 20.09
CA SER B 212 9.95 4.20 20.50
C SER B 212 9.90 5.16 19.33
N ILE B 213 10.35 4.71 18.16
CA ILE B 213 10.34 5.55 16.97
C ILE B 213 8.91 5.91 16.57
N ILE B 214 8.01 4.93 16.56
CA ILE B 214 6.62 5.22 16.18
C ILE B 214 5.98 6.13 17.21
N TYR B 215 6.26 5.94 18.49
CA TYR B 215 5.70 6.82 19.50
C TYR B 215 6.21 8.25 19.33
N ASP B 216 7.49 8.40 18.99
CA ASP B 216 8.03 9.73 18.72
C ASP B 216 7.36 10.37 17.51
N VAL B 217 7.13 9.59 16.45
CA VAL B 217 6.43 10.11 15.28
C VAL B 217 5.03 10.58 15.66
N LEU B 218 4.33 9.77 16.45
CA LEU B 218 2.99 10.14 16.90
C LEU B 218 3.02 11.45 17.68
N GLN B 219 3.97 11.57 18.61
CA GLN B 219 4.04 12.77 19.43
C GLN B 219 4.37 13.99 18.60
N THR B 220 5.28 13.86 17.63
CA THR B 220 5.66 14.99 16.79
C THR B 220 4.49 15.47 15.95
N ILE B 221 3.85 14.55 15.23
CA ILE B 221 2.75 14.97 14.37
C ILE B 221 1.58 15.50 15.20
N LEU B 222 1.35 14.93 16.38
CA LEU B 222 0.26 15.42 17.23
C LEU B 222 0.57 16.80 17.77
N SER B 223 1.82 17.06 18.12
CA SER B 223 2.20 18.40 18.56
C SER B 223 1.99 19.41 17.44
N LEU B 224 2.34 19.05 16.20
CA LEU B 224 2.06 19.93 15.09
C LEU B 224 0.57 20.16 14.91
N ALA B 225 -0.23 19.10 15.02
CA ALA B 225 -1.67 19.20 14.77
C ALA B 225 -2.44 19.83 15.93
N CYS B 226 -1.83 20.02 17.09
CA CYS B 226 -2.51 20.59 18.24
C CYS B 226 -1.82 21.85 18.74
N ASN B 227 -1.11 22.54 17.85
CA ASN B 227 -0.43 23.79 18.19
C ASN B 227 -1.16 24.94 17.52
N ASN B 228 -1.60 25.91 18.32
CA ASN B 228 -2.35 27.03 17.80
C ASN B 228 -1.49 28.07 17.11
N ARG B 229 -0.17 27.96 17.22
CA ARG B 229 0.75 28.98 16.73
C ARG B 229 1.24 28.72 15.31
N ARG B 230 0.86 27.61 14.70
CA ARG B 230 1.24 27.32 13.33
C ARG B 230 0.20 27.90 12.39
N SER B 231 0.30 27.57 11.10
CA SER B 231 -0.66 28.02 10.11
C SER B 231 -1.88 27.11 10.16
N GLU B 232 -2.75 27.22 9.16
CA GLU B 232 -3.91 26.34 9.06
C GLU B 232 -3.67 25.17 8.12
N VAL B 233 -3.02 25.41 6.98
CA VAL B 233 -2.76 24.32 6.04
C VAL B 233 -1.80 23.32 6.65
N LEU B 234 -0.80 23.80 7.40
CA LEU B 234 0.13 22.89 8.07
C LEU B 234 -0.59 22.02 9.08
N ARG B 235 -1.49 22.61 9.87
CA ARG B 235 -2.23 21.83 10.86
C ARG B 235 -3.14 20.82 10.19
N ASN B 236 -3.78 21.19 9.08
CA ASN B 236 -4.63 20.23 8.39
C ASN B 236 -3.82 19.08 7.81
N ALA B 237 -2.63 19.37 7.28
CA ALA B 237 -1.75 18.30 6.81
C ALA B 237 -1.35 17.39 7.96
N ALA B 238 -1.02 17.96 9.10
CA ALA B 238 -0.65 17.16 10.27
C ALA B 238 -1.80 16.28 10.71
N GLN B 239 -3.02 16.82 10.72
CA GLN B 239 -4.17 16.02 11.13
C GLN B 239 -4.44 14.88 10.17
N SER B 240 -4.34 15.14 8.86
CA SER B 240 -4.52 14.07 7.89
C SER B 240 -3.47 12.99 8.08
N THR B 241 -2.23 13.39 8.32
CA THR B 241 -1.17 12.40 8.57
C THR B 241 -1.45 11.61 9.83
N MET B 242 -1.96 12.26 10.87
CA MET B 242 -2.26 11.52 12.10
C MET B 242 -3.36 10.49 11.87
N ILE B 243 -4.38 10.85 11.09
CA ILE B 243 -5.43 9.88 10.79
C ILE B 243 -4.93 8.70 9.95
N ALA B 244 -4.00 8.96 9.03
CA ALA B 244 -3.42 7.87 8.25
C ALA B 244 -2.55 6.97 9.13
N VAL B 245 -1.73 7.56 9.99
CA VAL B 245 -0.86 6.77 10.85
C VAL B 245 -1.68 5.95 11.84
N THR B 246 -2.77 6.53 12.37
CA THR B 246 -3.63 5.78 13.27
C THR B 246 -4.23 4.57 12.57
N VAL B 247 -4.72 4.76 11.36
CA VAL B 247 -5.29 3.65 10.61
C VAL B 247 -4.25 2.57 10.38
N LYS B 248 -3.03 2.96 10.01
CA LYS B 248 -1.99 1.96 9.77
C LYS B 248 -1.67 1.18 11.04
N ILE B 249 -1.54 1.89 12.17
CA ILE B 249 -1.18 1.25 13.43
C ILE B 249 -2.24 0.25 13.85
N PHE B 250 -3.52 0.65 13.80
CA PHE B 250 -4.54 -0.28 14.27
C PHE B 250 -4.83 -1.38 13.28
N SER B 251 -4.61 -1.13 11.99
CA SER B 251 -4.65 -2.23 11.02
C SER B 251 -3.59 -3.27 11.37
N LYS B 252 -2.38 -2.83 11.68
CA LYS B 252 -1.37 -3.77 12.12
C LYS B 252 -1.76 -4.45 13.43
N LEU B 253 -2.50 -3.74 14.28
CA LEU B 253 -3.08 -4.38 15.46
C LEU B 253 -3.94 -5.58 15.08
N LYS B 254 -4.68 -5.46 13.98
CA LYS B 254 -5.53 -6.59 13.59
C LYS B 254 -4.77 -7.64 12.81
N THR B 255 -3.58 -8.02 13.30
CA THR B 255 -2.89 -9.22 12.84
C THR B 255 -2.18 -9.96 13.95
N ILE B 256 -2.01 -9.36 15.13
CA ILE B 256 -1.25 -9.95 16.22
C ILE B 256 -2.25 -10.76 17.02
N GLU B 257 -1.86 -11.98 17.39
CA GLU B 257 -2.66 -12.77 18.30
C GLU B 257 -2.55 -12.22 19.71
N PRO B 258 -3.61 -12.32 20.50
CA PRO B 258 -3.52 -11.88 21.90
C PRO B 258 -2.50 -12.71 22.67
N VAL B 259 -1.90 -12.08 23.67
CA VAL B 259 -0.81 -12.72 24.41
C VAL B 259 -1.27 -14.03 25.04
N ASN B 260 -2.47 -14.03 25.63
CA ASN B 260 -3.00 -15.24 26.23
C ASN B 260 -4.52 -15.12 26.30
N VAL B 261 -5.21 -16.23 26.05
CA VAL B 261 -6.66 -16.27 26.08
C VAL B 261 -7.21 -17.00 27.29
N ASN B 262 -6.35 -17.60 28.11
CA ASN B 262 -6.79 -18.31 29.31
C ASN B 262 -6.43 -17.59 30.60
N GLN B 263 -5.43 -16.73 30.59
CA GLN B 263 -5.03 -16.01 31.80
C GLN B 263 -6.01 -14.89 32.10
N ILE B 264 -5.94 -14.39 33.33
CA ILE B 264 -6.81 -13.34 33.82
C ILE B 264 -5.99 -12.06 33.96
N TYR B 265 -6.49 -10.97 33.39
CA TYR B 265 -5.77 -9.71 33.40
C TYR B 265 -6.24 -8.85 34.56
N ILE B 266 -5.28 -8.34 35.33
CA ILE B 266 -5.54 -7.47 36.47
C ILE B 266 -5.07 -6.08 36.10
N ASN B 267 -5.95 -5.10 36.20
CA ASN B 267 -5.65 -3.73 35.80
C ASN B 267 -4.71 -3.11 36.82
N ASP B 268 -3.42 -3.03 36.47
CA ASP B 268 -2.44 -2.43 37.35
C ASP B 268 -1.58 -1.37 36.67
N GLU B 269 -1.69 -1.19 35.36
CA GLU B 269 -0.94 -0.16 34.66
C GLU B 269 -1.66 1.17 34.78
N SER B 270 -0.93 2.20 35.21
CA SER B 270 -1.53 3.50 35.43
C SER B 270 -1.84 4.19 34.11
N TYR B 271 -2.80 5.12 34.15
CA TYR B 271 -3.19 5.87 32.97
C TYR B 271 -2.43 7.18 32.85
N THR B 272 -2.06 7.80 33.97
CA THR B 272 -1.38 9.09 33.95
C THR B 272 0.14 8.87 33.86
N ASN B 273 0.57 8.42 32.68
CA ASN B 273 1.98 8.20 32.43
C ASN B 273 2.44 8.89 31.17
N ASP B 274 1.55 9.02 30.19
CA ASP B 274 1.88 9.60 28.89
C ASP B 274 1.14 10.92 28.74
N VAL B 275 1.89 11.99 28.51
CA VAL B 275 1.33 13.32 28.29
C VAL B 275 1.93 13.88 27.01
N LEU B 276 1.12 14.60 26.25
CA LEU B 276 1.60 15.20 25.02
C LEU B 276 2.71 16.19 25.30
N LYS B 277 3.79 16.09 24.52
CA LYS B 277 4.97 16.91 24.72
C LYS B 277 4.86 18.23 23.96
N ALA B 278 5.76 19.16 24.29
CA ALA B 278 5.77 20.45 23.63
C ALA B 278 6.27 20.32 22.20
N ASP B 279 5.93 21.32 21.38
CA ASP B 279 6.30 21.33 19.98
C ASP B 279 7.71 21.88 19.86
N THR B 280 8.70 21.00 19.98
CA THR B 280 10.10 21.37 19.89
C THR B 280 10.64 21.33 18.46
N ILE B 281 9.84 20.87 17.50
CA ILE B 281 10.30 20.82 16.13
C ILE B 281 10.36 22.23 15.54
N GLY B 282 11.11 22.36 14.46
CA GLY B 282 11.23 23.65 13.79
C GLY B 282 12.17 24.59 14.51
N THR B 283 11.95 25.88 14.28
CA THR B 283 12.78 26.93 14.87
C THR B 283 12.54 27.05 16.37
N ALA B 345 7.40 -7.93 25.69
CA ALA B 345 7.76 -7.06 24.57
C ALA B 345 8.32 -5.75 25.08
N TYR B 346 9.24 -5.19 24.32
CA TYR B 346 9.89 -3.93 24.67
C TYR B 346 10.12 -3.13 23.40
N ALA B 347 10.85 -2.02 23.52
CA ALA B 347 11.17 -1.18 22.38
C ALA B 347 12.22 -1.86 21.52
N ASP B 348 12.73 -1.14 20.52
CA ASP B 348 13.74 -1.64 19.59
C ASP B 348 13.28 -2.89 18.84
N ASP B 349 11.97 -3.09 18.76
CA ASP B 349 11.39 -4.21 18.04
C ASP B 349 10.37 -3.67 17.05
N ASN B 350 10.06 -4.50 16.05
CA ASN B 350 9.01 -4.14 15.10
C ASN B 350 7.73 -3.85 15.87
N TYR B 351 7.13 -2.70 15.60
CA TYR B 351 6.14 -2.16 16.51
C TYR B 351 4.90 -3.03 16.56
N GLY B 352 4.39 -3.23 17.76
CA GLY B 352 3.21 -4.04 17.96
C GLY B 352 2.28 -3.46 19.01
N LEU B 353 1.91 -4.28 19.99
CA LEU B 353 1.00 -3.82 21.03
C LEU B 353 1.53 -2.65 21.88
N PRO B 354 2.80 -2.60 22.32
CA PRO B 354 3.18 -1.53 23.24
C PRO B 354 2.95 -0.14 22.70
N VAL B 355 3.23 0.09 21.41
CA VAL B 355 2.99 1.41 20.85
C VAL B 355 1.50 1.67 20.73
N VAL B 356 0.69 0.65 20.49
CA VAL B 356 -0.76 0.84 20.45
C VAL B 356 -1.27 1.25 21.82
N ARG B 357 -0.79 0.61 22.88
CA ARG B 357 -1.21 0.97 24.22
C ARG B 357 -0.78 2.39 24.57
N GLN B 358 0.45 2.76 24.24
CA GLN B 358 0.91 4.11 24.52
C GLN B 358 0.12 5.14 23.71
N TYR B 359 -0.20 4.82 22.47
CA TYR B 359 -0.96 5.74 21.62
C TYR B 359 -2.35 5.94 22.16
N LEU B 360 -3.01 4.86 22.59
CA LEU B 360 -4.34 5.00 23.16
C LEU B 360 -4.30 5.75 24.47
N ASN B 361 -3.25 5.56 25.26
CA ASN B 361 -3.10 6.32 26.49
C ASN B 361 -2.93 7.81 26.22
N LEU B 362 -2.14 8.15 25.19
CA LEU B 362 -1.99 9.56 24.82
C LEU B 362 -3.31 10.16 24.36
N LEU B 363 -4.05 9.41 23.53
CA LEU B 363 -5.35 9.90 23.09
C LEU B 363 -6.30 10.10 24.26
N LEU B 364 -6.21 9.22 25.27
CA LEU B 364 -6.98 9.44 26.49
C LEU B 364 -6.52 10.70 27.20
N SER B 365 -5.22 10.96 27.21
CA SER B 365 -4.70 12.14 27.87
C SER B 365 -5.22 13.41 27.21
N LEU B 366 -5.44 13.38 25.90
CA LEU B 366 -6.00 14.56 25.24
C LEU B 366 -7.41 14.87 25.73
N ILE B 367 -8.26 13.83 25.86
CA ILE B 367 -9.64 14.00 26.27
C ILE B 367 -9.80 13.39 27.66
N ALA B 368 -9.69 14.23 28.69
CA ALA B 368 -9.79 13.72 30.05
C ALA B 368 -10.25 14.84 30.95
N PRO B 369 -11.08 14.55 31.95
CA PRO B 369 -11.53 15.62 32.87
C PRO B 369 -10.40 16.29 33.61
N GLU B 370 -9.35 15.54 33.99
CA GLU B 370 -8.28 16.14 34.76
C GLU B 370 -7.41 17.06 33.90
N ASN B 371 -7.38 16.84 32.59
CA ASN B 371 -6.60 17.64 31.66
C ASN B 371 -7.46 18.63 30.88
N GLU B 372 -8.61 19.03 31.42
CA GLU B 372 -9.60 19.77 30.66
C GLU B 372 -9.07 21.16 30.28
N LEU B 373 -8.53 21.88 31.24
CA LEU B 373 -8.13 23.26 31.00
C LEU B 373 -6.78 23.38 30.30
N LYS B 374 -6.01 22.30 30.20
CA LYS B 374 -4.71 22.34 29.56
C LYS B 374 -4.78 22.07 28.06
N HIS B 375 -5.97 21.83 27.51
CA HIS B 375 -6.12 21.57 26.09
C HIS B 375 -7.28 22.39 25.54
N SER B 376 -7.13 22.80 24.29
CA SER B 376 -8.18 23.56 23.62
C SER B 376 -9.29 22.63 23.17
N TYR B 377 -10.37 23.22 22.67
CA TYR B 377 -11.48 22.42 22.18
C TYR B 377 -11.10 21.64 20.93
N SER B 378 -10.29 22.25 20.06
CA SER B 378 -9.90 21.59 18.82
C SER B 378 -9.09 20.34 19.10
N THR B 379 -8.17 20.40 20.07
CA THR B 379 -7.37 19.22 20.40
C THR B 379 -8.24 18.09 20.89
N ARG B 380 -9.21 18.39 21.75
CA ARG B 380 -10.08 17.35 22.28
C ARG B 380 -10.97 16.76 21.20
N ILE B 381 -11.50 17.59 20.30
CA ILE B 381 -12.31 17.06 19.21
C ILE B 381 -11.47 16.16 18.31
N PHE B 382 -10.23 16.58 18.05
CA PHE B 382 -9.34 15.76 17.22
C PHE B 382 -9.02 14.44 17.91
N GLY B 383 -8.83 14.46 19.22
CA GLY B 383 -8.58 13.22 19.92
C GLY B 383 -9.77 12.27 19.89
N LEU B 384 -10.97 12.82 20.04
CA LEU B 384 -12.17 12.00 19.93
C LEU B 384 -12.29 11.41 18.53
N GLU B 385 -11.98 12.21 17.50
CA GLU B 385 -12.04 11.70 16.13
C GLU B 385 -11.01 10.60 15.91
N LEU B 386 -9.82 10.74 16.49
CA LEU B 386 -8.80 9.72 16.35
C LEU B 386 -9.21 8.42 17.04
N ILE B 387 -9.77 8.51 18.25
CA ILE B 387 -10.24 7.30 18.92
C ILE B 387 -11.35 6.65 18.13
N GLN B 388 -12.23 7.46 17.53
CA GLN B 388 -13.30 6.90 16.72
C GLN B 388 -12.77 6.19 15.49
N THR B 389 -11.78 6.78 14.82
CA THR B 389 -11.16 6.11 13.68
C THR B 389 -10.47 4.82 14.10
N ALA B 390 -9.82 4.84 15.27
CA ALA B 390 -9.18 3.64 15.78
C ALA B 390 -10.19 2.53 15.99
N LEU B 391 -11.32 2.86 16.62
CA LEU B 391 -12.37 1.86 16.82
C LEU B 391 -12.91 1.35 15.51
N GLU B 392 -13.18 2.26 14.56
CA GLU B 392 -13.78 1.85 13.30
C GLU B 392 -12.87 0.91 12.53
N ILE B 393 -11.56 1.19 12.52
CA ILE B 393 -10.63 0.30 11.84
C ILE B 393 -10.46 -1.01 12.59
N SER B 394 -10.30 -0.94 13.91
CA SER B 394 -10.01 -2.15 14.69
C SER B 394 -11.20 -3.09 14.73
N GLY B 395 -12.31 -2.63 15.29
CA GLY B 395 -13.51 -3.44 15.31
C GLY B 395 -13.71 -4.17 16.63
N ASP B 396 -14.38 -5.32 16.56
CA ASP B 396 -14.65 -6.12 17.74
C ASP B 396 -13.46 -6.95 18.19
N ARG B 397 -12.28 -6.70 17.64
CA ARG B 397 -11.08 -7.38 18.07
C ARG B 397 -10.39 -6.69 19.24
N LEU B 398 -10.86 -5.51 19.64
CA LEU B 398 -10.21 -4.81 20.73
C LEU B 398 -10.49 -5.44 22.08
N GLN B 399 -11.48 -6.32 22.17
CA GLN B 399 -11.75 -6.99 23.44
C GLN B 399 -10.84 -8.18 23.68
N LEU B 400 -10.14 -8.66 22.65
CA LEU B 400 -9.15 -9.72 22.86
C LEU B 400 -7.87 -9.20 23.47
N TYR B 401 -7.66 -7.89 23.47
CA TYR B 401 -6.48 -7.29 24.07
C TYR B 401 -6.90 -6.59 25.35
N PRO B 402 -6.57 -7.14 26.53
CA PRO B 402 -7.12 -6.61 27.77
C PRO B 402 -6.78 -5.17 28.06
N ARG B 403 -5.56 -4.72 27.75
CA ARG B 403 -5.16 -3.37 28.14
C ARG B 403 -5.90 -2.31 27.33
N LEU B 404 -5.95 -2.51 26.01
CA LEU B 404 -6.69 -1.58 25.16
C LEU B 404 -8.15 -1.54 25.56
N PHE B 405 -8.72 -2.68 25.92
CA PHE B 405 -10.12 -2.68 26.32
C PHE B 405 -10.33 -2.02 27.66
N THR B 406 -9.40 -2.15 28.59
CA THR B 406 -9.54 -1.43 29.85
C THR B 406 -9.48 0.07 29.62
N LEU B 407 -8.58 0.51 28.75
CA LEU B 407 -8.51 1.94 28.46
C LEU B 407 -9.77 2.43 27.78
N ILE B 408 -10.38 1.62 26.92
CA ILE B 408 -11.64 2.02 26.30
C ILE B 408 -12.78 2.01 27.33
N SER B 409 -12.78 1.04 28.23
CA SER B 409 -13.90 0.86 29.16
C SER B 409 -13.88 1.89 30.27
N ASP B 410 -12.86 1.87 31.10
CA ASP B 410 -12.92 2.73 32.27
C ASP B 410 -12.63 4.19 31.94
N PRO B 411 -11.42 4.56 31.51
CA PRO B 411 -11.10 6.00 31.44
C PRO B 411 -11.76 6.71 30.27
N ILE B 412 -11.77 6.11 29.08
CA ILE B 412 -12.32 6.80 27.92
C ILE B 412 -13.83 6.97 28.05
N PHE B 413 -14.51 5.94 28.57
CA PHE B 413 -15.94 6.10 28.80
C PHE B 413 -16.21 7.08 29.92
N LYS B 414 -15.34 7.14 30.93
CA LYS B 414 -15.49 8.19 31.93
C LYS B 414 -15.41 9.56 31.30
N SER B 415 -14.46 9.76 30.40
CA SER B 415 -14.30 11.04 29.74
C SER B 415 -15.51 11.37 28.88
N ILE B 416 -16.03 10.38 28.16
CA ILE B 416 -17.22 10.59 27.34
C ILE B 416 -18.39 11.02 28.20
N LEU B 417 -18.59 10.34 29.33
CA LEU B 417 -19.70 10.67 30.21
C LEU B 417 -19.54 12.07 30.80
N PHE B 418 -18.30 12.41 31.20
CA PHE B 418 -18.06 13.74 31.74
C PHE B 418 -18.36 14.83 30.72
N ILE B 419 -17.96 14.62 29.48
CA ILE B 419 -18.22 15.63 28.46
C ILE B 419 -19.71 15.71 28.16
N ILE B 420 -20.40 14.56 28.12
CA ILE B 420 -21.84 14.59 27.86
C ILE B 420 -22.58 15.31 28.98
N GLN B 421 -22.10 15.17 30.21
CA GLN B 421 -22.84 15.73 31.34
C GLN B 421 -22.46 17.16 31.68
N ASN B 422 -21.24 17.59 31.38
CA ASN B 422 -20.74 18.88 31.86
C ASN B 422 -20.07 19.68 30.75
N THR B 423 -20.74 19.80 29.60
CA THR B 423 -20.17 20.57 28.49
C THR B 423 -21.26 21.39 27.82
N THR B 424 -20.91 22.61 27.41
CA THR B 424 -21.82 23.49 26.69
C THR B 424 -21.48 23.64 25.22
N LYS B 425 -20.25 23.36 24.81
CA LYS B 425 -19.86 23.50 23.42
C LYS B 425 -20.55 22.43 22.57
N LEU B 426 -21.09 22.84 21.43
CA LEU B 426 -21.84 21.91 20.59
C LEU B 426 -20.93 20.95 19.83
N SER B 427 -19.81 21.44 19.30
CA SER B 427 -18.94 20.58 18.50
C SER B 427 -18.34 19.45 19.34
N LEU B 428 -17.90 19.77 20.55
CA LEU B 428 -17.35 18.75 21.44
C LEU B 428 -18.40 17.72 21.80
N LEU B 429 -19.63 18.17 22.07
CA LEU B 429 -20.70 17.23 22.39
C LEU B 429 -21.00 16.34 21.20
N GLN B 430 -20.96 16.89 19.98
CA GLN B 430 -21.20 16.09 18.79
C GLN B 430 -20.15 15.01 18.63
N ALA B 431 -18.87 15.37 18.82
CA ALA B 431 -17.81 14.38 18.70
C ALA B 431 -17.95 13.30 19.77
N THR B 432 -18.25 13.71 21.01
CA THR B 432 -18.42 12.75 22.09
C THR B 432 -19.57 11.80 21.82
N LEU B 433 -20.69 12.31 21.32
CA LEU B 433 -21.84 11.46 21.05
C LEU B 433 -21.56 10.51 19.89
N GLN B 434 -20.82 10.98 18.88
CA GLN B 434 -20.45 10.08 17.79
C GLN B 434 -19.59 8.93 18.30
N LEU B 435 -18.61 9.25 19.15
CA LEU B 435 -17.79 8.17 19.71
C LEU B 435 -18.63 7.23 20.58
N PHE B 436 -19.55 7.79 21.36
CA PHE B 436 -20.37 6.97 22.25
C PHE B 436 -21.24 6.02 21.45
N THR B 437 -21.88 6.50 20.39
CA THR B 437 -22.73 5.61 19.62
C THR B 437 -21.91 4.59 18.83
N THR B 438 -20.71 4.97 18.39
CA THR B 438 -19.83 3.99 17.77
C THR B 438 -19.47 2.89 18.77
N LEU B 439 -19.17 3.27 20.02
CA LEU B 439 -18.85 2.27 21.03
C LEU B 439 -20.04 1.36 21.28
N VAL B 440 -21.25 1.92 21.36
CA VAL B 440 -22.43 1.11 21.60
C VAL B 440 -22.63 0.10 20.47
N VAL B 441 -22.47 0.55 19.22
CA VAL B 441 -22.73 -0.33 18.09
C VAL B 441 -21.67 -1.42 18.00
N ILE B 442 -20.39 -1.06 18.14
CA ILE B 442 -19.31 -2.02 17.92
C ILE B 442 -19.10 -2.89 19.15
N LEU B 443 -18.72 -2.28 20.27
CA LEU B 443 -18.45 -3.01 21.51
C LEU B 443 -19.55 -2.66 22.50
N GLY B 444 -20.66 -3.38 22.40
CA GLY B 444 -21.78 -3.14 23.29
C GLY B 444 -22.10 -4.36 24.12
N ASN B 445 -21.74 -5.53 23.61
CA ASN B 445 -21.94 -6.75 24.38
C ASN B 445 -20.95 -6.88 25.52
N ASN B 446 -19.88 -6.09 25.51
CA ASN B 446 -18.89 -6.11 26.58
C ASN B 446 -18.89 -4.85 27.43
N LEU B 447 -19.67 -3.84 27.06
CA LEU B 447 -19.81 -2.59 27.82
C LEU B 447 -21.30 -2.40 28.10
N GLN B 448 -21.78 -3.00 29.18
CA GLN B 448 -23.20 -2.88 29.50
C GLN B 448 -23.48 -1.91 30.63
N LEU B 449 -22.70 -1.96 31.71
CA LEU B 449 -22.91 -1.01 32.79
C LEU B 449 -22.63 0.42 32.34
N GLN B 450 -21.60 0.60 31.52
CA GLN B 450 -21.28 1.93 31.00
C GLN B 450 -22.41 2.48 30.14
N ILE B 451 -22.94 1.65 29.23
CA ILE B 451 -24.02 2.11 28.38
C ILE B 451 -25.26 2.41 29.20
N GLU B 452 -25.55 1.57 30.21
CA GLU B 452 -26.69 1.84 31.09
C GLU B 452 -26.55 3.20 31.76
N LEU B 453 -25.39 3.47 32.36
CA LEU B 453 -25.19 4.72 33.07
C LEU B 453 -25.27 5.91 32.12
N THR B 454 -24.65 5.80 30.94
CA THR B 454 -24.67 6.92 29.99
C THR B 454 -26.07 7.19 29.48
N LEU B 455 -26.83 6.14 29.17
CA LEU B 455 -28.20 6.35 28.71
C LEU B 455 -29.06 6.95 29.81
N THR B 456 -28.87 6.51 31.05
CA THR B 456 -29.65 7.10 32.15
C THR B 456 -29.35 8.58 32.29
N ARG B 457 -28.06 8.96 32.20
CA ARG B 457 -27.72 10.37 32.27
C ARG B 457 -28.32 11.17 31.12
N ILE B 458 -28.29 10.60 29.92
CA ILE B 458 -28.84 11.30 28.77
C ILE B 458 -30.35 11.52 28.93
N PHE B 459 -31.07 10.50 29.41
CA PHE B 459 -32.50 10.68 29.65
C PHE B 459 -32.76 11.69 30.75
N SER B 460 -31.89 11.73 31.76
CA SER B 460 -32.02 12.77 32.78
C SER B 460 -31.88 14.15 32.18
N ILE B 461 -30.94 14.32 31.25
CA ILE B 461 -30.75 15.62 30.60
C ILE B 461 -31.96 15.97 29.74
N LEU B 462 -32.49 15.01 28.99
CA LEU B 462 -33.58 15.30 28.08
C LEU B 462 -34.90 15.59 28.78
N LEU B 463 -35.07 15.14 30.02
CA LEU B 463 -36.35 15.25 30.73
C LEU B 463 -36.23 16.15 31.94
N ASP B 464 -35.53 17.27 31.80
CA ASP B 464 -35.49 18.26 32.86
C ASP B 464 -35.15 19.64 32.29
N LYS B 478 -28.41 25.12 28.81
CA LYS B 478 -29.21 24.20 27.99
C LYS B 478 -30.20 24.96 27.11
N PRO B 479 -29.73 25.49 25.99
CA PRO B 479 -30.62 26.25 25.10
C PRO B 479 -31.46 25.35 24.21
N SER B 480 -31.55 24.08 24.59
CA SER B 480 -32.35 23.05 23.93
C SER B 480 -31.73 22.61 22.60
N ILE B 481 -30.73 23.36 22.13
CA ILE B 481 -29.99 22.87 20.97
C ILE B 481 -29.11 21.70 21.38
N ILE B 482 -28.65 21.68 22.63
CA ILE B 482 -28.00 20.50 23.19
C ILE B 482 -28.96 19.31 23.12
N LYS B 483 -30.22 19.54 23.46
CA LYS B 483 -31.19 18.45 23.45
C LYS B 483 -31.42 17.94 22.04
N GLU B 484 -31.49 18.84 21.05
CA GLU B 484 -31.65 18.38 19.67
C GLU B 484 -30.44 17.56 19.22
N LEU B 485 -29.24 18.01 19.57
CA LEU B 485 -28.04 17.26 19.23
C LEU B 485 -28.06 15.87 19.86
N LEU B 486 -28.41 15.80 21.14
CA LEU B 486 -28.48 14.52 21.84
C LEU B 486 -29.49 13.60 21.17
N ILE B 487 -30.67 14.12 20.85
CA ILE B 487 -31.72 13.25 20.35
C ILE B 487 -31.37 12.73 18.97
N GLU B 488 -30.71 13.52 18.14
CA GLU B 488 -30.30 13.01 16.83
C GLU B 488 -29.21 11.95 16.97
N GLN B 489 -28.17 12.26 17.76
CA GLN B 489 -27.05 11.34 17.89
C GLN B 489 -27.41 10.10 18.71
N ILE B 490 -28.57 10.08 19.36
CA ILE B 490 -29.04 8.87 20.01
C ILE B 490 -30.02 8.16 19.08
N SER B 491 -30.70 8.92 18.23
CA SER B 491 -31.58 8.31 17.24
C SER B 491 -30.81 7.44 16.28
N ILE B 492 -29.52 7.74 16.07
CA ILE B 492 -28.72 6.82 15.25
C ILE B 492 -28.70 5.41 15.82
N LEU B 493 -29.09 5.23 17.08
CA LEU B 493 -28.99 3.92 17.72
C LEU B 493 -30.11 2.99 17.27
N TRP B 494 -31.37 3.37 17.50
CA TRP B 494 -32.48 2.47 17.31
C TRP B 494 -32.88 2.26 15.85
N THR B 495 -32.31 3.02 14.93
CA THR B 495 -32.40 2.67 13.52
C THR B 495 -31.33 1.62 13.26
N ARG B 496 -31.18 1.19 12.00
CA ARG B 496 -30.03 0.36 11.61
C ARG B 496 -29.99 -0.93 12.44
N SER B 497 -30.91 -1.84 12.11
CA SER B 497 -31.29 -3.01 12.92
C SER B 497 -32.03 -2.59 14.18
N PRO B 498 -33.30 -2.17 14.05
CA PRO B 498 -34.06 -1.61 15.18
C PRO B 498 -34.31 -2.58 16.33
N SER B 499 -33.71 -3.76 16.30
CA SER B 499 -33.83 -4.74 17.39
C SER B 499 -33.17 -4.27 18.69
N PHE B 500 -32.76 -3.00 18.71
CA PHE B 500 -32.11 -2.42 19.88
C PHE B 500 -33.00 -2.50 21.11
N PHE B 501 -34.30 -2.25 20.94
CA PHE B 501 -35.20 -2.27 22.09
C PHE B 501 -35.31 -3.68 22.67
N THR B 502 -35.43 -4.70 21.82
CA THR B 502 -35.49 -6.07 22.32
C THR B 502 -34.18 -6.46 23.00
N SER B 503 -33.05 -6.12 22.39
CA SER B 503 -31.76 -6.45 22.99
C SER B 503 -31.59 -5.75 24.34
N THR B 504 -31.95 -4.48 24.42
CA THR B 504 -31.83 -3.75 25.67
C THR B 504 -32.76 -4.29 26.73
N PHE B 505 -33.99 -4.64 26.35
CA PHE B 505 -34.90 -5.29 27.29
C PHE B 505 -34.28 -6.56 27.86
N ILE B 506 -33.78 -7.43 26.98
CA ILE B 506 -33.22 -8.70 27.41
C ILE B 506 -32.03 -8.49 28.33
N ASN B 507 -31.13 -7.58 27.97
CA ASN B 507 -29.86 -7.44 28.69
C ASN B 507 -29.94 -6.56 29.92
N PHE B 508 -30.94 -5.68 30.03
CA PHE B 508 -30.99 -4.75 31.15
C PHE B 508 -32.26 -4.90 31.98
N ASP B 509 -33.43 -4.94 31.34
CA ASP B 509 -34.67 -4.95 32.13
C ASP B 509 -34.91 -6.32 32.75
N CYS B 510 -34.42 -7.38 32.12
CA CYS B 510 -34.64 -8.72 32.64
C CYS B 510 -33.76 -9.01 33.86
N ASN B 511 -32.51 -8.58 33.84
CA ASN B 511 -31.61 -8.84 34.96
C ASN B 511 -32.04 -8.05 36.19
N LEU B 512 -31.83 -8.66 37.36
CA LEU B 512 -32.28 -8.06 38.60
C LEU B 512 -31.33 -7.00 39.14
N ASP B 513 -30.12 -6.90 38.59
CA ASP B 513 -29.12 -5.97 39.07
C ASP B 513 -29.02 -4.72 38.21
N ARG B 514 -29.97 -4.51 37.31
CA ARG B 514 -29.92 -3.40 36.36
C ARG B 514 -31.23 -2.63 36.40
N ALA B 515 -31.14 -1.35 36.08
CA ALA B 515 -32.34 -0.53 35.94
C ALA B 515 -33.01 -0.81 34.60
N ASP B 516 -34.32 -0.60 34.56
CA ASP B 516 -35.08 -0.77 33.33
C ASP B 516 -34.65 0.30 32.34
N VAL B 517 -33.91 -0.09 31.30
CA VAL B 517 -33.37 0.85 30.33
C VAL B 517 -34.26 0.98 29.11
N SER B 518 -34.78 -0.13 28.59
CA SER B 518 -35.64 -0.05 27.41
C SER B 518 -36.99 0.57 27.73
N ILE B 519 -37.60 0.18 28.84
CA ILE B 519 -38.89 0.74 29.22
C ILE B 519 -38.76 2.23 29.48
N ASN B 520 -37.72 2.65 30.20
CA ASN B 520 -37.55 4.07 30.47
C ASN B 520 -37.16 4.84 29.21
N PHE B 521 -36.40 4.21 28.32
CA PHE B 521 -36.11 4.83 27.03
C PHE B 521 -37.39 5.12 26.26
N LEU B 522 -38.26 4.12 26.16
CA LEU B 522 -39.50 4.32 25.41
C LEU B 522 -40.42 5.31 26.11
N LYS B 523 -40.43 5.32 27.44
CA LYS B 523 -41.22 6.33 28.15
C LYS B 523 -40.71 7.72 27.86
N ALA B 524 -39.39 7.90 27.85
CA ALA B 524 -38.81 9.21 27.54
C ALA B 524 -39.14 9.62 26.11
N LEU B 525 -39.06 8.68 25.16
CA LEU B 525 -39.40 8.98 23.79
C LEU B 525 -40.86 9.39 23.65
N THR B 526 -41.76 8.69 24.33
CA THR B 526 -43.17 9.05 24.28
C THR B 526 -43.40 10.42 24.87
N LYS B 527 -42.71 10.75 25.97
CA LYS B 527 -42.86 12.07 26.55
C LYS B 527 -42.27 13.16 25.67
N LEU B 528 -41.26 12.83 24.86
CA LEU B 528 -40.62 13.80 23.99
C LEU B 528 -41.19 13.81 22.58
N ALA B 529 -42.20 13.00 22.29
CA ALA B 529 -42.80 12.95 20.97
C ALA B 529 -44.04 13.82 20.85
N LEU B 530 -44.36 14.57 21.87
CA LEU B 530 -45.53 15.42 21.85
C LEU B 530 -45.14 16.86 21.48
N PRO B 531 -46.04 17.60 20.83
CA PRO B 531 -45.79 19.03 20.62
C PRO B 531 -45.62 19.80 21.92
N GLU B 532 -46.30 19.38 22.99
CA GLU B 532 -46.04 19.96 24.29
C GLU B 532 -44.57 19.80 24.67
N SER B 533 -43.97 18.68 24.27
CA SER B 533 -42.53 18.48 24.44
C SER B 533 -41.72 19.27 23.43
N ALA B 534 -42.30 19.60 22.26
CA ALA B 534 -41.63 20.52 21.37
C ALA B 534 -41.44 21.87 22.05
N LEU B 535 -42.44 22.31 22.80
CA LEU B 535 -42.21 23.37 23.76
C LEU B 535 -41.21 22.91 24.82
N THR B 536 -40.34 23.81 25.25
CA THR B 536 -39.22 23.57 26.15
C THR B 536 -38.14 22.69 25.55
N THR B 537 -38.22 22.39 24.26
CA THR B 537 -37.14 21.76 23.49
C THR B 537 -37.06 22.49 22.16
N THR B 538 -36.33 21.90 21.21
CA THR B 538 -36.31 22.45 19.87
C THR B 538 -37.56 22.02 19.12
N GLU B 539 -37.63 22.38 17.85
CA GLU B 539 -38.79 22.09 17.03
C GLU B 539 -38.64 20.82 16.20
N SER B 540 -37.54 20.07 16.39
CA SER B 540 -37.31 18.86 15.62
C SER B 540 -37.19 17.60 16.46
N VAL B 541 -37.18 17.70 17.78
CA VAL B 541 -37.17 16.50 18.61
C VAL B 541 -38.40 15.62 18.39
N PRO B 542 -39.63 16.14 18.35
CA PRO B 542 -40.80 15.28 18.23
C PRO B 542 -40.78 14.43 16.97
N PRO B 543 -40.40 14.96 15.80
CA PRO B 543 -40.34 14.07 14.62
C PRO B 543 -39.40 12.90 14.80
N ILE B 544 -38.24 13.10 15.43
CA ILE B 544 -37.27 12.03 15.62
C ILE B 544 -37.82 10.98 16.59
N CYS B 545 -38.38 11.44 17.73
CA CYS B 545 -38.94 10.50 18.68
C CYS B 545 -40.10 9.71 18.08
N LEU B 546 -40.94 10.39 17.30
CA LEU B 546 -42.05 9.72 16.64
C LEU B 546 -41.55 8.69 15.65
N GLU B 547 -40.47 9.02 14.92
CA GLU B 547 -39.91 8.04 14.01
C GLU B 547 -39.43 6.80 14.76
N GLY B 548 -38.82 7.00 15.92
CA GLY B 548 -38.38 5.86 16.71
C GLY B 548 -39.53 4.98 17.15
N LEU B 549 -40.59 5.58 17.68
CA LEU B 549 -41.74 4.80 18.13
C LEU B 549 -42.43 4.08 16.97
N VAL B 550 -42.57 4.77 15.83
CA VAL B 550 -43.19 4.14 14.68
C VAL B 550 -42.33 2.98 14.18
N SER B 551 -41.00 3.13 14.22
CA SER B 551 -40.14 2.02 13.85
C SER B 551 -40.33 0.84 14.79
N LEU B 552 -40.46 1.12 16.09
CA LEU B 552 -40.71 0.04 17.05
C LEU B 552 -41.98 -0.71 16.73
N VAL B 553 -43.08 0.02 16.54
CA VAL B 553 -44.36 -0.64 16.30
C VAL B 553 -44.35 -1.36 14.95
N ASP B 554 -43.68 -0.80 13.95
CA ASP B 554 -43.60 -1.45 12.65
C ASP B 554 -42.82 -2.76 12.73
N ASP B 555 -41.70 -2.76 13.45
CA ASP B 555 -40.94 -3.98 13.62
C ASP B 555 -41.76 -5.02 14.38
N MET B 556 -42.45 -4.58 15.43
CA MET B 556 -43.25 -5.51 16.23
C MET B 556 -44.40 -6.09 15.41
N PHE B 557 -44.92 -5.32 14.46
CA PHE B 557 -45.98 -5.83 13.58
C PHE B 557 -45.42 -6.75 12.52
N ASP B 558 -44.21 -6.48 12.03
CA ASP B 558 -43.60 -7.33 11.02
C ASP B 558 -43.17 -8.67 11.61
N HIS B 559 -42.85 -8.71 12.90
CA HIS B 559 -42.57 -9.99 13.54
C HIS B 559 -43.79 -10.91 13.50
N MET B 560 -44.97 -10.35 13.76
CA MET B 560 -46.20 -11.14 13.80
C MET B 560 -46.94 -11.00 12.48
N LYS B 561 -46.46 -11.71 11.47
CA LYS B 561 -47.11 -11.71 10.16
C LYS B 561 -47.55 -13.10 9.72
N ASP B 562 -46.72 -14.12 9.91
CA ASP B 562 -47.02 -15.47 9.43
C ASP B 562 -47.00 -16.49 10.55
N ILE B 563 -47.34 -16.06 11.77
CA ILE B 563 -47.40 -16.95 12.93
C ILE B 563 -48.86 -17.08 13.33
N ASP B 564 -49.35 -18.32 13.35
CA ASP B 564 -50.75 -18.57 13.69
C ASP B 564 -51.01 -18.20 15.15
N ARG B 565 -52.13 -17.52 15.38
CA ARG B 565 -52.44 -17.01 16.72
C ARG B 565 -52.56 -18.14 17.74
N GLU B 566 -53.10 -19.28 17.34
CA GLU B 566 -53.24 -20.40 18.26
C GLU B 566 -51.88 -20.89 18.73
N GLU B 567 -50.89 -20.93 17.84
CA GLU B 567 -49.57 -21.42 18.21
C GLU B 567 -48.95 -20.58 19.31
N PHE B 568 -49.06 -19.25 19.19
CA PHE B 568 -48.58 -18.40 20.27
C PHE B 568 -49.46 -18.51 21.50
N GLY B 569 -50.75 -18.74 21.31
CA GLY B 569 -51.64 -18.88 22.46
C GLY B 569 -51.30 -20.07 23.31
N ARG B 570 -50.79 -21.14 22.71
CA ARG B 570 -50.47 -22.34 23.47
C ARG B 570 -49.39 -22.04 24.51
N GLN B 571 -48.16 -21.77 24.04
CA GLN B 571 -47.05 -21.32 24.88
C GLN B 571 -47.04 -22.00 26.24
N LYS B 572 -46.95 -23.33 26.21
CA LYS B 572 -47.11 -24.12 27.43
C LYS B 572 -46.05 -23.73 28.47
N ASN B 573 -44.80 -23.62 28.05
CA ASN B 573 -43.69 -23.30 28.95
C ASN B 573 -43.29 -21.84 28.73
N GLU B 574 -43.53 -21.00 29.74
CA GLU B 574 -43.10 -19.62 29.67
C GLU B 574 -41.59 -19.52 29.87
N MET B 575 -41.00 -18.48 29.30
CA MET B 575 -39.56 -18.32 29.38
C MET B 575 -39.12 -17.97 30.79
N GLU B 576 -38.05 -18.62 31.24
CA GLU B 576 -37.55 -18.36 32.58
C GLU B 576 -37.06 -16.92 32.74
N ILE B 577 -36.63 -16.30 31.65
CA ILE B 577 -36.12 -14.93 31.71
C ILE B 577 -37.20 -13.99 32.22
N LEU B 578 -38.39 -14.04 31.59
CA LEU B 578 -39.46 -13.15 32.01
C LEU B 578 -40.04 -13.55 33.36
N LYS B 579 -40.04 -14.85 33.67
CA LYS B 579 -40.49 -15.29 34.98
C LYS B 579 -39.63 -14.69 36.08
N LYS B 580 -38.30 -14.74 35.91
CA LYS B 580 -37.42 -14.08 36.87
C LYS B 580 -37.59 -12.57 36.82
N ARG B 581 -37.93 -12.01 35.65
CA ARG B 581 -38.15 -10.58 35.56
C ARG B 581 -39.33 -10.14 36.42
N ASP B 582 -40.40 -10.94 36.43
CA ASP B 582 -41.61 -10.53 37.13
C ASP B 582 -41.39 -10.32 38.62
N ARG B 583 -40.34 -10.88 39.19
CA ARG B 583 -40.05 -10.74 40.61
C ARG B 583 -39.11 -9.59 40.92
N LYS B 584 -38.91 -8.69 39.95
CA LYS B 584 -37.90 -7.64 40.11
C LYS B 584 -38.23 -6.72 41.28
N THR B 585 -39.51 -6.39 41.46
CA THR B 585 -39.88 -5.55 42.60
C THR B 585 -39.57 -6.25 43.92
N GLU B 586 -39.84 -7.55 43.99
CA GLU B 586 -39.51 -8.30 45.20
C GLU B 586 -38.01 -8.30 45.47
N PHE B 587 -37.21 -8.48 44.42
CA PHE B 587 -35.76 -8.43 44.60
C PHE B 587 -35.32 -7.06 45.08
N ILE B 588 -35.91 -6.01 44.53
CA ILE B 588 -35.54 -4.65 44.93
C ILE B 588 -35.85 -4.43 46.40
N GLU B 589 -37.05 -4.83 46.83
CA GLU B 589 -37.41 -4.60 48.23
C GLU B 589 -36.56 -5.44 49.17
N CYS B 590 -36.29 -6.70 48.80
CA CYS B 590 -35.46 -7.55 49.64
C CYS B 590 -34.03 -7.01 49.76
N THR B 591 -33.46 -6.57 48.64
CA THR B 591 -32.10 -6.03 48.68
C THR B 591 -32.04 -4.72 49.47
N ASN B 592 -33.06 -3.88 49.34
CA ASN B 592 -33.10 -2.66 50.13
C ASN B 592 -33.18 -2.98 51.62
N ALA B 593 -33.99 -3.97 51.98
CA ALA B 593 -34.05 -4.38 53.38
C ALA B 593 -32.70 -4.91 53.85
N PHE B 594 -32.02 -5.68 53.01
CA PHE B 594 -30.70 -6.19 53.35
C PHE B 594 -29.74 -5.05 53.61
N ASN B 595 -29.79 -4.01 52.78
CA ASN B 595 -28.94 -2.84 53.02
C ASN B 595 -29.29 -2.17 54.33
N GLU B 596 -30.58 -2.09 54.66
CA GLU B 596 -30.98 -1.49 55.92
C GLU B 596 -30.46 -2.29 57.11
N LYS B 597 -30.68 -3.61 57.09
CA LYS B 597 -30.21 -4.49 58.16
C LYS B 597 -30.13 -5.92 57.66
N PRO B 598 -28.96 -6.56 57.74
CA PRO B 598 -28.82 -7.92 57.18
C PRO B 598 -29.75 -8.95 57.82
N LYS B 599 -30.00 -8.82 59.13
CA LYS B 599 -30.76 -9.83 59.85
C LYS B 599 -32.18 -9.95 59.33
N LYS B 600 -32.73 -8.90 58.72
CA LYS B 600 -34.05 -8.98 58.11
C LYS B 600 -33.99 -9.19 56.61
N GLY B 601 -32.93 -8.72 55.95
CA GLY B 601 -32.81 -8.92 54.52
C GLY B 601 -32.59 -10.37 54.14
N ILE B 602 -31.77 -11.08 54.92
CA ILE B 602 -31.46 -12.47 54.58
C ILE B 602 -32.71 -13.37 54.61
N PRO B 603 -33.52 -13.38 55.67
CA PRO B 603 -34.66 -14.32 55.68
C PRO B 603 -35.66 -14.10 54.56
N MET B 604 -35.94 -12.84 54.21
CA MET B 604 -36.89 -12.60 53.14
C MET B 604 -36.28 -12.93 51.78
N LEU B 605 -34.97 -12.75 51.63
CA LEU B 605 -34.31 -13.23 50.42
C LEU B 605 -34.37 -14.74 50.33
N ILE B 606 -34.44 -15.43 51.48
CA ILE B 606 -34.59 -16.88 51.45
C ILE B 606 -36.02 -17.27 51.09
N GLU B 607 -37.01 -16.60 51.66
CA GLU B 607 -38.39 -17.01 51.44
C GLU B 607 -38.86 -16.71 50.03
N LYS B 608 -38.38 -15.62 49.42
CA LYS B 608 -38.86 -15.27 48.09
C LYS B 608 -38.28 -16.17 47.00
N GLY B 609 -37.23 -16.93 47.31
CA GLY B 609 -36.71 -17.90 46.38
C GLY B 609 -35.48 -17.50 45.60
N PHE B 610 -34.96 -16.28 45.81
CA PHE B 610 -33.71 -15.89 45.13
C PHE B 610 -32.55 -16.76 45.59
N ILE B 611 -32.48 -17.03 46.89
CA ILE B 611 -31.40 -17.82 47.47
C ILE B 611 -31.91 -19.24 47.72
N ALA B 612 -31.10 -20.23 47.36
CA ALA B 612 -31.56 -21.62 47.37
C ALA B 612 -32.04 -22.03 48.75
N SER B 613 -31.28 -21.71 49.79
CA SER B 613 -31.64 -22.08 51.15
C SER B 613 -30.83 -21.24 52.12
N ASP B 614 -31.13 -21.39 53.40
CA ASP B 614 -30.42 -20.68 54.46
C ASP B 614 -29.04 -21.22 54.71
N SER B 615 -28.55 -22.09 53.83
CA SER B 615 -27.20 -22.62 53.98
C SER B 615 -26.18 -21.52 53.75
N ASP B 616 -24.99 -21.71 54.32
CA ASP B 616 -23.94 -20.72 54.15
C ASP B 616 -23.43 -20.67 52.72
N LYS B 617 -23.41 -21.81 52.02
CA LYS B 617 -22.93 -21.82 50.65
C LYS B 617 -23.80 -20.96 49.74
N ASP B 618 -25.12 -21.07 49.90
CA ASP B 618 -26.02 -20.29 49.05
C ASP B 618 -25.86 -18.79 49.31
N ILE B 619 -25.76 -18.40 50.58
CA ILE B 619 -25.59 -16.99 50.90
C ILE B 619 -24.27 -16.47 50.34
N ALA B 620 -23.20 -17.26 50.47
CA ALA B 620 -21.92 -16.85 49.91
C ALA B 620 -22.01 -16.70 48.40
N GLU B 621 -22.68 -17.64 47.72
CA GLU B 621 -22.81 -17.55 46.27
C GLU B 621 -23.56 -16.29 45.88
N PHE B 622 -24.67 -16.01 46.55
CA PHE B 622 -25.45 -14.82 46.22
C PHE B 622 -24.66 -13.55 46.47
N LEU B 623 -23.93 -13.49 47.58
CA LEU B 623 -23.16 -12.29 47.88
C LEU B 623 -22.04 -12.08 46.87
N PHE B 624 -21.39 -13.16 46.45
CA PHE B 624 -20.26 -13.00 45.54
C PHE B 624 -20.71 -12.65 44.13
N ASN B 625 -21.81 -13.25 43.67
CA ASN B 625 -22.24 -13.09 42.28
C ASN B 625 -23.33 -12.04 42.11
N ASN B 626 -23.28 -10.94 42.87
CA ASN B 626 -24.23 -9.86 42.72
C ASN B 626 -23.51 -8.53 42.71
N ASN B 627 -23.95 -7.63 41.83
CA ASN B 627 -23.39 -6.30 41.71
C ASN B 627 -24.51 -5.27 41.79
N ASN B 628 -24.23 -4.14 42.43
CA ASN B 628 -25.18 -3.05 42.63
C ASN B 628 -26.36 -3.49 43.48
N ARG B 629 -27.15 -2.52 43.95
CA ARG B 629 -28.31 -2.78 44.81
C ARG B 629 -27.91 -3.62 46.04
N MET B 630 -26.64 -3.55 46.40
CA MET B 630 -26.11 -4.25 47.57
C MET B 630 -25.02 -3.35 48.15
N ASN B 631 -25.33 -2.68 49.25
CA ASN B 631 -24.38 -1.75 49.84
C ASN B 631 -23.12 -2.49 50.25
N LYS B 632 -21.99 -2.10 49.68
CA LYS B 632 -20.75 -2.84 49.90
C LYS B 632 -20.29 -2.73 51.35
N LYS B 633 -20.55 -1.59 52.00
CA LYS B 633 -20.23 -1.47 53.41
C LYS B 633 -21.05 -2.43 54.26
N THR B 634 -22.32 -2.61 53.92
CA THR B 634 -23.16 -3.53 54.69
C THR B 634 -22.66 -4.97 54.58
N ILE B 635 -22.31 -5.41 53.36
CA ILE B 635 -21.81 -6.76 53.20
C ILE B 635 -20.44 -6.89 53.85
N GLY B 636 -19.66 -5.81 53.84
CA GLY B 636 -18.36 -5.86 54.51
C GLY B 636 -18.50 -6.04 56.01
N LEU B 637 -19.44 -5.31 56.62
CA LEU B 637 -19.68 -5.48 58.06
C LEU B 637 -20.30 -6.84 58.38
N LEU B 638 -21.19 -7.34 57.53
CA LEU B 638 -21.84 -8.63 57.78
C LEU B 638 -20.84 -9.77 57.68
N LEU B 639 -20.00 -9.77 56.65
CA LEU B 639 -19.04 -10.84 56.45
C LEU B 639 -17.95 -10.79 57.52
N CYS B 640 -17.89 -9.69 58.27
CA CYS B 640 -16.87 -9.60 59.30
C CYS B 640 -17.45 -9.35 60.69
N HIS B 641 -18.70 -9.70 60.88
CA HIS B 641 -19.19 -9.80 62.24
C HIS B 641 -18.48 -10.95 62.94
N PRO B 642 -18.02 -10.78 64.18
CA PRO B 642 -17.23 -11.84 64.82
C PRO B 642 -17.95 -13.18 64.86
N ASP B 643 -19.26 -13.16 65.11
CA ASP B 643 -20.02 -14.39 65.08
C ASP B 643 -19.99 -15.02 63.69
N LYS B 644 -20.14 -14.20 62.65
CA LYS B 644 -20.16 -14.69 61.28
C LYS B 644 -18.75 -15.04 60.80
N VAL B 645 -18.25 -16.20 61.19
CA VAL B 645 -16.92 -16.61 60.74
C VAL B 645 -17.03 -17.60 59.59
N SER B 646 -17.96 -18.55 59.68
CA SER B 646 -18.09 -19.58 58.66
C SER B 646 -18.51 -18.98 57.32
N LEU B 647 -19.43 -18.01 57.36
CA LEU B 647 -19.88 -17.35 56.15
C LEU B 647 -18.72 -16.63 55.48
N LEU B 648 -17.91 -15.94 56.28
CA LEU B 648 -16.73 -15.27 55.75
C LEU B 648 -15.79 -16.24 55.10
N ASN B 649 -15.51 -17.36 55.78
CA ASN B 649 -14.58 -18.35 55.24
C ASN B 649 -15.07 -18.90 53.91
N GLU B 650 -16.35 -19.25 53.83
CA GLU B 650 -16.87 -19.80 52.58
C GLU B 650 -16.85 -18.76 51.47
N TYR B 651 -17.26 -17.52 51.79
CA TYR B 651 -17.29 -16.48 50.78
C TYR B 651 -15.90 -16.19 50.24
N ILE B 652 -14.89 -16.11 51.11
CA ILE B 652 -13.55 -15.85 50.62
C ILE B 652 -13.01 -17.06 49.85
N ARG B 653 -13.37 -18.28 50.26
CA ARG B 653 -12.97 -19.45 49.49
C ARG B 653 -13.59 -19.46 48.10
N LEU B 654 -14.71 -18.78 47.93
CA LEU B 654 -15.33 -18.72 46.61
C LEU B 654 -14.52 -17.89 45.58
N PHE B 655 -13.34 -17.37 45.87
CA PHE B 655 -12.59 -16.57 44.91
C PHE B 655 -11.80 -17.49 43.98
N ASP B 656 -10.89 -16.91 43.18
CA ASP B 656 -10.11 -17.66 42.22
C ASP B 656 -8.65 -17.21 42.23
N PHE B 657 -8.10 -16.99 43.42
CA PHE B 657 -6.71 -16.58 43.53
C PHE B 657 -5.79 -17.74 43.18
N SER B 658 -5.05 -17.61 42.09
CA SER B 658 -4.10 -18.65 41.69
C SER B 658 -3.17 -18.06 40.64
N GLY B 659 -1.87 -18.26 40.82
CA GLY B 659 -0.91 -17.74 39.87
C GLY B 659 -0.94 -16.24 39.74
N LEU B 660 -1.13 -15.53 40.85
CA LEU B 660 -1.10 -14.08 40.88
C LEU B 660 -0.28 -13.63 42.07
N ARG B 661 0.29 -12.43 41.97
CA ARG B 661 0.99 -11.85 43.10
C ARG B 661 0.00 -11.49 44.20
N VAL B 662 0.53 -11.22 45.39
CA VAL B 662 -0.33 -10.92 46.53
C VAL B 662 -1.05 -9.59 46.33
N ASP B 663 -0.39 -8.62 45.68
CA ASP B 663 -1.03 -7.33 45.46
C ASP B 663 -2.23 -7.46 44.53
N GLU B 664 -2.10 -8.26 43.47
CA GLU B 664 -3.24 -8.50 42.58
C GLU B 664 -4.36 -9.22 43.32
N ALA B 665 -4.00 -10.17 44.19
CA ALA B 665 -5.00 -10.85 44.99
C ALA B 665 -5.74 -9.86 45.89
N ILE B 666 -5.01 -8.92 46.49
CA ILE B 666 -5.66 -7.94 47.34
C ILE B 666 -6.55 -7.02 46.53
N ARG B 667 -6.14 -6.68 45.30
CA ARG B 667 -7.02 -5.91 44.43
C ARG B 667 -8.33 -6.65 44.19
N ILE B 668 -8.23 -7.93 43.82
CA ILE B 668 -9.43 -8.71 43.56
C ILE B 668 -10.30 -8.82 44.80
N LEU B 669 -9.66 -8.95 45.96
CA LEU B 669 -10.41 -9.09 47.20
C LEU B 669 -11.13 -7.80 47.57
N LEU B 670 -10.42 -6.68 47.56
CA LEU B 670 -11.00 -5.44 48.05
C LEU B 670 -12.00 -4.85 47.06
N THR B 671 -11.83 -5.13 45.76
CA THR B 671 -12.85 -4.66 44.83
C THR B 671 -14.02 -5.64 44.80
N LYS B 672 -14.48 -6.07 45.98
CA LYS B 672 -15.73 -6.79 46.13
C LYS B 672 -16.50 -6.39 47.37
N PHE B 673 -15.89 -5.72 48.33
CA PHE B 673 -16.57 -5.20 49.50
C PHE B 673 -15.66 -4.17 50.16
N ARG B 674 -16.28 -3.19 50.80
CA ARG B 674 -15.50 -2.15 51.46
C ARG B 674 -14.83 -2.70 52.71
N LEU B 675 -13.52 -2.54 52.79
CA LEU B 675 -12.80 -2.99 53.97
C LEU B 675 -13.25 -2.18 55.17
N PRO B 676 -13.52 -2.81 56.32
CA PRO B 676 -14.03 -2.07 57.47
C PRO B 676 -13.03 -1.06 57.99
N GLY B 677 -13.48 -0.28 58.97
CA GLY B 677 -12.64 0.76 59.54
C GLY B 677 -11.95 0.35 60.82
N GLU B 678 -12.67 -0.30 61.72
CA GLU B 678 -12.10 -0.72 62.99
C GLU B 678 -11.02 -1.77 62.76
N SER B 679 -9.98 -1.72 63.60
CA SER B 679 -8.77 -2.51 63.41
C SER B 679 -8.93 -3.97 63.85
N GLN B 680 -10.15 -4.44 64.05
CA GLN B 680 -10.41 -5.86 64.35
C GLN B 680 -11.07 -6.59 63.19
N GLN B 681 -12.08 -5.97 62.57
CA GLN B 681 -12.70 -6.56 61.40
C GLN B 681 -11.69 -6.66 60.26
N ILE B 682 -10.82 -5.66 60.14
CA ILE B 682 -9.76 -5.72 59.14
C ILE B 682 -8.87 -6.92 59.39
N GLU B 683 -8.52 -7.15 60.66
CA GLU B 683 -7.70 -8.31 61.00
C GLU B 683 -8.42 -9.61 60.63
N ARG B 684 -9.72 -9.68 60.90
CA ARG B 684 -10.47 -10.89 60.56
C ARG B 684 -10.46 -11.14 59.06
N ILE B 685 -10.80 -10.13 58.27
CA ILE B 685 -10.88 -10.30 56.82
C ILE B 685 -9.50 -10.65 56.25
N ILE B 686 -8.46 -9.97 56.72
CA ILE B 686 -7.12 -10.21 56.18
C ILE B 686 -6.63 -11.59 56.59
N GLU B 687 -6.97 -12.05 57.80
CA GLU B 687 -6.60 -13.41 58.18
C GLU B 687 -7.30 -14.44 57.30
N ALA B 688 -8.59 -14.22 57.02
CA ALA B 688 -9.31 -15.12 56.13
C ALA B 688 -8.67 -15.14 54.74
N PHE B 689 -8.31 -13.96 54.25
CA PHE B 689 -7.67 -13.88 52.93
C PHE B 689 -6.31 -14.57 52.94
N SER B 690 -5.56 -14.43 54.03
CA SER B 690 -4.27 -15.08 54.13
C SER B 690 -4.42 -16.59 54.05
N SER B 691 -5.38 -17.14 54.79
CA SER B 691 -5.62 -18.57 54.72
C SER B 691 -6.06 -18.98 53.32
N ALA B 692 -6.94 -18.20 52.69
CA ALA B 692 -7.44 -18.55 51.37
C ALA B 692 -6.33 -18.56 50.33
N TYR B 693 -5.46 -17.55 50.35
CA TYR B 693 -4.38 -17.47 49.38
C TYR B 693 -3.33 -18.55 49.63
N CYS B 694 -3.06 -18.88 50.90
CA CYS B 694 -2.14 -19.97 51.19
C CYS B 694 -2.70 -21.29 50.68
N GLU B 695 -4.01 -21.53 50.89
CA GLU B 695 -4.59 -22.82 50.54
C GLU B 695 -4.77 -23.00 49.04
N ASN B 696 -5.18 -21.94 48.33
CA ASN B 696 -5.60 -22.11 46.94
C ASN B 696 -4.42 -22.48 46.04
N GLN B 697 -3.32 -21.74 46.16
CA GLN B 697 -2.14 -22.03 45.34
C GLN B 697 -1.42 -23.25 45.89
N ASP B 698 -1.13 -24.21 45.02
CA ASP B 698 -0.47 -25.43 45.44
C ASP B 698 0.99 -25.14 45.78
N TYR B 699 1.40 -25.53 46.98
CA TYR B 699 2.75 -25.27 47.48
C TYR B 699 3.57 -26.56 47.39
N ASP B 700 4.48 -26.60 46.42
CA ASP B 700 5.45 -27.69 46.29
C ASP B 700 6.84 -27.09 46.41
N PRO B 701 7.48 -27.14 47.59
CA PRO B 701 8.78 -26.47 47.78
C PRO B 701 9.78 -26.83 46.70
N SER B 702 10.08 -25.85 45.86
CA SER B 702 10.97 -26.00 44.71
C SER B 702 11.09 -24.65 44.04
N LYS B 703 12.17 -24.48 43.28
CA LYS B 703 12.43 -23.25 42.52
C LYS B 703 12.41 -22.01 43.41
N ILE B 704 12.59 -22.18 44.72
CA ILE B 704 12.59 -21.06 45.66
C ILE B 704 13.96 -20.38 45.56
N SER B 705 14.02 -19.29 44.81
CA SER B 705 15.27 -18.57 44.64
C SER B 705 15.01 -17.07 44.76
N ASP B 706 15.99 -16.36 45.34
CA ASP B 706 15.94 -14.91 45.34
C ASP B 706 16.01 -14.37 43.91
N ASN B 707 16.84 -15.01 43.07
CA ASN B 707 16.94 -14.64 41.67
C ASN B 707 15.77 -15.25 40.90
N ALA B 708 15.87 -15.26 39.57
CA ALA B 708 14.82 -15.78 38.68
C ALA B 708 13.51 -15.02 38.90
N GLU B 709 13.58 -13.73 38.59
CA GLU B 709 12.44 -12.84 38.76
C GLU B 709 11.37 -13.17 37.72
N ASP B 710 10.27 -12.40 37.78
CA ASP B 710 9.14 -12.55 36.86
C ASP B 710 8.55 -13.94 36.92
N ASP B 711 8.42 -14.48 38.13
CA ASP B 711 7.81 -15.79 38.35
C ASP B 711 6.85 -15.71 39.52
N ILE B 712 5.65 -16.23 39.33
CA ILE B 712 4.67 -16.25 40.42
C ILE B 712 4.72 -17.55 41.22
N SER B 713 5.32 -18.60 40.66
CA SER B 713 5.41 -19.89 41.32
C SER B 713 6.77 -20.11 41.97
N THR B 714 7.58 -19.07 42.10
CA THR B 714 8.89 -19.20 42.72
C THR B 714 8.89 -18.85 44.20
N VAL B 715 7.88 -18.12 44.67
CA VAL B 715 7.77 -17.70 46.07
C VAL B 715 6.45 -18.22 46.62
N GLN B 716 6.51 -18.92 47.75
CA GLN B 716 5.33 -19.50 48.38
C GLN B 716 5.28 -19.04 49.83
N PRO B 717 4.76 -17.85 50.08
CA PRO B 717 4.60 -17.39 51.47
C PRO B 717 3.61 -18.26 52.21
N ASP B 718 3.76 -18.31 53.53
CA ASP B 718 2.98 -19.22 54.36
C ASP B 718 2.10 -18.41 55.31
N ALA B 719 1.48 -19.12 56.24
CA ALA B 719 0.53 -18.50 57.17
C ALA B 719 1.17 -17.35 57.92
N ASP B 720 0.46 -16.23 57.96
CA ASP B 720 0.81 -14.99 58.65
C ASP B 720 1.93 -14.24 57.94
N SER B 721 2.63 -14.91 57.02
CA SER B 721 3.55 -14.18 56.16
C SER B 721 2.78 -13.36 55.13
N VAL B 722 1.80 -13.99 54.48
CA VAL B 722 0.90 -13.24 53.62
C VAL B 722 0.11 -12.23 54.42
N PHE B 723 -0.14 -12.51 55.70
CA PHE B 723 -0.84 -11.54 56.54
C PHE B 723 -0.02 -10.27 56.71
N ILE B 724 1.26 -10.43 57.08
CA ILE B 724 2.13 -9.27 57.22
C ILE B 724 2.28 -8.55 55.88
N LEU B 725 2.45 -9.31 54.80
CA LEU B 725 2.59 -8.69 53.48
C LEU B 725 1.35 -7.91 53.08
N SER B 726 0.17 -8.47 53.33
CA SER B 726 -1.07 -7.81 52.95
C SER B 726 -1.30 -6.54 53.78
N TYR B 727 -1.00 -6.60 55.08
CA TYR B 727 -1.09 -5.39 55.87
C TYR B 727 -0.11 -4.33 55.38
N SER B 728 1.08 -4.77 54.95
CA SER B 728 2.05 -3.84 54.39
C SER B 728 1.52 -3.21 53.11
N ILE B 729 0.85 -4.01 52.28
CA ILE B 729 0.29 -3.48 51.03
C ILE B 729 -0.80 -2.46 51.31
N ILE B 730 -1.69 -2.75 52.26
CA ILE B 730 -2.74 -1.79 52.61
C ILE B 730 -2.12 -0.50 53.14
N MET B 731 -1.13 -0.61 54.01
CA MET B 731 -0.47 0.58 54.54
C MET B 731 0.23 1.37 53.45
N LEU B 732 0.89 0.68 52.51
CA LEU B 732 1.56 1.37 51.43
C LEU B 732 0.57 2.11 50.56
N ASN B 733 -0.57 1.49 50.26
CA ASN B 733 -1.60 2.16 49.48
C ASN B 733 -2.09 3.43 50.17
N THR B 734 -2.49 3.29 51.44
CA THR B 734 -3.02 4.45 52.16
C THR B 734 -1.95 5.48 52.48
N ASP B 735 -0.67 5.13 52.35
CA ASP B 735 0.40 6.11 52.54
C ASP B 735 0.71 6.85 51.25
N LEU B 736 0.95 6.13 50.16
CA LEU B 736 1.29 6.77 48.90
C LEU B 736 0.11 7.53 48.30
N HIS B 737 -1.12 7.20 48.68
CA HIS B 737 -2.25 7.87 48.03
C HIS B 737 -3.10 8.64 49.03
N ASN B 738 -2.46 9.41 49.89
CA ASN B 738 -3.13 10.34 50.79
C ASN B 738 -2.48 11.70 50.59
N PRO B 739 -2.88 12.45 49.57
CA PRO B 739 -2.17 13.70 49.24
C PRO B 739 -2.23 14.75 50.34
N GLN B 740 -3.19 14.65 51.26
CA GLN B 740 -3.23 15.58 52.39
C GLN B 740 -2.01 15.44 53.29
N VAL B 741 -1.30 14.32 53.22
CA VAL B 741 -0.09 14.09 54.00
C VAL B 741 1.07 13.88 53.04
N LYS B 742 2.12 14.68 53.22
CA LYS B 742 3.30 14.60 52.38
C LYS B 742 4.26 13.56 52.95
N GLU B 743 5.50 13.55 52.44
CA GLU B 743 6.54 12.62 52.88
C GLU B 743 6.10 11.17 52.72
N HIS B 744 5.87 10.79 51.46
CA HIS B 744 5.44 9.45 51.15
C HIS B 744 6.53 8.43 51.47
N MET B 745 6.10 7.22 51.80
CA MET B 745 7.03 6.15 52.15
C MET B 745 7.93 5.82 50.96
N SER B 746 9.23 5.71 51.23
CA SER B 746 10.19 5.37 50.20
C SER B 746 10.28 3.86 50.02
N PHE B 747 10.85 3.44 48.89
CA PHE B 747 10.99 2.02 48.62
C PHE B 747 11.91 1.35 49.63
N GLU B 748 13.01 2.02 49.98
CA GLU B 748 13.95 1.45 50.93
C GLU B 748 13.31 1.28 52.30
N ASP B 749 12.47 2.25 52.70
CA ASP B 749 11.77 2.13 53.98
C ASP B 749 10.82 0.93 53.96
N TYR B 750 10.12 0.73 52.84
CA TYR B 750 9.21 -0.39 52.74
C TYR B 750 9.95 -1.72 52.82
N SER B 751 11.07 -1.84 52.08
CA SER B 751 11.84 -3.07 52.12
C SER B 751 12.40 -3.32 53.51
N GLY B 752 12.87 -2.26 54.17
CA GLY B 752 13.36 -2.42 55.54
C GLY B 752 12.28 -2.87 56.49
N ASN B 753 11.07 -2.32 56.34
CA ASN B 753 9.96 -2.77 57.17
C ASN B 753 9.64 -4.24 56.93
N LEU B 754 9.68 -4.66 55.66
CA LEU B 754 9.49 -6.07 55.34
C LEU B 754 10.85 -6.79 55.25
N LYS B 755 11.59 -6.72 56.35
CA LYS B 755 12.91 -7.33 56.40
C LYS B 755 12.82 -8.84 56.65
N GLY B 756 12.25 -9.22 57.79
CA GLY B 756 12.08 -10.61 58.11
C GLY B 756 10.61 -11.01 58.17
N CYS B 757 9.81 -10.42 57.28
CA CYS B 757 8.37 -10.67 57.25
C CYS B 757 7.99 -11.81 56.33
N CYS B 758 8.96 -12.49 55.72
CA CYS B 758 8.69 -13.64 54.87
C CYS B 758 8.47 -14.87 55.75
N ASN B 759 8.49 -16.05 55.14
CA ASN B 759 8.30 -17.29 55.91
C ASN B 759 9.55 -17.57 56.74
N HIS B 760 9.75 -16.79 57.81
CA HIS B 760 10.94 -16.87 58.64
C HIS B 760 12.21 -16.67 57.83
N LYS B 761 12.08 -15.96 56.71
CA LYS B 761 13.17 -15.72 55.78
C LYS B 761 13.05 -14.28 55.29
N ASP B 762 13.75 -13.97 54.21
CA ASP B 762 13.70 -12.65 53.60
C ASP B 762 13.08 -12.75 52.22
N PHE B 763 12.17 -11.84 51.90
CA PHE B 763 11.51 -11.83 50.61
C PHE B 763 12.48 -11.41 49.50
N PRO B 764 12.27 -11.90 48.28
CA PRO B 764 13.09 -11.43 47.16
C PRO B 764 12.85 -9.96 46.87
N PHE B 765 13.90 -9.30 46.38
CA PHE B 765 13.82 -7.88 46.08
C PHE B 765 12.88 -7.60 44.90
N TRP B 766 12.89 -8.45 43.89
CA TRP B 766 12.08 -8.20 42.70
C TRP B 766 10.60 -8.25 43.01
N TYR B 767 10.19 -9.17 43.88
CA TYR B 767 8.79 -9.26 44.27
C TYR B 767 8.31 -7.96 44.90
N LEU B 768 9.09 -7.41 45.84
CA LEU B 768 8.69 -6.18 46.49
C LEU B 768 8.80 -4.99 45.55
N ASP B 769 9.75 -5.00 44.62
CA ASP B 769 9.83 -3.93 43.64
C ASP B 769 8.58 -3.91 42.77
N ARG B 770 8.14 -5.07 42.32
CA ARG B 770 6.91 -5.15 41.54
C ARG B 770 5.71 -4.71 42.37
N ILE B 771 5.65 -5.13 43.63
CA ILE B 771 4.52 -4.72 44.47
C ILE B 771 4.50 -3.21 44.65
N TYR B 772 5.66 -2.61 44.92
CA TYR B 772 5.72 -1.17 45.13
C TYR B 772 5.32 -0.43 43.87
N CYS B 773 5.80 -0.86 42.71
CA CYS B 773 5.42 -0.19 41.48
C CYS B 773 3.92 -0.32 41.23
N SER B 774 3.35 -1.51 41.44
CA SER B 774 1.93 -1.72 41.21
C SER B 774 1.09 -0.85 42.13
N ILE B 775 1.47 -0.75 43.39
CA ILE B 775 0.70 0.07 44.33
C ILE B 775 0.87 1.55 44.00
N ARG B 776 2.07 1.98 43.65
CA ARG B 776 2.31 3.40 43.40
C ARG B 776 1.57 3.86 42.16
N ASP B 777 1.67 3.11 41.06
CA ASP B 777 1.08 3.55 39.80
C ASP B 777 -0.44 3.59 39.88
N LYS B 778 -1.05 2.52 40.37
CA LYS B 778 -2.50 2.37 40.38
C LYS B 778 -2.97 2.13 41.81
N GLU B 779 -3.94 2.92 42.26
CA GLU B 779 -4.46 2.79 43.60
C GLU B 779 -5.37 1.56 43.70
N ILE B 780 -5.29 0.87 44.84
CA ILE B 780 -6.24 -0.21 45.10
C ILE B 780 -7.62 0.40 45.27
N VAL B 781 -8.55 -0.03 44.42
CA VAL B 781 -9.88 0.55 44.41
C VAL B 781 -10.73 -0.04 45.53
N MET B 782 -11.53 0.79 46.16
CA MET B 782 -12.50 0.34 47.14
C MET B 782 -13.91 0.61 46.64
N PRO B 783 -14.82 -0.35 46.78
CA PRO B 783 -16.08 -0.28 46.03
C PRO B 783 -17.01 0.84 46.48
N GLU B 784 -16.95 1.25 47.74
CA GLU B 784 -17.84 2.29 48.25
C GLU B 784 -17.00 3.49 48.65
N GLU B 785 -17.34 4.65 48.09
CA GLU B 785 -16.65 5.88 48.41
C GLU B 785 -17.67 7.00 48.54
N HIS B 786 -17.51 7.82 49.58
CA HIS B 786 -18.35 8.98 49.85
C HIS B 786 -17.49 10.19 50.15
N HIS B 787 -16.50 10.43 49.28
CA HIS B 787 -15.48 11.44 49.56
C HIS B 787 -16.10 12.82 49.77
N GLY B 788 -17.08 13.19 48.96
CA GLY B 788 -17.74 14.47 49.13
C GLY B 788 -18.80 14.66 48.07
N ASN B 789 -19.64 15.66 48.29
CA ASN B 789 -20.69 15.97 47.33
C ASN B 789 -20.15 16.66 46.08
N GLU B 790 -18.93 17.20 46.15
CA GLU B 790 -18.36 17.84 44.98
C GLU B 790 -17.88 16.81 43.95
N LYS B 791 -17.27 15.72 44.41
CA LYS B 791 -16.78 14.68 43.50
C LYS B 791 -17.82 13.58 43.30
N TRP B 792 -19.05 14.00 43.01
CA TRP B 792 -20.12 13.03 42.86
C TRP B 792 -19.94 12.16 41.62
N PHE B 793 -19.50 12.77 40.51
CA PHE B 793 -19.29 12.00 39.28
C PHE B 793 -18.18 10.98 39.45
N GLU B 794 -17.06 11.39 40.05
CA GLU B 794 -15.95 10.47 40.25
C GLU B 794 -16.35 9.36 41.21
N ASP B 795 -17.06 9.68 42.30
CA ASP B 795 -17.48 8.65 43.23
C ASP B 795 -18.44 7.66 42.57
N ALA B 796 -19.41 8.18 41.79
CA ALA B 796 -20.37 7.29 41.15
C ALA B 796 -19.69 6.40 40.11
N TRP B 797 -18.80 6.97 39.30
CA TRP B 797 -18.11 6.16 38.32
C TRP B 797 -17.23 5.12 38.97
N ASN B 798 -16.56 5.48 40.07
CA ASN B 798 -15.76 4.49 40.78
C ASN B 798 -16.64 3.35 41.29
N ASN B 799 -17.70 3.69 42.02
CA ASN B 799 -18.55 2.66 42.62
C ASN B 799 -19.31 1.85 41.59
N LEU B 800 -19.43 2.33 40.36
CA LEU B 800 -20.19 1.59 39.36
C LEU B 800 -19.33 0.85 38.35
N ILE B 801 -18.27 1.46 37.81
CA ILE B 801 -17.44 0.79 36.81
C ILE B 801 -15.99 0.71 37.28
N SER B 802 -15.78 0.63 38.59
CA SER B 802 -14.43 0.39 39.12
C SER B 802 -14.29 -1.06 39.58
N SER B 803 -15.21 -1.53 40.42
CA SER B 803 -15.21 -2.94 40.78
C SER B 803 -15.90 -3.74 39.69
N THR B 804 -15.54 -3.46 38.44
CA THR B 804 -15.93 -4.27 37.30
C THR B 804 -14.81 -4.47 36.30
N THR B 805 -13.81 -3.59 36.26
CA THR B 805 -12.74 -3.66 35.28
C THR B 805 -11.38 -3.97 35.89
N VAL B 806 -11.27 -4.10 37.22
CA VAL B 806 -10.01 -4.51 37.81
C VAL B 806 -9.66 -5.95 37.45
N ILE B 807 -10.65 -6.73 37.02
CA ILE B 807 -10.44 -8.11 36.59
C ILE B 807 -11.24 -8.33 35.32
N THR B 808 -10.58 -8.88 34.30
CA THR B 808 -11.19 -9.08 32.99
C THR B 808 -11.05 -10.54 32.60
N GLU B 809 -12.15 -11.15 32.16
CA GLU B 809 -12.14 -12.55 31.76
C GLU B 809 -12.20 -12.68 30.24
N SER B 816 -24.47 -12.59 18.93
CA SER B 816 -25.25 -11.86 19.93
C SER B 816 -26.21 -12.79 20.65
N VAL B 817 -26.83 -12.29 21.72
CA VAL B 817 -27.77 -13.10 22.49
C VAL B 817 -29.01 -13.42 21.66
N MET B 818 -29.44 -12.49 20.81
CA MET B 818 -30.64 -12.69 20.01
C MET B 818 -30.44 -13.68 18.86
N ASP B 819 -29.21 -14.05 18.55
CA ASP B 819 -28.97 -14.98 17.45
C ASP B 819 -29.58 -16.35 17.73
N LYS B 820 -29.43 -16.83 18.96
CA LYS B 820 -29.95 -18.15 19.35
C LYS B 820 -31.34 -18.02 19.94
N LEU B 821 -32.25 -17.48 19.15
CA LEU B 821 -33.64 -17.30 19.56
C LEU B 821 -34.57 -17.84 18.48
N THR B 822 -35.86 -17.76 18.75
CA THR B 822 -36.92 -18.25 17.87
C THR B 822 -37.93 -17.13 17.67
N PRO B 823 -38.73 -17.21 16.60
CA PRO B 823 -39.80 -16.21 16.44
C PRO B 823 -40.74 -16.14 17.63
N LEU B 824 -41.05 -17.26 18.27
CA LEU B 824 -41.94 -17.25 19.42
C LEU B 824 -41.33 -16.49 20.59
N GLU B 825 -40.03 -16.67 20.83
CA GLU B 825 -39.37 -15.93 21.90
C GLU B 825 -39.36 -14.43 21.61
N LEU B 826 -39.12 -14.07 20.35
CA LEU B 826 -39.19 -12.66 19.97
C LEU B 826 -40.57 -12.09 20.22
N LEU B 827 -41.61 -12.85 19.89
CA LEU B 827 -42.97 -12.37 20.15
C LEU B 827 -43.25 -12.26 21.64
N ASN B 828 -42.69 -13.15 22.46
CA ASN B 828 -42.90 -13.05 23.89
C ASN B 828 -42.23 -11.80 24.46
N PHE B 829 -41.02 -11.51 24.00
CA PHE B 829 -40.34 -10.30 24.44
C PHE B 829 -41.10 -9.06 23.96
N ASP B 830 -41.61 -9.10 22.73
CA ASP B 830 -42.46 -8.01 22.26
C ASP B 830 -43.69 -7.86 23.14
N ARG B 831 -44.24 -8.98 23.61
CA ARG B 831 -45.40 -8.92 24.49
C ARG B 831 -45.08 -8.21 25.78
N ALA B 832 -43.93 -8.52 26.38
CA ALA B 832 -43.55 -7.83 27.61
C ALA B 832 -43.34 -6.34 27.37
N ILE B 833 -42.61 -6.00 26.30
CA ILE B 833 -42.36 -4.60 25.96
C ILE B 833 -43.68 -3.85 25.80
N PHE B 834 -44.62 -4.45 25.07
CA PHE B 834 -45.88 -3.77 24.80
C PHE B 834 -46.74 -3.68 26.04
N LYS B 835 -46.85 -4.76 26.81
CA LYS B 835 -47.64 -4.68 28.03
C LYS B 835 -47.08 -3.63 28.98
N GLN B 836 -45.81 -3.27 28.82
CA GLN B 836 -45.29 -2.16 29.63
C GLN B 836 -45.58 -0.80 29.00
N VAL B 837 -45.36 -0.63 27.70
CA VAL B 837 -45.30 0.70 27.12
C VAL B 837 -46.33 0.90 26.00
N GLY B 838 -47.44 0.16 26.03
CA GLY B 838 -48.44 0.26 25.00
C GLY B 838 -49.37 1.44 25.14
N PRO B 839 -49.99 1.59 26.32
CA PRO B 839 -50.88 2.74 26.50
C PRO B 839 -50.21 4.07 26.23
N SER B 840 -48.94 4.22 26.60
CA SER B 840 -48.23 5.46 26.35
C SER B 840 -48.06 5.72 24.86
N ILE B 841 -47.69 4.68 24.11
CA ILE B 841 -47.51 4.84 22.66
C ILE B 841 -48.84 5.20 22.02
N VAL B 842 -49.92 4.54 22.43
CA VAL B 842 -51.23 4.84 21.86
C VAL B 842 -51.63 6.27 22.18
N SER B 843 -51.44 6.71 23.42
CA SER B 843 -51.83 8.06 23.79
C SER B 843 -51.03 9.10 23.01
N THR B 844 -49.72 8.88 22.86
CA THR B 844 -48.90 9.81 22.10
C THR B 844 -49.33 9.87 20.65
N LEU B 845 -49.59 8.70 20.04
CA LEU B 845 -50.02 8.69 18.65
C LEU B 845 -51.35 9.41 18.48
N PHE B 846 -52.28 9.21 19.41
CA PHE B 846 -53.58 9.86 19.29
C PHE B 846 -53.46 11.37 19.46
N ASN B 847 -52.66 11.84 20.41
CA ASN B 847 -52.51 13.27 20.59
C ASN B 847 -51.87 13.92 19.37
N ILE B 848 -50.80 13.31 18.85
CA ILE B 848 -50.14 13.87 17.69
C ILE B 848 -51.00 13.74 16.44
N TYR B 849 -51.94 12.79 16.42
CA TYR B 849 -52.88 12.70 15.32
C TYR B 849 -53.93 13.81 15.40
N VAL B 850 -54.41 14.09 16.61
CA VAL B 850 -55.41 15.14 16.78
C VAL B 850 -54.83 16.50 16.42
N VAL B 851 -53.67 16.83 16.98
CA VAL B 851 -53.14 18.19 16.84
C VAL B 851 -52.67 18.44 15.40
N ALA B 852 -52.00 17.48 14.79
CA ALA B 852 -51.35 17.71 13.51
C ALA B 852 -52.39 17.98 12.41
N SER B 853 -52.00 18.82 11.46
CA SER B 853 -52.91 19.26 10.41
C SER B 853 -52.55 18.73 9.03
N ASP B 854 -51.28 18.41 8.77
CA ASP B 854 -50.89 17.89 7.47
C ASP B 854 -51.52 16.52 7.24
N ASP B 855 -51.91 16.26 6.00
CA ASP B 855 -52.54 14.99 5.67
C ASP B 855 -51.59 13.82 5.86
N HIS B 856 -50.33 13.99 5.45
CA HIS B 856 -49.40 12.86 5.44
C HIS B 856 -49.09 12.38 6.86
N ILE B 857 -48.84 13.30 7.78
CA ILE B 857 -48.54 12.89 9.15
C ILE B 857 -49.76 12.24 9.80
N SER B 858 -50.95 12.77 9.52
CA SER B 858 -52.16 12.19 10.07
C SER B 858 -52.40 10.77 9.55
N THR B 859 -52.19 10.55 8.24
CA THR B 859 -52.41 9.22 7.71
C THR B 859 -51.34 8.25 8.20
N ARG B 860 -50.10 8.71 8.37
CA ARG B 860 -49.08 7.83 8.91
C ARG B 860 -49.40 7.44 10.34
N MET B 861 -49.87 8.39 11.15
CA MET B 861 -50.21 8.07 12.52
C MET B 861 -51.41 7.12 12.60
N ILE B 862 -52.41 7.32 11.74
CA ILE B 862 -53.55 6.41 11.80
C ILE B 862 -53.19 5.02 11.30
N THR B 863 -52.29 4.92 10.32
CA THR B 863 -51.81 3.59 9.93
C THR B 863 -51.01 2.93 11.06
N SER B 864 -50.20 3.71 11.76
CA SER B 864 -49.48 3.17 12.91
C SER B 864 -50.46 2.69 13.97
N LEU B 865 -51.56 3.41 14.15
CA LEU B 865 -52.58 2.98 15.12
C LEU B 865 -53.26 1.70 14.67
N ASP B 866 -53.48 1.55 13.37
CA ASP B 866 -54.04 0.30 12.86
C ASP B 866 -53.10 -0.87 13.15
N LYS B 867 -51.80 -0.68 12.91
CA LYS B 867 -50.84 -1.74 13.22
C LYS B 867 -50.81 -2.03 14.71
N CYS B 868 -50.88 -0.99 15.54
CA CYS B 868 -50.89 -1.18 16.98
C CYS B 868 -52.14 -1.95 17.41
N SER B 869 -53.27 -1.69 16.78
CA SER B 869 -54.50 -2.41 17.11
C SER B 869 -54.39 -3.88 16.70
N TYR B 870 -53.79 -4.15 15.55
CA TYR B 870 -53.53 -5.55 15.17
C TYR B 870 -52.63 -6.24 16.18
N ILE B 871 -51.56 -5.56 16.60
CA ILE B 871 -50.65 -6.12 17.60
C ILE B 871 -51.39 -6.40 18.90
N SER B 872 -52.25 -5.47 19.32
CA SER B 872 -53.00 -5.64 20.56
C SER B 872 -53.96 -6.82 20.45
N ALA B 873 -54.60 -6.98 19.31
CA ALA B 873 -55.49 -8.12 19.12
C ALA B 873 -54.72 -9.44 19.17
N PHE B 874 -53.54 -9.47 18.56
CA PHE B 874 -52.78 -10.71 18.47
C PHE B 874 -52.40 -11.23 19.86
N PHE B 875 -52.01 -10.33 20.76
CA PHE B 875 -51.65 -10.70 22.12
C PHE B 875 -52.84 -10.67 23.08
N ASP B 876 -54.05 -10.39 22.57
CA ASP B 876 -55.25 -10.29 23.40
C ASP B 876 -55.11 -9.21 24.48
N PHE B 877 -54.59 -8.05 24.08
CA PHE B 877 -54.50 -6.88 24.98
C PHE B 877 -55.81 -6.10 24.87
N LYS B 878 -56.79 -6.57 25.64
CA LYS B 878 -58.17 -6.11 25.45
C LYS B 878 -58.32 -4.62 25.69
N ASP B 879 -57.86 -4.14 26.85
CA ASP B 879 -58.08 -2.74 27.21
C ASP B 879 -57.46 -1.78 26.20
N LEU B 880 -56.24 -2.08 25.75
CA LEU B 880 -55.56 -1.21 24.80
C LEU B 880 -56.34 -1.12 23.50
N PHE B 881 -56.81 -2.27 22.99
CA PHE B 881 -57.60 -2.28 21.76
C PHE B 881 -58.88 -1.47 21.94
N ASN B 882 -59.54 -1.64 23.08
CA ASN B 882 -60.79 -0.92 23.32
C ASN B 882 -60.54 0.58 23.34
N ASP B 883 -59.45 1.01 23.99
CA ASP B 883 -59.14 2.44 24.05
C ASP B 883 -58.83 2.97 22.66
N ILE B 884 -58.05 2.24 21.87
CA ILE B 884 -57.70 2.68 20.52
C ILE B 884 -58.97 2.88 19.70
N LEU B 885 -59.85 1.89 19.69
CA LEU B 885 -61.01 1.97 18.81
C LEU B 885 -62.03 2.97 19.33
N ASN B 886 -62.15 3.14 20.65
CA ASN B 886 -63.04 4.18 21.16
C ASN B 886 -62.55 5.57 20.79
N SER B 887 -61.24 5.80 20.90
CA SER B 887 -60.70 7.10 20.52
C SER B 887 -60.88 7.35 19.03
N ILE B 888 -60.67 6.32 18.20
CA ILE B 888 -60.90 6.47 16.76
C ILE B 888 -62.35 6.80 16.49
N ALA B 889 -63.27 6.10 17.15
CA ALA B 889 -64.69 6.37 16.93
C ALA B 889 -65.06 7.78 17.34
N LYS B 890 -64.56 8.24 18.48
CA LYS B 890 -64.81 9.62 18.89
C LYS B 890 -64.26 10.60 17.87
N GLY B 891 -63.11 10.28 17.29
CA GLY B 891 -62.54 11.13 16.26
C GLY B 891 -63.22 11.04 14.91
N THR B 892 -64.10 10.06 14.70
CA THR B 892 -64.79 9.92 13.43
C THR B 892 -65.82 11.01 13.18
N THR B 893 -66.11 11.86 14.17
CA THR B 893 -67.11 12.92 14.04
C THR B 893 -68.46 12.35 13.63
N LEU B 894 -68.83 11.20 14.21
CA LEU B 894 -70.13 10.58 13.97
C LEU B 894 -70.87 10.29 15.26
N ILE B 895 -70.46 10.90 16.35
CA ILE B 895 -71.09 10.66 17.65
C ILE B 895 -71.41 11.99 18.34
N PRO B 912 -77.22 22.95 14.46
CA PRO B 912 -78.43 22.14 14.20
C PRO B 912 -79.12 22.50 12.89
N MET B 913 -78.39 22.37 11.79
CA MET B 913 -78.95 22.67 10.48
C MET B 913 -80.03 21.65 10.13
N PRO B 914 -81.15 22.09 9.57
CA PRO B 914 -82.22 21.16 9.23
C PRO B 914 -81.80 20.20 8.13
N LEU B 915 -82.31 18.98 8.21
CA LEU B 915 -82.04 17.98 7.19
C LEU B 915 -82.88 18.26 5.95
N VAL B 916 -82.22 18.29 4.79
CA VAL B 916 -82.89 18.48 3.51
C VAL B 916 -82.43 17.36 2.58
N GLN B 917 -83.20 17.11 1.54
CA GLN B 917 -82.89 16.09 0.55
C GLN B 917 -82.59 16.75 -0.79
N ILE B 918 -81.44 16.41 -1.36
CA ILE B 918 -81.01 16.93 -2.65
C ILE B 918 -81.12 15.83 -3.68
N LYS B 919 -81.78 16.13 -4.80
CA LYS B 919 -82.00 15.16 -5.87
C LYS B 919 -81.45 15.69 -7.18
N PHE B 920 -80.86 14.80 -7.97
CA PHE B 920 -80.40 15.12 -9.32
C PHE B 920 -81.03 14.15 -10.32
N GLU B 921 -81.54 14.71 -11.41
CA GLU B 921 -82.20 13.93 -12.46
C GLU B 921 -81.24 13.58 -13.60
N ASP B 922 -79.94 13.48 -13.30
CA ASP B 922 -79.01 12.94 -14.27
C ASP B 922 -79.37 11.50 -14.59
N THR B 923 -79.48 10.67 -13.56
CA THR B 923 -79.92 9.28 -13.70
C THR B 923 -80.85 8.92 -12.55
N ASN B 924 -81.67 9.88 -12.12
CA ASN B 924 -82.55 9.72 -10.96
C ASN B 924 -81.74 9.38 -9.71
N THR B 925 -80.88 10.32 -9.32
CA THR B 925 -80.01 10.17 -8.17
C THR B 925 -80.36 11.21 -7.11
N GLU B 926 -80.11 10.85 -5.85
CA GLU B 926 -80.41 11.70 -4.71
C GLU B 926 -79.18 11.87 -3.84
N ILE B 927 -79.09 13.03 -3.18
CA ILE B 927 -77.94 13.37 -2.36
C ILE B 927 -78.44 13.84 -1.00
N PRO B 928 -78.03 13.20 0.10
CA PRO B 928 -78.49 13.65 1.41
C PRO B 928 -77.57 14.71 2.02
N VAL B 929 -78.14 15.84 2.40
CA VAL B 929 -77.38 16.94 2.99
C VAL B 929 -77.85 17.13 4.43
N SER B 930 -76.89 17.18 5.35
CA SER B 930 -77.20 17.29 6.77
C SER B 930 -76.00 17.91 7.47
N THR B 931 -76.19 18.23 8.76
CA THR B 931 -75.08 18.74 9.55
C THR B 931 -73.96 17.72 9.63
N ASP B 932 -74.32 16.45 9.85
CA ASP B 932 -73.32 15.38 9.80
C ASP B 932 -72.70 15.29 8.43
N ALA B 933 -73.50 15.48 7.38
CA ALA B 933 -72.98 15.39 6.02
C ALA B 933 -71.94 16.48 5.77
N VAL B 934 -72.19 17.70 6.24
CA VAL B 934 -71.21 18.77 6.05
C VAL B 934 -69.95 18.52 6.89
N ARG B 935 -70.14 18.18 8.17
CA ARG B 935 -68.99 17.94 9.03
C ARG B 935 -68.13 16.79 8.50
N PHE B 936 -68.73 15.88 7.74
CA PHE B 936 -67.96 14.81 7.15
C PHE B 936 -67.43 15.15 5.77
N GLY B 937 -68.09 16.06 5.07
CA GLY B 937 -67.55 16.52 3.79
C GLY B 937 -66.26 17.26 3.98
N ARG B 938 -66.14 18.01 5.07
CA ARG B 938 -64.86 18.54 5.48
C ARG B 938 -64.19 17.51 6.40
N SER B 939 -63.19 17.94 7.17
CA SER B 939 -62.61 17.12 8.24
C SER B 939 -62.01 15.83 7.69
N PHE B 940 -60.93 16.02 6.92
CA PHE B 940 -60.21 14.90 6.33
C PHE B 940 -59.80 13.87 7.38
N LYS B 941 -59.44 14.34 8.58
CA LYS B 941 -59.09 13.40 9.65
C LYS B 941 -60.23 12.47 9.96
N GLY B 942 -61.46 12.96 9.85
CA GLY B 942 -62.62 12.10 10.06
C GLY B 942 -62.73 11.01 9.02
N GLN B 943 -62.48 11.34 7.76
CA GLN B 943 -62.49 10.32 6.71
C GLN B 943 -61.42 9.27 6.97
N LEU B 944 -60.23 9.71 7.35
CA LEU B 944 -59.17 8.76 7.69
C LEU B 944 -59.61 7.84 8.82
N ASN B 945 -60.19 8.42 9.87
CA ASN B 945 -60.60 7.62 11.03
C ASN B 945 -61.67 6.61 10.64
N THR B 946 -62.65 7.02 9.83
CA THR B 946 -63.71 6.11 9.44
C THR B 946 -63.16 4.94 8.63
N VAL B 947 -62.32 5.25 7.63
CA VAL B 947 -61.76 4.18 6.80
C VAL B 947 -60.97 3.20 7.66
N VAL B 948 -60.09 3.71 8.52
CA VAL B 948 -59.24 2.82 9.31
C VAL B 948 -60.07 2.03 10.33
N PHE B 949 -61.06 2.67 10.93
CA PHE B 949 -61.92 2.01 11.91
C PHE B 949 -62.62 0.81 11.30
N PHE B 950 -63.27 1.01 10.16
CA PHE B 950 -63.99 -0.12 9.58
C PHE B 950 -63.04 -1.15 8.99
N ARG B 951 -61.84 -0.74 8.60
CA ARG B 951 -60.82 -1.72 8.22
C ARG B 951 -60.50 -2.63 9.40
N ILE B 952 -60.30 -2.04 10.58
CA ILE B 952 -59.96 -2.83 11.76
C ILE B 952 -61.10 -3.75 12.11
N ILE B 953 -62.34 -3.27 11.97
CA ILE B 953 -63.48 -4.12 12.26
C ILE B 953 -63.52 -5.31 11.31
N ARG B 954 -63.27 -5.07 10.02
CA ARG B 954 -63.32 -6.17 9.06
C ARG B 954 -62.22 -7.20 9.31
N ARG B 955 -61.00 -6.75 9.61
CA ARG B 955 -59.89 -7.68 9.66
C ARG B 955 -59.99 -8.70 10.79
N ASN B 956 -60.55 -8.30 11.93
CA ASN B 956 -60.42 -9.11 13.13
C ASN B 956 -61.12 -10.45 12.97
N LYS B 957 -60.57 -11.46 13.64
CA LYS B 957 -61.13 -12.81 13.65
C LYS B 957 -61.50 -13.27 15.05
N ASP B 958 -61.58 -12.36 16.02
CA ASP B 958 -61.97 -12.69 17.38
C ASP B 958 -63.03 -11.71 17.86
N PRO B 959 -64.16 -12.20 18.37
CA PRO B 959 -65.19 -11.29 18.87
C PRO B 959 -65.06 -11.00 20.36
N LYS B 960 -64.30 -11.82 21.08
CA LYS B 960 -64.21 -11.67 22.52
C LYS B 960 -63.38 -10.46 22.94
N ILE B 961 -62.47 -9.99 22.09
CA ILE B 961 -61.59 -8.89 22.47
C ILE B 961 -62.36 -7.60 22.67
N PHE B 962 -63.41 -7.38 21.88
CA PHE B 962 -64.14 -6.12 21.94
C PHE B 962 -64.80 -5.93 23.30
N SER B 963 -65.00 -4.66 23.66
CA SER B 963 -65.66 -4.30 24.90
C SER B 963 -67.00 -3.64 24.61
N LYS B 964 -67.80 -3.49 25.67
CA LYS B 964 -69.17 -3.01 25.51
C LYS B 964 -69.22 -1.61 24.93
N GLU B 965 -68.31 -0.74 25.37
CA GLU B 965 -68.31 0.63 24.88
C GLU B 965 -68.07 0.67 23.38
N LEU B 966 -67.17 -0.18 22.88
CA LEU B 966 -66.90 -0.22 21.46
C LEU B 966 -68.10 -0.69 20.66
N TRP B 967 -68.81 -1.71 21.16
CA TRP B 967 -70.00 -2.17 20.48
C TRP B 967 -71.06 -1.08 20.44
N LEU B 968 -71.22 -0.36 21.54
CA LEU B 968 -72.16 0.75 21.54
C LEU B 968 -71.76 1.80 20.52
N ASN B 969 -70.46 2.09 20.42
CA ASN B 969 -70.00 3.05 19.43
C ASN B 969 -70.27 2.57 18.01
N ILE B 970 -70.03 1.29 17.74
CA ILE B 970 -70.28 0.73 16.41
C ILE B 970 -71.75 0.88 16.05
N VAL B 971 -72.64 0.45 16.95
CA VAL B 971 -74.06 0.50 16.67
C VAL B 971 -74.52 1.94 16.51
N ASN B 972 -73.98 2.85 17.31
CA ASN B 972 -74.38 4.25 17.21
C ASN B 972 -73.92 4.87 15.89
N ILE B 973 -72.72 4.49 15.43
CA ILE B 973 -72.24 4.96 14.13
C ILE B 973 -73.14 4.44 13.01
N ILE B 974 -73.48 3.15 13.07
CA ILE B 974 -74.33 2.57 12.02
C ILE B 974 -75.69 3.26 12.01
N LEU B 975 -76.28 3.47 13.18
CA LEU B 975 -77.60 4.09 13.25
C LEU B 975 -77.55 5.55 12.83
N THR B 976 -76.48 6.27 13.19
CA THR B 976 -76.36 7.66 12.78
C THR B 976 -76.25 7.77 11.27
N LEU B 977 -75.50 6.86 10.65
CA LEU B 977 -75.43 6.88 9.21
C LEU B 977 -76.74 6.47 8.57
N TYR B 978 -77.50 5.59 9.22
CA TYR B 978 -78.84 5.27 8.73
C TYR B 978 -79.74 6.49 8.78
N GLU B 979 -79.66 7.27 9.85
CA GLU B 979 -80.59 8.36 10.06
C GLU B 979 -80.41 9.49 9.05
N ASP B 980 -79.28 9.54 8.36
CA ASP B 980 -79.00 10.60 7.41
C ASP B 980 -79.18 10.17 5.97
N LEU B 981 -79.81 9.01 5.74
CA LEU B 981 -80.03 8.47 4.40
C LEU B 981 -78.72 8.24 3.66
N ILE B 982 -77.66 7.92 4.38
CA ILE B 982 -76.37 7.66 3.76
C ILE B 982 -76.05 6.18 3.67
N LEU B 983 -76.48 5.38 4.63
CA LEU B 983 -76.23 3.94 4.63
C LEU B 983 -77.45 3.22 4.09
N SER B 984 -77.21 2.22 3.26
CA SER B 984 -78.30 1.48 2.66
C SER B 984 -78.98 0.64 3.74
N PRO B 985 -80.27 0.85 4.00
CA PRO B 985 -80.95 0.01 5.00
C PRO B 985 -81.00 -1.45 4.63
N ASP B 986 -81.07 -1.76 3.33
CA ASP B 986 -81.29 -3.13 2.88
C ASP B 986 -80.00 -3.93 2.96
N ILE B 987 -79.72 -4.44 4.15
CA ILE B 987 -78.69 -5.43 4.35
C ILE B 987 -79.37 -6.77 4.48
N PHE B 988 -78.65 -7.83 4.10
CA PHE B 988 -79.20 -9.17 4.05
C PHE B 988 -80.44 -9.22 3.17
N PRO B 989 -80.30 -9.00 1.86
CA PRO B 989 -81.46 -9.15 0.97
C PRO B 989 -82.01 -10.56 0.94
N ASP B 990 -81.19 -11.56 1.25
CA ASP B 990 -81.65 -12.94 1.17
C ASP B 990 -82.75 -13.22 2.19
N LEU B 991 -82.63 -12.67 3.39
CA LEU B 991 -83.66 -12.84 4.41
C LEU B 991 -84.98 -12.23 3.96
N GLN B 992 -84.93 -11.05 3.34
CA GLN B 992 -86.13 -10.45 2.80
C GLN B 992 -86.73 -11.30 1.69
N LYS B 993 -85.87 -11.89 0.86
CA LYS B 993 -86.36 -12.74 -0.22
C LYS B 993 -87.04 -13.99 0.34
N ARG B 994 -86.50 -14.56 1.41
CA ARG B 994 -87.04 -15.80 1.96
C ARG B 994 -88.30 -15.58 2.80
N LEU B 995 -88.68 -14.32 3.04
CA LEU B 995 -89.93 -14.01 3.72
C LEU B 995 -90.95 -13.36 2.80
N LYS B 996 -90.64 -13.24 1.51
CA LYS B 996 -91.53 -12.62 0.52
C LYS B 996 -91.91 -11.19 0.90
N LEU B 997 -91.07 -10.53 1.69
CA LEU B 997 -91.32 -9.16 2.08
C LEU B 997 -90.76 -8.21 1.03
N SER B 998 -90.85 -6.92 1.29
CA SER B 998 -90.28 -5.89 0.45
C SER B 998 -89.10 -5.24 1.16
N ASN B 999 -88.43 -4.33 0.47
CA ASN B 999 -87.30 -3.62 1.07
C ASN B 999 -87.78 -2.75 2.22
N LEU B 1000 -86.92 -2.65 3.24
CA LEU B 1000 -87.27 -1.90 4.43
C LEU B 1000 -87.57 -0.45 4.05
N PRO B 1001 -88.53 0.20 4.71
CA PRO B 1001 -88.88 1.57 4.33
C PRO B 1001 -87.77 2.54 4.71
N LYS B 1002 -87.34 3.33 3.74
CA LYS B 1002 -86.24 4.25 3.95
C LYS B 1002 -86.65 5.35 4.92
N PRO B 1003 -85.71 5.87 5.70
CA PRO B 1003 -86.01 7.05 6.51
C PRO B 1003 -86.29 8.24 5.62
N SER B 1004 -87.09 9.16 6.12
CA SER B 1004 -87.50 10.25 5.27
C SER B 1004 -86.93 11.58 5.74
N PRO B 1005 -86.64 12.49 4.82
CA PRO B 1005 -86.10 13.80 5.18
C PRO B 1005 -87.19 14.73 5.68
N GLU B 1006 -86.80 15.98 5.91
CA GLU B 1006 -87.72 17.02 6.37
C GLU B 1006 -88.44 17.69 5.20
N ILE B 1007 -87.68 18.29 4.28
CA ILE B 1007 -88.23 18.87 3.07
C ILE B 1007 -87.42 18.37 1.88
N SER B 1008 -88.12 18.01 0.80
CA SER B 1008 -87.50 17.41 -0.37
C SER B 1008 -87.38 18.44 -1.49
N ILE B 1009 -86.28 18.37 -2.24
CA ILE B 1009 -86.04 19.30 -3.34
C ILE B 1009 -85.53 18.53 -4.55
N ASN B 1010 -85.67 19.18 -5.71
CA ASN B 1010 -85.09 18.70 -6.96
C ASN B 1010 -84.82 19.91 -7.83
N LYS B 1011 -83.66 19.89 -8.50
CA LYS B 1011 -83.24 21.01 -9.33
C LYS B 1011 -82.56 20.44 -10.57
N SER B 1012 -81.87 21.31 -11.29
CA SER B 1012 -81.21 20.94 -12.53
C SER B 1012 -79.79 20.47 -12.29
N LYS B 1013 -79.34 19.54 -13.13
CA LYS B 1013 -78.04 18.88 -13.00
C LYS B 1013 -76.93 19.78 -13.54
N GLU B 1014 -76.88 20.99 -12.99
CA GLU B 1014 -76.04 22.07 -13.50
C GLU B 1014 -76.05 23.17 -12.44
N SER B 1015 -75.07 24.07 -12.53
CA SER B 1015 -74.93 25.08 -11.50
C SER B 1015 -74.35 26.36 -12.09
N LYS B 1016 -74.56 27.46 -11.38
CA LYS B 1016 -74.06 28.78 -11.76
C LYS B 1016 -74.04 29.67 -10.53
N GLY B 1017 -73.86 30.99 -10.74
CA GLY B 1017 -73.58 31.91 -9.66
C GLY B 1017 -74.82 32.49 -8.96
N LEU B 1018 -74.56 33.19 -7.85
CA LEU B 1018 -75.63 33.73 -7.02
C LEU B 1018 -76.25 34.99 -7.63
N LEU B 1019 -75.45 35.82 -8.30
CA LEU B 1019 -76.03 36.94 -9.02
C LEU B 1019 -77.03 36.48 -10.08
N SER B 1020 -76.90 35.23 -10.53
CA SER B 1020 -77.86 34.60 -11.43
C SER B 1020 -79.03 34.04 -10.64
N THR B 1021 -79.82 33.15 -11.28
CA THR B 1021 -81.06 32.58 -10.75
C THR B 1021 -81.87 33.60 -9.95
N PHE B 1022 -82.02 34.78 -10.55
CA PHE B 1022 -82.69 35.86 -9.84
C PHE B 1022 -84.15 35.50 -9.57
N ALA B 1023 -84.82 34.91 -10.54
CA ALA B 1023 -86.14 34.29 -10.33
C ALA B 1023 -87.12 35.31 -9.75
N SER B 1024 -87.51 36.26 -10.60
CA SER B 1024 -88.19 37.44 -10.09
C SER B 1024 -89.60 37.11 -9.58
N TYR B 1025 -89.69 36.27 -8.54
CA TYR B 1025 -90.94 35.96 -7.86
C TYR B 1025 -90.71 35.80 -6.36
N LEU B 1026 -89.80 36.61 -5.79
CA LEU B 1026 -89.44 36.58 -4.38
C LEU B 1026 -88.71 35.28 -4.01
N LYS B 1027 -88.95 34.77 -2.80
CA LYS B 1027 -88.14 33.70 -2.25
C LYS B 1027 -88.77 32.33 -2.54
N GLY B 1028 -88.17 31.29 -1.96
CA GLY B 1028 -88.53 29.92 -2.27
C GLY B 1028 -87.36 28.94 -2.20
N ASP B 1029 -86.13 29.45 -2.11
CA ASP B 1029 -84.94 28.61 -1.99
C ASP B 1029 -84.10 29.08 -0.81
N GLU B 1030 -83.80 28.18 0.13
CA GLU B 1030 -82.99 28.54 1.28
C GLU B 1030 -81.70 27.74 1.40
N GLU B 1031 -81.80 26.43 1.61
CA GLU B 1031 -80.63 25.64 2.00
C GLU B 1031 -79.67 25.30 0.87
N PRO B 1032 -80.12 24.71 -0.24
CA PRO B 1032 -79.16 24.12 -1.19
C PRO B 1032 -78.19 25.15 -1.76
N THR B 1033 -76.91 24.75 -1.83
CA THR B 1033 -75.85 25.55 -2.41
C THR B 1033 -74.93 24.60 -3.18
N GLU B 1034 -73.74 25.07 -3.53
CA GLU B 1034 -72.82 24.23 -4.30
C GLU B 1034 -71.86 23.45 -3.39
N GLU B 1035 -71.12 24.18 -2.56
CA GLU B 1035 -70.15 23.54 -1.68
C GLU B 1035 -70.82 22.51 -0.78
N GLU B 1036 -72.05 22.78 -0.35
CA GLU B 1036 -72.77 21.81 0.48
C GLU B 1036 -73.08 20.55 -0.31
N ILE B 1037 -73.47 20.69 -1.58
CA ILE B 1037 -73.73 19.51 -2.40
C ILE B 1037 -72.46 18.71 -2.59
N LYS B 1038 -71.34 19.38 -2.86
CA LYS B 1038 -70.09 18.66 -3.04
C LYS B 1038 -69.66 17.98 -1.74
N SER B 1039 -69.88 18.64 -0.61
CA SER B 1039 -69.54 18.03 0.68
C SER B 1039 -70.38 16.78 0.92
N SER B 1040 -71.66 16.83 0.57
CA SER B 1040 -72.50 15.65 0.73
C SER B 1040 -72.08 14.54 -0.21
N LYS B 1041 -71.70 14.88 -1.44
CA LYS B 1041 -71.20 13.87 -2.36
C LYS B 1041 -69.92 13.25 -1.84
N LYS B 1042 -69.06 14.07 -1.24
CA LYS B 1042 -67.86 13.55 -0.59
C LYS B 1042 -68.22 12.62 0.55
N ALA B 1043 -69.25 12.98 1.32
CA ALA B 1043 -69.69 12.12 2.43
C ALA B 1043 -70.15 10.76 1.91
N MET B 1044 -70.97 10.77 0.85
CA MET B 1044 -71.42 9.51 0.27
C MET B 1044 -70.26 8.70 -0.26
N GLU B 1045 -69.32 9.34 -0.94
CA GLU B 1045 -68.18 8.60 -1.50
C GLU B 1045 -67.32 8.01 -0.40
N CYS B 1046 -67.08 8.77 0.68
CA CYS B 1046 -66.27 8.26 1.77
C CYS B 1046 -66.96 7.12 2.49
N ILE B 1047 -68.28 7.21 2.68
CA ILE B 1047 -69.00 6.12 3.32
C ILE B 1047 -69.00 4.88 2.43
N LYS B 1048 -69.11 5.08 1.11
CA LYS B 1048 -69.01 3.96 0.18
C LYS B 1048 -67.64 3.31 0.26
N SER B 1049 -66.60 4.13 0.39
CA SER B 1049 -65.26 3.59 0.56
C SER B 1049 -65.12 2.85 1.89
N SER B 1050 -65.87 3.28 2.90
CA SER B 1050 -65.78 2.63 4.21
C SER B 1050 -66.21 1.17 4.15
N ASN B 1051 -67.26 0.88 3.38
CA ASN B 1051 -67.77 -0.48 3.20
C ASN B 1051 -68.20 -1.07 4.55
N ILE B 1052 -69.24 -0.46 5.11
CA ILE B 1052 -69.75 -0.86 6.43
C ILE B 1052 -70.35 -2.26 6.37
N ALA B 1053 -71.18 -2.53 5.36
CA ALA B 1053 -72.00 -3.72 5.38
C ALA B 1053 -71.16 -4.99 5.42
N ALA B 1054 -70.13 -5.06 4.60
CA ALA B 1054 -69.27 -6.24 4.55
C ALA B 1054 -68.13 -6.18 5.55
N SER B 1055 -68.08 -5.14 6.39
CA SER B 1055 -67.09 -5.05 7.44
C SER B 1055 -67.66 -5.44 8.80
N VAL B 1056 -68.71 -4.77 9.24
CA VAL B 1056 -69.29 -5.07 10.54
C VAL B 1056 -69.99 -6.42 10.54
N PHE B 1057 -70.77 -6.69 9.49
CA PHE B 1057 -71.58 -7.89 9.42
C PHE B 1057 -71.06 -8.92 8.44
N GLY B 1058 -70.03 -8.60 7.66
CA GLY B 1058 -69.50 -9.56 6.72
C GLY B 1058 -68.62 -10.62 7.33
N ASN B 1059 -68.25 -10.48 8.59
CA ASN B 1059 -67.44 -11.47 9.29
C ASN B 1059 -68.34 -12.33 10.15
N GLU B 1060 -68.22 -13.65 9.98
CA GLU B 1060 -68.99 -14.56 10.83
C GLU B 1060 -68.53 -14.51 12.27
N SER B 1061 -67.27 -14.13 12.51
CA SER B 1061 -66.76 -14.14 13.88
C SER B 1061 -67.40 -13.04 14.72
N ASN B 1062 -67.58 -11.84 14.15
CA ASN B 1062 -68.12 -10.74 14.93
C ASN B 1062 -69.54 -11.00 15.40
N ILE B 1063 -70.30 -11.79 14.64
CA ILE B 1063 -71.70 -12.04 15.00
C ILE B 1063 -71.72 -12.89 16.26
N THR B 1064 -71.99 -12.24 17.39
CA THR B 1064 -72.10 -12.92 18.67
C THR B 1064 -73.25 -12.29 19.44
N ALA B 1065 -73.49 -12.79 20.65
CA ALA B 1065 -74.62 -12.31 21.43
C ALA B 1065 -74.46 -10.84 21.79
N ASP B 1066 -73.22 -10.36 21.91
CA ASP B 1066 -73.00 -8.99 22.35
C ASP B 1066 -73.53 -8.00 21.32
N LEU B 1067 -73.20 -8.20 20.06
CA LEU B 1067 -73.67 -7.29 19.02
C LEU B 1067 -75.18 -7.31 18.92
N ILE B 1068 -75.77 -8.50 19.01
CA ILE B 1068 -77.22 -8.62 18.91
C ILE B 1068 -77.90 -7.88 20.05
N LYS B 1069 -77.43 -8.09 21.28
CA LYS B 1069 -78.06 -7.45 22.42
C LYS B 1069 -77.90 -5.94 22.39
N THR B 1070 -76.70 -5.45 22.05
CA THR B 1070 -76.53 -4.01 21.96
C THR B 1070 -77.40 -3.42 20.86
N LEU B 1071 -77.45 -4.08 19.72
CA LEU B 1071 -78.24 -3.60 18.59
C LEU B 1071 -79.71 -3.52 18.97
N LEU B 1072 -80.22 -4.54 19.65
CA LEU B 1072 -81.61 -4.51 20.08
C LEU B 1072 -81.85 -3.41 21.09
N ASP B 1073 -80.94 -3.23 22.06
CA ASP B 1073 -81.13 -2.21 23.07
C ASP B 1073 -81.17 -0.82 22.48
N SER B 1074 -80.40 -0.58 21.40
CA SER B 1074 -80.32 0.76 20.87
C SER B 1074 -81.64 1.26 20.28
N ALA B 1075 -82.62 0.39 20.06
CA ALA B 1075 -83.87 0.77 19.43
C ALA B 1075 -84.61 1.77 20.31
N LYS B 1076 -84.77 2.99 19.81
CA LYS B 1076 -85.47 4.02 20.57
C LYS B 1076 -86.96 3.71 20.61
N THR B 1077 -87.57 3.91 21.77
CA THR B 1077 -88.99 3.63 21.97
C THR B 1077 -89.68 4.91 22.43
N GLU B 1078 -90.02 5.76 21.47
CA GLU B 1078 -90.82 6.97 21.66
C GLU B 1078 -90.93 7.63 20.29
N LYS B 1079 -91.88 8.56 20.15
CA LYS B 1079 -92.07 9.30 18.91
C LYS B 1079 -92.23 10.77 19.24
N ASN B 1080 -91.11 11.50 19.30
CA ASN B 1080 -91.11 12.93 19.54
C ASN B 1080 -90.82 13.67 18.25
N ALA B 1081 -90.71 14.99 18.36
CA ALA B 1081 -90.58 15.83 17.17
C ALA B 1081 -89.26 15.61 16.44
N ASP B 1082 -88.23 15.09 17.11
CA ASP B 1082 -86.92 15.01 16.48
C ASP B 1082 -86.68 13.68 15.78
N ASN B 1083 -87.17 12.58 16.35
CA ASN B 1083 -87.06 11.27 15.71
C ASN B 1083 -88.31 10.89 14.93
N SER B 1084 -89.23 11.83 14.74
CA SER B 1084 -90.46 11.52 14.03
C SER B 1084 -90.23 11.07 12.61
N ARG B 1085 -89.12 11.45 12.00
CA ARG B 1085 -88.90 11.15 10.60
C ARG B 1085 -88.36 9.75 10.35
N TYR B 1086 -87.89 9.04 11.38
CA TYR B 1086 -87.34 7.72 11.13
C TYR B 1086 -87.69 6.73 12.23
N PHE B 1087 -88.80 6.92 12.93
CA PHE B 1087 -89.15 6.03 14.04
C PHE B 1087 -89.42 4.61 13.55
N GLU B 1088 -90.45 4.45 12.72
CA GLU B 1088 -90.83 3.13 12.25
C GLU B 1088 -89.72 2.50 11.41
N ALA B 1089 -89.05 3.32 10.59
CA ALA B 1089 -87.97 2.80 9.76
C ALA B 1089 -86.87 2.22 10.61
N GLU B 1090 -86.47 2.93 11.66
CA GLU B 1090 -85.38 2.44 12.50
C GLU B 1090 -85.79 1.22 13.29
N LEU B 1091 -87.03 1.19 13.78
CA LEU B 1091 -87.51 -0.01 14.47
C LEU B 1091 -87.41 -1.21 13.55
N LEU B 1092 -87.88 -1.07 12.31
CA LEU B 1092 -87.82 -2.17 11.38
C LEU B 1092 -86.39 -2.57 11.03
N PHE B 1093 -85.50 -1.58 10.89
CA PHE B 1093 -84.11 -1.90 10.56
C PHE B 1093 -83.45 -2.69 11.66
N ILE B 1094 -83.64 -2.27 12.91
CA ILE B 1094 -83.04 -3.00 14.02
C ILE B 1094 -83.62 -4.40 14.11
N ILE B 1095 -84.93 -4.52 13.92
CA ILE B 1095 -85.56 -5.83 13.97
C ILE B 1095 -84.98 -6.74 12.90
N GLU B 1096 -84.83 -6.22 11.68
CA GLU B 1096 -84.32 -7.05 10.59
C GLU B 1096 -82.89 -7.48 10.83
N LEU B 1097 -82.03 -6.56 11.26
CA LEU B 1097 -80.64 -6.94 11.54
C LEU B 1097 -80.57 -7.99 12.62
N THR B 1098 -81.34 -7.80 13.70
CA THR B 1098 -81.33 -8.77 14.79
C THR B 1098 -81.80 -10.13 14.32
N ILE B 1099 -82.87 -10.16 13.52
CA ILE B 1099 -83.39 -11.43 13.02
C ILE B 1099 -82.35 -12.12 12.16
N ALA B 1100 -81.67 -11.38 11.28
CA ALA B 1100 -80.67 -11.99 10.42
C ALA B 1100 -79.54 -12.58 11.24
N LEU B 1101 -79.04 -11.82 12.23
CA LEU B 1101 -77.95 -12.32 13.04
C LEU B 1101 -78.35 -13.57 13.80
N PHE B 1102 -79.55 -13.57 14.40
CA PHE B 1102 -80.01 -14.77 15.08
C PHE B 1102 -80.18 -15.93 14.12
N LEU B 1103 -80.46 -15.64 12.84
CA LEU B 1103 -80.43 -16.69 11.84
C LEU B 1103 -79.03 -17.25 11.69
N PHE B 1104 -78.02 -16.39 11.68
CA PHE B 1104 -76.64 -16.87 11.69
C PHE B 1104 -76.18 -17.39 13.04
N CYS B 1105 -76.97 -17.17 14.10
CA CYS B 1105 -76.57 -17.53 15.46
C CYS B 1105 -77.58 -18.53 16.01
N LYS B 1106 -77.25 -19.81 15.91
CA LYS B 1106 -78.14 -20.88 16.32
C LYS B 1106 -77.49 -21.68 17.44
N GLU B 1107 -78.33 -22.34 18.24
CA GLU B 1107 -77.87 -23.16 19.35
C GLU B 1107 -77.14 -22.35 20.41
N GLU B 1108 -77.61 -21.12 20.67
CA GLU B 1108 -77.17 -20.36 21.83
C GLU B 1108 -78.30 -20.09 22.81
N LYS B 1109 -79.52 -20.50 22.47
CA LYS B 1109 -80.66 -20.56 23.38
C LYS B 1109 -81.14 -19.19 23.87
N GLU B 1110 -80.74 -18.81 25.09
CA GLU B 1110 -81.39 -17.70 25.79
C GLU B 1110 -81.37 -16.41 24.99
N LEU B 1111 -80.40 -16.25 24.08
CA LEU B 1111 -80.43 -15.10 23.19
C LEU B 1111 -81.71 -15.08 22.38
N GLY B 1112 -82.21 -16.26 22.00
CA GLY B 1112 -83.43 -16.31 21.23
C GLY B 1112 -84.62 -15.76 21.99
N LYS B 1113 -84.79 -16.17 23.23
CA LYS B 1113 -85.94 -15.69 24.00
C LYS B 1113 -85.78 -14.21 24.33
N PHE B 1114 -84.55 -13.76 24.60
CA PHE B 1114 -84.32 -12.33 24.82
C PHE B 1114 -84.74 -11.53 23.60
N ILE B 1115 -84.33 -12.00 22.41
CA ILE B 1115 -84.65 -11.30 21.18
C ILE B 1115 -86.15 -11.30 20.94
N LEU B 1116 -86.80 -12.44 21.17
CA LEU B 1116 -88.23 -12.54 20.93
C LEU B 1116 -89.00 -11.60 21.84
N GLN B 1117 -88.64 -11.56 23.12
CA GLN B 1117 -89.33 -10.66 24.04
C GLN B 1117 -89.12 -9.21 23.63
N LYS B 1118 -87.90 -8.86 23.23
CA LYS B 1118 -87.66 -7.48 22.81
C LYS B 1118 -88.49 -7.12 21.59
N VAL B 1119 -88.59 -8.04 20.62
CA VAL B 1119 -89.35 -7.76 19.41
C VAL B 1119 -90.83 -7.57 19.74
N PHE B 1120 -91.37 -8.43 20.60
CA PHE B 1120 -92.77 -8.28 20.99
C PHE B 1120 -93.00 -6.96 21.72
N GLN B 1121 -92.09 -6.60 22.64
CA GLN B 1121 -92.23 -5.34 23.37
C GLN B 1121 -92.23 -4.16 22.41
N LEU B 1122 -91.33 -4.19 21.42
CA LEU B 1122 -91.31 -3.13 20.42
C LEU B 1122 -92.61 -3.10 19.63
N SER B 1123 -93.15 -4.27 19.29
CA SER B 1123 -94.37 -4.33 18.50
C SER B 1123 -95.55 -3.72 19.25
N HIS B 1124 -95.63 -3.93 20.56
CA HIS B 1124 -96.66 -3.28 21.37
C HIS B 1124 -96.25 -1.83 21.63
N THR B 1125 -96.23 -1.04 20.55
CA THR B 1125 -95.90 0.38 20.62
C THR B 1125 -97.06 1.20 20.06
N LYS B 1126 -97.39 2.28 20.76
CA LYS B 1126 -98.60 3.04 20.48
C LYS B 1126 -98.39 3.92 19.26
N GLY B 1127 -99.04 3.60 18.15
CA GLY B 1127 -99.05 4.49 17.01
C GLY B 1127 -98.16 4.10 15.86
N LEU B 1128 -98.15 2.83 15.49
CA LEU B 1128 -97.44 2.36 14.32
C LEU B 1128 -98.42 2.09 13.19
N THR B 1129 -97.99 2.36 11.97
CA THR B 1129 -98.87 2.24 10.82
C THR B 1129 -99.16 0.77 10.50
N LYS B 1130 -100.05 0.57 9.54
CA LYS B 1130 -100.46 -0.79 9.19
C LYS B 1130 -99.31 -1.61 8.62
N ARG B 1131 -98.50 -1.00 7.75
CA ARG B 1131 -97.41 -1.72 7.13
C ARG B 1131 -96.41 -2.20 8.17
N THR B 1132 -96.10 -1.35 9.16
CA THR B 1132 -95.13 -1.73 10.16
C THR B 1132 -95.62 -2.91 10.99
N VAL B 1133 -96.90 -2.90 11.38
CA VAL B 1133 -97.38 -3.99 12.21
C VAL B 1133 -97.44 -5.28 11.39
N ARG B 1134 -97.76 -5.21 10.10
CA ARG B 1134 -97.74 -6.42 9.29
C ARG B 1134 -96.31 -6.97 9.13
N ARG B 1135 -95.34 -6.10 8.85
CA ARG B 1135 -93.98 -6.57 8.72
C ARG B 1135 -93.48 -7.16 10.03
N MET B 1136 -93.83 -6.53 11.15
CA MET B 1136 -93.45 -7.09 12.44
C MET B 1136 -94.13 -8.43 12.68
N LEU B 1137 -95.33 -8.62 12.15
CA LEU B 1137 -95.97 -9.92 12.29
C LEU B 1137 -95.18 -11.01 11.59
N THR B 1138 -94.73 -10.72 10.36
CA THR B 1138 -93.92 -11.72 9.65
C THR B 1138 -92.60 -11.98 10.39
N TYR B 1139 -91.95 -10.92 10.87
CA TYR B 1139 -90.71 -11.10 11.63
C TYR B 1139 -90.95 -11.96 12.86
N LYS B 1140 -92.06 -11.71 13.55
CA LYS B 1140 -92.40 -12.49 14.73
C LYS B 1140 -92.55 -13.95 14.40
N ILE B 1141 -93.26 -14.26 13.32
CA ILE B 1141 -93.52 -15.67 13.04
C ILE B 1141 -92.23 -16.37 12.66
N LEU B 1142 -91.34 -15.68 11.93
CA LEU B 1142 -90.05 -16.27 11.62
C LEU B 1142 -89.25 -16.54 12.89
N LEU B 1143 -89.25 -15.58 13.82
CA LEU B 1143 -88.50 -15.74 15.07
C LEU B 1143 -89.06 -16.90 15.89
N ILE B 1144 -90.38 -17.01 15.99
CA ILE B 1144 -90.98 -18.07 16.78
C ILE B 1144 -90.69 -19.43 16.14
N SER B 1145 -90.68 -19.47 14.81
CA SER B 1145 -90.33 -20.72 14.13
C SER B 1145 -88.88 -21.11 14.44
N LEU B 1146 -87.96 -20.15 14.39
CA LEU B 1146 -86.56 -20.48 14.64
C LEU B 1146 -86.31 -20.77 16.11
N CYS B 1147 -86.88 -19.96 17.00
CA CYS B 1147 -86.68 -20.19 18.42
C CYS B 1147 -87.40 -21.45 18.88
N ALA B 1148 -87.13 -21.85 20.12
CA ALA B 1148 -87.69 -23.06 20.67
C ALA B 1148 -88.29 -22.78 22.05
N ASP B 1149 -89.38 -23.50 22.35
CA ASP B 1149 -90.02 -23.47 23.66
C ASP B 1149 -90.46 -22.05 24.04
N GLN B 1150 -91.36 -21.51 23.24
CA GLN B 1150 -92.01 -20.22 23.51
C GLN B 1150 -93.51 -20.33 23.25
N THR B 1151 -94.12 -21.37 23.82
CA THR B 1151 -95.54 -21.63 23.58
C THR B 1151 -96.41 -20.45 24.01
N GLU B 1152 -96.03 -19.78 25.10
CA GLU B 1152 -96.80 -18.64 25.57
C GLU B 1152 -96.83 -17.54 24.52
N TYR B 1153 -95.71 -17.27 23.85
CA TYR B 1153 -95.68 -16.20 22.88
C TYR B 1153 -96.51 -16.54 21.65
N LEU B 1154 -96.45 -17.80 21.18
CA LEU B 1154 -97.30 -18.19 20.07
C LEU B 1154 -98.77 -18.07 20.43
N SER B 1155 -99.14 -18.49 21.64
CA SER B 1155 -100.52 -18.34 22.07
C SER B 1155 -100.93 -16.88 22.11
N LYS B 1156 -100.05 -16.02 22.62
CA LYS B 1156 -100.35 -14.60 22.69
C LYS B 1156 -100.54 -14.01 21.29
N LEU B 1157 -99.67 -14.37 20.36
CA LEU B 1157 -99.80 -13.89 18.99
C LEU B 1157 -101.13 -14.28 18.41
N ILE B 1158 -101.46 -15.59 18.45
CA ILE B 1158 -102.70 -16.07 17.86
C ILE B 1158 -103.90 -15.42 18.52
N ASN B 1159 -103.84 -15.25 19.84
CA ASN B 1159 -105.00 -14.75 20.57
C ASN B 1159 -105.25 -13.27 20.29
N ASP B 1160 -104.20 -12.46 20.28
CA ASP B 1160 -104.36 -11.01 20.21
C ASP B 1160 -104.17 -10.45 18.81
N GLU B 1161 -103.02 -10.71 18.19
CA GLU B 1161 -102.66 -9.97 16.99
C GLU B 1161 -103.51 -10.37 15.78
N LEU B 1162 -104.10 -11.56 15.80
CA LEU B 1162 -104.83 -12.06 14.64
C LEU B 1162 -106.34 -12.13 14.89
N LEU B 1163 -106.76 -12.87 15.93
CA LEU B 1163 -108.19 -13.07 16.16
C LEU B 1163 -108.87 -11.77 16.55
N LYS B 1164 -108.27 -11.01 17.46
CA LYS B 1164 -108.88 -9.80 17.98
C LYS B 1164 -108.50 -8.57 17.17
N LYS B 1165 -107.21 -8.40 16.90
CA LYS B 1165 -106.75 -7.19 16.21
C LYS B 1165 -107.17 -7.20 14.75
N GLY B 1166 -108.46 -7.00 14.50
CA GLY B 1166 -108.98 -6.87 13.16
C GLY B 1166 -108.83 -5.46 12.63
N ASP B 1167 -109.37 -5.25 11.44
CA ASP B 1167 -109.38 -3.98 10.71
C ASP B 1167 -107.99 -3.56 10.27
N ILE B 1168 -106.95 -4.29 10.67
CA ILE B 1168 -105.59 -4.05 10.22
C ILE B 1168 -105.02 -5.26 9.50
N PHE B 1169 -105.25 -6.45 10.04
CA PHE B 1169 -104.87 -7.70 9.37
C PHE B 1169 -106.07 -8.28 8.65
N THR B 1170 -106.60 -7.52 7.70
CA THR B 1170 -107.82 -7.89 7.01
C THR B 1170 -107.55 -8.95 5.94
N GLN B 1171 -108.64 -9.42 5.32
CA GLN B 1171 -108.54 -10.44 4.28
C GLN B 1171 -107.67 -9.98 3.12
N LYS B 1172 -107.68 -8.68 2.82
CA LYS B 1172 -106.89 -8.18 1.70
C LYS B 1172 -105.40 -8.40 1.92
N PHE B 1173 -104.94 -8.26 3.17
CA PHE B 1173 -103.53 -8.45 3.48
C PHE B 1173 -103.09 -9.86 3.14
N PHE B 1174 -103.89 -10.87 3.51
CA PHE B 1174 -103.51 -12.25 3.27
C PHE B 1174 -103.60 -12.61 1.78
N ALA B 1175 -104.27 -11.79 0.97
CA ALA B 1175 -104.25 -12.00 -0.46
C ALA B 1175 -102.91 -11.65 -1.09
N THR B 1176 -102.04 -10.98 -0.36
CA THR B 1176 -100.74 -10.54 -0.85
C THR B 1176 -99.68 -11.61 -0.62
N ASN B 1177 -98.49 -11.36 -1.18
CA ASN B 1177 -97.40 -12.32 -1.03
C ASN B 1177 -96.96 -12.43 0.43
N GLN B 1178 -96.86 -11.30 1.12
CA GLN B 1178 -96.40 -11.32 2.51
C GLN B 1178 -97.36 -12.09 3.39
N GLY B 1179 -98.66 -11.85 3.26
CA GLY B 1179 -99.63 -12.55 4.07
C GLY B 1179 -99.66 -14.05 3.79
N LYS B 1180 -99.54 -14.42 2.51
CA LYS B 1180 -99.55 -15.84 2.17
C LYS B 1180 -98.30 -16.52 2.71
N GLU B 1181 -97.16 -15.86 2.65
CA GLU B 1181 -95.96 -16.42 3.24
C GLU B 1181 -96.12 -16.57 4.74
N PHE B 1182 -96.76 -15.58 5.39
CA PHE B 1182 -97.00 -15.68 6.82
C PHE B 1182 -97.88 -16.87 7.17
N LEU B 1183 -98.94 -17.08 6.39
CA LEU B 1183 -99.80 -18.24 6.63
C LEU B 1183 -99.04 -19.54 6.38
N LYS B 1184 -98.18 -19.55 5.36
CA LYS B 1184 -97.37 -20.73 5.09
C LYS B 1184 -96.47 -21.05 6.28
N ARG B 1185 -95.88 -20.02 6.87
CA ARG B 1185 -94.99 -20.25 8.01
C ARG B 1185 -95.77 -20.72 9.23
N LEU B 1186 -97.01 -20.24 9.41
CA LEU B 1186 -97.82 -20.74 10.51
C LEU B 1186 -98.11 -22.22 10.34
N PHE B 1187 -98.52 -22.61 9.13
CA PHE B 1187 -98.79 -24.02 8.89
C PHE B 1187 -97.52 -24.85 9.06
N SER B 1188 -96.38 -24.30 8.68
CA SER B 1188 -95.12 -25.01 8.91
C SER B 1188 -94.87 -25.18 10.39
N LEU B 1189 -95.19 -24.16 11.19
CA LEU B 1189 -95.10 -24.27 12.63
C LEU B 1189 -96.03 -25.34 13.19
N THR B 1190 -97.09 -25.68 12.45
CA THR B 1190 -97.93 -26.79 12.89
C THR B 1190 -97.17 -28.11 12.91
N GLU B 1191 -96.15 -28.25 12.07
CA GLU B 1191 -95.36 -29.47 11.99
C GLU B 1191 -93.95 -29.20 12.50
N SER B 1192 -93.69 -29.58 13.74
CA SER B 1192 -92.37 -29.44 14.33
C SER B 1192 -92.30 -30.33 15.57
N GLU B 1193 -91.08 -30.48 16.08
CA GLU B 1193 -90.91 -31.29 17.29
C GLU B 1193 -91.46 -30.60 18.52
N PHE B 1194 -91.83 -29.33 18.39
CA PHE B 1194 -92.56 -28.60 19.42
C PHE B 1194 -93.55 -27.67 18.73
N TYR B 1195 -94.50 -27.17 19.53
CA TYR B 1195 -95.58 -26.30 19.07
C TYR B 1195 -96.61 -27.09 18.26
N ARG B 1196 -96.30 -28.36 17.96
CA ARG B 1196 -97.30 -29.21 17.33
C ARG B 1196 -98.34 -29.67 18.35
N GLY B 1197 -97.88 -30.08 19.52
CA GLY B 1197 -98.81 -30.46 20.58
C GLY B 1197 -99.68 -29.32 21.03
N PHE B 1198 -99.15 -28.09 20.99
CA PHE B 1198 -99.95 -26.94 21.34
C PHE B 1198 -100.99 -26.64 20.27
N LEU B 1199 -100.56 -26.64 19.00
CA LEU B 1199 -101.46 -26.20 17.94
C LEU B 1199 -102.51 -27.25 17.60
N LEU B 1200 -102.24 -28.53 17.83
CA LEU B 1200 -103.22 -29.55 17.52
C LEU B 1200 -104.28 -29.69 18.61
N GLY B 1201 -104.12 -29.02 19.73
CA GLY B 1201 -105.10 -29.06 20.80
C GLY B 1201 -105.67 -27.73 21.23
N ASN B 1202 -105.47 -26.67 20.46
CA ASN B 1202 -105.86 -25.33 20.86
C ASN B 1202 -107.06 -24.87 20.04
N GLU B 1203 -108.05 -24.30 20.72
CA GLU B 1203 -109.25 -23.82 20.03
C GLU B 1203 -108.98 -22.54 19.26
N ASN B 1204 -108.02 -21.73 19.71
CA ASN B 1204 -107.82 -20.42 19.09
C ASN B 1204 -107.26 -20.54 17.67
N PHE B 1205 -106.28 -21.42 17.48
CA PHE B 1205 -105.75 -21.63 16.13
C PHE B 1205 -106.82 -22.13 15.19
N TRP B 1206 -107.68 -23.03 15.65
CA TRP B 1206 -108.70 -23.56 14.77
C TRP B 1206 -109.77 -22.53 14.50
N LYS B 1207 -110.04 -21.63 15.45
CA LYS B 1207 -110.93 -20.51 15.15
C LYS B 1207 -110.32 -19.60 14.10
N PHE B 1208 -109.01 -19.37 14.17
CA PHE B 1208 -108.36 -18.55 13.17
C PHE B 1208 -108.43 -19.19 11.79
N LEU B 1209 -108.22 -20.51 11.71
CA LEU B 1209 -108.30 -21.18 10.43
C LEU B 1209 -109.73 -21.20 9.91
N ARG B 1210 -110.71 -21.29 10.81
CA ARG B 1210 -112.11 -21.14 10.40
C ARG B 1210 -112.35 -19.76 9.79
N LYS B 1211 -111.75 -18.72 10.39
CA LYS B 1211 -111.90 -17.39 9.82
C LYS B 1211 -111.23 -17.28 8.46
N VAL B 1212 -110.03 -17.84 8.33
CA VAL B 1212 -109.25 -17.62 7.11
C VAL B 1212 -109.62 -18.56 5.98
N THR B 1213 -110.36 -19.63 6.26
CA THR B 1213 -110.77 -20.54 5.21
C THR B 1213 -111.80 -19.89 4.29
N ALA B 1214 -112.78 -19.21 4.86
CA ALA B 1214 -113.81 -18.55 4.08
C ALA B 1214 -113.34 -17.16 3.63
N MET B 1215 -112.30 -17.16 2.80
CA MET B 1215 -111.78 -15.91 2.25
C MET B 1215 -111.61 -15.92 0.75
N LYS B 1216 -111.92 -17.02 0.07
CA LYS B 1216 -112.03 -17.17 -1.38
C LYS B 1216 -110.71 -16.97 -2.10
N GLU B 1217 -109.65 -16.57 -1.42
CA GLU B 1217 -108.34 -16.44 -2.02
C GLU B 1217 -107.30 -17.30 -1.35
N GLN B 1218 -107.62 -17.93 -0.22
CA GLN B 1218 -106.70 -18.82 0.47
C GLN B 1218 -107.36 -20.13 0.89
N SER B 1219 -108.55 -20.42 0.37
CA SER B 1219 -109.21 -21.66 0.73
C SER B 1219 -108.44 -22.86 0.22
N GLU B 1220 -107.89 -22.77 -0.99
CA GLU B 1220 -107.15 -23.91 -1.54
C GLU B 1220 -105.89 -24.16 -0.74
N SER B 1221 -105.23 -23.11 -0.24
CA SER B 1221 -104.05 -23.31 0.58
C SER B 1221 -104.39 -24.06 1.85
N ILE B 1222 -105.48 -23.67 2.52
CA ILE B 1222 -105.92 -24.39 3.72
C ILE B 1222 -106.22 -25.84 3.40
N PHE B 1223 -106.93 -26.07 2.30
CA PHE B 1223 -107.30 -27.44 1.97
C PHE B 1223 -106.08 -28.28 1.64
N GLU B 1224 -105.09 -27.71 0.94
CA GLU B 1224 -103.89 -28.47 0.64
C GLU B 1224 -103.12 -28.80 1.91
N TYR B 1225 -103.04 -27.84 2.84
CA TYR B 1225 -102.41 -28.10 4.13
C TYR B 1225 -103.12 -29.23 4.85
N LEU B 1226 -104.45 -29.21 4.85
CA LEU B 1226 -105.20 -30.24 5.55
C LEU B 1226 -105.05 -31.60 4.88
N ASN B 1227 -105.03 -31.62 3.56
CA ASN B 1227 -104.82 -32.88 2.84
C ASN B 1227 -103.48 -33.49 3.22
N GLU B 1228 -102.42 -32.68 3.14
CA GLU B 1228 -101.10 -33.18 3.49
C GLU B 1228 -101.05 -33.65 4.93
N SER B 1229 -101.61 -32.86 5.85
CA SER B 1229 -101.54 -33.22 7.26
C SER B 1229 -102.31 -34.50 7.54
N ILE B 1230 -103.50 -34.66 6.95
CA ILE B 1230 -104.30 -35.84 7.23
C ILE B 1230 -103.68 -37.09 6.60
N LYS B 1231 -103.22 -36.99 5.35
CA LYS B 1231 -102.73 -38.15 4.63
C LYS B 1231 -101.27 -38.47 4.88
N THR B 1232 -100.53 -37.61 5.57
CA THR B 1232 -99.10 -37.86 5.75
C THR B 1232 -98.84 -38.89 6.84
N ASP B 1233 -99.17 -38.56 8.08
CA ASP B 1233 -98.95 -39.45 9.22
C ASP B 1233 -99.51 -38.82 10.49
N SER B 1234 -99.89 -39.65 11.46
CA SER B 1234 -100.40 -39.21 12.75
C SER B 1234 -101.71 -38.44 12.62
N ASN B 1235 -102.15 -38.23 11.37
CA ASN B 1235 -103.48 -37.77 11.00
C ASN B 1235 -103.88 -36.46 11.71
N ILE B 1236 -102.93 -35.84 12.41
CA ILE B 1236 -103.12 -34.59 13.16
C ILE B 1236 -104.49 -34.47 13.79
N LEU B 1237 -105.07 -35.58 14.23
CA LEU B 1237 -106.42 -35.58 14.77
C LEU B 1237 -106.42 -36.23 16.14
N THR B 1238 -106.84 -35.48 17.15
CA THR B 1238 -107.05 -35.98 18.49
C THR B 1238 -108.53 -36.15 18.76
N ASN B 1239 -108.83 -36.89 19.83
CA ASN B 1239 -110.21 -37.13 20.21
C ASN B 1239 -110.94 -35.84 20.53
N GLU B 1240 -110.22 -34.80 20.94
CA GLU B 1240 -110.80 -33.51 21.26
C GLU B 1240 -110.53 -32.49 20.17
N ASN B 1241 -110.46 -32.93 18.92
CA ASN B 1241 -110.14 -32.06 17.80
C ASN B 1241 -111.05 -32.24 16.59
N PHE B 1242 -111.93 -33.25 16.58
CA PHE B 1242 -112.69 -33.56 15.37
C PHE B 1242 -113.65 -32.45 15.00
N MET B 1243 -114.28 -31.82 15.99
CA MET B 1243 -115.35 -30.89 15.68
C MET B 1243 -114.84 -29.71 14.85
N TRP B 1244 -113.69 -29.17 15.19
CA TRP B 1244 -113.19 -27.99 14.49
C TRP B 1244 -112.76 -28.32 13.07
N VAL B 1245 -112.04 -29.43 12.89
CA VAL B 1245 -111.61 -29.81 11.54
C VAL B 1245 -112.81 -30.13 10.66
N LEU B 1246 -113.78 -30.87 11.20
CA LEU B 1246 -114.98 -31.16 10.43
C LEU B 1246 -115.72 -29.88 10.08
N GLY B 1247 -115.77 -28.93 11.02
CA GLY B 1247 -116.38 -27.65 10.71
C GLY B 1247 -115.62 -26.89 9.62
N LEU B 1248 -114.30 -27.02 9.60
CA LEU B 1248 -113.51 -26.36 8.57
C LEU B 1248 -113.83 -26.93 7.20
N LEU B 1249 -113.89 -28.25 7.10
CA LEU B 1249 -114.22 -28.88 5.83
C LEU B 1249 -115.64 -28.53 5.42
N ASP B 1250 -116.56 -28.48 6.38
CA ASP B 1250 -117.92 -28.07 6.07
C ASP B 1250 -117.96 -26.64 5.60
N GLU B 1251 -117.08 -25.79 6.14
CA GLU B 1251 -117.03 -24.40 5.69
C GLU B 1251 -116.61 -24.32 4.23
N ILE B 1252 -115.59 -25.09 3.85
CA ILE B 1252 -115.17 -25.11 2.44
C ILE B 1252 -116.33 -25.57 1.56
N SER B 1253 -116.91 -26.72 1.89
CA SER B 1253 -117.94 -27.30 1.03
C SER B 1253 -119.22 -26.47 1.02
N SER B 1254 -119.46 -25.65 2.04
CA SER B 1254 -120.63 -24.81 2.08
C SER B 1254 -120.41 -23.49 1.36
N MET B 1255 -119.21 -22.90 1.48
CA MET B 1255 -118.90 -21.73 0.68
C MET B 1255 -118.86 -22.07 -0.80
N GLY B 1256 -118.79 -23.36 -1.13
CA GLY B 1256 -118.96 -23.75 -2.51
C GLY B 1256 -120.39 -23.64 -3.04
N ALA B 1257 -120.87 -22.42 -3.29
CA ALA B 1257 -122.20 -22.21 -3.89
C ALA B 1257 -122.26 -21.11 -4.95
N VAL B 1258 -121.20 -20.32 -5.14
CA VAL B 1258 -121.22 -19.30 -6.17
C VAL B 1258 -121.35 -19.93 -7.55
N GLY B 1259 -120.72 -21.09 -7.74
CA GLY B 1259 -120.93 -21.84 -8.97
C GLY B 1259 -122.38 -22.25 -9.16
N ASN B 1260 -123.07 -22.56 -8.06
CA ASN B 1260 -124.49 -22.85 -8.15
C ASN B 1260 -125.28 -21.64 -8.60
N HIS B 1261 -124.95 -20.46 -8.07
CA HIS B 1261 -125.63 -19.25 -8.52
C HIS B 1261 -125.41 -19.02 -10.00
N TRP B 1262 -124.17 -19.19 -10.47
CA TRP B 1262 -123.89 -19.08 -11.89
C TRP B 1262 -124.64 -20.13 -12.69
N GLU B 1263 -124.83 -21.32 -12.13
CA GLU B 1263 -125.60 -22.36 -12.80
C GLU B 1263 -127.07 -21.95 -12.93
N ILE B 1264 -127.60 -21.27 -11.92
CA ILE B 1264 -128.95 -20.75 -11.99
C ILE B 1264 -129.07 -19.74 -13.13
N GLU B 1265 -128.10 -18.83 -13.20
CA GLU B 1265 -128.08 -17.84 -14.28
C GLU B 1265 -127.96 -18.51 -15.64
N TYR B 1266 -127.08 -19.51 -15.76
CA TYR B 1266 -126.90 -20.21 -17.02
C TYR B 1266 -128.14 -20.98 -17.42
N LYS B 1267 -128.85 -21.55 -16.44
CA LYS B 1267 -130.10 -22.25 -16.75
C LYS B 1267 -131.15 -21.28 -17.26
N LYS B 1268 -131.30 -20.13 -16.61
CA LYS B 1268 -132.28 -19.16 -17.09
C LYS B 1268 -131.90 -18.59 -18.45
N LEU B 1269 -130.59 -18.54 -18.75
CA LEU B 1269 -130.16 -18.07 -20.06
C LEU B 1269 -130.36 -19.14 -21.14
N THR B 1270 -130.14 -20.41 -20.79
CA THR B 1270 -130.32 -21.52 -21.71
C THR B 1270 -131.77 -21.96 -21.81
N GLU B 1271 -132.67 -21.33 -21.07
CA GLU B 1271 -134.09 -21.51 -21.35
C GLU B 1271 -134.39 -21.17 -22.81
N SER B 1272 -133.63 -20.26 -23.41
CA SER B 1272 -133.71 -19.98 -24.83
C SER B 1272 -132.89 -20.93 -25.68
N GLY B 1273 -132.10 -21.82 -25.07
CA GLY B 1273 -131.25 -22.70 -25.81
C GLY B 1273 -130.16 -21.96 -26.58
N HIS B 1274 -129.50 -21.03 -25.91
CA HIS B 1274 -128.48 -20.22 -26.56
C HIS B 1274 -127.17 -21.01 -26.68
N LYS B 1275 -126.17 -20.38 -27.28
CA LYS B 1275 -124.87 -20.99 -27.53
C LYS B 1275 -123.77 -20.38 -26.67
N ILE B 1276 -124.08 -20.10 -25.41
CA ILE B 1276 -123.06 -19.62 -24.48
C ILE B 1276 -122.15 -20.79 -24.13
N ASP B 1277 -120.91 -20.72 -24.59
CA ASP B 1277 -119.95 -21.81 -24.41
C ASP B 1277 -119.12 -21.66 -23.15
N LYS B 1278 -119.30 -20.59 -22.40
CA LYS B 1278 -118.51 -20.38 -21.19
C LYS B 1278 -118.87 -21.42 -20.14
N GLU B 1279 -117.85 -21.97 -19.49
CA GLU B 1279 -118.04 -22.89 -18.39
C GLU B 1279 -118.38 -22.10 -17.13
N ASN B 1280 -118.32 -22.76 -15.98
CA ASN B 1280 -118.56 -22.06 -14.73
C ASN B 1280 -117.36 -21.19 -14.39
N PRO B 1281 -117.53 -19.88 -14.24
CA PRO B 1281 -116.41 -19.05 -13.78
C PRO B 1281 -115.92 -19.43 -12.41
N TYR B 1282 -116.78 -20.02 -11.58
CA TYR B 1282 -116.42 -20.46 -10.25
C TYR B 1282 -116.10 -21.95 -10.20
N LYS B 1283 -115.65 -22.52 -11.32
CA LYS B 1283 -115.38 -23.95 -11.39
C LYS B 1283 -114.31 -24.37 -10.40
N LYS B 1284 -113.35 -23.48 -10.12
CA LYS B 1284 -112.32 -23.79 -9.13
C LYS B 1284 -112.94 -24.04 -7.77
N SER B 1285 -113.91 -23.21 -7.39
CA SER B 1285 -114.59 -23.42 -6.11
C SER B 1285 -115.33 -24.75 -6.09
N ILE B 1286 -115.95 -25.12 -7.21
CA ILE B 1286 -116.68 -26.39 -7.25
C ILE B 1286 -115.71 -27.56 -7.10
N GLU B 1287 -114.58 -27.50 -7.79
CA GLU B 1287 -113.60 -28.57 -7.67
C GLU B 1287 -113.08 -28.66 -6.23
N LEU B 1288 -112.82 -27.52 -5.61
CA LEU B 1288 -112.36 -27.52 -4.23
C LEU B 1288 -113.40 -28.14 -3.31
N SER B 1289 -114.67 -27.81 -3.52
CA SER B 1289 -115.72 -28.37 -2.67
C SER B 1289 -115.85 -29.87 -2.86
N LEU B 1290 -115.73 -30.34 -4.10
CA LEU B 1290 -115.80 -31.79 -4.33
C LEU B 1290 -114.64 -32.49 -3.64
N LYS B 1291 -113.45 -31.90 -3.70
CA LYS B 1291 -112.33 -32.48 -2.99
C LYS B 1291 -112.55 -32.45 -1.48
N SER B 1292 -113.22 -31.42 -0.98
CA SER B 1292 -113.49 -31.36 0.45
C SER B 1292 -114.44 -32.45 0.89
N ILE B 1293 -115.49 -32.69 0.11
CA ILE B 1293 -116.42 -33.79 0.43
C ILE B 1293 -115.67 -35.11 0.40
N GLN B 1294 -114.78 -35.28 -0.58
CA GLN B 1294 -113.94 -36.47 -0.61
C GLN B 1294 -113.09 -36.58 0.65
N LEU B 1295 -112.54 -35.46 1.11
CA LEU B 1295 -111.70 -35.49 2.31
C LEU B 1295 -112.52 -35.87 3.54
N THR B 1296 -113.75 -35.38 3.63
CA THR B 1296 -114.62 -35.78 4.74
C THR B 1296 -114.89 -37.28 4.72
N SER B 1297 -115.28 -37.78 3.54
CA SER B 1297 -115.54 -39.21 3.42
C SER B 1297 -114.31 -40.02 3.78
N HIS B 1298 -113.12 -39.52 3.43
CA HIS B 1298 -111.90 -40.22 3.77
C HIS B 1298 -111.57 -40.07 5.25
N LEU B 1299 -112.02 -38.99 5.88
CA LEU B 1299 -111.85 -38.86 7.32
C LEU B 1299 -112.62 -39.95 8.04
N LEU B 1300 -113.85 -40.22 7.60
CA LEU B 1300 -114.56 -41.35 8.19
C LEU B 1300 -113.86 -42.66 7.89
N GLU B 1301 -113.11 -42.72 6.79
CA GLU B 1301 -112.42 -43.94 6.39
C GLU B 1301 -111.32 -44.32 7.35
N ASP B 1302 -110.94 -43.44 8.27
CA ASP B 1302 -109.85 -43.71 9.20
C ASP B 1302 -110.16 -44.97 10.03
N ASN B 1303 -109.11 -45.50 10.65
CA ASN B 1303 -109.18 -46.77 11.36
C ASN B 1303 -109.83 -46.63 12.73
N ASN B 1304 -109.63 -47.63 13.59
CA ASN B 1304 -110.33 -47.77 14.86
C ASN B 1304 -110.25 -46.54 15.75
N ASP B 1305 -109.38 -45.58 15.46
CA ASP B 1305 -109.20 -44.45 16.35
C ASP B 1305 -110.39 -43.50 16.28
N LEU B 1306 -111.53 -43.90 16.85
CA LEU B 1306 -112.74 -43.10 16.81
C LEU B 1306 -113.52 -43.30 18.12
N ARG B 1307 -114.69 -42.66 18.20
CA ARG B 1307 -115.57 -42.80 19.36
C ARG B 1307 -117.04 -42.89 18.96
N LYS B 1308 -117.34 -42.94 17.66
CA LYS B 1308 -118.68 -43.07 17.09
C LYS B 1308 -119.47 -41.77 17.20
N ASN B 1309 -119.02 -40.86 18.07
CA ASN B 1309 -119.57 -39.52 18.07
C ASN B 1309 -119.05 -38.74 16.87
N GLU B 1310 -117.76 -38.89 16.58
CA GLU B 1310 -117.21 -38.35 15.34
C GLU B 1310 -117.84 -39.03 14.13
N ILE B 1311 -118.19 -40.31 14.24
CA ILE B 1311 -118.84 -40.99 13.11
C ILE B 1311 -120.17 -40.33 12.80
N PHE B 1312 -121.00 -40.13 13.82
CA PHE B 1312 -122.25 -39.41 13.60
C PHE B 1312 -121.99 -38.01 13.08
N ALA B 1313 -120.93 -37.36 13.57
CA ALA B 1313 -120.63 -36.01 13.12
C ALA B 1313 -120.28 -35.97 11.64
N ILE B 1314 -119.48 -36.92 11.18
CA ILE B 1314 -119.07 -36.96 9.78
C ILE B 1314 -120.26 -37.25 8.89
N ILE B 1315 -121.09 -38.22 9.28
CA ILE B 1315 -122.26 -38.51 8.46
C ILE B 1315 -123.18 -37.30 8.39
N GLN B 1316 -123.33 -36.60 9.51
CA GLN B 1316 -124.15 -35.39 9.52
C GLN B 1316 -123.57 -34.33 8.61
N ALA B 1317 -122.24 -34.20 8.57
CA ALA B 1317 -121.62 -33.21 7.69
C ALA B 1317 -121.86 -33.54 6.23
N LEU B 1318 -121.71 -34.82 5.87
CA LEU B 1318 -121.99 -35.23 4.50
C LEU B 1318 -123.44 -34.94 4.12
N ALA B 1319 -124.37 -35.22 5.03
CA ALA B 1319 -125.77 -34.90 4.76
C ALA B 1319 -125.98 -33.41 4.61
N HIS B 1320 -125.36 -32.61 5.48
CA HIS B 1320 -125.54 -31.16 5.42
C HIS B 1320 -125.07 -30.62 4.09
N GLN B 1321 -124.01 -31.21 3.52
CA GLN B 1321 -123.66 -30.85 2.16
C GLN B 1321 -124.67 -31.42 1.17
N CYS B 1322 -125.29 -32.56 1.49
CA CYS B 1322 -126.28 -33.14 0.60
C CYS B 1322 -127.47 -32.22 0.41
N ILE B 1323 -127.76 -31.37 1.40
CA ILE B 1323 -128.87 -30.43 1.27
C ILE B 1323 -128.47 -29.11 0.61
N ASN B 1324 -127.20 -28.96 0.23
CA ASN B 1324 -126.68 -27.67 -0.22
C ASN B 1324 -127.40 -27.19 -1.48
N PRO B 1325 -127.62 -25.88 -1.61
CA PRO B 1325 -128.32 -25.37 -2.81
C PRO B 1325 -127.64 -25.70 -4.12
N CYS B 1326 -126.33 -25.95 -4.12
CA CYS B 1326 -125.68 -26.39 -5.35
C CYS B 1326 -126.18 -27.78 -5.75
N LYS B 1327 -126.13 -28.06 -7.05
CA LYS B 1327 -126.66 -29.31 -7.57
C LYS B 1327 -125.57 -30.34 -7.82
N GLN B 1328 -124.52 -29.98 -8.55
CA GLN B 1328 -123.44 -30.93 -8.80
C GLN B 1328 -122.79 -31.34 -7.49
N ILE B 1329 -122.58 -30.39 -6.59
CA ILE B 1329 -122.05 -30.70 -5.26
C ILE B 1329 -123.01 -31.62 -4.52
N SER B 1330 -124.31 -31.38 -4.64
CA SER B 1330 -125.28 -32.22 -3.96
C SER B 1330 -125.23 -33.65 -4.48
N GLU B 1331 -125.13 -33.82 -5.80
CA GLU B 1331 -125.04 -35.17 -6.36
C GLU B 1331 -123.79 -35.88 -5.87
N PHE B 1332 -122.65 -35.18 -5.86
CA PHE B 1332 -121.44 -35.80 -5.34
C PHE B 1332 -121.61 -36.17 -3.88
N ALA B 1333 -122.27 -35.30 -3.11
CA ALA B 1333 -122.46 -35.59 -1.70
C ALA B 1333 -123.31 -36.83 -1.50
N VAL B 1334 -124.40 -36.96 -2.26
CA VAL B 1334 -125.28 -38.12 -2.12
C VAL B 1334 -124.53 -39.39 -2.49
N VAL B 1335 -123.80 -39.35 -3.61
CA VAL B 1335 -123.03 -40.51 -4.03
C VAL B 1335 -122.01 -40.89 -2.97
N THR B 1336 -121.33 -39.89 -2.38
CA THR B 1336 -120.31 -40.18 -1.39
C THR B 1336 -120.91 -40.70 -0.10
N LEU B 1337 -122.07 -40.18 0.30
CA LEU B 1337 -122.72 -40.70 1.50
C LEU B 1337 -123.09 -42.16 1.32
N GLU B 1338 -123.67 -42.49 0.16
CA GLU B 1338 -123.96 -43.89 -0.12
C GLU B 1338 -122.70 -44.73 -0.10
N GLN B 1339 -121.64 -44.23 -0.74
CA GLN B 1339 -120.40 -45.00 -0.83
C GLN B 1339 -119.79 -45.24 0.55
N THR B 1340 -119.82 -44.23 1.41
CA THR B 1340 -119.21 -44.41 2.73
C THR B 1340 -120.06 -45.28 3.63
N LEU B 1341 -121.38 -45.20 3.53
CA LEU B 1341 -122.21 -46.08 4.34
C LEU B 1341 -122.17 -47.52 3.84
N ILE B 1342 -121.85 -47.74 2.57
CA ILE B 1342 -121.85 -49.09 2.02
C ILE B 1342 -120.47 -49.75 2.13
N ASN B 1343 -119.41 -49.02 1.83
CA ASN B 1343 -118.07 -49.60 1.72
C ASN B 1343 -117.24 -49.47 2.99
N LYS B 1344 -117.27 -48.31 3.63
CA LYS B 1344 -116.33 -48.03 4.71
C LYS B 1344 -116.55 -48.95 5.90
N ILE B 1345 -115.46 -49.21 6.63
CA ILE B 1345 -115.44 -50.21 7.70
C ILE B 1345 -116.15 -49.61 8.92
N GLU B 1346 -117.40 -50.02 9.13
CA GLU B 1346 -118.19 -49.63 10.28
C GLU B 1346 -119.02 -50.80 10.80
N ILE B 1347 -118.49 -52.02 10.67
CA ILE B 1347 -119.30 -53.22 10.88
C ILE B 1347 -119.87 -53.23 12.29
N PRO B 1348 -121.15 -53.59 12.48
CA PRO B 1348 -121.70 -53.66 13.84
C PRO B 1348 -121.13 -54.81 14.64
N THR B 1349 -119.81 -54.79 14.84
CA THR B 1349 -119.12 -55.76 15.69
C THR B 1349 -118.65 -55.15 17.00
N ASN B 1350 -118.10 -53.94 16.95
CA ASN B 1350 -117.64 -53.25 18.14
C ASN B 1350 -117.71 -51.75 17.88
N GLU B 1351 -117.73 -50.98 18.99
CA GLU B 1351 -117.70 -49.53 18.97
C GLU B 1351 -119.01 -48.97 18.44
N MET B 1352 -119.88 -49.86 17.98
CA MET B 1352 -121.18 -49.48 17.46
C MET B 1352 -122.17 -50.58 17.84
N GLU B 1353 -123.44 -50.22 17.88
CA GLU B 1353 -124.48 -51.18 18.24
C GLU B 1353 -125.05 -51.88 17.01
N SER B 1354 -125.64 -51.11 16.09
CA SER B 1354 -126.25 -51.68 14.91
C SER B 1354 -126.51 -50.55 13.91
N VAL B 1355 -126.75 -50.95 12.65
CA VAL B 1355 -127.00 -49.98 11.61
C VAL B 1355 -128.29 -49.21 11.87
N GLU B 1356 -129.16 -49.74 12.73
CA GLU B 1356 -130.35 -48.99 13.11
C GLU B 1356 -129.97 -47.67 13.74
N GLU B 1357 -129.13 -47.71 14.78
CA GLU B 1357 -128.66 -46.48 15.40
C GLU B 1357 -127.83 -45.66 14.42
N LEU B 1358 -127.07 -46.34 13.54
CA LEU B 1358 -126.25 -45.61 12.58
C LEU B 1358 -127.10 -44.73 11.69
N ILE B 1359 -128.11 -45.31 11.06
CA ILE B 1359 -128.97 -44.52 10.17
C ILE B 1359 -129.76 -43.50 10.97
N GLU B 1360 -130.23 -43.88 12.17
CA GLU B 1360 -130.97 -42.93 13.00
C GLU B 1360 -130.13 -41.70 13.29
N GLY B 1361 -129.02 -41.88 14.02
CA GLY B 1361 -128.19 -40.76 14.39
C GLY B 1361 -127.57 -40.02 13.22
N GLY B 1362 -127.45 -40.68 12.07
CA GLY B 1362 -126.82 -40.02 10.94
C GLY B 1362 -127.77 -39.27 10.04
N LEU B 1363 -129.02 -39.67 10.01
CA LEU B 1363 -129.93 -39.01 9.08
C LEU B 1363 -131.19 -38.47 9.73
N LEU B 1364 -131.71 -39.15 10.76
CA LEU B 1364 -132.86 -38.62 11.48
C LEU B 1364 -132.69 -37.18 11.92
N PRO B 1365 -131.54 -36.73 12.42
CA PRO B 1365 -131.39 -35.29 12.67
C PRO B 1365 -131.62 -34.46 11.42
N LEU B 1366 -131.23 -34.96 10.26
CA LEU B 1366 -131.58 -34.31 9.01
C LEU B 1366 -132.91 -34.80 8.45
N LEU B 1367 -133.33 -36.02 8.79
CA LEU B 1367 -134.58 -36.54 8.26
C LEU B 1367 -135.77 -35.73 8.79
N ASN B 1368 -135.74 -35.38 10.08
CA ASN B 1368 -136.81 -34.57 10.67
C ASN B 1368 -136.60 -33.08 10.46
N SER B 1369 -135.53 -32.68 9.78
CA SER B 1369 -135.29 -31.27 9.52
C SER B 1369 -136.42 -30.68 8.69
N SER B 1370 -136.77 -29.43 9.00
CA SER B 1370 -137.88 -28.76 8.33
C SER B 1370 -137.56 -27.30 8.01
N GLU B 1371 -136.30 -27.00 7.71
CA GLU B 1371 -135.94 -25.63 7.33
C GLU B 1371 -136.64 -25.22 6.04
N THR B 1372 -136.67 -26.11 5.06
CA THR B 1372 -137.35 -25.87 3.80
C THR B 1372 -138.57 -26.78 3.70
N GLN B 1373 -139.40 -26.52 2.69
CA GLN B 1373 -140.58 -27.34 2.44
C GLN B 1373 -140.59 -27.98 1.06
N GLU B 1374 -140.34 -27.20 0.01
CA GLU B 1374 -140.51 -27.71 -1.35
C GLU B 1374 -139.36 -28.66 -1.73
N ASP B 1375 -138.13 -28.13 -1.76
CA ASP B 1375 -136.99 -28.97 -2.10
C ASP B 1375 -136.69 -30.01 -1.04
N GLN B 1376 -137.14 -29.78 0.19
CA GLN B 1376 -136.95 -30.79 1.23
C GLN B 1376 -137.70 -32.08 0.92
N LYS B 1377 -138.79 -32.01 0.13
CA LYS B 1377 -139.49 -33.24 -0.24
C LYS B 1377 -138.60 -34.17 -1.04
N ILE B 1378 -138.00 -33.65 -2.12
CA ILE B 1378 -137.11 -34.48 -2.93
C ILE B 1378 -135.82 -34.80 -2.18
N LEU B 1379 -135.37 -33.88 -1.32
CA LEU B 1379 -134.20 -34.17 -0.50
C LEU B 1379 -134.47 -35.39 0.39
N ILE B 1380 -135.61 -35.41 1.07
CA ILE B 1380 -135.99 -36.55 1.90
C ILE B 1380 -136.19 -37.78 1.04
N SER B 1381 -136.70 -37.61 -0.18
CA SER B 1381 -136.83 -38.75 -1.07
C SER B 1381 -135.48 -39.40 -1.33
N SER B 1382 -134.47 -38.58 -1.63
CA SER B 1382 -133.12 -39.09 -1.84
C SER B 1382 -132.57 -39.76 -0.59
N ILE B 1383 -132.77 -39.11 0.57
CA ILE B 1383 -132.26 -39.67 1.82
C ILE B 1383 -132.93 -41.01 2.11
N LEU B 1384 -134.22 -41.13 1.82
CA LEU B 1384 -134.93 -42.38 2.07
C LEU B 1384 -134.48 -43.45 1.10
N THR B 1385 -134.20 -43.09 -0.15
CA THR B 1385 -133.61 -44.06 -1.06
C THR B 1385 -132.26 -44.53 -0.53
N ILE B 1386 -131.48 -43.60 0.02
CA ILE B 1386 -130.19 -43.95 0.61
C ILE B 1386 -130.37 -44.91 1.78
N ILE B 1387 -131.34 -44.62 2.65
CA ILE B 1387 -131.61 -45.49 3.78
C ILE B 1387 -132.01 -46.88 3.29
N SER B 1388 -132.87 -46.94 2.29
CA SER B 1388 -133.29 -48.23 1.76
C SER B 1388 -132.11 -49.01 1.21
N ASN B 1389 -131.23 -48.32 0.48
CA ASN B 1389 -130.05 -48.99 -0.05
C ASN B 1389 -129.17 -49.53 1.06
N VAL B 1390 -128.97 -48.73 2.11
CA VAL B 1390 -128.13 -49.17 3.22
C VAL B 1390 -128.74 -50.40 3.89
N TYR B 1391 -130.04 -50.34 4.15
CA TYR B 1391 -130.71 -51.47 4.78
C TYR B 1391 -130.60 -52.72 3.92
N LEU B 1392 -130.80 -52.58 2.61
CA LEU B 1392 -130.71 -53.73 1.72
C LEU B 1392 -129.30 -54.30 1.70
N HIS B 1393 -128.30 -53.43 1.62
CA HIS B 1393 -126.92 -53.90 1.56
C HIS B 1393 -126.55 -54.66 2.82
N TYR B 1394 -126.96 -54.17 3.97
CA TYR B 1394 -126.64 -54.89 5.20
C TYR B 1394 -127.56 -56.08 5.43
N LEU B 1395 -128.72 -56.12 4.76
CA LEU B 1395 -129.59 -57.28 4.86
C LEU B 1395 -129.04 -58.45 4.07
N LYS B 1396 -128.44 -58.18 2.90
CA LYS B 1396 -127.78 -59.25 2.16
C LYS B 1396 -126.61 -59.82 2.96
N LEU B 1397 -126.02 -59.03 3.85
CA LEU B 1397 -124.91 -59.52 4.67
C LEU B 1397 -125.34 -60.69 5.55
N GLY B 1398 -126.44 -60.52 6.28
CA GLY B 1398 -126.93 -61.59 7.13
C GLY B 1398 -126.94 -61.30 8.62
N LYS B 1399 -127.18 -60.04 9.00
CA LYS B 1399 -127.32 -59.69 10.40
C LYS B 1399 -128.59 -58.87 10.63
N THR B 1400 -128.76 -58.36 11.86
CA THR B 1400 -129.88 -57.52 12.26
C THR B 1400 -131.22 -58.25 12.16
N SER B 1401 -132.30 -57.56 12.47
CA SER B 1401 -133.64 -58.13 12.44
C SER B 1401 -134.60 -57.05 11.92
N ASN B 1402 -135.90 -57.29 12.10
CA ASN B 1402 -136.94 -56.42 11.56
C ASN B 1402 -137.06 -55.08 12.28
N GLU B 1403 -136.18 -54.78 13.24
CA GLU B 1403 -136.26 -53.49 13.90
C GLU B 1403 -135.97 -52.35 12.92
N THR B 1404 -135.05 -52.58 11.97
CA THR B 1404 -134.79 -51.55 10.97
C THR B 1404 -136.01 -51.34 10.08
N PHE B 1405 -136.71 -52.42 9.74
CA PHE B 1405 -137.97 -52.29 9.02
C PHE B 1405 -138.97 -51.49 9.84
N LEU B 1406 -139.02 -51.73 11.15
CA LEU B 1406 -139.91 -50.94 12.00
C LEU B 1406 -139.54 -49.47 11.96
N LYS B 1407 -138.24 -49.16 12.01
CA LYS B 1407 -137.80 -47.76 12.03
C LYS B 1407 -138.09 -47.07 10.72
N ILE B 1408 -137.82 -47.73 9.60
CA ILE B 1408 -138.13 -47.13 8.31
C ILE B 1408 -139.64 -46.98 8.14
N LEU B 1409 -140.41 -47.93 8.66
CA LEU B 1409 -141.86 -47.79 8.63
C LEU B 1409 -142.30 -46.58 9.44
N SER B 1410 -141.66 -46.35 10.59
CA SER B 1410 -142.03 -45.20 11.41
C SER B 1410 -141.71 -43.89 10.70
N ILE B 1411 -140.53 -43.80 10.09
CA ILE B 1411 -140.19 -42.55 9.42
C ILE B 1411 -141.09 -42.34 8.20
N PHE B 1412 -141.47 -43.42 7.52
CA PHE B 1412 -142.37 -43.25 6.38
C PHE B 1412 -143.78 -42.88 6.85
N ASN B 1413 -144.22 -43.43 7.98
CA ASN B 1413 -145.47 -42.98 8.59
C ASN B 1413 -145.38 -41.54 9.05
N LYS B 1414 -144.16 -41.04 9.28
CA LYS B 1414 -143.95 -39.61 9.42
C LYS B 1414 -143.99 -38.89 8.07
N PHE B 1415 -143.82 -39.62 6.97
CA PHE B 1415 -143.85 -39.03 5.64
C PHE B 1415 -144.97 -39.59 4.76
N VAL B 1416 -145.98 -40.24 5.35
CA VAL B 1416 -147.11 -40.78 4.60
C VAL B 1416 -148.03 -39.66 4.14
N GLU B 1417 -149.03 -40.03 3.33
CA GLU B 1417 -150.07 -39.18 2.74
C GLU B 1417 -149.57 -38.48 1.49
N ASP B 1418 -148.41 -38.86 0.98
CA ASP B 1418 -147.89 -38.39 -0.29
C ASP B 1418 -147.88 -39.56 -1.27
N SER B 1419 -148.52 -39.36 -2.43
CA SER B 1419 -148.68 -40.47 -3.37
C SER B 1419 -147.34 -40.98 -3.87
N ASP B 1420 -146.42 -40.07 -4.20
CA ASP B 1420 -145.09 -40.50 -4.63
C ASP B 1420 -144.38 -41.26 -3.51
N ILE B 1421 -144.48 -40.76 -2.28
CA ILE B 1421 -143.84 -41.43 -1.15
C ILE B 1421 -144.50 -42.77 -0.89
N GLU B 1422 -145.82 -42.85 -1.08
CA GLU B 1422 -146.50 -44.14 -0.92
C GLU B 1422 -146.04 -45.14 -1.97
N LYS B 1423 -145.86 -44.69 -3.21
CA LYS B 1423 -145.32 -45.58 -4.25
C LYS B 1423 -143.91 -46.02 -3.88
N LYS B 1424 -143.10 -45.11 -3.34
CA LYS B 1424 -141.77 -45.48 -2.88
C LYS B 1424 -141.85 -46.52 -1.77
N LEU B 1425 -142.78 -46.34 -0.83
CA LEU B 1425 -142.92 -47.29 0.26
C LEU B 1425 -143.32 -48.67 -0.24
N GLN B 1426 -144.28 -48.72 -1.15
CA GLN B 1426 -144.70 -50.00 -1.72
C GLN B 1426 -143.55 -50.67 -2.46
N GLN B 1427 -142.83 -49.90 -3.28
CA GLN B 1427 -141.71 -50.47 -4.02
C GLN B 1427 -140.65 -51.01 -3.08
N LEU B 1428 -140.32 -50.26 -2.03
CA LEU B 1428 -139.25 -50.68 -1.15
C LEU B 1428 -139.66 -51.91 -0.34
N ILE B 1429 -140.91 -51.98 0.12
CA ILE B 1429 -141.32 -53.17 0.84
C ILE B 1429 -141.31 -54.38 -0.08
N LEU B 1430 -141.76 -54.20 -1.33
CA LEU B 1430 -141.76 -55.31 -2.27
C LEU B 1430 -140.34 -55.81 -2.52
N ASP B 1431 -139.41 -54.90 -2.81
CA ASP B 1431 -138.06 -55.35 -3.12
C ASP B 1431 -137.36 -55.89 -1.88
N LYS B 1432 -137.68 -55.36 -0.69
CA LYS B 1432 -137.11 -55.91 0.53
C LYS B 1432 -137.56 -57.36 0.73
N LYS B 1433 -138.86 -57.62 0.55
CA LYS B 1433 -139.34 -58.99 0.66
C LYS B 1433 -138.69 -59.89 -0.37
N SER B 1434 -138.57 -59.40 -1.61
CA SER B 1434 -137.98 -60.22 -2.67
C SER B 1434 -136.53 -60.55 -2.35
N ILE B 1435 -135.75 -59.55 -1.91
CA ILE B 1435 -134.36 -59.78 -1.58
C ILE B 1435 -134.22 -60.72 -0.39
N GLU B 1436 -135.07 -60.56 0.62
CA GLU B 1436 -135.01 -61.43 1.78
C GLU B 1436 -135.28 -62.87 1.39
N LYS B 1437 -136.32 -63.09 0.58
CA LYS B 1437 -136.62 -64.45 0.12
C LYS B 1437 -135.48 -65.00 -0.74
N GLY B 1438 -134.90 -64.16 -1.60
CA GLY B 1438 -133.82 -64.63 -2.45
C GLY B 1438 -132.60 -65.05 -1.67
N ASN B 1439 -132.17 -64.22 -0.71
CA ASN B 1439 -130.99 -64.58 0.07
C ASN B 1439 -131.27 -65.71 1.04
N GLY B 1440 -132.51 -65.83 1.55
CA GLY B 1440 -132.87 -67.00 2.32
C GLY B 1440 -132.87 -68.27 1.51
N SER B 1441 -133.23 -68.16 0.23
CA SER B 1441 -133.20 -69.31 -0.67
C SER B 1441 -131.91 -69.33 -1.48
N GLU C 1 38.22 29.63 23.15
CA GLU C 1 37.97 29.23 21.78
C GLU C 1 38.68 27.92 21.44
N LEU C 2 38.92 27.10 22.46
CA LEU C 2 39.62 25.84 22.25
C LEU C 2 38.72 24.83 21.55
N ARG C 3 39.36 23.88 20.87
CA ARG C 3 38.68 22.85 20.10
C ARG C 3 39.00 21.49 20.69
N ILE C 4 37.98 20.78 21.16
CA ILE C 4 38.12 19.47 21.76
C ILE C 4 37.26 18.49 20.98
N LEU C 5 37.85 17.38 20.56
CA LEU C 5 37.19 16.41 19.70
C LEU C 5 37.15 15.07 20.44
N ILE C 6 35.99 14.73 20.99
CA ILE C 6 35.81 13.49 21.72
C ILE C 6 35.41 12.41 20.71
N LEU C 7 36.31 11.47 20.46
CA LEU C 7 36.09 10.36 19.56
C LEU C 7 35.95 9.07 20.35
N GLY C 8 35.86 7.95 19.65
CA GLY C 8 35.76 6.65 20.28
C GLY C 8 34.62 5.80 19.77
N LEU C 9 34.78 4.49 19.89
CA LEU C 9 33.83 3.54 19.31
C LEU C 9 32.53 3.51 20.11
N ASP C 10 31.56 2.77 19.59
CA ASP C 10 30.25 2.68 20.22
C ASP C 10 30.34 1.96 21.56
N GLY C 11 29.60 2.46 22.55
CA GLY C 11 29.61 1.88 23.87
C GLY C 11 30.79 2.28 24.73
N ALA C 12 31.69 3.12 24.22
CA ALA C 12 32.83 3.57 25.02
C ALA C 12 32.39 4.42 26.20
N GLY C 13 31.41 5.31 25.99
CA GLY C 13 30.92 6.14 27.06
C GLY C 13 31.19 7.61 26.85
N LYS C 14 31.34 8.01 25.59
CA LYS C 14 31.68 9.40 25.29
C LYS C 14 30.58 10.36 25.75
N THR C 15 29.32 10.00 25.51
CA THR C 15 28.21 10.86 25.92
C THR C 15 28.17 11.01 27.44
N THR C 16 28.45 9.92 28.17
CA THR C 16 28.49 9.98 29.62
C THR C 16 29.60 10.92 30.09
N ILE C 17 30.77 10.85 29.45
CA ILE C 17 31.87 11.73 29.82
C ILE C 17 31.48 13.19 29.57
N LEU C 18 30.86 13.46 28.42
CA LEU C 18 30.45 14.83 28.11
C LEU C 18 29.41 15.33 29.11
N TYR C 19 28.45 14.49 29.48
CA TYR C 19 27.45 14.89 30.46
C TYR C 19 28.08 15.16 31.81
N ARG C 20 29.02 14.31 32.24
CA ARG C 20 29.69 14.53 33.52
C ARG C 20 30.48 15.82 33.51
N LEU C 21 31.10 16.14 32.37
CA LEU C 21 31.81 17.42 32.27
C LEU C 21 30.84 18.60 32.32
N GLN C 22 29.68 18.47 31.66
CA GLN C 22 28.82 19.63 31.51
C GLN C 22 27.98 19.93 32.74
N ILE C 23 27.47 18.89 33.42
CA ILE C 23 26.55 19.11 34.53
C ILE C 23 26.98 18.32 35.75
N GLY C 24 27.89 17.37 35.58
CA GLY C 24 28.33 16.54 36.69
C GLY C 24 27.24 15.67 37.27
N GLU C 25 26.33 15.18 36.43
CA GLU C 25 25.28 14.28 36.87
C GLU C 25 25.14 13.16 35.85
N VAL C 26 24.93 11.94 36.34
CA VAL C 26 24.76 10.79 35.46
C VAL C 26 23.37 10.83 34.84
N VAL C 27 23.32 10.81 33.51
CA VAL C 27 22.07 10.85 32.76
C VAL C 27 22.10 9.74 31.72
N THR C 28 20.97 9.05 31.55
CA THR C 28 20.88 8.01 30.54
C THR C 28 21.17 8.58 29.16
N THR C 29 21.98 7.88 28.39
CA THR C 29 22.45 8.35 27.09
C THR C 29 21.90 7.45 25.98
N LYS C 30 21.23 8.05 25.01
CA LYS C 30 20.79 7.32 23.84
C LYS C 30 21.95 7.18 22.85
N PRO C 31 21.94 6.13 22.03
CA PRO C 31 23.00 5.96 21.04
C PRO C 31 23.01 7.11 20.05
N THR C 32 24.10 7.88 20.07
CA THR C 32 24.21 9.04 19.21
C THR C 32 24.42 8.63 17.76
N ILE C 33 23.84 9.40 16.84
CA ILE C 33 23.95 9.14 15.42
C ILE C 33 24.70 10.29 14.76
N GLY C 34 24.62 11.47 15.35
CA GLY C 34 25.28 12.64 14.81
C GLY C 34 26.39 13.17 15.69
N PHE C 35 26.15 14.30 16.34
CA PHE C 35 27.14 14.91 17.20
C PHE C 35 26.46 15.70 18.29
N ASN C 36 27.18 15.90 19.40
CA ASN C 36 26.71 16.71 20.52
C ASN C 36 27.75 17.78 20.82
N VAL C 37 27.30 19.03 20.95
CA VAL C 37 28.18 20.16 21.20
C VAL C 37 27.69 20.89 22.44
N GLU C 38 28.57 21.02 23.43
CA GLU C 38 28.30 21.79 24.64
C GLU C 38 29.57 22.54 25.02
N THR C 39 29.67 23.79 24.58
CA THR C 39 30.83 24.61 24.92
C THR C 39 30.88 24.87 26.42
N LEU C 40 32.06 24.68 27.01
CA LEU C 40 32.25 24.82 28.44
C LEU C 40 33.49 25.67 28.71
N SER C 41 33.79 25.87 29.99
CA SER C 41 34.99 26.58 30.42
C SER C 41 35.37 26.05 31.79
N TYR C 42 36.57 25.47 31.89
CA TYR C 42 36.97 24.83 33.14
C TYR C 42 37.36 25.87 34.18
N LYS C 43 38.40 26.65 33.90
CA LYS C 43 38.80 27.74 34.79
C LYS C 43 38.82 29.09 34.11
N ASN C 44 39.58 29.24 33.02
CA ASN C 44 39.66 30.54 32.35
C ASN C 44 39.65 30.42 30.83
N LEU C 45 39.49 29.24 30.26
CA LEU C 45 39.52 29.06 28.82
C LEU C 45 38.23 28.36 28.37
N LYS C 46 37.68 28.84 27.26
CA LYS C 46 36.50 28.21 26.68
C LYS C 46 36.85 26.84 26.13
N LEU C 47 35.92 25.89 26.28
CA LEU C 47 36.12 24.51 25.84
C LEU C 47 34.98 24.13 24.91
N ASN C 48 35.16 24.36 23.61
CA ASN C 48 34.21 23.91 22.60
C ASN C 48 34.51 22.44 22.29
N VAL C 49 33.55 21.58 22.60
CA VAL C 49 33.74 20.13 22.54
C VAL C 49 32.78 19.55 21.51
N TRP C 50 33.31 18.72 20.62
CA TRP C 50 32.52 18.00 19.64
C TRP C 50 32.60 16.51 19.94
N ASP C 51 31.43 15.88 20.09
CA ASP C 51 31.33 14.46 20.36
C ASP C 51 30.88 13.72 19.10
N LEU C 52 31.50 12.57 18.86
CA LEU C 52 31.18 11.77 17.68
C LEU C 52 30.90 10.33 18.09
N GLY C 53 29.96 9.71 17.38
CA GLY C 53 29.52 8.37 17.70
C GLY C 53 30.08 7.32 16.75
N GLY C 54 29.71 6.07 17.02
CA GLY C 54 30.24 4.95 16.26
C GLY C 54 29.26 4.39 15.24
N LEU C 55 28.62 3.28 15.57
CA LEU C 55 27.65 2.58 14.73
C LEU C 55 28.25 2.03 13.45
N THR C 56 29.58 2.02 13.33
CA THR C 56 30.30 1.41 12.21
C THR C 56 29.88 1.98 10.86
N SER C 57 29.35 3.20 10.83
CA SER C 57 28.99 3.83 9.57
C SER C 57 29.32 5.31 9.53
N ILE C 58 29.98 5.86 10.55
CA ILE C 58 30.26 7.28 10.65
C ILE C 58 31.75 7.59 10.75
N ARG C 59 32.61 6.57 10.78
CA ARG C 59 34.04 6.81 10.84
C ARG C 59 34.59 7.62 9.65
N PRO C 60 34.13 7.43 8.41
CA PRO C 60 34.55 8.36 7.36
C PRO C 60 34.22 9.81 7.72
N TYR C 61 33.08 10.03 8.35
CA TYR C 61 32.77 11.37 8.82
C TYR C 61 33.56 11.75 10.06
N TRP C 62 34.07 10.77 10.81
CA TRP C 62 35.11 11.07 11.79
C TRP C 62 36.30 11.72 11.10
N ARG C 63 36.74 11.13 9.98
CA ARG C 63 37.82 11.74 9.22
C ARG C 63 37.43 13.13 8.74
N CYS C 64 36.17 13.30 8.34
CA CYS C 64 35.71 14.60 7.88
C CYS C 64 35.73 15.65 8.99
N TYR C 65 35.53 15.25 10.24
CA TYR C 65 35.40 16.22 11.32
C TYR C 65 36.73 16.77 11.82
N TYR C 66 37.86 16.23 11.38
CA TYR C 66 39.17 16.73 11.83
C TYR C 66 39.44 18.08 11.20
N ALA C 67 39.37 19.14 12.00
CA ALA C 67 39.62 20.49 11.49
C ALA C 67 39.96 21.40 12.66
N ASP C 68 41.09 22.10 12.54
CA ASP C 68 41.62 23.00 13.57
C ASP C 68 41.40 22.45 14.97
N THR C 69 41.79 21.20 15.16
CA THR C 69 41.59 20.48 16.41
C THR C 69 42.93 20.26 17.09
N ALA C 70 43.01 20.63 18.37
CA ALA C 70 44.22 20.44 19.16
C ALA C 70 44.06 19.40 20.25
N ALA C 71 42.83 19.08 20.66
CA ALA C 71 42.58 18.11 21.72
C ALA C 71 41.82 16.93 21.15
N VAL C 72 42.31 15.72 21.41
CA VAL C 72 41.68 14.49 20.94
C VAL C 72 41.53 13.55 22.13
N ILE C 73 40.31 13.07 22.34
CA ILE C 73 40.01 12.07 23.35
C ILE C 73 39.50 10.82 22.64
N PHE C 74 40.05 9.66 23.00
CA PHE C 74 39.80 8.41 22.29
C PHE C 74 39.35 7.33 23.27
N VAL C 75 38.32 7.63 24.06
CA VAL C 75 37.76 6.69 25.02
C VAL C 75 37.54 5.34 24.35
N VAL C 76 38.14 4.29 24.92
CA VAL C 76 38.07 2.93 24.40
C VAL C 76 37.43 2.05 25.47
N ASP C 77 36.42 1.27 25.06
CA ASP C 77 35.76 0.35 25.97
C ASP C 77 36.74 -0.70 26.46
N SER C 78 37.06 -0.66 27.76
CA SER C 78 37.97 -1.65 28.33
C SER C 78 37.39 -3.06 28.24
N THR C 79 36.10 -3.19 28.55
CA THR C 79 35.44 -4.48 28.41
C THR C 79 35.31 -4.85 26.93
N ASP C 80 35.22 -6.15 26.65
CA ASP C 80 35.14 -6.68 25.29
C ASP C 80 36.37 -6.25 24.48
N LYS C 81 37.52 -6.76 24.92
CA LYS C 81 38.81 -6.38 24.37
C LYS C 81 39.00 -6.83 22.93
N ASP C 82 38.12 -7.70 22.40
CA ASP C 82 38.23 -8.10 21.00
C ASP C 82 38.11 -6.91 20.06
N ARG C 83 37.30 -5.91 20.43
CA ARG C 83 37.13 -4.71 19.63
C ARG C 83 38.25 -3.71 19.82
N MET C 84 39.18 -3.97 20.75
CA MET C 84 40.24 -3.01 21.04
C MET C 84 41.21 -2.87 19.86
N SER C 85 41.43 -3.94 19.10
CA SER C 85 42.30 -3.86 17.94
C SER C 85 41.74 -2.91 16.88
N THR C 86 40.42 -2.94 16.68
CA THR C 86 39.79 -2.00 15.77
C THR C 86 40.00 -0.56 16.23
N ALA C 87 39.88 -0.32 17.54
CA ALA C 87 40.14 1.02 18.07
C ALA C 87 41.59 1.42 17.85
N SER C 88 42.52 0.48 18.01
CA SER C 88 43.93 0.77 17.77
C SER C 88 44.16 1.17 16.32
N LYS C 89 43.57 0.41 15.39
CA LYS C 89 43.71 0.74 13.98
C LYS C 89 43.11 2.11 13.67
N GLU C 90 41.93 2.40 14.24
CA GLU C 90 41.28 3.68 13.98
C GLU C 90 42.10 4.84 14.52
N LEU C 91 42.66 4.69 15.72
CA LEU C 91 43.46 5.78 16.29
C LEU C 91 44.76 5.96 15.52
N HIS C 92 45.35 4.85 15.04
CA HIS C 92 46.52 4.98 14.18
C HIS C 92 46.19 5.75 12.91
N LEU C 93 45.05 5.43 12.29
CA LEU C 93 44.64 6.14 11.08
C LEU C 93 44.39 7.61 11.37
N MET C 94 43.77 7.91 12.51
CA MET C 94 43.54 9.29 12.89
C MET C 94 44.85 10.04 13.08
N LEU C 95 45.84 9.39 13.70
CA LEU C 95 47.15 10.01 13.85
C LEU C 95 47.80 10.24 12.49
N GLN C 96 47.63 9.30 11.55
CA GLN C 96 48.24 9.44 10.23
C GLN C 96 47.67 10.61 9.43
N GLU C 97 46.55 11.18 9.87
CA GLU C 97 45.99 12.33 9.16
C GLU C 97 46.93 13.52 9.25
N GLU C 98 47.06 14.24 8.14
CA GLU C 98 47.97 15.39 8.10
C GLU C 98 47.41 16.59 8.85
N GLU C 99 46.09 16.65 9.05
CA GLU C 99 45.46 17.78 9.71
C GLU C 99 45.46 17.68 11.23
N LEU C 100 45.88 16.55 11.79
CA LEU C 100 45.93 16.36 13.23
C LEU C 100 47.35 16.04 13.70
N GLN C 101 48.36 16.57 13.01
CA GLN C 101 49.74 16.33 13.42
C GLN C 101 50.04 16.95 14.78
N ASP C 102 49.51 18.14 15.04
CA ASP C 102 49.76 18.86 16.28
C ASP C 102 48.74 18.54 17.37
N ALA C 103 48.11 17.36 17.32
CA ALA C 103 47.11 16.99 18.29
C ALA C 103 47.78 16.38 19.52
N ALA C 104 46.99 15.77 20.40
CA ALA C 104 47.51 15.17 21.62
C ALA C 104 46.69 13.93 21.93
N LEU C 105 47.18 12.77 21.51
CA LEU C 105 46.45 11.52 21.67
C LEU C 105 46.28 11.20 23.15
N LEU C 106 45.07 11.38 23.66
CA LEU C 106 44.73 11.08 25.03
C LEU C 106 43.64 10.03 25.03
N VAL C 107 43.81 8.97 25.81
CA VAL C 107 42.88 7.85 25.84
C VAL C 107 42.42 7.62 27.27
N PHE C 108 41.12 7.46 27.45
CA PHE C 108 40.52 7.10 28.72
C PHE C 108 40.10 5.64 28.66
N ALA C 109 40.61 4.83 29.59
CA ALA C 109 40.22 3.43 29.69
C ALA C 109 39.04 3.33 30.64
N ASN C 110 37.85 3.55 30.08
CA ASN C 110 36.63 3.64 30.86
C ASN C 110 36.12 2.24 31.21
N LYS C 111 34.96 2.20 31.87
CA LYS C 111 34.31 0.95 32.28
C LYS C 111 35.23 0.11 33.15
N GLN C 112 36.01 0.77 34.01
CA GLN C 112 36.83 0.05 34.98
C GLN C 112 35.99 -0.66 36.03
N ASP C 113 34.75 -0.21 36.25
CA ASP C 113 33.90 -0.85 37.25
C ASP C 113 33.43 -2.22 36.80
N GLN C 114 33.30 -2.44 35.49
CA GLN C 114 32.86 -3.73 35.00
C GLN C 114 33.92 -4.80 35.23
N PRO C 115 33.51 -6.05 35.46
CA PRO C 115 34.49 -7.10 35.74
C PRO C 115 35.42 -7.35 34.57
N GLY C 116 36.62 -7.79 34.90
CA GLY C 116 37.62 -8.10 33.88
C GLY C 116 38.12 -6.89 33.11
N ALA C 117 38.24 -5.75 33.78
CA ALA C 117 38.77 -4.55 33.13
C ALA C 117 40.24 -4.75 32.81
N LEU C 118 40.61 -4.46 31.57
CA LEU C 118 42.00 -4.66 31.14
C LEU C 118 42.91 -3.65 31.82
N SER C 119 44.14 -4.10 32.13
CA SER C 119 45.10 -3.23 32.78
C SER C 119 45.52 -2.10 31.85
N ALA C 120 45.72 -0.91 32.43
CA ALA C 120 46.04 0.27 31.62
C ALA C 120 47.37 0.09 30.91
N SER C 121 48.37 -0.48 31.60
CA SER C 121 49.67 -0.67 30.96
C SER C 121 49.57 -1.64 29.79
N GLU C 122 48.84 -2.74 29.97
CA GLU C 122 48.68 -3.69 28.88
C GLU C 122 47.92 -3.08 27.72
N VAL C 123 46.90 -2.27 28.01
CA VAL C 123 46.15 -1.60 26.94
C VAL C 123 47.05 -0.66 26.17
N SER C 124 47.85 0.14 26.88
CA SER C 124 48.74 1.07 26.20
C SER C 124 49.78 0.34 25.37
N LYS C 125 50.30 -0.78 25.88
CA LYS C 125 51.23 -1.59 25.10
C LYS C 125 50.55 -2.13 23.84
N GLU C 126 49.30 -2.56 23.95
CA GLU C 126 48.56 -2.98 22.76
C GLU C 126 48.32 -1.83 21.81
N LEU C 127 48.26 -0.60 22.32
CA LEU C 127 48.11 0.58 21.49
C LEU C 127 49.43 1.07 20.92
N ASN C 128 50.55 0.50 21.34
CA ASN C 128 51.90 0.90 20.93
C ASN C 128 52.04 2.43 20.90
N LEU C 129 51.59 3.07 21.97
CA LEU C 129 51.63 4.52 22.05
C LEU C 129 53.05 5.06 22.09
N VAL C 130 54.03 4.23 22.43
CA VAL C 130 55.43 4.68 22.43
C VAL C 130 55.94 4.97 21.04
N GLU C 131 55.23 4.54 19.99
CA GLU C 131 55.63 4.79 18.63
C GLU C 131 55.20 6.15 18.12
N LEU C 132 54.51 6.94 18.94
CA LEU C 132 54.08 8.26 18.54
C LEU C 132 55.26 9.14 18.18
N LYS C 133 55.12 9.92 17.11
CA LYS C 133 56.17 10.83 16.66
C LYS C 133 56.15 12.08 17.53
N ASP C 134 56.60 11.89 18.77
CA ASP C 134 56.67 12.93 19.80
C ASP C 134 55.42 13.83 19.79
N ARG C 135 54.28 13.19 20.05
CA ARG C 135 53.01 13.90 20.11
C ARG C 135 52.45 13.97 21.54
N SER C 136 52.14 12.83 22.15
CA SER C 136 51.69 12.74 23.53
C SER C 136 51.47 11.26 23.85
N TRP C 137 51.35 10.98 25.14
CA TRP C 137 51.00 9.64 25.62
C TRP C 137 50.41 9.81 27.01
N SER C 138 49.09 9.76 27.11
CA SER C 138 48.39 10.10 28.34
C SER C 138 47.29 9.10 28.66
N ILE C 139 47.62 7.81 28.57
CA ILE C 139 46.64 6.77 28.90
C ILE C 139 46.33 6.87 30.39
N VAL C 140 45.12 7.32 30.70
CA VAL C 140 44.68 7.52 32.08
C VAL C 140 43.35 6.80 32.26
N ALA C 141 43.31 5.85 33.19
CA ALA C 141 42.07 5.15 33.47
C ALA C 141 41.10 6.09 34.19
N SER C 142 39.82 5.76 34.08
CA SER C 142 38.76 6.58 34.69
C SER C 142 37.49 5.74 34.76
N SER C 143 36.44 6.36 35.31
CA SER C 143 35.12 5.77 35.34
C SER C 143 34.12 6.83 34.90
N ALA C 144 33.00 6.37 34.34
CA ALA C 144 31.98 7.28 33.83
C ALA C 144 30.91 7.62 34.86
N ILE C 145 30.33 6.61 35.51
CA ILE C 145 29.31 6.86 36.52
C ILE C 145 29.91 7.62 37.69
N LYS C 146 31.12 7.24 38.11
CA LYS C 146 31.82 7.88 39.20
C LYS C 146 33.08 8.57 38.69
N GLY C 147 33.48 9.63 39.38
CA GLY C 147 34.66 10.38 39.00
C GLY C 147 35.93 9.84 39.62
N GLU C 148 36.69 9.07 38.85
CA GLU C 148 37.94 8.49 39.33
C GLU C 148 39.16 9.05 38.61
N GLY C 149 39.14 9.10 37.29
CA GLY C 149 40.26 9.62 36.54
C GLY C 149 39.88 10.71 35.57
N ILE C 150 38.59 11.07 35.55
CA ILE C 150 38.13 12.13 34.65
C ILE C 150 38.78 13.46 35.00
N THR C 151 38.83 13.79 36.30
CA THR C 151 39.47 15.03 36.71
C THR C 151 40.95 15.04 36.37
N GLU C 152 41.63 13.91 36.57
CA GLU C 152 43.05 13.83 36.23
C GLU C 152 43.27 14.01 34.74
N GLY C 153 42.42 13.39 33.92
CA GLY C 153 42.56 13.56 32.47
C GLY C 153 42.29 14.99 32.03
N LEU C 154 41.28 15.63 32.63
CA LEU C 154 41.03 17.03 32.31
C LEU C 154 42.21 17.90 32.72
N ASP C 155 42.79 17.62 33.88
CA ASP C 155 43.99 18.36 34.30
C ASP C 155 45.13 18.16 33.32
N TRP C 156 45.33 16.92 32.87
CA TRP C 156 46.39 16.66 31.90
C TRP C 156 46.16 17.44 30.61
N LEU C 157 44.92 17.43 30.11
CA LEU C 157 44.62 18.12 28.86
C LEU C 157 44.80 19.62 29.00
N ILE C 158 44.29 20.20 30.09
CA ILE C 158 44.42 21.65 30.25
C ILE C 158 45.88 22.02 30.51
N ASP C 159 46.65 21.14 31.15
CA ASP C 159 48.06 21.43 31.38
C ASP C 159 48.85 21.42 30.08
N VAL C 160 48.60 20.44 29.21
CA VAL C 160 49.32 20.42 27.94
C VAL C 160 48.88 21.60 27.08
N ILE C 161 47.60 21.98 27.15
CA ILE C 161 47.13 23.15 26.40
C ILE C 161 47.83 24.42 26.90
N LYS C 162 47.93 24.58 28.22
CA LYS C 162 48.64 25.73 28.77
C LYS C 162 50.11 25.73 28.38
N GLU C 163 50.75 24.54 28.42
CA GLU C 163 52.15 24.43 28.02
C GLU C 163 52.36 24.69 26.55
N GLU C 164 51.32 24.56 25.72
CA GLU C 164 51.44 24.96 24.32
C GLU C 164 51.78 26.43 24.19
N GLN C 165 51.12 27.28 24.99
CA GLN C 165 51.41 28.71 25.02
C GLN C 165 50.87 29.35 26.29
N GLU D 1 -38.71 33.75 -12.78
CA GLU D 1 -39.83 33.51 -11.89
C GLU D 1 -40.51 32.20 -12.22
N LEU D 2 -39.84 31.39 -13.03
CA LEU D 2 -40.33 30.07 -13.42
C LEU D 2 -39.22 29.04 -13.22
N ARG D 3 -39.63 27.83 -12.86
CA ARG D 3 -38.69 26.74 -12.58
C ARG D 3 -39.03 25.57 -13.49
N ILE D 4 -38.40 25.52 -14.65
CA ILE D 4 -38.63 24.47 -15.62
C ILE D 4 -37.63 23.36 -15.39
N LEU D 5 -38.12 22.13 -15.24
CA LEU D 5 -37.29 20.96 -14.99
C LEU D 5 -37.27 20.08 -16.23
N ILE D 6 -36.07 19.72 -16.67
CA ILE D 6 -35.87 18.84 -17.81
C ILE D 6 -35.41 17.50 -17.26
N LEU D 7 -36.25 16.48 -17.40
CA LEU D 7 -35.98 15.15 -16.88
C LEU D 7 -36.13 14.13 -18.00
N GLY D 8 -35.27 13.13 -17.99
CA GLY D 8 -35.35 12.09 -19.01
C GLY D 8 -34.23 11.10 -18.82
N LEU D 9 -34.34 10.00 -19.55
CA LEU D 9 -33.34 8.94 -19.47
C LEU D 9 -32.06 9.38 -20.18
N ASP D 10 -30.97 8.68 -19.87
CA ASP D 10 -29.68 9.02 -20.46
C ASP D 10 -29.70 8.77 -21.97
N GLY D 11 -29.23 9.75 -22.72
CA GLY D 11 -29.21 9.67 -24.16
C GLY D 11 -30.32 10.41 -24.88
N ALA D 12 -31.14 11.17 -24.16
CA ALA D 12 -32.24 11.90 -24.77
C ALA D 12 -31.84 13.31 -25.22
N GLY D 13 -30.57 13.65 -25.14
CA GLY D 13 -30.10 14.97 -25.53
C GLY D 13 -30.59 16.10 -24.66
N LYS D 14 -30.71 15.87 -23.35
CA LYS D 14 -31.22 16.91 -22.47
C LYS D 14 -30.28 18.10 -22.41
N THR D 15 -28.98 17.84 -22.27
CA THR D 15 -28.02 18.94 -22.22
C THR D 15 -27.95 19.69 -23.56
N THR D 16 -28.03 18.94 -24.67
CA THR D 16 -28.05 19.59 -25.98
C THR D 16 -29.30 20.44 -26.13
N ILE D 17 -30.45 19.96 -25.67
CA ILE D 17 -31.67 20.76 -25.73
C ILE D 17 -31.52 22.03 -24.90
N LEU D 18 -30.95 21.90 -23.70
CA LEU D 18 -30.76 23.06 -22.85
C LEU D 18 -29.84 24.09 -23.49
N TYR D 19 -28.73 23.64 -24.08
CA TYR D 19 -27.79 24.57 -24.69
C TYR D 19 -28.37 25.18 -25.96
N ARG D 20 -29.17 24.42 -26.71
CA ARG D 20 -29.83 24.98 -27.89
C ARG D 20 -30.83 26.06 -27.49
N LEU D 21 -31.55 25.84 -26.39
CA LEU D 21 -32.44 26.88 -25.89
C LEU D 21 -31.66 28.11 -25.43
N GLN D 22 -30.56 27.90 -24.71
CA GLN D 22 -29.84 29.02 -24.12
C GLN D 22 -29.22 29.91 -25.19
N ILE D 23 -28.49 29.32 -26.12
CA ILE D 23 -27.74 30.11 -27.11
C ILE D 23 -28.09 29.75 -28.55
N GLY D 24 -28.59 28.55 -28.82
CA GLY D 24 -28.92 28.19 -30.20
C GLY D 24 -27.72 27.68 -30.97
N GLU D 25 -27.06 26.65 -30.46
CA GLU D 25 -25.89 26.09 -31.12
C GLU D 25 -25.84 24.59 -30.83
N VAL D 26 -25.12 23.87 -31.69
CA VAL D 26 -24.90 22.45 -31.50
C VAL D 26 -23.59 22.28 -30.71
N VAL D 27 -23.70 21.77 -29.48
CA VAL D 27 -22.57 21.62 -28.58
C VAL D 27 -22.46 20.15 -28.18
N THR D 28 -21.26 19.59 -28.31
CA THR D 28 -21.01 18.22 -27.88
C THR D 28 -20.81 18.21 -26.37
N THR D 29 -21.70 17.53 -25.65
CA THR D 29 -21.72 17.52 -24.20
C THR D 29 -21.51 16.09 -23.70
N LYS D 30 -20.57 15.92 -22.77
CA LYS D 30 -20.30 14.62 -22.18
C LYS D 30 -21.47 14.21 -21.28
N PRO D 31 -21.62 12.90 -21.01
CA PRO D 31 -22.69 12.44 -20.12
C PRO D 31 -22.59 13.04 -18.73
N THR D 32 -23.56 13.86 -18.35
CA THR D 32 -23.51 14.55 -17.06
C THR D 32 -23.88 13.59 -15.93
N ILE D 33 -23.29 13.84 -14.76
CA ILE D 33 -23.54 13.02 -13.59
C ILE D 33 -24.33 13.76 -12.51
N GLY D 34 -24.22 15.09 -12.44
CA GLY D 34 -24.96 15.85 -11.47
C GLY D 34 -26.09 16.66 -12.06
N PHE D 35 -25.91 17.97 -12.15
CA PHE D 35 -26.92 18.85 -12.71
C PHE D 35 -26.26 20.07 -13.32
N ASN D 36 -26.99 20.73 -14.21
CA ASN D 36 -26.56 22.00 -14.79
C ASN D 36 -27.76 22.92 -14.88
N VAL D 37 -27.57 24.19 -14.52
CA VAL D 37 -28.66 25.15 -14.42
C VAL D 37 -28.30 26.38 -15.24
N GLU D 38 -29.25 26.85 -16.05
CA GLU D 38 -29.11 28.08 -16.81
C GLU D 38 -30.43 28.83 -16.78
N THR D 39 -30.40 30.06 -17.26
CA THR D 39 -31.57 30.92 -17.29
C THR D 39 -32.00 31.18 -18.73
N LEU D 40 -33.28 31.50 -18.90
CA LEU D 40 -33.83 31.81 -20.21
C LEU D 40 -34.64 33.10 -20.14
N SER D 41 -34.54 33.91 -21.18
CA SER D 41 -35.29 35.16 -21.31
C SER D 41 -36.06 35.16 -22.62
N TYR D 42 -36.75 34.04 -22.88
CA TYR D 42 -37.46 33.87 -24.15
C TYR D 42 -38.55 34.92 -24.31
N LYS D 43 -39.28 35.20 -23.23
CA LYS D 43 -40.29 36.25 -23.21
C LYS D 43 -39.88 37.31 -22.20
N ASN D 44 -40.80 38.24 -21.93
CA ASN D 44 -40.56 39.23 -20.89
C ASN D 44 -40.32 38.56 -19.53
N LEU D 45 -40.89 37.38 -19.32
CA LEU D 45 -40.68 36.64 -18.09
C LEU D 45 -39.32 35.96 -18.12
N LYS D 46 -38.64 35.95 -16.97
CA LYS D 46 -37.34 35.32 -16.82
C LYS D 46 -37.52 33.98 -16.11
N LEU D 47 -37.04 32.91 -16.72
CA LEU D 47 -37.21 31.57 -16.18
C LEU D 47 -35.86 30.91 -15.94
N ASN D 48 -35.79 30.12 -14.87
CA ASN D 48 -34.59 29.38 -14.51
C ASN D 48 -34.83 27.90 -14.76
N VAL D 49 -33.95 27.28 -15.54
CA VAL D 49 -34.14 25.90 -16.00
C VAL D 49 -33.08 25.02 -15.36
N TRP D 50 -33.52 23.91 -14.79
CA TRP D 50 -32.63 22.94 -14.15
C TRP D 50 -32.61 21.66 -14.97
N ASP D 51 -31.41 21.23 -15.35
CA ASP D 51 -31.23 20.00 -16.11
C ASP D 51 -30.60 18.95 -15.21
N LEU D 52 -31.15 17.74 -15.26
CA LEU D 52 -30.71 16.65 -14.39
C LEU D 52 -30.20 15.49 -15.24
N GLY D 53 -29.19 14.79 -14.71
CA GLY D 53 -28.65 13.65 -15.41
C GLY D 53 -29.62 12.50 -15.47
N GLY D 54 -29.37 11.59 -16.41
CA GLY D 54 -30.29 10.51 -16.69
C GLY D 54 -29.82 9.10 -16.36
N LEU D 55 -28.74 8.95 -15.59
CA LEU D 55 -28.26 7.61 -15.29
C LEU D 55 -29.17 6.92 -14.28
N THR D 56 -29.00 5.60 -14.16
CA THR D 56 -29.82 4.81 -13.25
C THR D 56 -29.53 5.14 -11.79
N SER D 57 -28.35 5.67 -11.49
CA SER D 57 -27.93 5.88 -10.11
C SER D 57 -28.33 7.24 -9.55
N ILE D 58 -29.09 8.05 -10.29
CA ILE D 58 -29.40 9.41 -9.88
C ILE D 58 -30.89 9.74 -9.96
N ARG D 59 -31.73 8.84 -10.45
CA ARG D 59 -33.16 9.14 -10.56
C ARG D 59 -33.81 9.50 -9.22
N PRO D 60 -33.52 8.83 -8.10
CA PRO D 60 -34.06 9.31 -6.82
C PRO D 60 -33.68 10.75 -6.54
N TYR D 61 -32.49 11.13 -7.01
CA TYR D 61 -32.04 12.54 -6.85
C TYR D 61 -32.96 13.43 -7.68
N TRP D 62 -33.41 12.95 -8.85
CA TRP D 62 -34.46 13.70 -9.53
C TRP D 62 -35.63 13.87 -8.58
N ARG D 63 -36.03 12.78 -7.93
CA ARG D 63 -37.18 12.83 -7.04
C ARG D 63 -36.99 13.86 -5.94
N CYS D 64 -35.74 14.16 -5.59
CA CYS D 64 -35.50 15.18 -4.56
C CYS D 64 -35.73 16.60 -5.07
N TYR D 65 -35.54 16.85 -6.37
CA TYR D 65 -35.58 18.21 -6.90
C TYR D 65 -37.00 18.78 -7.03
N TYR D 66 -38.04 17.97 -6.84
CA TYR D 66 -39.41 18.41 -7.11
C TYR D 66 -39.86 19.36 -5.99
N ALA D 67 -39.48 20.61 -6.11
CA ALA D 67 -39.91 21.65 -5.19
C ALA D 67 -40.15 22.94 -5.96
N ASP D 68 -41.27 23.60 -5.66
CA ASP D 68 -41.73 24.81 -6.35
C ASP D 68 -41.46 24.74 -7.86
N THR D 69 -41.85 23.61 -8.44
CA THR D 69 -41.67 23.37 -9.87
C THR D 69 -42.87 23.88 -10.64
N ALA D 70 -42.62 24.68 -11.66
CA ALA D 70 -43.69 25.25 -12.48
C ALA D 70 -44.00 24.39 -13.70
N ALA D 71 -42.98 23.78 -14.31
CA ALA D 71 -43.18 22.99 -15.51
C ALA D 71 -42.13 21.89 -15.56
N VAL D 72 -42.45 20.82 -16.28
CA VAL D 72 -41.57 19.68 -16.43
C VAL D 72 -41.50 19.29 -17.90
N ILE D 73 -40.29 19.10 -18.40
CA ILE D 73 -40.05 18.70 -19.78
C ILE D 73 -39.47 17.29 -19.73
N PHE D 74 -40.32 16.29 -19.99
CA PHE D 74 -39.89 14.88 -19.92
C PHE D 74 -39.43 14.44 -21.31
N VAL D 75 -38.20 14.82 -21.64
CA VAL D 75 -37.61 14.42 -22.91
C VAL D 75 -37.39 12.91 -22.92
N VAL D 76 -37.83 12.25 -23.99
CA VAL D 76 -37.71 10.81 -24.14
C VAL D 76 -36.78 10.51 -25.31
N ASP D 77 -36.35 9.26 -25.37
CA ASP D 77 -35.38 8.79 -26.37
C ASP D 77 -36.12 7.97 -27.42
N SER D 78 -36.02 8.38 -28.68
CA SER D 78 -36.74 7.73 -29.76
C SER D 78 -35.91 6.62 -30.42
N THR D 79 -35.43 5.71 -29.59
CA THR D 79 -34.74 4.49 -30.04
C THR D 79 -34.63 3.59 -28.82
N ASP D 80 -34.12 2.38 -29.04
CA ASP D 80 -33.98 1.37 -27.98
C ASP D 80 -35.34 1.09 -27.34
N LYS D 81 -36.21 0.49 -28.16
CA LYS D 81 -37.58 0.25 -27.75
C LYS D 81 -37.69 -0.63 -26.50
N ASP D 82 -36.64 -1.41 -26.19
CA ASP D 82 -36.65 -2.18 -24.95
C ASP D 82 -36.63 -1.30 -23.71
N ARG D 83 -36.19 -0.05 -23.83
CA ARG D 83 -36.14 0.88 -22.72
C ARG D 83 -37.42 1.69 -22.56
N MET D 84 -38.37 1.55 -23.49
CA MET D 84 -39.60 2.33 -23.42
C MET D 84 -40.42 1.97 -22.19
N SER D 85 -40.44 0.69 -21.82
CA SER D 85 -41.20 0.28 -20.64
C SER D 85 -40.63 0.93 -19.38
N THR D 86 -39.31 0.94 -19.24
CA THR D 86 -38.69 1.59 -18.09
C THR D 86 -38.94 3.09 -18.10
N ALA D 87 -38.89 3.71 -19.29
CA ALA D 87 -39.17 5.13 -19.39
C ALA D 87 -40.60 5.44 -18.96
N SER D 88 -41.56 4.62 -19.40
CA SER D 88 -42.94 4.83 -19.01
C SER D 88 -43.14 4.63 -17.52
N LYS D 89 -42.48 3.62 -16.94
CA LYS D 89 -42.60 3.40 -15.50
C LYS D 89 -42.06 4.59 -14.73
N GLU D 90 -40.91 5.12 -15.15
CA GLU D 90 -40.34 6.29 -14.49
C GLU D 90 -41.24 7.51 -14.65
N LEU D 91 -41.85 7.65 -15.83
CA LEU D 91 -42.77 8.76 -16.05
C LEU D 91 -43.99 8.66 -15.15
N HIS D 92 -44.53 7.45 -14.99
CA HIS D 92 -45.66 7.26 -14.10
C HIS D 92 -45.27 7.55 -12.65
N LEU D 93 -44.08 7.11 -12.24
CA LEU D 93 -43.62 7.42 -10.89
C LEU D 93 -43.48 8.92 -10.68
N MET D 94 -42.95 9.63 -11.69
CA MET D 94 -42.82 11.08 -11.58
C MET D 94 -44.18 11.76 -11.53
N LEU D 95 -45.14 11.29 -12.34
CA LEU D 95 -46.46 11.91 -12.35
C LEU D 95 -47.20 11.69 -11.02
N GLN D 96 -47.10 10.49 -10.46
CA GLN D 96 -47.76 10.17 -9.20
C GLN D 96 -46.95 10.61 -7.99
N GLU D 97 -46.04 11.58 -8.15
CA GLU D 97 -45.17 11.99 -7.06
C GLU D 97 -45.85 12.94 -6.08
N GLU D 98 -47.09 13.34 -6.35
CA GLU D 98 -47.94 14.17 -5.50
C GLU D 98 -47.42 15.59 -5.31
N GLU D 99 -46.27 15.94 -5.89
CA GLU D 99 -45.78 17.31 -5.87
C GLU D 99 -45.79 17.97 -7.23
N LEU D 100 -45.49 17.24 -8.29
CA LEU D 100 -45.48 17.76 -9.65
C LEU D 100 -46.86 17.73 -10.29
N GLN D 101 -47.92 17.43 -9.53
CA GLN D 101 -49.25 17.38 -10.10
C GLN D 101 -49.67 18.72 -10.67
N ASP D 102 -49.39 19.81 -9.95
CA ASP D 102 -49.75 21.14 -10.39
C ASP D 102 -48.65 21.68 -11.31
N ALA D 103 -48.52 21.03 -12.47
CA ALA D 103 -47.52 21.41 -13.46
C ALA D 103 -48.03 21.01 -14.83
N ALA D 104 -47.19 21.23 -15.85
CA ALA D 104 -47.52 20.90 -17.22
C ALA D 104 -46.46 19.98 -17.79
N LEU D 105 -46.89 18.90 -18.43
CA LEU D 105 -45.99 17.91 -18.99
C LEU D 105 -45.78 18.19 -20.47
N LEU D 106 -44.53 18.20 -20.89
CA LEU D 106 -44.15 18.40 -22.28
C LEU D 106 -43.08 17.37 -22.65
N VAL D 107 -43.25 16.72 -23.80
CA VAL D 107 -42.35 15.68 -24.26
C VAL D 107 -41.82 16.07 -25.62
N PHE D 108 -40.53 15.85 -25.85
CA PHE D 108 -39.87 16.26 -27.08
C PHE D 108 -39.59 15.10 -28.03
N ALA D 109 -38.97 14.03 -27.54
CA ALA D 109 -38.56 12.90 -28.38
C ALA D 109 -37.66 13.39 -29.52
N ASN D 110 -36.50 13.93 -29.14
CA ASN D 110 -35.63 14.61 -30.09
C ASN D 110 -34.95 13.67 -31.08
N LYS D 111 -35.07 12.36 -30.90
CA LYS D 111 -34.39 11.40 -31.76
C LYS D 111 -35.24 10.98 -32.96
N GLN D 112 -36.13 11.85 -33.44
CA GLN D 112 -36.90 11.52 -34.64
C GLN D 112 -36.04 11.61 -35.90
N ASP D 113 -35.02 12.46 -35.91
CA ASP D 113 -34.18 12.66 -37.08
C ASP D 113 -33.07 11.61 -37.15
N GLN D 114 -33.48 10.35 -37.10
CA GLN D 114 -32.58 9.22 -37.22
C GLN D 114 -33.35 8.04 -37.76
N PRO D 115 -32.67 7.08 -38.39
CA PRO D 115 -33.38 5.91 -38.93
C PRO D 115 -34.05 5.12 -37.81
N GLY D 116 -35.20 4.54 -38.15
CA GLY D 116 -35.97 3.77 -37.19
C GLY D 116 -36.55 4.58 -36.06
N ALA D 117 -37.08 5.77 -36.37
CA ALA D 117 -37.70 6.63 -35.37
C ALA D 117 -39.16 6.24 -35.19
N LEU D 118 -39.61 6.15 -33.95
CA LEU D 118 -40.98 5.76 -33.67
C LEU D 118 -41.93 6.93 -33.89
N SER D 119 -43.16 6.60 -34.27
CA SER D 119 -44.17 7.62 -34.52
C SER D 119 -44.58 8.29 -33.23
N ALA D 120 -44.85 9.60 -33.31
CA ALA D 120 -45.25 10.35 -32.11
C ALA D 120 -46.55 9.81 -31.54
N SER D 121 -47.54 9.53 -32.39
CA SER D 121 -48.77 8.91 -31.92
C SER D 121 -48.49 7.53 -31.34
N GLU D 122 -47.58 6.76 -31.96
CA GLU D 122 -47.28 5.43 -31.47
C GLU D 122 -46.69 5.47 -30.07
N VAL D 123 -45.71 6.34 -29.85
CA VAL D 123 -45.09 6.42 -28.52
C VAL D 123 -46.08 6.99 -27.51
N SER D 124 -46.89 7.97 -27.92
CA SER D 124 -47.86 8.54 -27.00
C SER D 124 -48.87 7.49 -26.53
N LYS D 125 -49.32 6.63 -27.45
CA LYS D 125 -50.25 5.57 -27.08
C LYS D 125 -49.55 4.50 -26.25
N GLU D 126 -48.33 4.12 -26.64
CA GLU D 126 -47.60 3.08 -25.91
C GLU D 126 -47.27 3.52 -24.50
N LEU D 127 -46.88 4.79 -24.32
CA LEU D 127 -46.54 5.30 -23.00
C LEU D 127 -47.77 5.61 -22.16
N ASN D 128 -48.97 5.29 -22.65
CA ASN D 128 -50.22 5.53 -21.92
C ASN D 128 -50.39 7.00 -21.54
N LEU D 129 -49.89 7.89 -22.40
CA LEU D 129 -50.02 9.32 -22.12
C LEU D 129 -51.48 9.76 -22.08
N VAL D 130 -52.36 9.03 -22.76
CA VAL D 130 -53.78 9.36 -22.72
C VAL D 130 -54.40 9.07 -21.36
N GLU D 131 -53.80 8.18 -20.57
CA GLU D 131 -54.31 7.89 -19.23
C GLU D 131 -54.09 9.03 -18.25
N LEU D 132 -53.32 10.04 -18.64
CA LEU D 132 -53.09 11.20 -17.77
C LEU D 132 -54.41 11.92 -17.51
N LYS D 133 -54.51 12.50 -16.31
CA LYS D 133 -55.69 13.25 -15.92
C LYS D 133 -55.28 14.55 -15.23
N ASP D 134 -56.19 15.53 -15.29
CA ASP D 134 -56.06 16.83 -14.63
C ASP D 134 -54.65 17.40 -14.74
N ARG D 135 -54.13 17.44 -15.96
CA ARG D 135 -52.82 18.01 -16.22
C ARG D 135 -52.71 18.34 -17.70
N SER D 136 -51.94 19.38 -18.00
CA SER D 136 -51.63 19.68 -19.38
C SER D 136 -50.79 18.58 -19.99
N TRP D 137 -51.10 18.23 -21.24
CA TRP D 137 -50.41 17.14 -21.93
C TRP D 137 -50.23 17.51 -23.39
N SER D 138 -48.97 17.59 -23.84
CA SER D 138 -48.69 17.94 -25.23
C SER D 138 -47.27 17.52 -25.56
N ILE D 139 -47.11 16.78 -26.65
CA ILE D 139 -45.80 16.35 -27.12
C ILE D 139 -45.53 16.99 -28.47
N VAL D 140 -44.27 17.35 -28.72
CA VAL D 140 -43.85 17.98 -29.96
C VAL D 140 -42.54 17.34 -30.37
N ALA D 141 -42.58 16.53 -31.42
CA ALA D 141 -41.37 15.93 -31.95
C ALA D 141 -40.44 17.01 -32.48
N SER D 142 -39.14 16.74 -32.39
CA SER D 142 -38.16 17.75 -32.79
C SER D 142 -36.84 17.07 -33.09
N SER D 143 -35.91 17.86 -33.64
CA SER D 143 -34.53 17.45 -33.87
C SER D 143 -33.62 18.37 -33.08
N ALA D 144 -32.86 17.80 -32.16
CA ALA D 144 -31.99 18.62 -31.30
C ALA D 144 -30.90 19.31 -32.11
N ILE D 145 -30.31 18.61 -33.08
CA ILE D 145 -29.22 19.18 -33.86
C ILE D 145 -29.72 20.31 -34.75
N LYS D 146 -30.93 20.17 -35.30
CA LYS D 146 -31.50 21.18 -36.17
C LYS D 146 -32.40 22.16 -35.44
N GLY D 147 -33.39 21.67 -34.71
CA GLY D 147 -34.29 22.53 -33.98
C GLY D 147 -35.73 22.44 -34.44
N GLU D 148 -36.26 23.55 -34.95
CA GLU D 148 -37.62 23.65 -35.46
C GLU D 148 -38.65 23.41 -34.37
N GLY D 149 -38.74 22.16 -33.89
CA GLY D 149 -39.74 21.82 -32.89
C GLY D 149 -39.44 22.35 -31.52
N ILE D 150 -38.18 22.68 -31.23
CA ILE D 150 -37.83 23.18 -29.91
C ILE D 150 -38.53 24.50 -29.63
N THR D 151 -38.53 25.41 -30.61
CA THR D 151 -39.24 26.67 -30.45
C THR D 151 -40.74 26.44 -30.28
N GLU D 152 -41.30 25.47 -31.01
CA GLU D 152 -42.73 25.18 -30.87
C GLU D 152 -43.05 24.69 -29.47
N GLY D 153 -42.23 23.78 -28.93
CA GLY D 153 -42.48 23.28 -27.59
C GLY D 153 -42.34 24.35 -26.54
N LEU D 154 -41.32 25.20 -26.67
CA LEU D 154 -41.16 26.30 -25.74
C LEU D 154 -42.31 27.28 -25.83
N ASP D 155 -42.80 27.52 -27.05
CA ASP D 155 -43.95 28.40 -27.23
C ASP D 155 -45.18 27.84 -26.52
N TRP D 156 -45.44 26.54 -26.69
CA TRP D 156 -46.59 25.95 -26.01
C TRP D 156 -46.43 26.04 -24.50
N LEU D 157 -45.23 25.76 -24.00
CA LEU D 157 -45.01 25.81 -22.56
C LEU D 157 -45.21 27.21 -22.01
N ILE D 158 -44.67 28.22 -22.69
CA ILE D 158 -44.81 29.59 -22.18
C ILE D 158 -46.25 30.05 -22.29
N ASP D 159 -46.98 29.61 -23.33
CA ASP D 159 -48.39 29.96 -23.44
C ASP D 159 -49.20 29.34 -22.30
N VAL D 160 -48.94 28.08 -21.97
CA VAL D 160 -49.69 27.46 -20.88
C VAL D 160 -49.28 28.07 -19.54
N ILE D 161 -48.02 28.50 -19.41
CA ILE D 161 -47.61 29.18 -18.19
C ILE D 161 -48.35 30.50 -18.03
N LYS D 162 -48.48 31.26 -19.13
CA LYS D 162 -49.26 32.50 -19.07
C LYS D 162 -50.72 32.20 -18.74
N GLU D 163 -51.27 31.14 -19.33
CA GLU D 163 -52.66 30.77 -19.03
C GLU D 163 -52.83 30.33 -17.58
N GLU D 164 -51.76 29.83 -16.95
CA GLU D 164 -51.86 29.42 -15.55
C GLU D 164 -52.18 30.60 -14.65
N GLN D 165 -51.54 31.73 -14.88
CA GLN D 165 -51.77 32.92 -14.07
C GLN D 165 -52.90 33.78 -14.65
#